data_8Z83
#
_entry.id   8Z83
#
_cell.length_a   1.00
_cell.length_b   1.00
_cell.length_c   1.00
_cell.angle_alpha   90.00
_cell.angle_beta   90.00
_cell.angle_gamma   90.00
#
_symmetry.space_group_name_H-M   'P 1'
#
loop_
_entity.id
_entity.type
_entity.pdbx_description
1 polymer 'Photosynthetic reaction center cytochrome c subunit'
2 polymer 'Reaction center protein L chain'
3 polymer 'Reaction center protein M chain'
4 polymer 'Photosynthetic reaction center H subunit'
5 polymer 'Antenna complex, alpha/beta subunit'
6 polymer 'Antenna complex, alpha/beta subunit'
7 polymer 'Antenna complex, alpha/beta subunit'
8 polymer 'Antenna complex, alpha/beta subunit'
9 non-polymer 'HEME C'
10 non-polymer 'MAGNESIUM ION'
11 non-polymer '(2S)-3-hydroxypropane-1,2-diyl dihexadecanoate'
12 non-polymer 'PALMITIC ACID'
13 non-polymer DODECYL-BETA-D-MALTOSIDE
14 non-polymer '(1R)-2-{[{[(2S)-2,3-DIHYDROXYPROPYL]OXY}(HYDROXY)PHOSPHORYL]OXY}-1-[(PALMITOYLOXY)METHYL]ETHYL (11E)-OCTADEC-11-ENOATE'
15 non-polymer 'BACTERIOCHLOROPHYLL A'
16 non-polymer 'BACTERIOPHEOPHYTIN A'
17 non-polymer Ubiquinone-8
18 non-polymer CARDIOLIPIN
19 non-polymer 'FE (III) ION'
20 non-polymer 'MENAQUINONE 8'
21 non-polymer SPIRILLOXANTHIN
22 water water
#
loop_
_entity_poly.entity_id
_entity_poly.type
_entity_poly.pdbx_seq_one_letter_code
_entity_poly.pdbx_strand_id
1 'polypeptide(L)'
;MSSKMYLNRSLAVGALSAGLAVVVGCERPPVDTEQKGYRGTGMEEVNNPRLRDDDLHLAPEAADPVSAEGPRAGEIYQNV
EVLDDLSVAEFTRLMQSMTDWVSPDEGCTYCHDGNDFASEELYTYQVSRQMIEMNRYVNANWDSHMDDTGVTCYTCHRGE
NLPEESWFAEPTPDVNMAGLGNTMMQNLASEKTEYTSLPRNAFERYLLGHDDLRVEGDTILPHLDEWDVSLQDTEASYSL
MMHMSAATGSNCTTCHNTGRLGQWDESPEEREISWHGIRMTRDINANWIEPLEAGQPEVRLGPTGDIAKVQCATCHYGEQ
LPLDGAKMVDDYPGLMGEEDADFDFLQFGDLGTDGLRDRNAE
;
C
2 'polypeptide(L)'
;MAMLDFEKKYRVRGGTLLGGDLFDFWIGPFYVGIFGVLTAIFAVLGTVLIIYGASQDTFNLWQISIAPPDLSYGLALAPM
MEGGLWQIITVCALGAFITWALRQAEISKKLGMGYHVPVAFAVAILAYATLVVFRPLLMGAWGHGFPYGILSHLDWVSNV
GYQYLHFHYNPAHMLAVTFFFTTTLALALHGGLILSVTNPKKGEPVKTAEHENTFFRDVIGYSIGSLGIHRLGLFLALNA
GFWSAVCIIISGPFWTRGWPEWWNWWLNVPIWSWGG
;
L
3 'polypeptide(L)'
;MAEYQNIFTRVQVRGPTDPGVELPAADWPRTKGATHSWLLGKIGDAQVGPIYLGTTGVMSILFGIVSIVIIGMNMLASVD
WSPLEFIRQFFWVALEPPPPEYGLSLPPLNDGGWWLIAGFTLTLSVLLWFARTYNRARALGLGTHVAWAFAAAIFLFLAI
GFIWPVLMGSWAKSVPFGIFPHLDWTTAFSLRYGNLYYNPFHMLSIVFLFGSALLFAMHGATILAAGRYNAEREIEQITD
RGTAAERSALFWRWTMGFNATMESIHRWGYWFAILCVITGGIGILLTGTVVENWYLWGVHHGIAPEYPEFFTPAVDPAAG
GTE
;
M
4 'polypeptide(L)'
;MEGTGALTDYMNVAQMTLYAFWLFLAGLIVYLRMEDKREGYPLQAEANENCNRTPEKKLGFPAPPSPKVFKLADGRSIQV
PRAEKTDYELNTQLRAEPTAPWDGAPLEPTGNPMVDGLGPAAWAKREDEPEVTHGGKQKICPLRVATEFEVGMSRDVARF
WPEIDPDPRGYQVLGCDGKVAGKIVDIWVDRGELRPMYLEMDLSGVGSSGDRVLLPINFARVGYDSKVRVNAITGQQFTD
VPRLREADRISPQEEDFITGYFGGGVLYAVPGRTEPFL
;
H
5 'polypeptide(L)' MWRLWKLYDPRRVLIGIFSWLAVLALVIHFILLSTDRFNWVGGAAVSSVSESAEEVSALPPRQV A,F,K,Q,U,Y,3,7
6 'polypeptide(L)' MADNMSLTGLSDEEAKEFHSIFMQSFLIFTAVAVVAHFLAWAWRPWIPGAEGYGSVIEGVHNVTAAVSQIAPLAG B,G,N,R,V,Z,4,8
7 'polypeptide(L)' MWRMWKILDYRRTVVLAHVGMAVLALLIHFILLSTENFNWLQGNPYGDAESAAEVADAAVMPQQREV D,I,O,S,W,1,5,9
8 'polypeptide(L)' MADEMRNVSDEEAKEFHAMFSQAFTVYIGVAVVAHILAWAWRPWIPGDEGFGAALIEGANAVTAAVQSIAPIAA E,J,P,T,X,2,6,0
#
# COMPACT_ATOMS: atom_id res chain seq x y z
N CYS A 26 -3.58 -2.69 -23.64
CA CYS A 26 -4.75 -2.99 -22.82
C CYS A 26 -5.66 -3.97 -23.53
N GLU A 27 -6.33 -4.81 -22.76
CA GLU A 27 -7.37 -5.70 -23.23
C GLU A 27 -8.73 -5.18 -22.77
N ARG A 28 -9.78 -5.94 -23.04
CA ARG A 28 -11.12 -5.55 -22.65
C ARG A 28 -11.98 -6.81 -22.55
N PRO A 29 -13.08 -6.75 -21.81
CA PRO A 29 -14.02 -7.86 -21.82
C PRO A 29 -14.73 -7.96 -23.17
N PRO A 30 -15.29 -9.12 -23.52
CA PRO A 30 -15.40 -10.36 -22.73
C PRO A 30 -14.10 -11.14 -22.61
N VAL A 31 -13.99 -11.92 -21.53
CA VAL A 31 -12.83 -12.79 -21.31
C VAL A 31 -13.35 -14.15 -20.85
N ASP A 32 -12.73 -15.21 -21.36
CA ASP A 32 -13.15 -16.56 -21.03
C ASP A 32 -12.47 -17.02 -19.73
N THR A 33 -13.28 -17.49 -18.79
CA THR A 33 -12.79 -17.90 -17.48
C THR A 33 -13.13 -19.37 -17.24
N GLU A 34 -12.16 -20.10 -16.69
CA GLU A 34 -12.35 -21.50 -16.32
C GLU A 34 -11.78 -21.74 -14.93
N GLN A 35 -12.54 -22.41 -14.08
CA GLN A 35 -12.14 -22.63 -12.71
C GLN A 35 -11.21 -23.84 -12.61
N LYS A 36 -10.08 -23.66 -11.95
CA LYS A 36 -9.08 -24.72 -11.82
C LYS A 36 -8.96 -25.31 -10.43
N GLY A 37 -9.39 -24.58 -9.39
CA GLY A 37 -9.36 -25.08 -8.04
C GLY A 37 -10.68 -24.96 -7.34
N TYR A 38 -10.72 -25.25 -6.04
CA TYR A 38 -11.94 -25.12 -5.27
C TYR A 38 -12.39 -23.65 -5.25
N ARG A 39 -13.71 -23.46 -5.14
CA ARG A 39 -14.27 -22.11 -5.16
C ARG A 39 -13.66 -21.24 -4.07
N GLY A 40 -13.28 -20.03 -4.43
CA GLY A 40 -12.67 -19.10 -3.51
C GLY A 40 -11.17 -19.22 -3.37
N THR A 41 -10.57 -20.29 -3.90
CA THR A 41 -9.11 -20.38 -3.87
C THR A 41 -8.45 -19.39 -4.82
N GLY A 42 -9.21 -18.77 -5.72
CA GLY A 42 -8.64 -17.91 -6.72
C GLY A 42 -7.94 -18.63 -7.85
N MET A 43 -8.08 -19.96 -7.93
CA MET A 43 -7.44 -20.76 -8.97
C MET A 43 -8.35 -20.79 -10.19
N GLU A 44 -8.08 -19.92 -11.16
CA GLU A 44 -8.85 -19.88 -12.39
C GLU A 44 -7.92 -19.56 -13.56
N GLU A 45 -8.38 -19.90 -14.75
CA GLU A 45 -7.73 -19.50 -16.00
C GLU A 45 -8.58 -18.42 -16.66
N VAL A 46 -7.96 -17.29 -16.99
CA VAL A 46 -8.63 -16.19 -17.68
C VAL A 46 -7.97 -16.04 -19.03
N ASN A 47 -8.77 -16.14 -20.09
CA ASN A 47 -8.27 -16.09 -21.45
C ASN A 47 -9.03 -15.06 -22.25
N ASN A 48 -8.35 -14.45 -23.21
CA ASN A 48 -8.96 -13.49 -24.10
C ASN A 48 -9.19 -14.17 -25.45
N PRO A 49 -10.44 -14.42 -25.85
CA PRO A 49 -10.67 -15.12 -27.12
C PRO A 49 -10.17 -14.38 -28.34
N ARG A 50 -10.00 -13.06 -28.25
CA ARG A 50 -9.53 -12.27 -29.37
C ARG A 50 -8.03 -12.37 -29.60
N LEU A 51 -7.29 -12.99 -28.68
CA LEU A 51 -5.85 -13.18 -28.86
C LEU A 51 -5.50 -14.46 -29.61
N ARG A 52 -6.40 -15.44 -29.61
CA ARG A 52 -6.12 -16.70 -30.28
C ARG A 52 -6.02 -16.52 -31.79
N ASP A 53 -5.02 -17.17 -32.40
CA ASP A 53 -4.79 -17.01 -33.84
C ASP A 53 -5.83 -17.78 -34.65
N ASP A 54 -6.26 -18.94 -34.16
CA ASP A 54 -7.31 -19.77 -34.75
C ASP A 54 -6.87 -20.47 -36.02
N ASP A 55 -5.68 -20.14 -36.52
CA ASP A 55 -5.11 -20.80 -37.68
C ASP A 55 -3.81 -21.52 -37.38
N LEU A 56 -3.02 -21.01 -36.42
CA LEU A 56 -1.82 -21.72 -36.02
C LEU A 56 -2.15 -23.04 -35.34
N HIS A 57 -3.34 -23.15 -34.77
CA HIS A 57 -3.75 -24.34 -34.02
C HIS A 57 -4.73 -25.21 -34.79
N LEU A 58 -4.91 -24.96 -36.08
CA LEU A 58 -5.78 -25.78 -36.91
C LEU A 58 -4.97 -26.91 -37.51
N ALA A 59 -5.28 -28.14 -37.13
CA ALA A 59 -4.57 -29.28 -37.67
C ALA A 59 -4.92 -29.48 -39.15
N PRO A 60 -3.96 -29.88 -39.97
CA PRO A 60 -4.26 -30.11 -41.38
C PRO A 60 -5.19 -31.29 -41.56
N GLU A 61 -6.01 -31.23 -42.61
CA GLU A 61 -6.85 -32.36 -42.95
C GLU A 61 -5.98 -33.55 -43.33
N ALA A 62 -6.25 -34.69 -42.71
CA ALA A 62 -5.46 -35.89 -42.99
C ALA A 62 -5.71 -36.37 -44.41
N ALA A 63 -4.69 -36.99 -44.99
CA ALA A 63 -4.83 -37.57 -46.31
C ALA A 63 -5.75 -38.78 -46.26
N ASP A 64 -6.24 -39.17 -47.43
CA ASP A 64 -7.14 -40.31 -47.50
C ASP A 64 -6.43 -41.59 -47.06
N PRO A 65 -7.16 -42.56 -46.52
CA PRO A 65 -6.52 -43.81 -46.07
C PRO A 65 -5.87 -44.54 -47.23
N VAL A 66 -4.55 -44.60 -47.21
CA VAL A 66 -3.77 -45.21 -48.28
C VAL A 66 -3.72 -46.71 -48.07
N SER A 67 -3.91 -47.47 -49.15
CA SER A 67 -3.91 -48.92 -49.08
C SER A 67 -2.55 -49.45 -48.65
N ALA A 68 -2.55 -50.45 -47.77
CA ALA A 68 -1.33 -51.09 -47.30
C ALA A 68 -1.25 -52.48 -47.93
N GLU A 69 -0.43 -52.61 -48.97
CA GLU A 69 -0.30 -53.87 -49.69
C GLU A 69 1.02 -53.87 -50.43
N GLY A 70 1.41 -55.06 -50.88
CA GLY A 70 2.62 -55.23 -51.66
C GLY A 70 3.85 -55.39 -50.80
N PRO A 71 5.02 -55.12 -51.37
CA PRO A 71 6.26 -55.23 -50.61
C PRO A 71 6.49 -54.01 -49.75
N ARG A 72 7.35 -54.18 -48.75
CA ARG A 72 7.67 -53.10 -47.84
C ARG A 72 8.61 -52.11 -48.50
N ALA A 73 8.55 -50.85 -48.03
CA ALA A 73 9.43 -49.82 -48.55
C ALA A 73 10.89 -50.04 -48.18
N GLY A 74 11.17 -50.94 -47.24
CA GLY A 74 12.55 -51.21 -46.89
C GLY A 74 13.35 -51.87 -48.01
N GLU A 75 12.69 -52.73 -48.79
CA GLU A 75 13.41 -53.48 -49.82
C GLU A 75 13.35 -52.79 -51.18
N ILE A 76 12.22 -52.18 -51.53
CA ILE A 76 12.10 -51.55 -52.83
C ILE A 76 12.99 -50.32 -52.93
N TYR A 77 13.01 -49.50 -51.88
CA TYR A 77 13.84 -48.30 -51.86
C TYR A 77 15.21 -48.62 -51.29
N GLN A 78 16.20 -47.83 -51.69
CA GLN A 78 17.59 -48.15 -51.36
C GLN A 78 17.97 -47.68 -49.96
N ASN A 79 18.01 -46.37 -49.75
CA ASN A 79 18.52 -45.79 -48.49
C ASN A 79 17.35 -45.44 -47.58
N VAL A 80 16.62 -46.44 -47.12
CA VAL A 80 15.53 -46.28 -46.18
C VAL A 80 15.88 -47.05 -44.91
N GLU A 81 16.03 -46.33 -43.80
CA GLU A 81 16.42 -46.93 -42.54
C GLU A 81 15.33 -46.89 -41.47
N VAL A 82 14.47 -45.89 -41.49
CA VAL A 82 13.50 -45.66 -40.43
C VAL A 82 12.13 -46.21 -40.78
N LEU A 83 11.71 -46.03 -42.03
CA LEU A 83 10.35 -46.36 -42.47
C LEU A 83 10.30 -47.69 -43.23
N ASP A 84 11.07 -48.68 -42.79
CA ASP A 84 11.18 -49.95 -43.50
C ASP A 84 9.83 -50.66 -43.55
N ASP A 85 9.13 -50.72 -42.42
CA ASP A 85 7.94 -51.55 -42.31
C ASP A 85 6.73 -50.97 -43.03
N LEU A 86 6.80 -49.73 -43.50
CA LEU A 86 5.70 -49.18 -44.27
C LEU A 86 5.66 -49.79 -45.67
N SER A 87 4.48 -49.77 -46.27
CA SER A 87 4.35 -50.16 -47.67
C SER A 87 4.82 -49.02 -48.57
N VAL A 88 4.84 -49.27 -49.87
CA VAL A 88 5.26 -48.23 -50.80
C VAL A 88 4.23 -47.11 -50.86
N ALA A 89 2.95 -47.47 -50.92
CA ALA A 89 1.90 -46.46 -50.97
C ALA A 89 1.85 -45.64 -49.69
N GLU A 90 1.99 -46.29 -48.53
CA GLU A 90 2.03 -45.56 -47.27
C GLU A 90 3.29 -44.72 -47.16
N PHE A 91 4.40 -45.20 -47.72
CA PHE A 91 5.64 -44.42 -47.71
C PHE A 91 5.47 -43.13 -48.50
N THR A 92 4.86 -43.21 -49.68
CA THR A 92 4.63 -42.02 -50.49
C THR A 92 3.67 -41.06 -49.80
N ARG A 93 2.64 -41.60 -49.15
CA ARG A 93 1.68 -40.76 -48.45
C ARG A 93 2.35 -40.00 -47.31
N LEU A 94 3.24 -40.66 -46.57
CA LEU A 94 3.97 -40.00 -45.50
C LEU A 94 4.90 -38.91 -46.04
N MET A 95 5.54 -39.17 -47.17
CA MET A 95 6.43 -38.17 -47.77
C MET A 95 5.67 -36.93 -48.22
N GLN A 96 4.52 -37.12 -48.87
CA GLN A 96 3.71 -35.98 -49.27
C GLN A 96 3.22 -35.19 -48.07
N SER A 97 2.81 -35.90 -47.01
CA SER A 97 2.36 -35.21 -45.80
C SER A 97 3.52 -34.51 -45.10
N MET A 98 4.68 -35.15 -45.01
CA MET A 98 5.84 -34.52 -44.40
C MET A 98 6.25 -33.27 -45.18
N THR A 99 6.13 -33.32 -46.51
CA THR A 99 6.43 -32.15 -47.33
C THR A 99 5.53 -30.98 -46.97
N ASP A 100 4.23 -31.24 -46.85
CA ASP A 100 3.28 -30.18 -46.53
C ASP A 100 3.32 -29.76 -45.06
N TRP A 101 4.07 -30.48 -44.24
CA TRP A 101 4.21 -30.16 -42.82
C TRP A 101 5.44 -29.32 -42.51
N VAL A 102 6.57 -29.59 -43.16
CA VAL A 102 7.81 -28.90 -42.85
C VAL A 102 8.32 -28.05 -44.01
N SER A 103 7.89 -28.29 -45.25
CA SER A 103 8.42 -27.53 -46.36
C SER A 103 7.46 -27.52 -47.55
N PRO A 104 6.26 -26.97 -47.40
CA PRO A 104 5.29 -27.01 -48.51
C PRO A 104 5.66 -26.09 -49.67
N ASP A 105 6.45 -25.05 -49.44
CA ASP A 105 6.80 -24.09 -50.48
C ASP A 105 8.11 -24.43 -51.18
N GLU A 106 8.71 -25.58 -50.88
CA GLU A 106 9.86 -26.08 -51.61
C GLU A 106 9.57 -27.40 -52.30
N GLY A 107 8.88 -28.31 -51.63
CA GLY A 107 8.51 -29.58 -52.21
C GLY A 107 9.49 -30.69 -51.91
N CYS A 108 9.65 -31.61 -52.87
CA CYS A 108 10.54 -32.76 -52.66
C CYS A 108 11.99 -32.33 -52.54
N THR A 109 12.39 -31.25 -53.20
CA THR A 109 13.79 -30.85 -53.24
C THR A 109 14.27 -30.24 -51.95
N TYR A 110 13.43 -30.16 -50.91
CA TYR A 110 13.91 -29.65 -49.63
C TYR A 110 14.84 -30.64 -48.95
N CYS A 111 14.54 -31.94 -49.08
CA CYS A 111 15.38 -32.98 -48.48
C CYS A 111 16.00 -33.91 -49.51
N HIS A 112 15.50 -33.94 -50.73
CA HIS A 112 15.98 -34.85 -51.77
C HIS A 112 16.58 -34.03 -52.90
N ASP A 113 17.78 -34.41 -53.35
CA ASP A 113 18.40 -33.73 -54.47
C ASP A 113 17.92 -34.37 -55.77
N GLY A 114 17.42 -33.52 -56.68
CA GLY A 114 17.09 -33.89 -58.04
C GLY A 114 16.46 -35.24 -58.27
N ASN A 115 17.01 -36.00 -59.22
CA ASN A 115 16.54 -37.34 -59.56
C ASN A 115 17.30 -38.43 -58.81
N ASP A 116 17.80 -38.11 -57.62
CA ASP A 116 18.59 -39.03 -56.79
C ASP A 116 17.99 -39.12 -55.40
N PHE A 117 16.68 -39.38 -55.35
CA PHE A 117 15.94 -39.43 -54.08
C PHE A 117 16.64 -40.29 -53.02
N ALA A 118 17.42 -41.28 -53.44
CA ALA A 118 18.11 -42.15 -52.51
C ALA A 118 19.46 -41.59 -52.06
N SER A 119 19.71 -40.30 -52.23
CA SER A 119 20.98 -39.69 -51.86
C SER A 119 20.81 -38.93 -50.56
N GLU A 120 21.61 -39.27 -49.56
CA GLU A 120 21.60 -38.57 -48.27
C GLU A 120 22.77 -37.60 -48.23
N GLU A 121 22.58 -36.46 -48.88
CA GLU A 121 23.61 -35.43 -48.94
C GLU A 121 23.20 -34.12 -48.30
N LEU A 122 21.99 -33.64 -48.57
CA LEU A 122 21.53 -32.40 -47.96
C LEU A 122 21.44 -32.56 -46.45
N TYR A 123 21.81 -31.50 -45.72
CA TYR A 123 21.76 -31.56 -44.27
C TYR A 123 20.32 -31.73 -43.78
N THR A 124 19.36 -31.14 -44.49
CA THR A 124 17.96 -31.30 -44.12
C THR A 124 17.51 -32.75 -44.21
N TYR A 125 18.09 -33.52 -45.13
CA TYR A 125 17.77 -34.94 -45.21
C TYR A 125 18.25 -35.67 -43.97
N GLN A 126 19.49 -35.44 -43.55
CA GLN A 126 20.01 -36.10 -42.36
C GLN A 126 19.27 -35.64 -41.11
N VAL A 127 18.92 -34.36 -41.04
CA VAL A 127 18.14 -33.87 -39.91
C VAL A 127 16.76 -34.50 -39.89
N SER A 128 16.10 -34.56 -41.06
CA SER A 128 14.74 -35.09 -41.11
C SER A 128 14.72 -36.58 -40.81
N ARG A 129 15.76 -37.32 -41.17
CA ARG A 129 15.83 -38.73 -40.79
C ARG A 129 15.87 -38.87 -39.27
N GLN A 130 16.65 -38.03 -38.60
CA GLN A 130 16.63 -38.00 -37.14
C GLN A 130 15.27 -37.55 -36.62
N MET A 131 14.64 -36.59 -37.30
CA MET A 131 13.35 -36.09 -36.85
C MET A 131 12.28 -37.18 -36.91
N ILE A 132 12.32 -38.02 -37.95
CA ILE A 132 11.37 -39.12 -38.03
C ILE A 132 11.55 -40.07 -36.86
N GLU A 133 12.81 -40.42 -36.55
CA GLU A 133 13.07 -41.32 -35.44
C GLU A 133 12.60 -40.70 -34.12
N MET A 134 12.88 -39.41 -33.92
CA MET A 134 12.39 -38.73 -32.72
C MET A 134 10.87 -38.70 -32.68
N ASN A 135 10.24 -38.39 -33.81
CA ASN A 135 8.79 -38.35 -33.86
C ASN A 135 8.19 -39.72 -33.53
N ARG A 136 8.79 -40.79 -34.08
CA ARG A 136 8.35 -42.14 -33.74
C ARG A 136 8.64 -42.46 -32.28
N TYR A 137 9.75 -41.98 -31.75
CA TYR A 137 10.14 -42.31 -30.39
C TYR A 137 9.17 -41.72 -29.36
N VAL A 138 8.89 -40.42 -29.47
CA VAL A 138 8.04 -39.77 -28.46
C VAL A 138 6.59 -40.21 -28.61
N ASN A 139 6.16 -40.52 -29.83
CA ASN A 139 4.79 -41.01 -30.02
C ASN A 139 4.56 -42.34 -29.32
N ALA A 140 5.62 -43.12 -29.14
CA ALA A 140 5.50 -44.46 -28.58
C ALA A 140 5.78 -44.53 -27.08
N ASN A 141 6.66 -43.66 -26.56
CA ASN A 141 7.14 -43.81 -25.21
C ASN A 141 6.70 -42.71 -24.26
N TRP A 142 6.21 -41.58 -24.77
CA TRP A 142 5.88 -40.44 -23.93
C TRP A 142 4.37 -40.22 -23.82
N ASP A 143 3.63 -41.32 -23.69
CA ASP A 143 2.20 -41.20 -23.41
C ASP A 143 1.94 -40.68 -22.00
N SER A 144 2.94 -40.73 -21.12
CA SER A 144 2.78 -40.15 -19.79
C SER A 144 2.56 -38.65 -19.85
N HIS A 145 2.89 -38.01 -20.97
CA HIS A 145 2.65 -36.59 -21.17
C HIS A 145 1.64 -36.31 -22.28
N MET A 146 1.84 -36.88 -23.46
CA MET A 146 0.98 -36.60 -24.60
C MET A 146 -0.21 -37.54 -24.71
N ASP A 147 -0.28 -38.57 -23.86
CA ASP A 147 -1.40 -39.52 -23.78
C ASP A 147 -1.61 -40.18 -25.13
N ASP A 148 -2.75 -39.98 -25.80
CA ASP A 148 -3.01 -40.60 -27.10
C ASP A 148 -2.90 -39.60 -28.25
N THR A 149 -2.59 -38.34 -27.97
CA THR A 149 -2.52 -37.36 -29.05
C THR A 149 -1.26 -37.54 -29.88
N GLY A 150 -0.12 -37.71 -29.22
CA GLY A 150 1.13 -37.82 -29.93
C GLY A 150 1.52 -36.49 -30.55
N VAL A 151 2.50 -36.55 -31.44
CA VAL A 151 2.94 -35.39 -32.19
C VAL A 151 3.11 -35.78 -33.65
N THR A 152 3.44 -34.77 -34.45
CA THR A 152 3.60 -34.89 -35.88
C THR A 152 4.58 -33.80 -36.29
N CYS A 153 5.16 -33.94 -37.49
CA CYS A 153 6.04 -32.90 -38.01
C CYS A 153 5.34 -31.54 -38.00
N TYR A 154 4.03 -31.52 -38.25
CA TYR A 154 3.28 -30.28 -38.25
C TYR A 154 3.12 -29.72 -36.84
N THR A 155 3.20 -30.58 -35.82
CA THR A 155 2.97 -30.12 -34.44
C THR A 155 3.99 -29.08 -34.04
N CYS A 156 5.25 -29.27 -34.42
CA CYS A 156 6.28 -28.28 -34.12
C CYS A 156 6.48 -27.28 -35.26
N HIS A 157 6.47 -27.74 -36.50
CA HIS A 157 6.84 -26.87 -37.62
C HIS A 157 5.70 -25.97 -38.07
N ARG A 158 4.46 -26.48 -38.07
CA ARG A 158 3.28 -25.71 -38.47
C ARG A 158 3.42 -25.19 -39.90
N GLY A 159 3.95 -26.02 -40.79
CA GLY A 159 4.07 -25.66 -42.18
C GLY A 159 5.27 -24.80 -42.54
N GLU A 160 6.25 -24.70 -41.64
CA GLU A 160 7.43 -23.89 -41.86
C GLU A 160 8.68 -24.77 -41.82
N ASN A 161 9.74 -24.28 -42.45
CA ASN A 161 11.01 -25.02 -42.42
C ASN A 161 11.54 -25.12 -41.01
N LEU A 162 11.43 -24.04 -40.23
CA LEU A 162 11.85 -24.03 -38.84
C LEU A 162 10.66 -23.75 -37.94
N PRO A 163 10.53 -24.46 -36.82
CA PRO A 163 9.51 -24.08 -35.84
C PRO A 163 9.76 -22.67 -35.34
N GLU A 164 8.67 -21.92 -35.17
CA GLU A 164 8.79 -20.53 -34.76
C GLU A 164 9.00 -20.37 -33.26
N GLU A 165 8.97 -21.45 -32.50
CA GLU A 165 9.05 -21.42 -31.04
C GLU A 165 10.16 -22.32 -30.55
N SER A 166 11.35 -22.18 -31.13
CA SER A 166 12.54 -22.83 -30.64
C SER A 166 13.32 -21.86 -29.75
N TRP A 167 14.43 -22.33 -29.18
CA TRP A 167 15.27 -21.48 -28.36
C TRP A 167 16.74 -21.80 -28.60
N PHE A 168 17.58 -20.78 -28.43
CA PHE A 168 19.02 -20.91 -28.47
C PHE A 168 19.58 -20.75 -27.06
N ALA A 169 20.70 -21.43 -26.80
CA ALA A 169 21.33 -21.33 -25.50
C ALA A 169 21.79 -19.90 -25.23
N GLU A 170 21.67 -19.48 -23.98
CA GLU A 170 22.13 -18.15 -23.62
C GLU A 170 23.62 -18.02 -23.86
N PRO A 171 24.07 -16.92 -24.47
CA PRO A 171 25.51 -16.70 -24.58
C PRO A 171 26.14 -16.62 -23.21
N THR A 172 27.36 -17.15 -23.11
CA THR A 172 28.10 -17.12 -21.86
C THR A 172 29.33 -16.24 -22.01
N PRO A 173 29.17 -14.92 -22.07
CA PRO A 173 30.32 -14.05 -22.30
C PRO A 173 31.32 -14.14 -21.15
N ASP A 174 32.60 -14.19 -21.50
CA ASP A 174 33.64 -14.18 -20.49
C ASP A 174 33.55 -12.90 -19.66
N VAL A 175 33.80 -13.03 -18.37
CA VAL A 175 33.68 -11.92 -17.45
C VAL A 175 35.07 -11.40 -17.12
N ASN A 176 35.13 -10.13 -16.72
CA ASN A 176 36.40 -9.55 -16.31
C ASN A 176 36.78 -9.98 -14.91
N MET A 177 35.80 -10.14 -14.01
CA MET A 177 35.94 -10.39 -12.58
C MET A 177 36.52 -9.20 -11.83
N ALA A 178 36.94 -8.15 -12.54
CA ALA A 178 37.32 -6.88 -11.94
C ALA A 178 36.67 -5.72 -12.66
N GLY A 179 35.77 -5.98 -13.60
CA GLY A 179 35.06 -4.98 -14.35
C GLY A 179 33.71 -4.66 -13.75
N LEU A 180 32.77 -4.28 -14.60
CA LEU A 180 31.45 -3.85 -14.17
C LEU A 180 30.39 -4.47 -15.06
N GLY A 181 29.16 -4.50 -14.55
CA GLY A 181 28.01 -4.84 -15.37
C GLY A 181 27.77 -6.30 -15.63
N ASN A 182 28.28 -7.19 -14.77
CA ASN A 182 28.03 -8.61 -14.95
C ASN A 182 26.56 -8.91 -14.66
N THR A 183 25.80 -9.18 -15.71
CA THR A 183 24.45 -9.73 -15.56
C THR A 183 24.60 -11.24 -15.46
N MET A 184 24.41 -11.78 -14.26
CA MET A 184 24.55 -13.21 -14.07
C MET A 184 23.34 -13.93 -14.64
N MET A 185 23.18 -13.85 -15.97
CA MET A 185 22.06 -14.38 -16.74
C MET A 185 20.74 -13.70 -16.41
N GLN A 186 20.77 -12.59 -15.69
CA GLN A 186 19.54 -11.94 -15.23
C GLN A 186 19.52 -10.46 -15.58
N ASN A 187 18.54 -9.74 -15.03
CA ASN A 187 18.51 -8.28 -15.03
C ASN A 187 18.41 -7.68 -16.42
N LEU A 188 17.90 -8.44 -17.38
CA LEU A 188 17.63 -7.93 -18.72
C LEU A 188 16.28 -8.46 -19.18
N ALA A 189 15.46 -7.58 -19.75
CA ALA A 189 14.17 -8.00 -20.26
C ALA A 189 14.38 -8.91 -21.47
N SER A 190 13.97 -10.16 -21.33
CA SER A 190 14.17 -11.16 -22.37
C SER A 190 12.85 -11.87 -22.64
N GLU A 191 12.63 -12.21 -23.91
CA GLU A 191 11.45 -12.98 -24.28
C GLU A 191 11.49 -14.40 -23.73
N LYS A 192 12.68 -14.91 -23.41
CA LYS A 192 12.79 -16.23 -22.80
C LYS A 192 12.21 -16.24 -21.39
N THR A 193 12.42 -15.16 -20.64
CA THR A 193 11.94 -15.05 -19.27
C THR A 193 10.55 -14.42 -19.19
N GLU A 194 9.87 -14.29 -20.33
CA GLU A 194 8.57 -13.61 -20.41
C GLU A 194 8.68 -12.17 -19.91
N TYR A 195 9.72 -11.47 -20.38
CA TYR A 195 9.91 -10.04 -20.16
C TYR A 195 10.15 -9.70 -18.70
N THR A 196 10.68 -10.64 -17.94
CA THR A 196 11.11 -10.42 -16.57
C THR A 196 12.62 -10.25 -16.53
N SER A 197 13.12 -9.91 -15.34
CA SER A 197 14.55 -9.88 -15.08
C SER A 197 15.03 -11.18 -14.45
N LEU A 198 14.28 -12.26 -14.61
CA LEU A 198 14.65 -13.55 -14.09
C LEU A 198 15.78 -14.16 -14.93
N PRO A 199 16.45 -15.19 -14.42
CA PRO A 199 17.53 -15.82 -15.18
C PRO A 199 17.10 -16.23 -16.58
N ARG A 200 17.94 -15.91 -17.56
CA ARG A 200 17.66 -16.21 -18.95
C ARG A 200 18.15 -17.58 -19.39
N ASN A 201 18.81 -18.32 -18.51
CA ASN A 201 19.35 -19.64 -18.83
C ASN A 201 18.52 -20.77 -18.20
N ALA A 202 17.23 -20.54 -17.98
CA ALA A 202 16.38 -21.58 -17.42
C ALA A 202 16.28 -22.78 -18.35
N PHE A 203 16.21 -22.54 -19.66
CA PHE A 203 16.07 -23.63 -20.61
C PHE A 203 17.27 -24.57 -20.55
N GLU A 204 18.48 -24.01 -20.49
CA GLU A 204 19.68 -24.84 -20.44
C GLU A 204 19.71 -25.67 -19.16
N ARG A 205 19.26 -25.09 -18.05
CA ARG A 205 19.36 -25.76 -16.75
C ARG A 205 18.34 -26.89 -16.61
N TYR A 206 17.14 -26.73 -17.15
CA TYR A 206 16.05 -27.67 -16.88
C TYR A 206 15.48 -28.35 -18.11
N LEU A 207 15.67 -27.80 -19.31
CA LEU A 207 15.18 -28.44 -20.53
C LEU A 207 16.29 -29.03 -21.37
N LEU A 208 17.54 -28.76 -21.03
CA LEU A 208 18.69 -29.46 -21.59
C LEU A 208 19.53 -30.12 -20.51
N GLY A 209 19.79 -29.42 -19.41
CA GLY A 209 20.30 -30.04 -18.22
C GLY A 209 19.18 -30.61 -17.38
N HIS A 210 19.56 -31.15 -16.22
CA HIS A 210 18.60 -31.77 -15.32
C HIS A 210 18.77 -31.23 -13.91
N ASP A 211 18.95 -29.91 -13.80
CA ASP A 211 19.01 -29.27 -12.51
C ASP A 211 17.68 -29.43 -11.77
N ASP A 212 17.77 -29.56 -10.46
CA ASP A 212 16.57 -29.73 -9.65
C ASP A 212 15.73 -28.46 -9.70
N LEU A 213 14.43 -28.61 -9.97
CA LEU A 213 13.51 -27.48 -10.02
C LEU A 213 12.94 -27.12 -8.67
N ARG A 214 12.91 -28.05 -7.72
CA ARG A 214 12.30 -27.81 -6.42
C ARG A 214 13.05 -26.71 -5.67
N VAL A 215 12.29 -25.83 -5.03
CA VAL A 215 12.86 -24.78 -4.20
C VAL A 215 12.43 -24.87 -2.75
N GLU A 216 11.26 -25.43 -2.45
CA GLU A 216 10.72 -25.42 -1.10
C GLU A 216 11.21 -26.62 -0.31
N GLY A 217 11.53 -26.38 0.96
CA GLY A 217 11.85 -27.48 1.85
C GLY A 217 10.62 -28.28 2.21
N ASP A 218 10.83 -29.55 2.54
CA ASP A 218 9.76 -30.47 2.88
C ASP A 218 9.49 -30.54 4.37
N THR A 219 10.15 -29.69 5.16
CA THR A 219 10.02 -29.73 6.61
C THR A 219 9.54 -28.36 7.10
N ILE A 220 8.97 -28.36 8.31
CA ILE A 220 8.55 -27.12 8.94
C ILE A 220 9.76 -26.26 9.28
N LEU A 221 10.78 -26.86 9.87
CA LEU A 221 11.93 -26.16 10.39
C LEU A 221 13.14 -26.34 9.49
N PRO A 222 14.04 -25.35 9.44
CA PRO A 222 15.15 -25.42 8.48
C PRO A 222 16.11 -26.54 8.79
N HIS A 223 16.66 -27.11 7.72
CA HIS A 223 17.81 -28.02 7.78
C HIS A 223 18.80 -27.50 6.74
N LEU A 224 19.64 -26.53 7.14
CA LEU A 224 20.46 -25.82 6.17
C LEU A 224 21.50 -26.73 5.52
N ASP A 225 21.97 -27.75 6.22
CA ASP A 225 22.92 -28.68 5.62
C ASP A 225 22.24 -29.71 4.73
N GLU A 226 20.91 -29.83 4.79
CA GLU A 226 20.17 -30.72 3.92
C GLU A 226 19.45 -30.00 2.79
N TRP A 227 19.01 -28.76 3.01
CA TRP A 227 18.25 -28.02 2.01
C TRP A 227 18.53 -26.53 2.18
N ASP A 228 19.33 -25.96 1.28
CA ASP A 228 19.70 -24.55 1.32
C ASP A 228 19.63 -23.97 -0.09
N VAL A 229 18.50 -24.18 -0.77
CA VAL A 229 18.36 -23.71 -2.14
C VAL A 229 18.37 -22.18 -2.16
N SER A 230 19.19 -21.62 -3.05
CA SER A 230 19.38 -20.18 -3.12
C SER A 230 18.21 -19.52 -3.83
N LEU A 231 18.14 -18.20 -3.68
CA LEU A 231 17.13 -17.41 -4.37
C LEU A 231 17.46 -17.20 -5.85
N GLN A 232 18.72 -17.40 -6.24
CA GLN A 232 19.05 -17.40 -7.66
C GLN A 232 18.50 -18.64 -8.35
N ASP A 233 18.58 -19.80 -7.69
CA ASP A 233 17.96 -21.00 -8.24
C ASP A 233 16.44 -20.91 -8.19
N THR A 234 15.88 -20.27 -7.16
CA THR A 234 14.44 -20.05 -7.11
C THR A 234 13.98 -19.19 -8.27
N GLU A 235 14.71 -18.13 -8.59
CA GLU A 235 14.37 -17.31 -9.74
C GLU A 235 14.58 -18.07 -11.05
N ALA A 236 15.59 -18.94 -11.10
CA ALA A 236 15.75 -19.79 -12.27
C ALA A 236 14.58 -20.74 -12.44
N SER A 237 14.12 -21.36 -11.35
CA SER A 237 12.90 -22.15 -11.40
C SER A 237 11.70 -21.27 -11.75
N TYR A 238 11.64 -20.08 -11.16
CA TYR A 238 10.58 -19.13 -11.49
C TYR A 238 10.60 -18.77 -12.97
N SER A 239 11.80 -18.60 -13.54
CA SER A 239 11.92 -18.27 -14.95
C SER A 239 11.36 -19.37 -15.84
N LEU A 240 11.69 -20.63 -15.52
CA LEU A 240 11.16 -21.74 -16.31
C LEU A 240 9.64 -21.83 -16.16
N MET A 241 9.13 -21.59 -14.95
CA MET A 241 7.70 -21.63 -14.73
C MET A 241 6.97 -20.53 -15.47
N MET A 242 7.60 -19.35 -15.61
CA MET A 242 7.03 -18.30 -16.44
C MET A 242 6.87 -18.78 -17.88
N HIS A 243 7.90 -19.43 -18.42
CA HIS A 243 7.82 -19.97 -19.77
C HIS A 243 6.76 -21.07 -19.86
N MET A 244 6.73 -21.99 -18.90
CA MET A 244 5.77 -23.09 -18.95
C MET A 244 4.34 -22.57 -18.93
N SER A 245 4.10 -21.41 -18.31
CA SER A 245 2.78 -20.83 -18.28
C SER A 245 2.41 -20.21 -19.63
N ALA A 246 3.24 -19.30 -20.13
CA ALA A 246 2.92 -18.60 -21.37
C ALA A 246 3.03 -19.52 -22.58
N ALA A 247 3.95 -20.48 -22.55
CA ALA A 247 4.11 -21.37 -23.69
C ALA A 247 2.90 -22.26 -23.91
N THR A 248 2.18 -22.60 -22.84
CA THR A 248 1.02 -23.47 -22.94
C THR A 248 -0.29 -22.71 -22.72
N GLY A 249 -0.26 -21.39 -22.67
CA GLY A 249 -1.47 -20.64 -22.42
C GLY A 249 -2.01 -20.81 -21.03
N SER A 250 -1.17 -21.20 -20.08
CA SER A 250 -1.55 -21.46 -18.70
C SER A 250 -1.04 -20.34 -17.81
N ASN A 251 -1.31 -20.50 -16.51
CA ASN A 251 -0.74 -19.64 -15.48
C ASN A 251 -0.38 -20.52 -14.30
N CYS A 252 0.13 -19.88 -13.23
CA CYS A 252 0.58 -20.65 -12.07
C CYS A 252 -0.53 -21.51 -11.51
N THR A 253 -1.77 -21.05 -11.62
CA THR A 253 -2.89 -21.72 -10.97
C THR A 253 -3.23 -23.06 -11.64
N THR A 254 -3.04 -23.15 -12.96
CA THR A 254 -3.47 -24.36 -13.66
C THR A 254 -2.71 -25.58 -13.18
N CYS A 255 -1.48 -25.39 -12.70
CA CYS A 255 -0.68 -26.48 -12.18
C CYS A 255 -0.42 -26.38 -10.69
N HIS A 256 -0.82 -25.30 -10.04
CA HIS A 256 -0.48 -25.06 -8.64
C HIS A 256 -1.63 -24.40 -7.91
N ASN A 257 -1.71 -24.70 -6.61
CA ASN A 257 -2.34 -23.81 -5.64
C ASN A 257 -1.18 -23.01 -5.04
N THR A 258 -1.04 -21.75 -5.49
CA THR A 258 0.13 -20.98 -5.12
C THR A 258 0.20 -20.70 -3.62
N GLY A 259 -0.93 -20.77 -2.91
CA GLY A 259 -0.89 -20.68 -1.46
C GLY A 259 -0.10 -21.81 -0.83
N ARG A 260 -0.17 -23.00 -1.42
CA ARG A 260 0.58 -24.17 -0.97
C ARG A 260 1.28 -24.74 -2.20
N LEU A 261 2.45 -24.17 -2.53
CA LEU A 261 3.02 -24.34 -3.86
C LEU A 261 3.66 -25.70 -4.06
N GLY A 262 4.34 -26.23 -3.05
CA GLY A 262 5.04 -27.47 -3.16
C GLY A 262 4.22 -28.70 -2.87
N GLN A 263 2.92 -28.55 -2.64
CA GLN A 263 2.05 -29.68 -2.31
C GLN A 263 1.44 -30.23 -3.59
N TRP A 264 1.77 -31.48 -3.91
CA TRP A 264 1.26 -32.08 -5.14
C TRP A 264 -0.21 -32.42 -5.03
N ASP A 265 -0.67 -32.86 -3.85
CA ASP A 265 -2.08 -33.18 -3.66
C ASP A 265 -2.97 -31.94 -3.74
N GLU A 266 -2.39 -30.75 -3.61
CA GLU A 266 -3.13 -29.51 -3.76
C GLU A 266 -3.04 -28.94 -5.16
N SER A 267 -2.46 -29.68 -6.09
CA SER A 267 -2.25 -29.23 -7.45
C SER A 267 -3.07 -30.04 -8.42
N PRO A 268 -3.59 -29.43 -9.48
CA PRO A 268 -4.35 -30.18 -10.50
C PRO A 268 -3.43 -31.14 -11.24
N GLU A 269 -4.07 -32.08 -11.95
CA GLU A 269 -3.33 -33.10 -12.68
C GLU A 269 -2.43 -32.53 -13.76
N GLU A 270 -2.69 -31.29 -14.22
CA GLU A 270 -1.83 -30.68 -15.23
C GLU A 270 -0.39 -30.55 -14.74
N ARG A 271 -0.20 -30.39 -13.44
CA ARG A 271 1.15 -30.39 -12.89
C ARG A 271 1.83 -31.74 -13.11
N GLU A 272 1.10 -32.83 -12.86
CA GLU A 272 1.67 -34.16 -13.07
C GLU A 272 1.97 -34.39 -14.55
N ILE A 273 1.08 -33.95 -15.44
CA ILE A 273 1.33 -34.10 -16.87
C ILE A 273 2.52 -33.26 -17.29
N SER A 274 2.58 -32.01 -16.84
CA SER A 274 3.68 -31.13 -17.20
C SER A 274 5.01 -31.58 -16.61
N TRP A 275 4.97 -32.36 -15.52
CA TRP A 275 6.19 -32.97 -15.01
C TRP A 275 6.85 -33.83 -16.07
N HIS A 276 6.05 -34.68 -16.73
CA HIS A 276 6.59 -35.50 -17.81
C HIS A 276 6.92 -34.67 -19.03
N GLY A 277 6.26 -33.53 -19.22
CA GLY A 277 6.59 -32.65 -20.33
C GLY A 277 7.99 -32.07 -20.20
N ILE A 278 8.40 -31.76 -18.97
CA ILE A 278 9.76 -31.28 -18.75
C ILE A 278 10.77 -32.36 -19.11
N ARG A 279 10.53 -33.59 -18.65
CA ARG A 279 11.43 -34.69 -18.95
C ARG A 279 11.37 -35.08 -20.42
N MET A 280 10.20 -34.97 -21.05
CA MET A 280 10.13 -35.25 -22.49
C MET A 280 10.89 -34.20 -23.29
N THR A 281 10.72 -32.92 -22.93
CA THR A 281 11.47 -31.87 -23.61
C THR A 281 12.97 -32.03 -23.39
N ARG A 282 13.37 -32.38 -22.18
CA ARG A 282 14.77 -32.66 -21.89
C ARG A 282 15.25 -33.86 -22.69
N ASP A 283 14.41 -34.88 -22.83
CA ASP A 283 14.77 -36.04 -23.64
C ASP A 283 14.98 -35.67 -25.10
N ILE A 284 14.08 -34.83 -25.65
CA ILE A 284 14.18 -34.46 -27.06
C ILE A 284 15.46 -33.68 -27.33
N ASN A 285 15.75 -32.68 -26.49
CA ASN A 285 16.90 -31.82 -26.74
C ASN A 285 18.21 -32.57 -26.53
N ALA A 286 18.32 -33.32 -25.43
CA ALA A 286 19.60 -33.94 -25.09
C ALA A 286 19.91 -35.12 -26.01
N ASN A 287 18.89 -35.89 -26.38
CA ASN A 287 19.11 -37.13 -27.11
C ASN A 287 18.84 -37.03 -28.61
N TRP A 288 17.99 -36.11 -29.04
CA TRP A 288 17.59 -36.06 -30.44
C TRP A 288 17.94 -34.76 -31.16
N ILE A 289 17.98 -33.63 -30.46
CA ILE A 289 18.26 -32.36 -31.11
C ILE A 289 19.76 -32.04 -31.11
N GLU A 290 20.38 -32.11 -29.92
CA GLU A 290 21.81 -31.79 -29.83
C GLU A 290 22.70 -32.66 -30.69
N PRO A 291 22.48 -33.98 -30.86
CA PRO A 291 23.31 -34.75 -31.79
C PRO A 291 23.25 -34.27 -33.24
N LEU A 292 22.39 -33.30 -33.53
CA LEU A 292 22.28 -32.72 -34.86
C LEU A 292 23.04 -31.41 -34.99
N GLU A 293 23.83 -31.04 -33.99
CA GLU A 293 24.52 -29.76 -34.00
C GLU A 293 25.73 -29.77 -34.93
N ALA A 294 26.45 -30.89 -35.01
CA ALA A 294 27.64 -30.96 -35.85
C ALA A 294 27.29 -30.82 -37.32
N GLY A 295 26.19 -31.44 -37.76
CA GLY A 295 25.79 -31.35 -39.16
C GLY A 295 25.03 -30.10 -39.54
N GLN A 296 24.63 -29.30 -38.56
CA GLN A 296 23.83 -28.12 -38.83
C GLN A 296 24.70 -27.03 -39.48
N PRO A 297 24.14 -26.27 -40.42
CA PRO A 297 24.89 -25.15 -41.00
C PRO A 297 25.01 -24.00 -40.00
N GLU A 298 25.99 -23.13 -40.27
CA GLU A 298 26.25 -22.00 -39.38
C GLU A 298 25.13 -20.96 -39.43
N VAL A 299 24.37 -20.90 -40.52
CA VAL A 299 23.25 -19.97 -40.59
C VAL A 299 22.14 -20.40 -39.65
N ARG A 300 21.99 -21.70 -39.43
CA ARG A 300 20.96 -22.23 -38.53
C ARG A 300 21.36 -22.16 -37.06
N LEU A 301 22.64 -21.95 -36.76
CA LEU A 301 23.12 -22.01 -35.40
C LEU A 301 22.77 -20.75 -34.62
N GLY A 302 22.85 -20.85 -33.30
CA GLY A 302 22.57 -19.74 -32.43
C GLY A 302 23.79 -18.89 -32.16
N PRO A 303 23.63 -17.86 -31.31
CA PRO A 303 24.79 -17.00 -31.00
C PRO A 303 25.95 -17.76 -30.38
N THR A 304 25.67 -18.76 -29.54
CA THR A 304 26.72 -19.57 -28.95
C THR A 304 27.24 -20.64 -29.92
N GLY A 305 26.52 -20.88 -31.00
CA GLY A 305 26.88 -21.93 -31.95
C GLY A 305 26.11 -23.21 -31.78
N ASP A 306 24.91 -23.16 -31.22
CA ASP A 306 24.10 -24.33 -30.94
C ASP A 306 22.92 -24.42 -31.91
N ILE A 307 22.35 -25.60 -31.98
CA ILE A 307 21.14 -25.82 -32.78
C ILE A 307 19.93 -25.39 -31.98
N ALA A 308 18.92 -24.87 -32.67
CA ALA A 308 17.69 -24.47 -32.00
C ALA A 308 17.06 -25.68 -31.30
N LYS A 309 16.64 -25.48 -30.06
CA LYS A 309 16.16 -26.55 -29.22
C LYS A 309 14.66 -26.42 -28.96
N VAL A 310 14.08 -27.51 -28.52
CA VAL A 310 12.64 -27.58 -28.27
C VAL A 310 12.33 -26.99 -26.91
N GLN A 311 11.28 -26.19 -26.83
CA GLN A 311 10.72 -25.70 -25.59
C GLN A 311 9.25 -26.12 -25.52
N CYS A 312 8.56 -25.67 -24.48
CA CYS A 312 7.14 -26.01 -24.33
C CYS A 312 6.31 -25.42 -25.47
N ALA A 313 6.61 -24.18 -25.86
CA ALA A 313 5.86 -23.54 -26.94
C ALA A 313 6.16 -24.14 -28.30
N THR A 314 7.21 -24.95 -28.42
CA THR A 314 7.54 -25.55 -29.71
C THR A 314 6.42 -26.48 -30.18
N CYS A 315 5.71 -27.12 -29.25
CA CYS A 315 4.55 -27.91 -29.59
C CYS A 315 3.22 -27.26 -29.23
N HIS A 316 3.19 -26.42 -28.20
CA HIS A 316 1.92 -25.89 -27.70
C HIS A 316 1.51 -24.59 -28.38
N TYR A 317 2.46 -23.69 -28.63
CA TYR A 317 2.19 -22.39 -29.25
C TYR A 317 1.12 -21.62 -28.48
N GLY A 318 1.25 -21.63 -27.16
CA GLY A 318 0.31 -20.90 -26.33
C GLY A 318 -1.02 -21.57 -26.08
N GLU A 319 -1.12 -22.87 -26.34
CA GLU A 319 -2.34 -23.63 -26.10
C GLU A 319 -2.04 -24.83 -25.22
N GLN A 320 -2.94 -25.13 -24.29
CA GLN A 320 -2.76 -26.29 -23.43
C GLN A 320 -2.81 -27.59 -24.23
N LEU A 321 -3.64 -27.63 -25.27
CA LEU A 321 -3.69 -28.76 -26.19
C LEU A 321 -3.09 -28.34 -27.52
N PRO A 322 -1.94 -28.87 -27.92
CA PRO A 322 -1.39 -28.52 -29.24
C PRO A 322 -2.36 -28.85 -30.35
N LEU A 323 -2.51 -27.91 -31.28
CA LEU A 323 -3.41 -28.06 -32.42
C LEU A 323 -4.84 -28.39 -31.95
N ASP A 324 -5.26 -27.74 -30.87
CA ASP A 324 -6.56 -27.97 -30.25
C ASP A 324 -6.77 -29.44 -29.88
N GLY A 325 -5.68 -30.13 -29.55
CA GLY A 325 -5.76 -31.53 -29.16
C GLY A 325 -6.16 -32.47 -30.27
N ALA A 326 -5.99 -32.07 -31.53
CA ALA A 326 -6.40 -32.89 -32.65
C ALA A 326 -5.51 -34.12 -32.74
N LYS A 327 -6.09 -35.29 -32.45
CA LYS A 327 -5.35 -36.54 -32.56
C LYS A 327 -5.19 -36.90 -34.03
N MET A 328 -4.08 -36.49 -34.63
CA MET A 328 -3.82 -36.71 -36.05
C MET A 328 -2.56 -37.55 -36.26
N VAL A 329 -2.21 -38.38 -35.28
CA VAL A 329 -1.13 -39.34 -35.43
C VAL A 329 -1.65 -40.76 -35.60
N ASP A 330 -2.93 -40.99 -35.34
CA ASP A 330 -3.55 -42.28 -35.65
C ASP A 330 -3.81 -42.44 -37.14
N ASP A 331 -3.94 -41.34 -37.88
CA ASP A 331 -4.05 -41.39 -39.32
C ASP A 331 -2.71 -41.58 -40.01
N TYR A 332 -1.60 -41.54 -39.26
CA TYR A 332 -0.26 -41.63 -39.82
C TYR A 332 0.55 -42.70 -39.11
N PRO A 333 0.30 -43.97 -39.41
CA PRO A 333 1.27 -45.01 -39.03
C PRO A 333 2.58 -44.78 -39.78
N GLY A 334 3.68 -45.11 -39.12
CA GLY A 334 5.01 -44.76 -39.58
C GLY A 334 5.63 -43.62 -38.80
N LEU A 335 4.81 -42.76 -38.21
CA LEU A 335 5.26 -41.80 -37.21
C LEU A 335 5.10 -42.34 -35.80
N MET A 336 4.69 -43.60 -35.66
CA MET A 336 4.60 -44.28 -34.37
C MET A 336 5.64 -45.38 -34.34
N GLY A 337 6.57 -45.30 -33.40
CA GLY A 337 7.60 -46.30 -33.23
C GLY A 337 7.14 -47.44 -32.35
N GLU A 338 8.11 -48.20 -31.86
CA GLU A 338 7.85 -49.28 -30.92
C GLU A 338 8.18 -48.80 -29.50
N GLU A 339 7.42 -49.30 -28.54
CA GLU A 339 7.66 -48.94 -27.15
C GLU A 339 9.02 -49.46 -26.70
N ASP A 340 9.94 -48.55 -26.42
CA ASP A 340 11.26 -48.93 -25.94
C ASP A 340 11.13 -49.62 -24.58
N ALA A 341 11.82 -50.74 -24.42
CA ALA A 341 11.76 -51.49 -23.17
C ALA A 341 12.68 -50.94 -22.10
N ASP A 342 13.57 -50.01 -22.45
CA ASP A 342 14.47 -49.39 -21.49
C ASP A 342 14.05 -47.96 -21.14
N PHE A 343 12.83 -47.57 -21.49
CA PHE A 343 12.31 -46.25 -21.17
C PHE A 343 11.71 -46.26 -19.77
N ASP A 344 12.11 -45.27 -18.95
CA ASP A 344 11.66 -45.19 -17.57
C ASP A 344 10.98 -43.87 -17.22
N PHE A 345 11.34 -42.78 -17.88
CA PHE A 345 10.93 -41.39 -17.63
C PHE A 345 11.40 -40.92 -16.26
N LEU A 346 12.03 -41.82 -15.51
CA LEU A 346 12.73 -41.46 -14.28
C LEU A 346 14.24 -41.54 -14.45
N GLN A 347 14.71 -41.68 -15.67
CA GLN A 347 16.13 -41.76 -15.98
C GLN A 347 16.55 -40.57 -16.84
N PHE A 348 15.96 -39.42 -16.56
CA PHE A 348 16.34 -38.19 -17.24
C PHE A 348 16.72 -37.12 -16.22
N GLY A 349 17.51 -37.53 -15.22
CA GLY A 349 17.99 -36.63 -14.20
C GLY A 349 17.29 -36.73 -12.86
N ASP A 350 16.18 -37.47 -12.78
CA ASP A 350 15.42 -37.61 -11.54
C ASP A 350 15.65 -39.02 -11.01
N LEU A 351 16.64 -39.16 -10.13
CA LEU A 351 17.12 -40.41 -9.54
C LEU A 351 17.94 -41.25 -10.53
N GLY A 352 18.17 -40.74 -11.74
CA GLY A 352 18.96 -41.49 -12.70
C GLY A 352 19.16 -40.77 -14.02
N THR A 353 20.27 -41.06 -14.68
CA THR A 353 20.64 -40.43 -15.95
C THR A 353 20.92 -41.49 -17.00
N ASP A 354 20.10 -42.54 -17.03
CA ASP A 354 20.25 -43.59 -18.03
C ASP A 354 19.71 -43.18 -19.38
N GLY A 355 18.65 -42.37 -19.42
CA GLY A 355 18.06 -41.92 -20.66
C GLY A 355 18.71 -40.73 -21.30
N LEU A 356 19.73 -40.17 -20.67
CA LEU A 356 20.45 -39.01 -21.21
C LEU A 356 21.82 -39.43 -21.70
N ARG A 357 22.35 -38.67 -22.65
CA ARG A 357 23.61 -39.00 -23.31
C ARG A 357 24.82 -38.63 -22.45
N ASP A 358 26.01 -38.66 -23.06
CA ASP A 358 27.30 -38.35 -22.42
C ASP A 358 27.22 -37.43 -21.21
N ALA B 2 -22.24 7.43 29.84
CA ALA B 2 -21.29 8.46 30.25
C ALA B 2 -20.75 9.20 29.03
N MET B 3 -20.36 10.45 29.25
CA MET B 3 -19.94 11.33 28.16
C MET B 3 -18.65 12.03 28.56
N LEU B 4 -17.90 12.45 27.55
CA LEU B 4 -16.74 13.31 27.79
C LEU B 4 -17.20 14.61 28.44
N ASP B 5 -16.32 15.19 29.26
CA ASP B 5 -16.70 16.36 30.03
C ASP B 5 -17.03 17.56 29.15
N PHE B 6 -16.66 17.54 27.88
CA PHE B 6 -17.02 18.59 26.94
C PHE B 6 -18.03 18.12 25.90
N GLU B 7 -18.55 16.89 26.03
CA GLU B 7 -19.43 16.32 25.03
C GLU B 7 -20.86 16.84 25.12
N LYS B 8 -21.28 17.35 26.28
CA LYS B 8 -22.69 17.65 26.49
C LYS B 8 -23.21 18.68 25.50
N LYS B 9 -22.45 19.75 25.28
CA LYS B 9 -22.91 20.83 24.42
C LYS B 9 -23.00 20.44 22.95
N TYR B 10 -22.46 19.29 22.56
CA TYR B 10 -22.50 18.86 21.18
C TYR B 10 -23.64 17.91 20.86
N ARG B 11 -24.17 17.19 21.85
CA ARG B 11 -25.21 16.20 21.63
C ARG B 11 -26.54 16.91 21.39
N VAL B 12 -26.69 17.43 20.17
CA VAL B 12 -27.87 18.17 19.78
C VAL B 12 -28.64 17.37 18.75
N ARG B 13 -29.80 17.90 18.36
CA ARG B 13 -30.71 17.22 17.46
C ARG B 13 -30.50 17.73 16.04
N GLY B 14 -30.63 16.83 15.07
CA GLY B 14 -30.56 17.18 13.67
C GLY B 14 -29.29 16.69 13.01
N GLY B 15 -29.22 16.94 11.70
CA GLY B 15 -28.09 16.52 10.91
C GLY B 15 -28.23 15.16 10.25
N THR B 16 -29.34 14.46 10.49
CA THR B 16 -29.54 13.15 9.91
C THR B 16 -29.87 13.24 8.42
N LEU B 17 -29.58 12.16 7.71
CA LEU B 17 -29.97 12.04 6.31
C LEU B 17 -31.33 11.36 6.17
N LEU B 18 -31.58 10.34 6.99
CA LEU B 18 -32.89 9.71 7.10
C LEU B 18 -33.18 9.47 8.57
N GLY B 19 -34.39 8.99 8.86
CA GLY B 19 -34.73 8.60 10.21
C GLY B 19 -35.10 9.76 11.12
N GLY B 20 -34.35 10.84 11.04
CA GLY B 20 -34.69 12.05 11.79
C GLY B 20 -34.75 11.81 13.28
N ASP B 21 -35.77 12.40 13.91
CA ASP B 21 -35.93 12.30 15.35
C ASP B 21 -36.18 10.87 15.82
N LEU B 22 -36.59 9.98 14.93
CA LEU B 22 -36.93 8.62 15.33
C LEU B 22 -35.72 7.87 15.88
N PHE B 23 -34.57 8.02 15.22
CA PHE B 23 -33.37 7.29 15.60
C PHE B 23 -32.24 8.20 16.07
N ASP B 24 -32.49 9.50 16.23
CA ASP B 24 -31.43 10.45 16.59
C ASP B 24 -31.21 10.40 18.09
N PHE B 25 -30.38 9.47 18.53
CA PHE B 25 -30.04 9.36 19.94
C PHE B 25 -28.73 8.58 20.06
N TRP B 26 -28.17 8.59 21.26
CA TRP B 26 -26.93 7.91 21.57
C TRP B 26 -27.19 6.75 22.51
N ILE B 27 -26.46 5.66 22.30
CA ILE B 27 -26.41 4.54 23.22
C ILE B 27 -24.97 4.46 23.72
N GLY B 28 -24.76 4.87 24.97
CA GLY B 28 -23.42 5.05 25.47
C GLY B 28 -22.69 6.11 24.68
N PRO B 29 -21.49 5.78 24.19
CA PRO B 29 -20.78 6.73 23.33
C PRO B 29 -21.22 6.70 21.89
N PHE B 30 -21.85 5.61 21.44
CA PHE B 30 -22.20 5.46 20.04
C PHE B 30 -23.39 6.33 19.67
N TYR B 31 -23.27 7.08 18.58
CA TYR B 31 -24.44 7.65 17.93
C TYR B 31 -25.14 6.56 17.14
N VAL B 32 -26.46 6.55 17.19
CA VAL B 32 -27.19 5.47 16.55
C VAL B 32 -27.65 5.88 15.16
N GLY B 33 -28.59 6.83 15.08
CA GLY B 33 -29.18 7.19 13.81
C GLY B 33 -29.88 6.03 13.13
N ILE B 34 -30.52 6.28 11.99
CA ILE B 34 -31.18 5.20 11.27
C ILE B 34 -30.14 4.24 10.68
N PHE B 35 -29.05 4.80 10.14
CA PHE B 35 -28.03 3.95 9.52
C PHE B 35 -27.27 3.12 10.55
N GLY B 36 -27.25 3.57 11.81
CA GLY B 36 -26.69 2.75 12.86
C GLY B 36 -27.51 1.50 13.12
N VAL B 37 -28.83 1.63 13.10
CA VAL B 37 -29.70 0.47 13.19
C VAL B 37 -29.49 -0.44 11.99
N LEU B 38 -29.39 0.14 10.79
CA LEU B 38 -29.15 -0.65 9.59
C LEU B 38 -27.78 -1.31 9.63
N THR B 39 -26.74 -0.56 10.02
CA THR B 39 -25.41 -1.14 10.04
C THR B 39 -25.27 -2.19 11.14
N ALA B 40 -26.01 -2.04 12.24
CA ALA B 40 -26.01 -3.07 13.27
C ALA B 40 -26.73 -4.33 12.80
N ILE B 41 -27.87 -4.16 12.11
CA ILE B 41 -28.60 -5.30 11.59
C ILE B 41 -27.75 -6.03 10.54
N PHE B 42 -27.14 -5.28 9.63
CA PHE B 42 -26.30 -5.89 8.62
C PHE B 42 -25.09 -6.57 9.24
N ALA B 43 -24.48 -5.94 10.25
CA ALA B 43 -23.28 -6.48 10.86
C ALA B 43 -23.58 -7.77 11.61
N VAL B 44 -24.63 -7.77 12.44
CA VAL B 44 -24.97 -8.98 13.19
C VAL B 44 -25.42 -10.08 12.24
N LEU B 45 -26.23 -9.75 11.24
CA LEU B 45 -26.70 -10.75 10.31
C LEU B 45 -25.54 -11.39 9.55
N GLY B 46 -24.62 -10.56 9.05
CA GLY B 46 -23.47 -11.10 8.34
C GLY B 46 -22.58 -11.93 9.24
N THR B 47 -22.32 -11.45 10.46
CA THR B 47 -21.46 -12.18 11.38
C THR B 47 -22.09 -13.51 11.80
N VAL B 48 -23.39 -13.50 12.07
CA VAL B 48 -24.07 -14.74 12.48
C VAL B 48 -24.10 -15.72 11.32
N LEU B 49 -24.31 -15.23 10.10
CA LEU B 49 -24.25 -16.11 8.94
C LEU B 49 -22.83 -16.65 8.73
N ILE B 50 -21.82 -15.83 9.01
CA ILE B 50 -20.44 -16.31 8.95
C ILE B 50 -20.21 -17.39 10.00
N ILE B 51 -20.73 -17.18 11.21
CA ILE B 51 -20.57 -18.16 12.27
C ILE B 51 -21.30 -19.45 11.92
N TYR B 52 -22.46 -19.35 11.27
CA TYR B 52 -23.15 -20.55 10.79
C TYR B 52 -22.32 -21.27 9.74
N GLY B 53 -21.73 -20.52 8.81
CA GLY B 53 -20.82 -21.14 7.85
C GLY B 53 -19.62 -21.77 8.52
N ALA B 54 -19.15 -21.17 9.61
CA ALA B 54 -18.11 -21.80 10.41
C ALA B 54 -18.58 -23.10 11.02
N SER B 55 -19.83 -23.13 11.52
CA SER B 55 -20.34 -24.33 12.15
C SER B 55 -20.41 -25.50 11.17
N GLN B 56 -20.67 -25.22 9.90
CA GLN B 56 -20.78 -26.28 8.91
C GLN B 56 -19.43 -26.76 8.38
N ASP B 57 -18.35 -26.00 8.59
CA ASP B 57 -17.02 -26.43 8.16
C ASP B 57 -16.08 -26.65 9.34
N THR B 58 -15.79 -25.62 10.13
CA THR B 58 -14.87 -25.72 11.26
C THR B 58 -14.90 -24.41 12.03
N PHE B 59 -14.68 -24.51 13.34
CA PHE B 59 -14.67 -23.36 14.22
C PHE B 59 -13.28 -22.79 14.44
N ASN B 60 -12.26 -23.36 13.84
CA ASN B 60 -10.93 -22.77 13.90
C ASN B 60 -10.98 -21.37 13.33
N LEU B 61 -10.51 -20.39 14.11
CA LEU B 61 -10.68 -19.00 13.72
C LEU B 61 -10.00 -18.70 12.39
N TRP B 62 -8.83 -19.27 12.16
CA TRP B 62 -8.11 -19.03 10.92
C TRP B 62 -8.68 -19.83 9.76
N GLN B 63 -9.26 -21.00 10.02
CA GLN B 63 -9.73 -21.88 8.97
C GLN B 63 -11.19 -21.63 8.58
N ILE B 64 -11.89 -20.74 9.29
CA ILE B 64 -13.25 -20.37 8.87
C ILE B 64 -13.18 -19.75 7.49
N SER B 65 -14.04 -20.20 6.59
CA SER B 65 -14.00 -19.73 5.21
C SER B 65 -15.40 -19.79 4.62
N ILE B 66 -15.90 -18.63 4.18
CA ILE B 66 -17.15 -18.54 3.44
C ILE B 66 -16.77 -18.31 1.98
N ALA B 67 -16.79 -19.35 1.20
CA ALA B 67 -16.27 -19.23 -0.15
C ALA B 67 -17.37 -18.82 -1.12
N PRO B 68 -17.03 -18.06 -2.16
CA PRO B 68 -18.01 -17.69 -3.17
C PRO B 68 -18.43 -18.90 -3.98
N PRO B 69 -19.48 -18.79 -4.79
CA PRO B 69 -19.89 -19.94 -5.61
C PRO B 69 -18.88 -20.27 -6.71
N ASP B 70 -19.16 -21.32 -7.46
CA ASP B 70 -18.34 -21.65 -8.63
C ASP B 70 -18.57 -20.65 -9.74
N LEU B 71 -17.59 -20.54 -10.64
CA LEU B 71 -17.78 -19.74 -11.84
C LEU B 71 -18.88 -20.30 -12.73
N SER B 72 -19.19 -21.59 -12.60
CA SER B 72 -20.25 -22.21 -13.39
C SER B 72 -21.61 -21.60 -13.09
N TYR B 73 -21.81 -21.06 -11.88
CA TYR B 73 -23.07 -20.41 -11.54
C TYR B 73 -23.23 -19.06 -12.20
N GLY B 74 -22.16 -18.48 -12.73
CA GLY B 74 -22.25 -17.17 -13.34
C GLY B 74 -22.65 -16.12 -12.32
N LEU B 75 -23.52 -15.21 -12.76
CA LEU B 75 -24.03 -14.16 -11.88
C LEU B 75 -25.28 -14.59 -11.11
N ALA B 76 -25.70 -15.83 -11.26
CA ALA B 76 -26.88 -16.32 -10.54
C ALA B 76 -26.57 -16.51 -9.06
N LEU B 77 -27.62 -16.40 -8.24
CA LEU B 77 -27.49 -16.68 -6.82
C LEU B 77 -27.37 -18.18 -6.62
N ALA B 78 -26.37 -18.58 -5.86
CA ALA B 78 -26.06 -19.99 -5.64
C ALA B 78 -26.87 -20.55 -4.48
N PRO B 79 -26.97 -21.87 -4.37
CA PRO B 79 -27.50 -22.47 -3.15
C PRO B 79 -26.66 -22.07 -1.95
N MET B 80 -27.28 -22.13 -0.77
CA MET B 80 -26.70 -21.53 0.43
C MET B 80 -25.34 -22.13 0.76
N MET B 81 -25.21 -23.45 0.67
CA MET B 81 -23.96 -24.12 1.01
C MET B 81 -23.03 -24.31 -0.18
N GLU B 82 -23.33 -23.68 -1.31
CA GLU B 82 -22.46 -23.70 -2.48
C GLU B 82 -22.19 -22.29 -2.97
N GLY B 83 -21.97 -21.36 -2.04
CA GLY B 83 -21.66 -19.99 -2.38
C GLY B 83 -22.79 -19.01 -2.18
N GLY B 84 -24.02 -19.48 -1.97
CA GLY B 84 -25.12 -18.57 -1.72
C GLY B 84 -24.98 -17.81 -0.41
N LEU B 85 -24.45 -18.49 0.62
CA LEU B 85 -24.20 -17.81 1.88
C LEU B 85 -23.19 -16.68 1.72
N TRP B 86 -22.15 -16.91 0.91
CA TRP B 86 -21.19 -15.86 0.61
C TRP B 86 -21.87 -14.68 -0.07
N GLN B 87 -22.80 -14.95 -0.98
CA GLN B 87 -23.49 -13.88 -1.68
C GLN B 87 -24.37 -13.07 -0.73
N ILE B 88 -25.06 -13.74 0.20
CA ILE B 88 -25.87 -13.03 1.17
C ILE B 88 -25.01 -12.19 2.10
N ILE B 89 -23.89 -12.75 2.56
CA ILE B 89 -22.99 -11.99 3.42
C ILE B 89 -22.37 -10.82 2.67
N THR B 90 -22.10 -11.00 1.37
CA THR B 90 -21.53 -9.90 0.59
C THR B 90 -22.48 -8.72 0.51
N VAL B 91 -23.77 -8.97 0.27
CA VAL B 91 -24.71 -7.86 0.24
C VAL B 91 -24.91 -7.27 1.63
N CYS B 92 -24.83 -8.12 2.67
CA CYS B 92 -24.87 -7.59 4.04
C CYS B 92 -23.66 -6.73 4.35
N ALA B 93 -22.48 -7.17 3.91
CA ALA B 93 -21.26 -6.38 4.15
C ALA B 93 -21.30 -5.07 3.38
N LEU B 94 -21.76 -5.10 2.13
CA LEU B 94 -21.91 -3.86 1.38
C LEU B 94 -22.93 -2.94 2.04
N GLY B 95 -24.04 -3.50 2.49
CA GLY B 95 -25.01 -2.71 3.23
C GLY B 95 -24.42 -2.14 4.51
N ALA B 96 -23.67 -2.97 5.24
CA ALA B 96 -23.04 -2.50 6.47
C ALA B 96 -22.05 -1.38 6.20
N PHE B 97 -21.24 -1.52 5.15
CA PHE B 97 -20.23 -0.51 4.85
C PHE B 97 -20.86 0.79 4.38
N ILE B 98 -21.87 0.69 3.51
CA ILE B 98 -22.51 1.90 2.99
C ILE B 98 -23.26 2.64 4.09
N THR B 99 -23.98 1.91 4.94
CA THR B 99 -24.67 2.55 6.05
C THR B 99 -23.68 3.13 7.06
N TRP B 100 -22.50 2.53 7.18
CA TRP B 100 -21.48 3.07 8.07
C TRP B 100 -21.02 4.45 7.60
N ALA B 101 -20.75 4.60 6.30
CA ALA B 101 -20.34 5.89 5.77
C ALA B 101 -21.48 6.90 5.84
N LEU B 102 -22.71 6.45 5.58
CA LEU B 102 -23.86 7.35 5.70
C LEU B 102 -24.07 7.79 7.14
N ARG B 103 -23.79 6.90 8.10
CA ARG B 103 -23.85 7.28 9.51
C ARG B 103 -22.80 8.32 9.84
N GLN B 104 -21.59 8.19 9.26
CA GLN B 104 -20.55 9.18 9.49
C GLN B 104 -20.91 10.53 8.88
N ALA B 105 -21.66 10.53 7.78
CA ALA B 105 -22.13 11.79 7.20
C ALA B 105 -23.06 12.51 8.15
N GLU B 106 -23.96 11.78 8.80
CA GLU B 106 -24.85 12.39 9.79
C GLU B 106 -24.07 12.93 10.98
N ILE B 107 -23.07 12.18 11.43
CA ILE B 107 -22.24 12.64 12.54
C ILE B 107 -21.40 13.84 12.12
N SER B 108 -20.91 13.83 10.87
CA SER B 108 -20.15 14.98 10.37
C SER B 108 -21.02 16.23 10.34
N LYS B 109 -22.26 16.11 9.85
CA LYS B 109 -23.15 17.26 9.77
C LYS B 109 -23.53 17.75 11.16
N LYS B 110 -23.78 16.83 12.10
CA LYS B 110 -24.17 17.23 13.44
C LYS B 110 -23.04 18.00 14.14
N LEU B 111 -21.79 17.71 13.82
CA LEU B 111 -20.65 18.41 14.40
C LEU B 111 -20.16 19.57 13.56
N GLY B 112 -20.81 19.86 12.44
CA GLY B 112 -20.36 20.96 11.60
C GLY B 112 -19.10 20.67 10.82
N MET B 113 -18.70 19.40 10.72
CA MET B 113 -17.51 19.01 10.00
C MET B 113 -17.85 18.72 8.54
N GLY B 114 -16.83 18.79 7.69
CA GLY B 114 -16.99 18.37 6.31
C GLY B 114 -17.15 16.87 6.18
N TYR B 115 -17.50 16.45 4.98
CA TYR B 115 -17.76 15.04 4.69
C TYR B 115 -16.52 14.31 4.21
N HIS B 116 -15.33 14.75 4.63
CA HIS B 116 -14.10 14.13 4.16
C HIS B 116 -13.99 12.69 4.63
N VAL B 117 -14.33 12.40 5.88
CA VAL B 117 -14.22 11.05 6.39
C VAL B 117 -15.14 10.06 5.66
N PRO B 118 -16.44 10.34 5.48
CA PRO B 118 -17.26 9.40 4.70
C PRO B 118 -16.79 9.23 3.27
N VAL B 119 -16.28 10.30 2.64
CA VAL B 119 -15.81 10.19 1.27
C VAL B 119 -14.53 9.37 1.19
N ALA B 120 -13.61 9.57 2.14
CA ALA B 120 -12.40 8.77 2.19
C ALA B 120 -12.72 7.30 2.44
N PHE B 121 -13.71 7.03 3.31
CA PHE B 121 -14.12 5.65 3.54
C PHE B 121 -14.80 5.07 2.31
N ALA B 122 -15.49 5.90 1.52
CA ALA B 122 -16.10 5.42 0.29
C ALA B 122 -15.06 4.89 -0.68
N VAL B 123 -13.84 5.42 -0.64
CA VAL B 123 -12.76 4.86 -1.44
C VAL B 123 -12.46 3.43 -1.03
N ALA B 124 -12.42 3.18 0.28
CA ALA B 124 -12.26 1.82 0.77
C ALA B 124 -13.44 0.94 0.36
N ILE B 125 -14.66 1.49 0.44
CA ILE B 125 -15.84 0.76 -0.01
C ILE B 125 -15.75 0.48 -1.51
N LEU B 126 -15.24 1.45 -2.27
CA LEU B 126 -15.06 1.26 -3.71
C LEU B 126 -14.08 0.13 -3.99
N ALA B 127 -12.99 0.07 -3.22
CA ALA B 127 -12.02 -1.02 -3.40
C ALA B 127 -12.65 -2.36 -3.08
N TYR B 128 -13.41 -2.44 -1.98
CA TYR B 128 -14.10 -3.68 -1.64
C TYR B 128 -15.13 -4.05 -2.70
N ALA B 129 -15.90 -3.06 -3.17
CA ALA B 129 -16.89 -3.34 -4.21
C ALA B 129 -16.22 -3.76 -5.51
N THR B 130 -15.02 -3.26 -5.77
CA THR B 130 -14.26 -3.75 -6.92
C THR B 130 -13.96 -5.23 -6.78
N LEU B 131 -13.59 -5.68 -5.58
CA LEU B 131 -13.19 -7.07 -5.37
C LEU B 131 -14.36 -8.04 -5.51
N VAL B 132 -15.53 -7.66 -4.98
CA VAL B 132 -16.65 -8.59 -4.90
C VAL B 132 -17.79 -8.25 -5.84
N VAL B 133 -17.81 -7.07 -6.43
CA VAL B 133 -18.90 -6.74 -7.36
C VAL B 133 -18.34 -6.41 -8.73
N PHE B 134 -17.54 -5.35 -8.83
CA PHE B 134 -17.19 -4.80 -10.13
C PHE B 134 -16.34 -5.78 -10.93
N ARG B 135 -15.25 -6.28 -10.35
CA ARG B 135 -14.45 -7.28 -11.05
C ARG B 135 -15.22 -8.57 -11.29
N PRO B 136 -15.95 -9.14 -10.33
CA PRO B 136 -16.78 -10.30 -10.66
C PRO B 136 -17.81 -10.03 -11.75
N LEU B 137 -18.40 -8.84 -11.77
CA LEU B 137 -19.36 -8.51 -12.83
C LEU B 137 -18.69 -8.46 -14.19
N LEU B 138 -17.55 -7.76 -14.29
CA LEU B 138 -16.86 -7.65 -15.57
C LEU B 138 -16.42 -9.00 -16.08
N MET B 139 -15.97 -9.89 -15.19
CA MET B 139 -15.59 -11.23 -15.59
C MET B 139 -16.80 -12.16 -15.71
N GLY B 140 -17.96 -11.77 -15.20
CA GLY B 140 -19.19 -12.48 -15.45
C GLY B 140 -19.60 -13.52 -14.44
N ALA B 141 -18.98 -13.57 -13.27
CA ALA B 141 -19.35 -14.57 -12.27
C ALA B 141 -18.98 -14.05 -10.89
N TRP B 142 -19.86 -14.29 -9.92
CA TRP B 142 -19.59 -13.91 -8.55
C TRP B 142 -18.50 -14.76 -7.90
N GLY B 143 -18.12 -15.87 -8.53
CA GLY B 143 -17.09 -16.72 -7.97
C GLY B 143 -15.70 -16.14 -8.00
N HIS B 144 -15.51 -15.02 -8.70
CA HIS B 144 -14.22 -14.35 -8.72
C HIS B 144 -13.96 -13.54 -7.46
N GLY B 145 -14.95 -13.39 -6.60
CA GLY B 145 -14.76 -12.66 -5.36
C GLY B 145 -13.91 -13.43 -4.36
N PHE B 146 -13.45 -12.72 -3.35
CA PHE B 146 -12.58 -13.44 -2.44
C PHE B 146 -13.40 -14.07 -1.31
N PRO B 147 -12.99 -15.24 -0.83
CA PRO B 147 -13.72 -15.90 0.23
C PRO B 147 -13.60 -15.12 1.54
N TYR B 148 -14.60 -15.30 2.40
CA TYR B 148 -14.62 -14.61 3.69
C TYR B 148 -14.00 -15.53 4.72
N GLY B 149 -12.67 -15.43 4.83
CA GLY B 149 -11.92 -16.21 5.78
C GLY B 149 -10.58 -15.57 6.06
N ILE B 150 -10.11 -15.66 7.30
CA ILE B 150 -8.87 -14.96 7.68
C ILE B 150 -7.69 -15.49 6.88
N LEU B 151 -7.59 -16.81 6.74
CA LEU B 151 -6.49 -17.41 6.00
C LEU B 151 -6.86 -17.85 4.60
N SER B 152 -8.14 -18.15 4.35
CA SER B 152 -8.54 -18.59 3.03
C SER B 152 -8.45 -17.47 2.01
N HIS B 153 -8.75 -16.24 2.41
CA HIS B 153 -8.68 -15.13 1.47
C HIS B 153 -7.23 -14.73 1.18
N LEU B 154 -6.28 -15.16 2.01
CA LEU B 154 -4.87 -14.99 1.65
C LEU B 154 -4.48 -15.91 0.50
N ASP B 155 -5.03 -17.13 0.49
CA ASP B 155 -4.79 -18.02 -0.64
C ASP B 155 -5.43 -17.49 -1.91
N TRP B 156 -6.58 -16.83 -1.78
CA TRP B 156 -7.21 -16.20 -2.93
C TRP B 156 -6.32 -15.11 -3.51
N VAL B 157 -5.77 -14.25 -2.64
CA VAL B 157 -4.90 -13.19 -3.11
C VAL B 157 -3.66 -13.77 -3.78
N SER B 158 -3.11 -14.83 -3.20
CA SER B 158 -1.94 -15.47 -3.79
C SER B 158 -2.23 -16.01 -5.19
N ASN B 159 -3.33 -16.77 -5.32
CA ASN B 159 -3.62 -17.40 -6.61
C ASN B 159 -4.02 -16.36 -7.65
N VAL B 160 -4.79 -15.35 -7.26
CA VAL B 160 -5.19 -14.32 -8.21
C VAL B 160 -3.98 -13.52 -8.67
N GLY B 161 -3.07 -13.21 -7.74
CA GLY B 161 -1.85 -12.53 -8.13
C GLY B 161 -1.00 -13.35 -9.09
N TYR B 162 -0.96 -14.66 -8.90
CA TYR B 162 -0.18 -15.52 -9.78
C TYR B 162 -0.92 -15.92 -11.05
N GLN B 163 -2.20 -15.59 -11.18
CA GLN B 163 -2.88 -15.79 -12.44
C GLN B 163 -2.24 -14.99 -13.57
N TYR B 164 -1.47 -13.96 -13.22
CA TYR B 164 -0.77 -13.11 -14.18
C TYR B 164 0.74 -13.26 -14.05
N LEU B 165 1.17 -14.32 -13.36
CA LEU B 165 2.52 -14.92 -13.34
C LEU B 165 3.56 -14.07 -12.63
N HIS B 166 3.29 -12.78 -12.49
CA HIS B 166 4.13 -11.90 -11.69
C HIS B 166 3.29 -10.64 -11.44
N PHE B 167 2.66 -10.58 -10.28
CA PHE B 167 1.79 -9.44 -10.02
C PHE B 167 2.57 -8.20 -9.65
N HIS B 168 3.85 -8.33 -9.31
CA HIS B 168 4.68 -7.17 -9.03
C HIS B 168 4.85 -6.27 -10.25
N TYR B 169 4.75 -6.84 -11.44
CA TYR B 169 4.92 -6.08 -12.67
C TYR B 169 3.66 -5.36 -13.11
N ASN B 170 2.56 -5.54 -12.41
CA ASN B 170 1.34 -4.80 -12.69
C ASN B 170 1.63 -3.31 -12.50
N PRO B 171 1.44 -2.48 -13.53
CA PRO B 171 1.76 -1.05 -13.36
C PRO B 171 0.90 -0.35 -12.33
N ALA B 172 -0.40 -0.64 -12.30
CA ALA B 172 -1.26 -0.01 -11.29
C ALA B 172 -0.94 -0.54 -9.90
N HIS B 173 -0.56 -1.81 -9.80
CA HIS B 173 -0.15 -2.36 -8.51
C HIS B 173 1.15 -1.72 -8.03
N MET B 174 2.09 -1.46 -8.95
CA MET B 174 3.31 -0.75 -8.59
C MET B 174 2.99 0.63 -8.04
N LEU B 175 2.08 1.35 -8.69
CA LEU B 175 1.71 2.67 -8.21
C LEU B 175 0.98 2.61 -6.88
N ALA B 176 0.09 1.63 -6.72
CA ALA B 176 -0.67 1.52 -5.48
C ALA B 176 0.22 1.16 -4.30
N VAL B 177 1.18 0.26 -4.52
CA VAL B 177 2.13 -0.09 -3.47
C VAL B 177 2.98 1.11 -3.09
N THR B 178 3.39 1.89 -4.09
CA THR B 178 4.18 3.10 -3.82
C THR B 178 3.40 4.07 -2.93
N PHE B 179 2.11 4.25 -3.21
CA PHE B 179 1.29 5.10 -2.33
C PHE B 179 1.17 4.50 -0.94
N PHE B 180 1.01 3.18 -0.86
CA PHE B 180 0.91 2.53 0.45
C PHE B 180 2.21 2.69 1.24
N PHE B 181 3.35 2.51 0.59
CA PHE B 181 4.62 2.71 1.27
C PHE B 181 4.84 4.18 1.61
N THR B 182 4.42 5.08 0.72
CA THR B 182 4.64 6.50 0.95
C THR B 182 3.78 7.03 2.09
N THR B 183 2.55 6.52 2.23
CA THR B 183 1.66 7.05 3.26
C THR B 183 2.11 6.64 4.66
N THR B 184 2.66 5.43 4.81
CA THR B 184 3.18 5.05 6.12
C THR B 184 4.50 5.75 6.42
N LEU B 185 5.28 6.07 5.38
CA LEU B 185 6.42 6.96 5.57
C LEU B 185 5.95 8.35 5.96
N ALA B 186 4.90 8.86 5.30
CA ALA B 186 4.34 10.15 5.66
C ALA B 186 3.74 10.11 7.06
N LEU B 187 3.09 9.00 7.42
CA LEU B 187 2.52 8.88 8.76
C LEU B 187 3.60 8.83 9.83
N ALA B 188 4.67 8.07 9.60
CA ALA B 188 5.77 8.04 10.55
C ALA B 188 6.39 9.42 10.73
N LEU B 189 6.59 10.13 9.61
CA LEU B 189 7.13 11.48 9.69
C LEU B 189 6.16 12.42 10.42
N HIS B 190 4.88 12.38 10.05
CA HIS B 190 3.91 13.28 10.68
C HIS B 190 3.69 12.92 12.14
N GLY B 191 3.47 11.63 12.42
CA GLY B 191 3.31 11.22 13.80
C GLY B 191 4.52 11.55 14.65
N GLY B 192 5.71 11.28 14.12
CA GLY B 192 6.93 11.58 14.87
C GLY B 192 7.13 13.07 15.07
N LEU B 193 6.88 13.87 14.01
CA LEU B 193 7.11 15.31 14.11
C LEU B 193 6.20 15.95 15.15
N ILE B 194 4.93 15.58 15.17
CA ILE B 194 4.01 16.13 16.17
C ILE B 194 4.47 15.72 17.57
N LEU B 195 4.82 14.45 17.74
CA LEU B 195 5.28 13.99 19.04
C LEU B 195 6.59 14.65 19.43
N SER B 196 7.49 14.85 18.47
CA SER B 196 8.77 15.48 18.77
C SER B 196 8.58 16.91 19.26
N VAL B 197 7.65 17.64 18.66
CA VAL B 197 7.42 19.03 19.06
C VAL B 197 6.74 19.09 20.42
N THR B 198 5.65 18.34 20.59
CA THR B 198 4.88 18.40 21.82
C THR B 198 5.48 17.58 22.95
N ASN B 199 6.45 16.72 22.66
CA ASN B 199 7.17 15.96 23.69
C ASN B 199 8.67 16.11 23.43
N PRO B 200 9.20 17.31 23.61
CA PRO B 200 10.62 17.54 23.30
C PRO B 200 11.53 16.94 24.35
N LYS B 201 12.83 17.19 24.23
CA LYS B 201 13.79 16.74 25.24
C LYS B 201 13.38 17.31 26.60
N LYS B 202 13.42 16.46 27.63
CA LYS B 202 12.85 16.80 28.93
C LYS B 202 13.47 18.08 29.48
N GLY B 203 12.60 19.01 29.89
CA GLY B 203 13.04 20.29 30.40
C GLY B 203 12.74 21.42 29.44
N GLU B 204 12.91 21.16 28.15
CA GLU B 204 12.65 22.17 27.15
C GLU B 204 11.15 22.41 27.01
N PRO B 205 10.75 23.60 26.59
CA PRO B 205 9.32 23.89 26.40
C PRO B 205 8.80 23.27 25.12
N VAL B 206 7.46 23.21 25.05
CA VAL B 206 6.81 22.73 23.84
C VAL B 206 7.11 23.69 22.70
N LYS B 207 7.55 23.14 21.57
CA LYS B 207 7.98 23.96 20.46
C LYS B 207 6.78 24.39 19.63
N THR B 208 7.03 25.24 18.63
CA THR B 208 5.99 25.89 17.86
C THR B 208 5.93 25.30 16.45
N ALA B 209 5.05 25.87 15.63
CA ALA B 209 4.97 25.47 14.23
C ALA B 209 6.19 25.92 13.44
N GLU B 210 6.90 26.94 13.90
CA GLU B 210 8.13 27.35 13.24
C GLU B 210 9.22 26.29 13.37
N HIS B 211 9.24 25.56 14.48
CA HIS B 211 10.18 24.46 14.62
C HIS B 211 9.86 23.32 13.67
N GLU B 212 8.57 23.06 13.44
CA GLU B 212 8.18 21.99 12.53
C GLU B 212 8.66 22.26 11.11
N ASN B 213 8.41 23.46 10.59
CA ASN B 213 8.89 23.82 9.27
C ASN B 213 10.41 23.80 9.22
N THR B 214 11.06 24.32 10.25
CA THR B 214 12.52 24.38 10.27
C THR B 214 13.13 22.98 10.26
N PHE B 215 12.54 22.04 10.99
CA PHE B 215 13.12 20.70 11.10
C PHE B 215 13.17 20.00 9.74
N PHE B 216 12.04 19.98 9.03
CA PHE B 216 12.00 19.25 7.77
C PHE B 216 12.70 20.00 6.64
N ARG B 217 12.75 21.33 6.71
CA ARG B 217 13.59 22.06 5.78
C ARG B 217 15.06 21.83 6.06
N ASP B 218 15.42 21.58 7.32
CA ASP B 218 16.80 21.25 7.65
C ASP B 218 17.18 19.86 7.14
N VAL B 219 16.24 18.92 7.19
CA VAL B 219 16.57 17.54 6.85
C VAL B 219 16.56 17.32 5.34
N ILE B 220 15.47 17.68 4.67
CA ILE B 220 15.31 17.40 3.25
C ILE B 220 15.13 18.65 2.41
N GLY B 221 15.11 19.84 3.02
CA GLY B 221 15.03 21.07 2.28
C GLY B 221 13.64 21.55 1.94
N TYR B 222 12.60 20.78 2.26
CA TYR B 222 11.23 21.21 2.04
C TYR B 222 10.38 20.82 3.22
N SER B 223 9.40 21.67 3.55
CA SER B 223 8.40 21.38 4.56
C SER B 223 7.03 21.66 3.97
N ILE B 224 6.12 20.70 4.10
CA ILE B 224 4.80 20.84 3.48
C ILE B 224 3.80 21.57 4.35
N GLY B 225 4.11 21.81 5.62
CA GLY B 225 3.24 22.55 6.50
C GLY B 225 2.25 21.66 7.23
N SER B 226 1.59 22.26 8.22
CA SER B 226 0.64 21.50 9.04
C SER B 226 -0.62 21.17 8.26
N LEU B 227 -1.04 22.07 7.36
CA LEU B 227 -2.20 21.77 6.51
C LEU B 227 -1.82 20.88 5.35
N GLY B 228 -0.63 21.07 4.78
CA GLY B 228 -0.24 20.28 3.63
C GLY B 228 -0.08 18.80 3.95
N ILE B 229 0.41 18.48 5.14
CA ILE B 229 0.67 17.09 5.48
C ILE B 229 -0.62 16.30 5.60
N HIS B 230 -1.68 16.92 6.13
CA HIS B 230 -2.96 16.23 6.23
C HIS B 230 -3.62 16.08 4.87
N ARG B 231 -3.46 17.07 3.99
CA ARG B 231 -3.87 16.89 2.60
C ARG B 231 -3.04 15.81 1.94
N LEU B 232 -1.73 15.81 2.17
CA LEU B 232 -0.87 14.80 1.57
C LEU B 232 -1.16 13.41 2.12
N GLY B 233 -1.40 13.30 3.42
CA GLY B 233 -1.71 12.00 4.00
C GLY B 233 -3.00 11.43 3.45
N LEU B 234 -4.04 12.26 3.37
CA LEU B 234 -5.30 11.82 2.77
C LEU B 234 -5.11 11.49 1.31
N PHE B 235 -4.34 12.30 0.59
CA PHE B 235 -4.09 12.05 -0.83
C PHE B 235 -3.38 10.71 -1.03
N LEU B 236 -2.31 10.47 -0.28
CA LEU B 236 -1.55 9.23 -0.44
C LEU B 236 -2.40 8.03 -0.06
N ALA B 237 -3.14 8.12 1.04
CA ALA B 237 -3.98 7.00 1.47
C ALA B 237 -5.09 6.72 0.47
N LEU B 238 -5.72 7.76 -0.07
CA LEU B 238 -6.84 7.56 -0.99
C LEU B 238 -6.35 7.07 -2.35
N ASN B 239 -5.21 7.57 -2.82
CA ASN B 239 -4.64 7.03 -4.04
C ASN B 239 -4.20 5.59 -3.86
N ALA B 240 -3.69 5.25 -2.68
CA ALA B 240 -3.42 3.86 -2.36
C ALA B 240 -4.68 3.02 -2.46
N GLY B 241 -5.79 3.52 -1.91
CA GLY B 241 -7.05 2.83 -2.06
C GLY B 241 -7.54 2.80 -3.50
N PHE B 242 -7.46 3.94 -4.19
CA PHE B 242 -7.99 4.01 -5.55
C PHE B 242 -7.18 3.17 -6.52
N TRP B 243 -5.85 3.28 -6.48
CA TRP B 243 -5.03 2.52 -7.41
C TRP B 243 -5.00 1.03 -7.07
N SER B 244 -5.30 0.66 -5.83
CA SER B 244 -5.52 -0.74 -5.51
C SER B 244 -6.72 -1.29 -6.27
N ALA B 245 -7.82 -0.52 -6.29
CA ALA B 245 -8.99 -0.94 -7.06
C ALA B 245 -8.67 -1.02 -8.54
N VAL B 246 -7.89 -0.07 -9.05
CA VAL B 246 -7.53 -0.07 -10.46
C VAL B 246 -6.69 -1.30 -10.81
N CYS B 247 -5.73 -1.63 -9.95
CA CYS B 247 -4.82 -2.72 -10.26
C CYS B 247 -5.56 -4.05 -10.30
N ILE B 248 -6.57 -4.22 -9.46
CA ILE B 248 -7.29 -5.49 -9.46
C ILE B 248 -8.39 -5.50 -10.52
N ILE B 249 -8.95 -4.34 -10.84
CA ILE B 249 -10.02 -4.30 -11.84
C ILE B 249 -9.47 -4.56 -13.24
N ILE B 250 -8.22 -4.17 -13.50
CA ILE B 250 -7.62 -4.43 -14.80
C ILE B 250 -6.98 -5.81 -14.90
N SER B 251 -6.97 -6.56 -13.80
CA SER B 251 -6.38 -7.90 -13.79
C SER B 251 -7.48 -8.89 -14.14
N GLY B 252 -7.61 -9.18 -15.43
CA GLY B 252 -8.53 -10.19 -15.91
C GLY B 252 -9.61 -9.64 -16.82
N PRO B 253 -10.25 -8.53 -16.45
CA PRO B 253 -11.14 -7.87 -17.39
C PRO B 253 -10.41 -7.08 -18.47
N PHE B 254 -9.28 -6.47 -18.11
CA PHE B 254 -8.54 -5.64 -19.05
C PHE B 254 -7.12 -6.13 -19.28
N TRP B 255 -6.72 -7.25 -18.68
CA TRP B 255 -5.42 -7.84 -18.97
C TRP B 255 -5.47 -9.31 -18.58
N THR B 256 -5.32 -10.20 -19.55
CA THR B 256 -5.38 -11.63 -19.31
C THR B 256 -4.03 -12.32 -19.37
N ARG B 257 -2.98 -11.62 -19.76
CA ARG B 257 -1.66 -12.21 -19.92
C ARG B 257 -0.82 -11.92 -18.69
N GLY B 258 0.42 -12.40 -18.72
CA GLY B 258 1.35 -12.08 -17.65
C GLY B 258 1.61 -10.59 -17.58
N TRP B 259 1.57 -10.05 -16.36
CA TRP B 259 1.82 -8.63 -16.18
C TRP B 259 3.19 -8.17 -16.69
N PRO B 260 4.28 -8.93 -16.57
CA PRO B 260 5.54 -8.49 -17.20
C PRO B 260 5.41 -8.24 -18.68
N GLU B 261 4.57 -9.00 -19.39
CA GLU B 261 4.38 -8.78 -20.82
C GLU B 261 3.74 -7.42 -21.11
N TRP B 262 3.04 -6.84 -20.14
CA TRP B 262 2.47 -5.50 -20.35
C TRP B 262 3.56 -4.47 -20.61
N TRP B 263 4.76 -4.69 -20.08
CA TRP B 263 5.85 -3.75 -20.25
C TRP B 263 6.55 -3.87 -21.59
N ASN B 264 6.05 -4.74 -22.47
CA ASN B 264 6.63 -4.88 -23.80
C ASN B 264 6.45 -3.60 -24.62
N TRP B 265 5.41 -2.80 -24.31
CA TRP B 265 5.25 -1.53 -25.00
C TRP B 265 6.43 -0.61 -24.71
N TRP B 266 6.92 -0.63 -23.47
CA TRP B 266 8.10 0.16 -23.11
C TRP B 266 9.33 -0.32 -23.87
N LEU B 267 9.50 -1.63 -24.00
CA LEU B 267 10.65 -2.20 -24.68
C LEU B 267 10.64 -1.95 -26.18
N ASN B 268 9.49 -1.59 -26.75
CA ASN B 268 9.37 -1.37 -28.18
C ASN B 268 9.15 0.10 -28.54
N VAL B 269 9.46 1.02 -27.63
CA VAL B 269 9.34 2.44 -27.95
C VAL B 269 10.39 2.80 -29.00
N PRO B 270 10.01 3.43 -30.10
CA PRO B 270 10.97 3.68 -31.19
C PRO B 270 12.11 4.60 -30.78
N ILE B 271 11.97 5.36 -29.71
CA ILE B 271 13.04 6.28 -29.29
C ILE B 271 14.27 5.48 -28.87
N TRP B 272 14.09 4.43 -28.09
CA TRP B 272 15.19 3.71 -27.48
C TRP B 272 15.14 2.24 -27.80
N SER B 273 14.71 1.89 -29.01
CA SER B 273 14.75 0.49 -29.41
C SER B 273 16.18 -0.02 -29.51
N TRP B 274 17.07 0.76 -30.13
CA TRP B 274 18.49 0.40 -30.29
C TRP B 274 18.62 -0.96 -30.96
N GLY B 275 17.77 -1.21 -31.94
CA GLY B 275 17.79 -2.47 -32.68
C GLY B 275 16.54 -2.68 -33.50
N ALA C 2 -22.26 22.89 -1.96
CA ALA C 2 -21.26 23.88 -2.33
C ALA C 2 -20.54 24.42 -1.10
N GLU C 3 -19.38 23.84 -0.79
CA GLU C 3 -18.61 24.26 0.37
C GLU C 3 -17.13 24.08 0.05
N TYR C 4 -16.29 24.87 0.71
CA TYR C 4 -14.85 24.74 0.58
C TYR C 4 -14.42 23.39 1.13
N GLN C 5 -13.80 22.57 0.29
CA GLN C 5 -13.44 21.20 0.64
C GLN C 5 -12.07 21.08 1.27
N ASN C 6 -11.34 22.18 1.41
CA ASN C 6 -10.01 22.19 2.03
C ASN C 6 -9.05 21.23 1.33
N ILE C 7 -9.19 21.14 0.01
CA ILE C 7 -8.31 20.29 -0.78
C ILE C 7 -7.12 21.07 -1.32
N PHE C 8 -7.36 22.28 -1.84
CA PHE C 8 -6.32 23.16 -2.32
C PHE C 8 -6.47 24.51 -1.64
N THR C 9 -5.34 25.16 -1.36
CA THR C 9 -5.37 26.49 -0.77
C THR C 9 -5.75 27.51 -1.84
N ARG C 10 -6.80 28.28 -1.58
CA ARG C 10 -7.27 29.25 -2.56
C ARG C 10 -6.45 30.54 -2.51
N VAL C 11 -6.50 31.23 -1.37
CA VAL C 11 -5.79 32.49 -1.18
C VAL C 11 -4.47 32.21 -0.50
N GLN C 12 -3.39 32.73 -1.07
CA GLN C 12 -2.05 32.56 -0.52
C GLN C 12 -1.45 33.91 -0.15
N VAL C 13 -0.60 33.90 0.86
CA VAL C 13 0.15 35.08 1.28
C VAL C 13 1.62 34.71 1.33
N ARG C 14 2.45 35.57 0.77
CA ARG C 14 3.89 35.35 0.72
C ARG C 14 4.60 36.43 1.54
N GLY C 15 5.28 36.01 2.60
CA GLY C 15 6.14 36.90 3.33
C GLY C 15 7.58 36.72 2.90
N PRO C 16 8.51 37.25 3.69
CA PRO C 16 9.93 36.98 3.42
C PRO C 16 10.25 35.51 3.63
N THR C 17 11.26 35.04 2.91
CA THR C 17 11.67 33.65 3.07
C THR C 17 12.17 33.43 4.49
N ASP C 18 11.90 32.23 5.01
CA ASP C 18 12.15 31.95 6.42
C ASP C 18 13.54 31.36 6.59
N PRO C 19 14.46 32.03 7.30
CA PRO C 19 15.75 31.40 7.58
C PRO C 19 15.64 30.20 8.50
N GLY C 20 14.62 30.14 9.33
CA GLY C 20 14.42 29.04 10.25
C GLY C 20 14.79 29.42 11.68
N VAL C 21 14.41 28.53 12.60
CA VAL C 21 14.77 28.71 14.00
C VAL C 21 16.29 28.68 14.13
N GLU C 22 16.83 29.65 14.85
CA GLU C 22 18.28 29.74 14.99
C GLU C 22 18.84 28.55 15.74
N LEU C 23 19.92 28.00 15.23
CA LEU C 23 20.62 26.84 15.75
C LEU C 23 21.68 27.27 16.76
N PRO C 24 22.14 26.34 17.60
CA PRO C 24 23.27 26.66 18.48
C PRO C 24 24.51 27.01 17.65
N ALA C 25 25.40 27.80 18.27
CA ALA C 25 26.55 28.31 17.53
C ALA C 25 27.65 27.25 17.44
N ALA C 26 27.27 26.05 16.99
CA ALA C 26 28.22 25.02 16.62
C ALA C 26 27.82 24.29 15.34
N ASP C 27 26.60 24.48 14.85
CA ASP C 27 26.14 23.85 13.63
C ASP C 27 26.59 24.66 12.42
N TRP C 28 26.67 23.98 11.27
CA TRP C 28 27.02 24.65 10.04
C TRP C 28 25.91 25.63 9.63
N PRO C 29 26.27 26.72 8.95
CA PRO C 29 25.23 27.60 8.40
C PRO C 29 24.37 26.87 7.38
N ARG C 30 23.09 27.23 7.35
CA ARG C 30 22.22 26.69 6.33
C ARG C 30 22.59 27.26 4.97
N THR C 31 22.04 26.66 3.92
CA THR C 31 22.21 27.21 2.60
C THR C 31 21.41 28.52 2.48
N LYS C 32 21.84 29.36 1.54
CA LYS C 32 21.22 30.66 1.34
C LYS C 32 20.21 30.67 0.20
N GLY C 33 19.85 29.51 -0.33
CA GLY C 33 18.90 29.44 -1.42
C GLY C 33 17.54 28.95 -0.99
N ALA C 34 16.57 29.85 -0.92
CA ALA C 34 15.20 29.50 -0.58
C ALA C 34 14.24 30.30 -1.45
N THR C 35 13.27 29.62 -2.04
CA THR C 35 12.31 30.23 -2.95
C THR C 35 10.90 29.86 -2.53
N HIS C 36 9.93 30.46 -3.20
CA HIS C 36 8.51 30.17 -2.99
C HIS C 36 7.91 29.64 -4.28
N SER C 37 7.18 28.54 -4.18
CA SER C 37 6.54 27.90 -5.33
C SER C 37 5.04 28.03 -5.17
N TRP C 38 4.38 28.62 -6.17
CA TRP C 38 2.93 28.74 -6.15
C TRP C 38 2.27 27.36 -6.15
N LEU C 39 2.81 26.42 -6.93
CA LEU C 39 2.22 25.10 -7.04
C LEU C 39 2.24 24.37 -5.69
N LEU C 40 3.36 24.43 -4.99
CA LEU C 40 3.44 23.78 -3.68
C LEU C 40 2.64 24.52 -2.62
N GLY C 41 2.38 25.81 -2.81
CA GLY C 41 1.51 26.54 -1.90
C GLY C 41 0.05 26.16 -2.01
N LYS C 42 -0.36 25.60 -3.15
CA LYS C 42 -1.71 25.09 -3.28
C LYS C 42 -1.96 23.92 -2.35
N ILE C 43 -0.96 23.05 -2.19
CA ILE C 43 -1.09 21.88 -1.31
C ILE C 43 -0.73 22.24 0.13
N GLY C 44 0.39 22.93 0.32
CA GLY C 44 0.86 23.24 1.66
C GLY C 44 1.80 24.42 1.71
N ASP C 45 2.88 24.31 2.47
CA ASP C 45 3.84 25.39 2.56
C ASP C 45 4.56 25.56 1.23
N ALA C 46 4.65 26.80 0.77
CA ALA C 46 5.19 27.09 -0.55
C ALA C 46 6.71 27.24 -0.58
N GLN C 47 7.34 27.44 0.58
CA GLN C 47 8.77 27.71 0.60
C GLN C 47 9.56 26.44 0.33
N VAL C 48 10.50 26.52 -0.58
CA VAL C 48 11.45 25.44 -0.87
C VAL C 48 12.82 25.91 -0.41
N GLY C 49 13.45 25.15 0.47
CA GLY C 49 14.70 25.54 1.07
C GLY C 49 14.48 26.45 2.25
N PRO C 50 15.54 26.77 2.99
CA PRO C 50 16.92 26.31 2.82
C PRO C 50 17.11 24.91 3.40
N ILE C 51 18.25 24.27 3.14
CA ILE C 51 18.51 22.95 3.69
C ILE C 51 19.79 23.03 4.53
N TYR C 52 19.83 22.21 5.58
CA TYR C 52 20.99 22.14 6.44
C TYR C 52 21.96 21.09 5.92
N LEU C 53 23.23 21.45 5.84
CA LEU C 53 24.30 20.54 5.44
C LEU C 53 25.33 20.53 6.55
N GLY C 54 25.34 19.48 7.36
CA GLY C 54 26.28 19.34 8.43
C GLY C 54 27.36 18.31 8.13
N THR C 55 28.07 17.91 9.18
CA THR C 55 29.07 16.86 9.02
C THR C 55 28.42 15.55 8.58
N THR C 56 27.41 15.11 9.32
CA THR C 56 26.76 13.85 9.00
C THR C 56 25.95 13.94 7.72
N GLY C 57 25.34 15.10 7.47
CA GLY C 57 24.58 15.27 6.23
C GLY C 57 25.46 15.17 5.00
N VAL C 58 26.59 15.86 5.02
CA VAL C 58 27.50 15.84 3.86
C VAL C 58 28.11 14.45 3.69
N MET C 59 28.53 13.82 4.78
CA MET C 59 29.13 12.50 4.68
C MET C 59 28.13 11.47 4.16
N SER C 60 26.86 11.60 4.58
CA SER C 60 25.82 10.71 4.09
C SER C 60 25.63 10.86 2.59
N ILE C 61 25.68 12.09 2.09
CA ILE C 61 25.56 12.30 0.65
C ILE C 61 26.74 11.66 -0.07
N LEU C 62 27.95 11.81 0.46
CA LEU C 62 29.13 11.24 -0.17
C LEU C 62 29.04 9.72 -0.25
N PHE C 63 28.62 9.07 0.84
CA PHE C 63 28.41 7.64 0.81
C PHE C 63 27.26 7.27 -0.11
N GLY C 64 26.19 8.06 -0.10
CA GLY C 64 25.05 7.80 -0.96
C GLY C 64 25.37 7.98 -2.44
N ILE C 65 26.17 9.00 -2.77
CA ILE C 65 26.56 9.20 -4.17
C ILE C 65 27.41 8.04 -4.65
N VAL C 66 28.38 7.61 -3.84
CA VAL C 66 29.22 6.49 -4.22
C VAL C 66 28.38 5.23 -4.42
N SER C 67 27.39 5.01 -3.56
CA SER C 67 26.50 3.87 -3.73
C SER C 67 25.71 3.99 -5.04
N ILE C 68 25.18 5.18 -5.33
CA ILE C 68 24.39 5.37 -6.53
C ILE C 68 25.27 5.31 -7.78
N VAL C 69 26.49 5.86 -7.70
CA VAL C 69 27.40 5.78 -8.84
C VAL C 69 27.78 4.33 -9.12
N ILE C 70 28.10 3.56 -8.07
CA ILE C 70 28.46 2.16 -8.26
C ILE C 70 27.30 1.39 -8.86
N ILE C 71 26.08 1.61 -8.34
CA ILE C 71 24.90 0.94 -8.88
C ILE C 71 24.63 1.39 -10.31
N GLY C 72 24.68 2.70 -10.54
CA GLY C 72 24.39 3.22 -11.87
C GLY C 72 25.39 2.81 -12.92
N MET C 73 26.68 2.84 -12.57
CA MET C 73 27.71 2.45 -13.53
C MET C 73 27.62 0.96 -13.85
N ASN C 74 27.35 0.12 -12.84
CA ASN C 74 27.17 -1.30 -13.11
C ASN C 74 25.94 -1.55 -13.96
N MET C 75 24.86 -0.80 -13.71
CA MET C 75 23.69 -0.89 -14.58
C MET C 75 24.03 -0.48 -16.01
N LEU C 76 24.73 0.64 -16.16
CA LEU C 76 25.08 1.13 -17.49
C LEU C 76 26.04 0.19 -18.19
N ALA C 77 27.00 -0.37 -17.45
CA ALA C 77 27.92 -1.35 -18.04
C ALA C 77 27.20 -2.63 -18.43
N SER C 78 26.12 -2.98 -17.71
CA SER C 78 25.39 -4.21 -18.01
C SER C 78 24.69 -4.15 -19.35
N VAL C 79 24.31 -2.96 -19.81
CA VAL C 79 23.69 -2.78 -21.11
C VAL C 79 24.71 -2.29 -22.14
N ASP C 80 26.00 -2.53 -21.91
CA ASP C 80 27.07 -2.16 -22.82
C ASP C 80 27.13 -0.64 -23.03
N TRP C 81 26.99 0.11 -21.94
CA TRP C 81 27.16 1.56 -21.91
C TRP C 81 26.20 2.29 -22.85
N SER C 82 25.09 1.65 -23.23
CA SER C 82 24.16 2.26 -24.15
C SER C 82 23.12 3.06 -23.37
N PRO C 83 23.11 4.38 -23.46
CA PRO C 83 22.04 5.15 -22.80
C PRO C 83 20.66 4.82 -23.33
N LEU C 84 20.55 4.49 -24.62
CA LEU C 84 19.27 4.09 -25.17
C LEU C 84 18.81 2.76 -24.58
N GLU C 85 19.71 1.78 -24.53
CA GLU C 85 19.36 0.52 -23.91
C GLU C 85 19.20 0.66 -22.40
N PHE C 86 19.87 1.64 -21.79
CA PHE C 86 19.68 1.88 -20.37
C PHE C 86 18.27 2.37 -20.09
N ILE C 87 17.74 3.28 -20.92
CA ILE C 87 16.36 3.70 -20.77
C ILE C 87 15.40 2.55 -21.05
N ARG C 88 15.69 1.78 -22.11
CA ARG C 88 14.82 0.66 -22.46
C ARG C 88 14.80 -0.40 -21.35
N GLN C 89 15.95 -0.69 -20.76
CA GLN C 89 16.07 -1.71 -19.74
C GLN C 89 16.13 -1.12 -18.33
N PHE C 90 15.59 0.09 -18.15
CA PHE C 90 15.80 0.80 -16.89
C PHE C 90 15.21 0.04 -15.71
N PHE C 91 14.00 -0.49 -15.88
CA PHE C 91 13.37 -1.22 -14.78
C PHE C 91 13.99 -2.60 -14.59
N TRP C 92 14.63 -3.15 -15.61
CA TRP C 92 15.15 -4.50 -15.54
C TRP C 92 16.60 -4.58 -15.07
N VAL C 93 17.38 -3.50 -15.22
CA VAL C 93 18.79 -3.57 -14.85
C VAL C 93 18.93 -3.56 -13.33
N ALA C 94 20.08 -4.06 -12.87
CA ALA C 94 20.37 -4.13 -11.44
C ALA C 94 21.85 -4.32 -11.21
N LEU C 95 22.24 -4.19 -9.95
CA LEU C 95 23.55 -4.61 -9.46
C LEU C 95 23.34 -5.90 -8.68
N GLU C 96 23.82 -7.01 -9.25
CA GLU C 96 23.49 -8.33 -8.74
C GLU C 96 24.34 -8.68 -7.52
N PRO C 97 23.75 -9.32 -6.50
CA PRO C 97 24.53 -9.77 -5.34
C PRO C 97 25.48 -10.89 -5.72
N PRO C 98 26.40 -11.26 -4.84
CA PRO C 98 27.32 -12.35 -5.16
C PRO C 98 26.56 -13.64 -5.36
N PRO C 99 27.09 -14.55 -6.17
CA PRO C 99 26.51 -15.89 -6.26
C PRO C 99 26.73 -16.66 -4.98
N PRO C 100 25.96 -17.73 -4.75
CA PRO C 100 26.02 -18.43 -3.46
C PRO C 100 27.36 -19.03 -3.12
N GLU C 101 28.25 -19.24 -4.09
CA GLU C 101 29.50 -19.92 -3.82
C GLU C 101 30.43 -19.13 -2.89
N TYR C 102 30.28 -17.81 -2.81
CA TYR C 102 31.18 -16.99 -2.01
C TYR C 102 30.77 -16.90 -0.54
N GLY C 103 29.58 -17.35 -0.19
CA GLY C 103 29.16 -17.28 1.21
C GLY C 103 29.16 -15.85 1.70
N LEU C 104 29.78 -15.63 2.85
CA LEU C 104 29.89 -14.29 3.44
C LEU C 104 31.25 -13.66 3.20
N SER C 105 32.11 -14.29 2.41
CA SER C 105 33.43 -13.73 2.13
C SER C 105 33.32 -12.60 1.12
N LEU C 106 34.43 -11.90 0.91
CA LEU C 106 34.47 -10.80 -0.05
C LEU C 106 34.59 -11.36 -1.47
N PRO C 107 33.61 -11.11 -2.34
CA PRO C 107 33.67 -11.66 -3.69
C PRO C 107 34.41 -10.72 -4.62
N PRO C 108 34.81 -11.20 -5.80
CA PRO C 108 35.43 -10.30 -6.78
C PRO C 108 34.46 -9.20 -7.20
N LEU C 109 35.04 -8.10 -7.69
CA LEU C 109 34.25 -6.90 -8.00
C LEU C 109 33.09 -7.22 -8.93
N ASN C 110 33.36 -7.90 -10.04
CA ASN C 110 32.34 -8.18 -11.03
C ASN C 110 31.56 -9.45 -10.73
N ASP C 111 31.80 -10.07 -9.58
CA ASP C 111 31.04 -11.25 -9.19
C ASP C 111 30.41 -11.03 -7.83
N GLY C 112 29.78 -9.86 -7.64
CA GLY C 112 29.15 -9.51 -6.39
C GLY C 112 29.92 -8.54 -5.53
N GLY C 113 31.17 -8.23 -5.90
CA GLY C 113 31.94 -7.28 -5.12
C GLY C 113 31.39 -5.87 -5.17
N TRP C 114 31.00 -5.41 -6.36
CA TRP C 114 30.40 -4.09 -6.48
C TRP C 114 29.11 -3.99 -5.68
N TRP C 115 28.34 -5.08 -5.64
CA TRP C 115 27.12 -5.08 -4.84
C TRP C 115 27.44 -4.87 -3.37
N LEU C 116 28.44 -5.58 -2.86
CA LEU C 116 28.78 -5.47 -1.44
C LEU C 116 29.30 -4.08 -1.10
N ILE C 117 30.10 -3.49 -1.98
CA ILE C 117 30.55 -2.11 -1.76
C ILE C 117 29.38 -1.14 -1.83
N ALA C 118 28.50 -1.31 -2.82
CA ALA C 118 27.33 -0.45 -2.92
C ALA C 118 26.42 -0.61 -1.71
N GLY C 119 26.23 -1.85 -1.25
CA GLY C 119 25.44 -2.07 -0.05
C GLY C 119 26.06 -1.47 1.19
N PHE C 120 27.39 -1.57 1.30
CA PHE C 120 28.07 -1.02 2.47
C PHE C 120 27.94 0.50 2.53
N THR C 121 28.18 1.18 1.41
CA THR C 121 28.13 2.63 1.40
C THR C 121 26.69 3.13 1.56
N LEU C 122 25.73 2.42 0.99
CA LEU C 122 24.32 2.79 1.17
C LEU C 122 23.90 2.62 2.62
N THR C 123 24.37 1.55 3.28
CA THR C 123 24.11 1.38 4.69
C THR C 123 24.72 2.51 5.51
N LEU C 124 25.96 2.90 5.18
CA LEU C 124 26.59 4.01 5.88
C LEU C 124 25.81 5.30 5.68
N SER C 125 25.30 5.53 4.47
CA SER C 125 24.58 6.77 4.21
C SER C 125 23.27 6.84 4.99
N VAL C 126 22.54 5.73 5.08
CA VAL C 126 21.29 5.75 5.85
C VAL C 126 21.58 5.84 7.34
N LEU C 127 22.66 5.20 7.81
CA LEU C 127 23.04 5.33 9.21
C LEU C 127 23.43 6.76 9.53
N LEU C 128 24.19 7.41 8.64
CA LEU C 128 24.54 8.82 8.84
C LEU C 128 23.32 9.71 8.68
N TRP C 129 22.37 9.34 7.82
CA TRP C 129 21.14 10.12 7.70
C TRP C 129 20.29 9.99 8.96
N PHE C 130 20.32 8.84 9.62
CA PHE C 130 19.67 8.71 10.90
C PHE C 130 20.27 9.67 11.92
N ALA C 131 21.61 9.74 11.96
CA ALA C 131 22.27 10.68 12.84
C ALA C 131 21.98 12.11 12.44
N ARG C 132 21.86 12.38 11.14
CA ARG C 132 21.49 13.72 10.67
C ARG C 132 20.09 14.09 11.14
N THR C 133 19.13 13.18 11.01
CA THR C 133 17.78 13.44 11.49
C THR C 133 17.77 13.56 13.01
N TYR C 134 18.55 12.73 13.70
CA TYR C 134 18.64 12.80 15.15
C TYR C 134 19.18 14.15 15.60
N ASN C 135 20.24 14.63 14.95
CA ASN C 135 20.87 15.87 15.38
C ASN C 135 20.02 17.09 15.07
N ARG C 136 19.30 17.06 13.94
CA ARG C 136 18.44 18.20 13.61
C ARG C 136 17.31 18.35 14.61
N ALA C 137 16.74 17.24 15.07
CA ALA C 137 15.71 17.32 16.10
C ALA C 137 16.27 17.86 17.41
N ARG C 138 17.46 17.40 17.79
CA ARG C 138 18.08 17.87 19.03
C ARG C 138 18.51 19.33 18.92
N ALA C 139 19.00 19.73 17.74
CA ALA C 139 19.47 21.11 17.57
C ALA C 139 18.33 22.10 17.73
N LEU C 140 17.14 21.75 17.27
CA LEU C 140 15.96 22.57 17.44
C LEU C 140 15.25 22.31 18.77
N GLY C 141 15.79 21.43 19.60
CA GLY C 141 15.18 21.14 20.89
C GLY C 141 13.94 20.29 20.81
N LEU C 142 13.81 19.48 19.76
CA LEU C 142 12.66 18.59 19.60
C LEU C 142 12.99 17.20 20.14
N GLY C 143 11.96 16.37 20.22
CA GLY C 143 12.17 14.97 20.47
C GLY C 143 12.75 14.27 19.26
N THR C 144 13.31 13.09 19.49
CA THR C 144 13.93 12.31 18.43
C THR C 144 13.00 11.22 17.89
N HIS C 145 11.69 11.49 17.90
CA HIS C 145 10.73 10.51 17.41
C HIS C 145 10.91 10.23 15.93
N VAL C 146 11.18 11.26 15.13
CA VAL C 146 11.37 11.08 13.70
C VAL C 146 12.60 10.21 13.43
N ALA C 147 13.69 10.46 14.17
CA ALA C 147 14.90 9.67 13.99
C ALA C 147 14.67 8.21 14.33
N TRP C 148 13.94 7.95 15.41
CA TRP C 148 13.70 6.56 15.81
C TRP C 148 12.68 5.88 14.92
N ALA C 149 11.74 6.63 14.35
CA ALA C 149 10.89 6.06 13.31
C ALA C 149 11.72 5.68 12.09
N PHE C 150 12.69 6.53 11.73
CA PHE C 150 13.61 6.20 10.64
C PHE C 150 14.49 5.00 11.00
N ALA C 151 14.93 4.92 12.25
CA ALA C 151 15.73 3.78 12.69
C ALA C 151 14.96 2.48 12.57
N ALA C 152 13.65 2.51 12.81
CA ALA C 152 12.82 1.33 12.60
C ALA C 152 12.80 0.93 11.13
N ALA C 153 12.74 1.91 10.23
CA ALA C 153 12.82 1.62 8.80
C ALA C 153 14.17 1.00 8.45
N ILE C 154 15.25 1.53 9.02
CA ILE C 154 16.59 1.00 8.77
C ILE C 154 16.69 -0.44 9.24
N PHE C 155 15.99 -0.77 10.33
CA PHE C 155 16.02 -2.14 10.84
C PHE C 155 15.53 -3.14 9.79
N LEU C 156 14.40 -2.83 9.14
CA LEU C 156 13.95 -3.69 8.04
C LEU C 156 14.92 -3.66 6.88
N PHE C 157 15.47 -2.49 6.58
CA PHE C 157 16.46 -2.38 5.52
C PHE C 157 17.68 -3.24 5.83
N LEU C 158 18.16 -3.20 7.07
CA LEU C 158 19.31 -4.01 7.46
C LEU C 158 18.95 -5.48 7.65
N ALA C 159 17.75 -5.77 8.14
CA ALA C 159 17.32 -7.16 8.26
C ALA C 159 17.22 -7.83 6.90
N ILE C 160 16.57 -7.16 5.94
CA ILE C 160 16.41 -7.76 4.62
C ILE C 160 17.77 -7.95 3.94
N GLY C 161 18.58 -6.90 3.94
CA GLY C 161 19.77 -6.90 3.11
C GLY C 161 21.05 -7.35 3.79
N PHE C 162 21.16 -7.16 5.10
CA PHE C 162 22.40 -7.49 5.79
C PHE C 162 22.22 -8.55 6.86
N ILE C 163 21.30 -8.36 7.81
CA ILE C 163 21.23 -9.23 8.97
C ILE C 163 20.79 -10.64 8.56
N TRP C 164 19.70 -10.74 7.81
CA TRP C 164 19.23 -12.06 7.38
C TRP C 164 20.22 -12.78 6.48
N PRO C 165 20.83 -12.16 5.46
CA PRO C 165 21.86 -12.88 4.69
C PRO C 165 23.03 -13.35 5.53
N VAL C 166 23.44 -12.57 6.54
CA VAL C 166 24.52 -13.01 7.41
C VAL C 166 24.07 -14.22 8.22
N LEU C 167 22.83 -14.21 8.72
CA LEU C 167 22.31 -15.37 9.44
C LEU C 167 22.21 -16.59 8.52
N MET C 168 21.89 -16.38 7.25
CA MET C 168 21.86 -17.48 6.29
C MET C 168 23.24 -17.89 5.82
N GLY C 169 24.26 -17.06 6.03
CA GLY C 169 25.62 -17.41 5.68
C GLY C 169 26.01 -17.17 4.25
N SER C 170 25.30 -16.29 3.53
CA SER C 170 25.66 -16.00 2.15
C SER C 170 25.08 -14.67 1.74
N TRP C 171 25.89 -13.87 1.05
CA TRP C 171 25.41 -12.62 0.48
C TRP C 171 24.46 -12.84 -0.69
N ALA C 172 24.43 -14.06 -1.24
CA ALA C 172 23.57 -14.32 -2.38
C ALA C 172 22.10 -14.17 -2.05
N LYS C 173 21.72 -14.42 -0.79
CA LYS C 173 20.33 -14.30 -0.39
C LYS C 173 19.85 -12.86 -0.31
N SER C 174 20.76 -11.89 -0.41
CA SER C 174 20.38 -10.50 -0.30
C SER C 174 19.80 -10.01 -1.63
N VAL C 175 19.34 -8.76 -1.64
CA VAL C 175 18.47 -8.27 -2.72
C VAL C 175 19.27 -7.40 -3.69
N PRO C 176 19.07 -7.57 -4.99
CA PRO C 176 19.81 -6.77 -5.97
C PRO C 176 19.32 -5.33 -6.03
N PHE C 177 20.21 -4.44 -6.45
CA PHE C 177 19.90 -3.02 -6.58
C PHE C 177 19.29 -2.78 -7.96
N GLY C 178 17.99 -3.01 -8.06
CA GLY C 178 17.25 -2.82 -9.29
C GLY C 178 15.77 -2.77 -9.00
N ILE C 179 15.02 -2.31 -9.99
CA ILE C 179 13.58 -2.10 -9.80
C ILE C 179 12.82 -3.41 -9.95
N PHE C 180 12.82 -3.97 -11.14
CA PHE C 180 12.18 -5.27 -11.34
C PHE C 180 12.98 -6.40 -10.71
N PRO C 181 14.32 -6.38 -10.73
CA PRO C 181 15.07 -7.44 -10.03
C PRO C 181 14.77 -7.54 -8.56
N HIS C 182 14.58 -6.43 -7.85
CA HIS C 182 14.28 -6.54 -6.43
C HIS C 182 12.83 -6.92 -6.17
N LEU C 183 11.94 -6.73 -7.15
CA LEU C 183 10.62 -7.35 -7.09
C LEU C 183 10.72 -8.85 -7.32
N ASP C 184 11.63 -9.28 -8.20
CA ASP C 184 11.87 -10.70 -8.40
C ASP C 184 12.42 -11.33 -7.13
N TRP C 185 13.30 -10.62 -6.42
CA TRP C 185 13.79 -11.12 -5.15
C TRP C 185 12.65 -11.25 -4.14
N THR C 186 11.74 -10.27 -4.11
CA THR C 186 10.60 -10.32 -3.21
C THR C 186 9.73 -11.53 -3.49
N THR C 187 9.47 -11.82 -4.77
CA THR C 187 8.65 -12.97 -5.12
C THR C 187 9.41 -14.28 -4.88
N ALA C 188 10.69 -14.33 -5.28
CA ALA C 188 11.48 -15.55 -5.07
C ALA C 188 11.65 -15.85 -3.60
N PHE C 189 11.67 -14.82 -2.76
CA PHE C 189 11.71 -15.03 -1.32
C PHE C 189 10.46 -15.78 -0.85
N SER C 190 9.30 -15.37 -1.35
CA SER C 190 8.05 -16.02 -0.96
C SER C 190 7.95 -17.42 -1.55
N LEU C 191 8.41 -17.60 -2.78
CA LEU C 191 8.40 -18.93 -3.39
C LEU C 191 9.34 -19.88 -2.67
N ARG C 192 10.54 -19.41 -2.32
CA ARG C 192 11.55 -20.28 -1.73
C ARG C 192 11.12 -20.80 -0.37
N TYR C 193 10.50 -19.95 0.45
CA TYR C 193 10.20 -20.30 1.82
C TYR C 193 8.72 -20.59 2.05
N GLY C 194 8.00 -20.93 0.98
CA GLY C 194 6.65 -21.45 1.13
C GLY C 194 5.60 -20.42 1.49
N ASN C 195 5.32 -19.49 0.59
CA ASN C 195 4.18 -18.59 0.74
C ASN C 195 4.27 -17.72 1.99
N LEU C 196 5.10 -16.69 1.95
CA LEU C 196 5.27 -15.76 3.06
C LEU C 196 3.96 -15.16 3.57
N TYR C 197 2.84 -15.40 2.88
CA TYR C 197 1.53 -15.06 3.46
C TYR C 197 1.30 -15.76 4.78
N TYR C 198 1.89 -16.94 4.98
CA TYR C 198 1.71 -17.70 6.20
C TYR C 198 2.69 -17.34 7.30
N ASN C 199 3.58 -16.40 7.05
CA ASN C 199 4.41 -15.86 8.11
C ASN C 199 3.56 -14.96 9.00
N PRO C 200 3.41 -15.27 10.28
CA PRO C 200 2.58 -14.43 11.15
C PRO C 200 3.07 -13.00 11.26
N PHE C 201 4.38 -12.78 11.25
CA PHE C 201 4.90 -11.43 11.32
C PHE C 201 4.73 -10.70 10.00
N HIS C 202 4.71 -11.42 8.88
CA HIS C 202 4.29 -10.80 7.63
C HIS C 202 2.83 -10.40 7.67
N MET C 203 1.98 -11.23 8.29
CA MET C 203 0.59 -10.85 8.50
C MET C 203 0.48 -9.61 9.37
N LEU C 204 1.24 -9.58 10.47
CA LEU C 204 1.19 -8.43 11.36
C LEU C 204 1.75 -7.18 10.70
N SER C 205 2.84 -7.31 9.95
CA SER C 205 3.40 -6.17 9.24
C SER C 205 2.38 -5.60 8.26
N ILE C 206 1.58 -6.46 7.64
CA ILE C 206 0.52 -6.00 6.76
C ILE C 206 -0.59 -5.32 7.55
N VAL C 207 -0.89 -5.84 8.74
CA VAL C 207 -1.90 -5.22 9.60
C VAL C 207 -1.54 -3.75 9.85
N PHE C 208 -0.29 -3.49 10.21
CA PHE C 208 0.12 -2.13 10.50
C PHE C 208 0.38 -1.32 9.23
N LEU C 209 0.73 -1.97 8.13
CA LEU C 209 0.80 -1.25 6.85
C LEU C 209 -0.58 -0.82 6.39
N PHE C 210 -1.55 -1.74 6.40
CA PHE C 210 -2.92 -1.38 6.08
C PHE C 210 -3.49 -0.45 7.14
N GLY C 211 -3.11 -0.66 8.40
CA GLY C 211 -3.60 0.21 9.46
C GLY C 211 -3.00 1.60 9.42
N SER C 212 -1.81 1.73 8.84
CA SER C 212 -1.21 3.05 8.69
C SER C 212 -1.95 3.87 7.64
N ALA C 213 -2.21 3.27 6.47
CA ALA C 213 -3.00 3.94 5.46
C ALA C 213 -4.40 4.22 5.97
N LEU C 214 -4.99 3.27 6.71
CA LEU C 214 -6.29 3.49 7.34
C LEU C 214 -6.23 4.65 8.32
N LEU C 215 -5.20 4.70 9.16
CA LEU C 215 -5.12 5.75 10.17
C LEU C 215 -4.89 7.12 9.54
N PHE C 216 -4.01 7.19 8.54
CA PHE C 216 -3.77 8.49 7.91
C PHE C 216 -4.96 8.93 7.07
N ALA C 217 -5.67 7.98 6.46
CA ALA C 217 -6.93 8.32 5.81
C ALA C 217 -7.92 8.90 6.82
N MET C 218 -8.06 8.24 7.97
CA MET C 218 -8.95 8.73 9.01
C MET C 218 -8.47 10.08 9.54
N HIS C 219 -7.20 10.16 9.94
CA HIS C 219 -6.69 11.38 10.57
C HIS C 219 -6.61 12.52 9.57
N GLY C 220 -6.12 12.24 8.36
CA GLY C 220 -6.07 13.27 7.34
C GLY C 220 -7.43 13.83 7.01
N ALA C 221 -8.43 12.94 6.85
CA ALA C 221 -9.79 13.39 6.58
C ALA C 221 -10.38 14.11 7.79
N THR C 222 -10.11 13.62 8.99
CA THR C 222 -10.65 14.26 10.19
C THR C 222 -10.13 15.69 10.35
N ILE C 223 -8.83 15.88 10.16
CA ILE C 223 -8.25 17.21 10.28
C ILE C 223 -8.75 18.12 9.18
N LEU C 224 -8.86 17.61 7.95
CA LEU C 224 -9.41 18.41 6.86
C LEU C 224 -10.89 18.70 7.07
N ALA C 225 -11.64 17.74 7.61
CA ALA C 225 -13.05 17.97 7.89
C ALA C 225 -13.24 18.98 9.02
N ALA C 226 -12.35 18.97 10.02
CA ALA C 226 -12.38 19.93 11.12
C ALA C 226 -11.54 21.16 10.83
N GLY C 227 -11.03 21.30 9.60
CA GLY C 227 -10.26 22.47 9.24
C GLY C 227 -11.03 23.77 9.34
N ARG C 228 -12.37 23.70 9.31
CA ARG C 228 -13.16 24.90 9.58
C ARG C 228 -12.84 25.51 10.93
N TYR C 229 -12.46 24.68 11.90
CA TYR C 229 -12.17 25.11 13.26
C TYR C 229 -10.67 25.10 13.55
N ASN C 230 -9.85 25.24 12.50
CA ASN C 230 -8.40 25.38 12.64
C ASN C 230 -7.79 24.13 13.27
N ALA C 231 -8.17 22.96 12.76
CA ALA C 231 -7.70 21.71 13.33
C ALA C 231 -6.25 21.42 12.95
N GLU C 232 -5.82 21.86 11.78
CA GLU C 232 -4.46 21.58 11.34
C GLU C 232 -3.40 22.20 12.26
N ARG C 233 -3.76 23.24 13.00
CA ARG C 233 -2.88 23.78 14.02
C ARG C 233 -2.87 22.84 15.22
N GLU C 234 -2.23 21.69 15.07
CA GLU C 234 -2.37 20.62 16.04
C GLU C 234 -1.60 20.88 17.33
N ILE C 235 -0.51 21.65 17.27
CA ILE C 235 0.23 21.94 18.50
C ILE C 235 -0.62 22.75 19.45
N GLU C 236 -1.29 23.78 18.93
CA GLU C 236 -2.16 24.59 19.77
C GLU C 236 -3.33 23.77 20.30
N GLN C 237 -3.88 22.88 19.46
CA GLN C 237 -4.98 22.02 19.89
C GLN C 237 -4.56 21.01 20.95
N ILE C 238 -3.27 20.71 21.05
CA ILE C 238 -2.77 19.79 22.06
C ILE C 238 -2.53 20.49 23.40
N THR C 239 -1.85 21.64 23.35
CA THR C 239 -1.62 22.40 24.58
C THR C 239 -2.85 23.18 25.00
N ASP C 240 -3.70 23.61 24.06
CA ASP C 240 -4.94 24.33 24.38
C ASP C 240 -6.05 23.75 23.52
N ARG C 241 -6.76 22.76 24.07
CA ARG C 241 -7.80 22.07 23.33
C ARG C 241 -8.89 23.02 22.85
N GLY C 242 -8.97 23.22 21.53
CA GLY C 242 -10.04 23.99 20.93
C GLY C 242 -11.22 23.11 20.57
N THR C 243 -12.20 23.72 19.92
CA THR C 243 -13.38 22.95 19.51
C THR C 243 -13.06 21.98 18.39
N ALA C 244 -12.00 22.23 17.61
CA ALA C 244 -11.62 21.28 16.56
C ALA C 244 -11.17 19.95 17.15
N ALA C 245 -10.38 19.99 18.21
CA ALA C 245 -9.98 18.75 18.88
C ALA C 245 -11.17 18.06 19.51
N GLU C 246 -12.10 18.84 20.08
CA GLU C 246 -13.30 18.27 20.68
C GLU C 246 -14.18 17.59 19.63
N ARG C 247 -14.42 18.28 18.51
CA ARG C 247 -15.26 17.70 17.46
C ARG C 247 -14.60 16.48 16.84
N SER C 248 -13.28 16.54 16.61
CA SER C 248 -12.57 15.41 16.05
C SER C 248 -12.66 14.20 16.97
N ALA C 249 -12.44 14.41 18.27
CA ALA C 249 -12.56 13.32 19.22
C ALA C 249 -14.00 12.83 19.30
N LEU C 250 -14.97 13.74 19.29
CA LEU C 250 -16.37 13.34 19.36
C LEU C 250 -16.83 12.65 18.08
N PHE C 251 -16.26 13.01 16.93
CA PHE C 251 -16.67 12.37 15.68
C PHE C 251 -16.41 10.88 15.74
N TRP C 252 -15.23 10.48 16.20
CA TRP C 252 -14.89 9.06 16.25
C TRP C 252 -15.49 8.36 17.45
N ARG C 253 -15.68 9.07 18.56
CA ARG C 253 -16.35 8.45 19.70
C ARG C 253 -17.79 8.09 19.35
N TRP C 254 -18.50 9.00 18.71
CA TRP C 254 -19.88 8.71 18.31
C TRP C 254 -19.93 7.65 17.22
N THR C 255 -18.87 7.53 16.43
CA THR C 255 -18.82 6.56 15.35
C THR C 255 -18.53 5.15 15.88
N MET C 256 -17.41 4.98 16.58
CA MET C 256 -16.93 3.66 16.94
C MET C 256 -16.73 3.49 18.45
N GLY C 257 -17.32 4.36 19.26
CA GLY C 257 -17.36 4.17 20.70
C GLY C 257 -16.15 4.67 21.46
N PHE C 258 -15.00 4.77 20.81
CA PHE C 258 -13.77 5.24 21.45
C PHE C 258 -13.09 6.24 20.55
N ASN C 259 -12.15 6.98 21.13
CA ASN C 259 -11.48 8.06 20.41
C ASN C 259 -10.12 8.28 21.04
N ALA C 260 -9.27 9.00 20.30
CA ALA C 260 -7.97 9.43 20.79
C ALA C 260 -8.05 10.92 21.16
N THR C 261 -6.91 11.52 21.46
CA THR C 261 -6.79 12.95 21.56
C THR C 261 -6.07 13.48 20.32
N MET C 262 -5.91 14.80 20.24
CA MET C 262 -5.15 15.38 19.15
C MET C 262 -3.69 14.92 19.21
N GLU C 263 -3.13 14.82 20.41
CA GLU C 263 -1.77 14.31 20.56
C GLU C 263 -1.71 12.80 20.36
N SER C 264 -2.71 12.08 20.89
CA SER C 264 -2.62 10.63 20.96
C SER C 264 -2.83 9.97 19.60
N ILE C 265 -3.57 10.60 18.69
CA ILE C 265 -3.74 10.03 17.36
C ILE C 265 -2.41 9.97 16.63
N HIS C 266 -1.51 10.93 16.92
CA HIS C 266 -0.19 10.88 16.32
C HIS C 266 0.67 9.78 16.95
N ARG C 267 0.44 9.45 18.22
CA ARG C 267 1.07 8.27 18.79
C ARG C 267 0.58 6.99 18.12
N TRP C 268 -0.73 6.89 17.86
CA TRP C 268 -1.26 5.75 17.15
C TRP C 268 -0.66 5.63 15.75
N GLY C 269 -0.64 6.74 15.01
CA GLY C 269 -0.03 6.71 13.68
C GLY C 269 1.45 6.43 13.73
N TYR C 270 2.14 6.97 14.73
CA TYR C 270 3.57 6.74 14.89
C TYR C 270 3.86 5.25 15.10
N TRP C 271 3.14 4.63 16.03
CA TRP C 271 3.43 3.23 16.35
C TRP C 271 2.95 2.27 15.26
N PHE C 272 1.85 2.60 14.57
CA PHE C 272 1.42 1.77 13.46
C PHE C 272 2.46 1.75 12.36
N ALA C 273 3.05 2.90 12.06
CA ALA C 273 4.05 2.97 11.01
C ALA C 273 5.30 2.18 11.36
N ILE C 274 5.77 2.29 12.61
CA ILE C 274 7.01 1.62 12.95
C ILE C 274 6.78 0.14 13.26
N LEU C 275 5.58 -0.24 13.71
CA LEU C 275 5.31 -1.66 13.93
C LEU C 275 5.22 -2.40 12.61
N CYS C 276 4.71 -1.75 11.56
CA CYS C 276 4.72 -2.35 10.23
C CYS C 276 6.12 -2.76 9.85
N VAL C 277 7.09 -1.89 10.10
CA VAL C 277 8.46 -2.12 9.67
C VAL C 277 9.23 -2.97 10.68
N ILE C 278 8.87 -2.90 11.97
CA ILE C 278 9.54 -3.72 12.98
C ILE C 278 9.13 -5.18 12.84
N THR C 279 7.82 -5.44 12.78
CA THR C 279 7.34 -6.81 12.63
C THR C 279 7.80 -7.39 11.30
N GLY C 280 7.86 -6.56 10.27
CA GLY C 280 8.37 -7.03 8.99
C GLY C 280 9.81 -7.51 9.09
N GLY C 281 10.66 -6.74 9.75
CA GLY C 281 12.03 -7.15 9.92
C GLY C 281 12.16 -8.44 10.71
N ILE C 282 11.39 -8.56 11.80
CA ILE C 282 11.44 -9.77 12.62
C ILE C 282 11.01 -10.98 11.82
N GLY C 283 9.93 -10.85 11.04
CA GLY C 283 9.46 -11.97 10.24
C GLY C 283 10.48 -12.41 9.21
N ILE C 284 11.21 -11.46 8.62
CA ILE C 284 12.26 -11.82 7.67
C ILE C 284 13.40 -12.53 8.37
N LEU C 285 13.72 -12.13 9.60
CA LEU C 285 14.76 -12.82 10.35
C LEU C 285 14.36 -14.24 10.70
N LEU C 286 13.07 -14.47 10.96
CA LEU C 286 12.62 -15.80 11.38
C LEU C 286 12.69 -16.81 10.23
N THR C 287 12.37 -16.38 9.02
CA THR C 287 12.31 -17.32 7.90
C THR C 287 13.71 -17.75 7.48
N GLY C 288 13.84 -19.03 7.14
CA GLY C 288 15.11 -19.59 6.76
C GLY C 288 15.98 -19.94 7.95
N THR C 289 15.83 -19.20 9.04
CA THR C 289 16.62 -19.41 10.25
C THR C 289 15.95 -20.37 11.21
N VAL C 290 14.66 -20.16 11.50
CA VAL C 290 13.91 -21.04 12.39
C VAL C 290 12.63 -21.56 11.76
N VAL C 291 12.30 -21.16 10.54
CA VAL C 291 11.19 -21.73 9.78
C VAL C 291 11.64 -21.95 8.35
N GLU C 292 11.47 -23.16 7.85
CA GLU C 292 11.83 -23.48 6.47
C GLU C 292 10.69 -23.21 5.50
N ASN C 293 9.50 -23.72 5.79
CA ASN C 293 8.34 -23.60 4.92
C ASN C 293 7.21 -23.00 5.73
N TRP C 294 6.82 -21.76 5.41
CA TRP C 294 5.80 -21.09 6.20
C TRP C 294 4.44 -21.74 6.07
N TYR C 295 4.14 -22.35 4.92
CA TYR C 295 2.88 -23.07 4.78
C TYR C 295 2.86 -24.31 5.67
N LEU C 296 3.94 -25.09 5.64
CA LEU C 296 4.01 -26.27 6.50
C LEU C 296 3.99 -25.88 7.96
N TRP C 297 4.63 -24.76 8.31
CA TRP C 297 4.49 -24.21 9.66
C TRP C 297 3.05 -23.83 9.96
N GLY C 298 2.35 -23.26 8.97
CA GLY C 298 0.95 -22.93 9.16
C GLY C 298 0.09 -24.16 9.36
N VAL C 299 0.36 -25.22 8.60
CA VAL C 299 -0.35 -26.48 8.80
C VAL C 299 -0.05 -27.03 10.19
N HIS C 300 1.20 -26.96 10.61
CA HIS C 300 1.59 -27.45 11.94
C HIS C 300 0.82 -26.76 13.05
N HIS C 301 0.52 -25.48 12.88
CA HIS C 301 -0.20 -24.71 13.89
C HIS C 301 -1.70 -24.61 13.59
N GLY C 302 -2.18 -25.36 12.61
CA GLY C 302 -3.62 -25.46 12.39
C GLY C 302 -4.26 -24.24 11.79
N ILE C 303 -3.50 -23.41 11.08
CA ILE C 303 -4.07 -22.21 10.49
C ILE C 303 -4.33 -22.35 8.99
N ALA C 304 -3.76 -23.35 8.33
CA ALA C 304 -3.97 -23.53 6.90
C ALA C 304 -5.36 -24.11 6.65
N PRO C 305 -6.19 -23.46 5.84
CA PRO C 305 -7.49 -24.03 5.50
C PRO C 305 -7.35 -25.27 4.65
N GLU C 306 -8.33 -26.16 4.75
CA GLU C 306 -8.38 -27.38 3.97
C GLU C 306 -9.52 -27.29 2.97
N TYR C 307 -9.21 -27.53 1.70
CA TYR C 307 -10.27 -27.35 0.70
C TYR C 307 -10.83 -28.69 0.27
N PRO C 308 -12.12 -28.75 -0.02
CA PRO C 308 -12.71 -29.98 -0.58
C PRO C 308 -12.20 -30.23 -1.99
N GLU C 309 -12.45 -31.44 -2.46
CA GLU C 309 -11.97 -31.85 -3.77
C GLU C 309 -12.68 -31.07 -4.87
N PHE C 310 -11.91 -30.64 -5.87
CA PHE C 310 -12.46 -29.99 -7.04
C PHE C 310 -11.88 -30.60 -8.31
N PHE C 311 -10.67 -31.13 -8.22
CA PHE C 311 -9.95 -31.71 -9.35
C PHE C 311 -9.35 -33.04 -8.91
N THR C 312 -8.66 -33.69 -9.84
CA THR C 312 -7.89 -34.88 -9.51
C THR C 312 -6.49 -34.45 -9.09
N PRO C 313 -6.08 -34.71 -7.84
CA PRO C 313 -4.78 -34.22 -7.37
C PRO C 313 -3.63 -34.83 -8.15
N ALA C 314 -2.63 -33.99 -8.42
CA ALA C 314 -1.40 -34.48 -9.02
C ALA C 314 -0.60 -35.28 -8.01
N VAL C 315 0.12 -36.27 -8.52
CA VAL C 315 1.00 -37.11 -7.72
C VAL C 315 2.41 -36.94 -8.24
N ASP C 316 3.36 -36.71 -7.35
CA ASP C 316 4.73 -36.50 -7.76
C ASP C 316 5.28 -37.77 -8.39
N PRO C 317 5.72 -37.74 -9.65
CA PRO C 317 6.29 -38.96 -10.25
C PRO C 317 7.57 -39.42 -9.60
N ALA C 318 8.32 -38.51 -8.98
CA ALA C 318 9.57 -38.86 -8.32
C ALA C 318 9.39 -39.18 -6.84
N ALA C 319 8.16 -39.16 -6.34
CA ALA C 319 7.90 -39.46 -4.94
C ALA C 319 8.02 -40.95 -4.67
N MET D 1 7.95 -32.72 14.58
CA MET D 1 8.59 -31.50 14.07
C MET D 1 10.00 -31.36 14.63
N GLU D 2 11.00 -31.61 13.78
CA GLU D 2 12.41 -31.48 14.13
C GLU D 2 13.05 -30.36 13.33
N GLY D 3 14.26 -30.01 13.70
CA GLY D 3 15.03 -28.99 13.03
C GLY D 3 15.30 -27.80 13.94
N THR D 4 16.07 -26.85 13.40
CA THR D 4 16.43 -25.66 14.16
C THR D 4 15.20 -24.80 14.40
N GLY D 5 15.11 -24.24 15.60
CA GLY D 5 13.96 -23.47 16.01
C GLY D 5 12.99 -24.22 16.90
N ALA D 6 13.07 -25.55 16.93
CA ALA D 6 12.18 -26.33 17.77
C ALA D 6 12.44 -26.05 19.24
N LEU D 7 11.37 -25.89 20.00
CA LEU D 7 11.44 -25.71 21.45
C LEU D 7 10.87 -26.88 22.22
N THR D 8 9.79 -27.48 21.73
CA THR D 8 9.20 -28.68 22.31
C THR D 8 8.76 -29.56 21.15
N ASP D 9 7.89 -30.54 21.45
CA ASP D 9 7.30 -31.35 20.38
C ASP D 9 6.44 -30.51 19.45
N TYR D 10 5.90 -29.39 19.94
CA TYR D 10 5.01 -28.55 19.16
C TYR D 10 5.46 -27.10 19.07
N MET D 11 6.11 -26.58 20.10
CA MET D 11 6.49 -25.17 20.12
C MET D 11 7.79 -24.94 19.37
N ASN D 12 7.86 -23.83 18.65
CA ASN D 12 9.05 -23.43 17.92
C ASN D 12 9.29 -21.95 18.14
N VAL D 13 10.47 -21.49 17.71
CA VAL D 13 10.91 -20.12 18.00
C VAL D 13 9.99 -19.11 17.34
N ALA D 14 9.58 -19.35 16.09
CA ALA D 14 8.73 -18.40 15.40
C ALA D 14 7.36 -18.29 16.05
N GLN D 15 6.89 -19.34 16.70
CA GLN D 15 5.63 -19.25 17.43
C GLN D 15 5.77 -18.48 18.73
N MET D 16 6.86 -18.70 19.47
CA MET D 16 7.05 -17.99 20.73
C MET D 16 7.41 -16.54 20.51
N THR D 17 8.16 -16.24 19.44
CA THR D 17 8.42 -14.85 19.09
C THR D 17 7.12 -14.13 18.77
N LEU D 18 6.17 -14.82 18.14
CA LEU D 18 4.87 -14.23 17.84
C LEU D 18 4.10 -13.92 19.12
N TYR D 19 4.13 -14.83 20.10
CA TYR D 19 3.43 -14.56 21.35
C TYR D 19 4.14 -13.49 22.17
N ALA D 20 5.45 -13.36 22.01
CA ALA D 20 6.15 -12.25 22.63
C ALA D 20 5.65 -10.92 22.08
N PHE D 21 5.38 -10.85 20.77
CA PHE D 21 4.85 -9.63 20.20
C PHE D 21 3.40 -9.39 20.60
N TRP D 22 2.61 -10.47 20.77
CA TRP D 22 1.24 -10.28 21.25
C TRP D 22 1.22 -9.63 22.61
N LEU D 23 2.13 -10.05 23.50
CA LEU D 23 2.24 -9.42 24.81
C LEU D 23 2.67 -7.97 24.68
N PHE D 24 3.65 -7.70 23.83
CA PHE D 24 4.07 -6.32 23.60
C PHE D 24 2.96 -5.49 22.98
N LEU D 25 2.23 -6.07 22.02
CA LEU D 25 1.18 -5.31 21.36
C LEU D 25 0.03 -5.02 22.32
N ALA D 26 -0.34 -5.99 23.16
CA ALA D 26 -1.39 -5.73 24.15
C ALA D 26 -0.98 -4.62 25.11
N GLY D 27 0.27 -4.65 25.58
CA GLY D 27 0.75 -3.58 26.42
C GLY D 27 0.76 -2.24 25.71
N LEU D 28 1.13 -2.24 24.43
CA LEU D 28 1.14 -1.00 23.66
C LEU D 28 -0.27 -0.46 23.46
N ILE D 29 -1.24 -1.34 23.19
CA ILE D 29 -2.62 -0.89 23.02
C ILE D 29 -3.13 -0.28 24.33
N VAL D 30 -2.76 -0.86 25.46
CA VAL D 30 -3.12 -0.29 26.75
C VAL D 30 -2.48 1.09 26.92
N TYR D 31 -1.20 1.22 26.57
CA TYR D 31 -0.54 2.51 26.65
C TYR D 31 -1.18 3.54 25.72
N LEU D 32 -1.45 3.13 24.48
CA LEU D 32 -2.07 4.05 23.53
C LEU D 32 -3.47 4.45 23.96
N ARG D 33 -4.22 3.51 24.53
CA ARG D 33 -5.56 3.82 25.04
C ARG D 33 -5.48 4.78 26.21
N MET D 34 -4.48 4.63 27.08
CA MET D 34 -4.31 5.57 28.18
C MET D 34 -3.96 6.96 27.67
N GLU D 35 -3.13 7.04 26.62
CA GLU D 35 -2.84 8.33 26.01
C GLU D 35 -4.09 8.95 25.40
N ASP D 36 -5.03 8.12 24.95
CA ASP D 36 -6.28 8.63 24.40
C ASP D 36 -7.16 9.30 25.46
N LYS D 37 -6.90 9.07 26.74
CA LYS D 37 -7.78 9.51 27.81
C LYS D 37 -7.23 10.69 28.59
N ARG D 38 -6.32 11.45 27.99
CA ARG D 38 -5.78 12.64 28.65
C ARG D 38 -6.62 13.89 28.37
N GLU D 39 -7.60 13.80 27.48
CA GLU D 39 -8.56 14.89 27.24
C GLU D 39 -9.96 14.32 27.36
N GLY D 40 -10.77 14.91 28.23
CA GLY D 40 -12.16 14.54 28.36
C GLY D 40 -12.48 13.53 29.43
N TYR D 41 -11.50 13.11 30.22
CA TYR D 41 -11.71 12.11 31.24
C TYR D 41 -11.43 12.68 32.63
N PRO D 42 -12.08 12.16 33.67
CA PRO D 42 -13.06 11.06 33.68
C PRO D 42 -14.40 11.46 33.08
N LEU D 43 -15.18 10.49 32.62
CA LEU D 43 -16.44 10.79 31.96
C LEU D 43 -17.49 11.26 32.97
N GLN D 44 -18.25 12.26 32.57
CA GLN D 44 -19.35 12.77 33.40
C GLN D 44 -20.59 11.93 33.13
N ALA D 45 -21.01 11.16 34.13
CA ALA D 45 -22.19 10.30 34.03
C ALA D 45 -23.35 11.02 34.69
N GLU D 46 -24.20 11.66 33.89
CA GLU D 46 -25.26 12.50 34.41
C GLU D 46 -26.31 11.67 35.14
N ALA D 47 -27.15 12.37 35.90
CA ALA D 47 -28.06 11.71 36.84
C ALA D 47 -29.00 10.74 36.13
N ASN D 48 -29.51 11.12 34.94
CA ASN D 48 -30.44 10.26 34.22
C ASN D 48 -29.78 8.99 33.69
N GLU D 49 -28.46 8.89 33.72
CA GLU D 49 -27.77 7.72 33.19
C GLU D 49 -27.64 6.59 34.20
N ASN D 50 -27.92 6.84 35.48
CA ASN D 50 -27.71 5.87 36.54
C ASN D 50 -28.99 5.64 37.33
N CYS D 51 -29.12 4.44 37.89
CA CYS D 51 -30.24 4.13 38.77
C CYS D 51 -30.13 4.84 40.11
N ASN D 52 -28.92 5.27 40.50
CA ASN D 52 -28.74 6.00 41.74
C ASN D 52 -29.08 7.48 41.62
N ARG D 53 -29.34 7.96 40.40
CA ARG D 53 -29.80 9.32 40.15
C ARG D 53 -28.84 10.39 40.66
N THR D 54 -27.54 10.08 40.65
CA THR D 54 -26.55 11.08 41.04
C THR D 54 -25.41 11.09 40.02
N PRO D 55 -24.90 12.26 39.68
CA PRO D 55 -23.78 12.33 38.74
C PRO D 55 -22.55 11.60 39.27
N GLU D 56 -21.87 10.90 38.37
CA GLU D 56 -20.71 10.09 38.71
C GLU D 56 -19.61 10.31 37.69
N LYS D 57 -18.38 10.04 38.10
CA LYS D 57 -17.24 10.06 37.22
C LYS D 57 -16.88 8.64 36.81
N LYS D 58 -16.77 8.40 35.51
CA LYS D 58 -16.41 7.10 34.98
C LYS D 58 -15.02 7.16 34.38
N LEU D 59 -14.17 6.21 34.74
CA LEU D 59 -12.81 6.14 34.24
C LEU D 59 -12.74 5.35 32.93
N GLY D 60 -13.35 4.18 32.88
CA GLY D 60 -13.23 3.30 31.75
C GLY D 60 -11.99 2.43 31.83
N PHE D 61 -11.87 1.52 30.88
CA PHE D 61 -10.73 0.62 30.83
C PHE D 61 -9.94 0.87 29.55
N PRO D 62 -8.63 1.16 29.64
CA PRO D 62 -7.85 1.35 30.86
C PRO D 62 -8.15 2.68 31.52
N ALA D 63 -7.93 2.82 32.82
CA ALA D 63 -8.26 4.07 33.49
C ALA D 63 -7.31 5.19 33.03
N PRO D 64 -7.76 6.44 33.08
CA PRO D 64 -6.93 7.56 32.63
C PRO D 64 -5.63 7.64 33.40
N PRO D 65 -4.54 8.03 32.74
CA PRO D 65 -3.24 8.10 33.40
C PRO D 65 -3.14 9.33 34.29
N SER D 66 -1.95 9.53 34.86
CA SER D 66 -1.68 10.71 35.64
C SER D 66 -1.67 11.94 34.73
N PRO D 67 -1.99 13.12 35.27
CA PRO D 67 -2.03 14.32 34.44
C PRO D 67 -0.66 14.62 33.83
N LYS D 68 -0.67 15.14 32.61
CA LYS D 68 0.54 15.46 31.88
C LYS D 68 0.82 16.95 31.98
N VAL D 69 2.10 17.28 32.16
CA VAL D 69 2.54 18.66 32.33
C VAL D 69 3.26 19.08 31.06
N PHE D 70 2.79 20.16 30.44
CA PHE D 70 3.45 20.75 29.28
C PHE D 70 4.18 22.01 29.71
N LYS D 71 5.46 22.09 29.37
CA LYS D 71 6.23 23.31 29.57
C LYS D 71 6.05 24.19 28.34
N LEU D 72 5.57 25.41 28.54
CA LEU D 72 5.35 26.35 27.46
C LEU D 72 6.52 27.33 27.37
N ALA D 73 6.71 27.87 26.16
CA ALA D 73 7.88 28.69 25.89
C ALA D 73 7.85 30.01 26.67
N ASP D 74 6.67 30.59 26.87
CA ASP D 74 6.61 31.88 27.55
C ASP D 74 7.04 31.79 29.01
N GLY D 75 7.03 30.60 29.60
CA GLY D 75 7.48 30.43 30.97
C GLY D 75 6.43 29.81 31.86
N ARG D 76 5.42 29.20 31.26
CA ARG D 76 4.31 28.61 31.99
C ARG D 76 4.39 27.09 31.94
N SER D 77 3.69 26.46 32.88
CA SER D 77 3.49 25.02 32.89
C SER D 77 1.99 24.76 32.96
N ILE D 78 1.46 24.04 31.97
CA ILE D 78 0.05 23.71 31.90
C ILE D 78 -0.11 22.22 32.10
N GLN D 79 -1.01 21.84 33.00
CA GLN D 79 -1.28 20.45 33.29
C GLN D 79 -2.48 19.98 32.48
N VAL D 80 -2.30 18.92 31.72
CA VAL D 80 -3.35 18.36 30.87
C VAL D 80 -3.89 17.11 31.54
N PRO D 81 -5.21 16.98 31.71
CA PRO D 81 -6.29 17.90 31.27
C PRO D 81 -6.31 19.20 32.08
N ARG D 82 -6.62 20.31 31.40
CA ARG D 82 -6.61 21.61 32.05
C ARG D 82 -7.77 21.73 33.03
N ALA D 83 -7.50 22.37 34.17
CA ALA D 83 -8.52 22.51 35.20
C ALA D 83 -9.62 23.47 34.78
N GLU D 84 -9.25 24.61 34.18
CA GLU D 84 -10.26 25.62 33.88
C GLU D 84 -11.12 25.23 32.69
N LYS D 85 -10.60 24.44 31.76
CA LYS D 85 -11.42 23.97 30.64
C LYS D 85 -12.47 22.99 31.12
N THR D 86 -12.10 22.08 32.04
CA THR D 86 -13.09 21.18 32.61
C THR D 86 -14.05 21.92 33.52
N ASP D 87 -13.53 22.85 34.32
CA ASP D 87 -14.38 23.59 35.26
C ASP D 87 -15.44 24.40 34.50
N TYR D 88 -15.06 24.98 33.37
CA TYR D 88 -16.02 25.73 32.56
C TYR D 88 -17.09 24.83 31.97
N GLU D 89 -16.70 23.63 31.52
CA GLU D 89 -17.65 22.75 30.84
C GLU D 89 -18.70 22.20 31.81
N LEU D 90 -18.31 21.94 33.05
CA LEU D 90 -19.20 21.36 34.04
C LEU D 90 -19.90 22.39 34.91
N ASN D 91 -19.74 23.68 34.60
CA ASN D 91 -20.42 24.74 35.34
C ASN D 91 -21.39 25.56 34.50
N THR D 92 -21.20 25.62 33.18
CA THR D 92 -22.08 26.39 32.34
C THR D 92 -23.46 25.74 32.27
N GLN D 93 -24.48 26.57 32.10
CA GLN D 93 -25.87 26.12 32.00
C GLN D 93 -26.29 26.26 30.55
N LEU D 94 -26.41 25.13 29.86
CA LEU D 94 -26.75 25.14 28.44
C LEU D 94 -28.14 25.70 28.23
N ARG D 95 -28.29 26.53 27.21
CA ARG D 95 -29.59 27.01 26.78
C ARG D 95 -30.24 26.02 25.82
N ALA D 96 -30.30 24.77 26.27
CA ALA D 96 -30.85 23.67 25.49
C ALA D 96 -31.55 22.72 26.44
N GLU D 97 -32.57 22.03 25.93
CA GLU D 97 -33.34 21.09 26.73
C GLU D 97 -33.35 19.75 26.00
N PRO D 98 -33.01 18.66 26.68
CA PRO D 98 -33.06 17.35 26.03
C PRO D 98 -34.48 17.03 25.54
N THR D 99 -34.55 16.42 24.36
CA THR D 99 -35.86 16.10 23.79
C THR D 99 -36.60 15.08 24.63
N ALA D 100 -35.88 14.18 25.29
CA ALA D 100 -36.47 13.17 26.15
C ALA D 100 -35.64 13.06 27.42
N PRO D 101 -36.27 12.67 28.54
CA PRO D 101 -35.54 12.67 29.82
C PRO D 101 -34.47 11.60 29.93
N TRP D 102 -34.49 10.55 29.11
CA TRP D 102 -33.55 9.48 29.29
C TRP D 102 -32.19 9.84 28.69
N ASP D 103 -31.16 9.12 29.16
CA ASP D 103 -29.80 9.39 28.71
C ASP D 103 -29.63 8.99 27.26
N GLY D 104 -28.86 9.80 26.52
CA GLY D 104 -28.69 9.60 25.10
C GLY D 104 -29.65 10.38 24.23
N ALA D 105 -30.65 11.03 24.82
CA ALA D 105 -31.55 11.86 24.04
C ALA D 105 -30.85 13.14 23.62
N PRO D 106 -31.03 13.59 22.38
CA PRO D 106 -30.38 14.82 21.94
C PRO D 106 -30.97 16.05 22.60
N LEU D 107 -30.17 17.11 22.64
CA LEU D 107 -30.60 18.39 23.20
C LEU D 107 -31.32 19.22 22.15
N GLU D 108 -32.39 19.87 22.58
CA GLU D 108 -33.11 20.82 21.73
C GLU D 108 -32.80 22.22 22.21
N PRO D 109 -32.06 23.03 21.45
CA PRO D 109 -31.74 24.39 21.91
C PRO D 109 -32.99 25.23 22.12
N THR D 110 -32.97 26.02 23.19
CA THR D 110 -34.08 26.91 23.50
C THR D 110 -33.94 28.26 22.79
N GLY D 111 -32.85 28.96 23.06
CA GLY D 111 -32.62 30.25 22.43
C GLY D 111 -32.07 30.14 21.03
N ASN D 112 -31.17 31.05 20.65
CA ASN D 112 -30.49 30.94 19.36
C ASN D 112 -29.26 30.08 19.55
N PRO D 113 -29.22 28.86 19.03
CA PRO D 113 -28.06 27.99 19.28
C PRO D 113 -26.77 28.52 18.71
N MET D 114 -26.83 29.33 17.65
CA MET D 114 -25.62 29.85 17.04
C MET D 114 -24.88 30.78 18.00
N VAL D 115 -25.59 31.61 18.75
CA VAL D 115 -24.94 32.52 19.69
C VAL D 115 -24.80 31.91 21.07
N ASP D 116 -25.62 30.90 21.42
CA ASP D 116 -25.52 30.27 22.72
C ASP D 116 -24.43 29.22 22.78
N GLY D 117 -24.02 28.65 21.65
CA GLY D 117 -22.96 27.67 21.62
C GLY D 117 -23.41 26.25 21.86
N LEU D 118 -24.35 25.76 21.06
CA LEU D 118 -24.82 24.39 21.14
C LEU D 118 -24.45 23.64 19.87
N GLY D 119 -24.06 22.38 20.03
CA GLY D 119 -23.78 21.51 18.91
C GLY D 119 -22.67 22.02 18.02
N PRO D 120 -22.95 22.14 16.72
CA PRO D 120 -21.93 22.66 15.80
C PRO D 120 -21.52 24.10 16.09
N ALA D 121 -22.34 24.84 16.82
CA ALA D 121 -22.02 26.21 17.22
C ALA D 121 -21.19 26.27 18.49
N ALA D 122 -20.89 25.13 19.10
CA ALA D 122 -20.19 25.12 20.37
C ALA D 122 -18.75 25.57 20.22
N TRP D 123 -18.24 26.19 21.27
CA TRP D 123 -16.85 26.64 21.33
C TRP D 123 -16.19 26.04 22.56
N ALA D 124 -14.88 25.89 22.49
CA ALA D 124 -14.12 25.43 23.64
C ALA D 124 -13.65 26.61 24.49
N LYS D 125 -13.39 26.32 25.75
CA LYS D 125 -12.78 27.30 26.64
C LYS D 125 -11.28 27.36 26.34
N ARG D 126 -10.82 28.51 25.86
CA ARG D 126 -9.43 28.70 25.48
C ARG D 126 -8.91 29.99 26.10
N GLU D 127 -7.59 30.15 26.06
CA GLU D 127 -6.97 31.35 26.62
C GLU D 127 -7.37 32.59 25.82
N ASP D 128 -7.52 33.71 26.52
CA ASP D 128 -7.92 34.96 25.90
C ASP D 128 -6.74 35.84 25.52
N GLU D 129 -5.51 35.34 25.63
CA GLU D 129 -4.34 36.10 25.25
C GLU D 129 -3.90 35.69 23.85
N PRO D 130 -3.83 36.63 22.90
CA PRO D 130 -3.47 36.27 21.52
C PRO D 130 -2.10 35.61 21.46
N GLU D 131 -1.98 34.59 20.60
CA GLU D 131 -0.77 33.81 20.50
C GLU D 131 0.36 34.64 19.88
N VAL D 132 1.60 34.23 20.17
CA VAL D 132 2.78 34.88 19.63
C VAL D 132 3.68 33.81 19.00
N THR D 133 4.49 34.26 18.05
CA THR D 133 5.40 33.36 17.35
C THR D 133 6.65 33.13 18.21
N HIS D 134 7.57 32.30 17.70
CA HIS D 134 8.81 32.03 18.40
C HIS D 134 9.65 33.30 18.53
N GLY D 135 9.69 34.11 17.47
CA GLY D 135 10.41 35.37 17.54
C GLY D 135 9.82 36.32 18.56
N GLY D 136 8.49 36.36 18.65
CA GLY D 136 7.83 37.20 19.62
C GLY D 136 6.77 38.08 19.02
N LYS D 137 6.60 38.02 17.70
CA LYS D 137 5.58 38.80 17.03
C LYS D 137 4.19 38.24 17.30
N GLN D 138 3.18 39.05 17.00
CA GLN D 138 1.81 38.58 17.06
C GLN D 138 1.58 37.50 16.00
N LYS D 139 1.00 36.38 16.42
CA LYS D 139 0.92 35.21 15.54
C LYS D 139 -0.06 35.44 14.39
N ILE D 140 -1.32 35.66 14.71
CA ILE D 140 -2.35 35.94 13.72
C ILE D 140 -2.58 37.44 13.70
N CYS D 141 -2.45 38.05 12.53
CA CYS D 141 -2.48 39.51 12.44
C CYS D 141 -2.91 39.90 11.03
N PRO D 142 -3.63 41.00 10.88
CA PRO D 142 -4.06 41.43 9.54
C PRO D 142 -2.90 42.00 8.74
N LEU D 143 -3.11 42.10 7.42
CA LEU D 143 -2.04 42.54 6.54
C LEU D 143 -1.64 43.98 6.81
N ARG D 144 -2.54 44.79 7.35
CA ARG D 144 -2.20 46.19 7.62
C ARG D 144 -1.10 46.31 8.67
N VAL D 145 -1.14 45.46 9.70
CA VAL D 145 -0.09 45.49 10.71
C VAL D 145 1.09 44.60 10.33
N ALA D 146 0.85 43.57 9.51
CA ALA D 146 1.92 42.70 9.00
C ALA D 146 2.20 43.10 7.56
N THR D 147 3.02 44.14 7.40
CA THR D 147 3.30 44.69 6.09
C THR D 147 4.29 43.86 5.29
N GLU D 148 4.97 42.91 5.92
CA GLU D 148 5.91 42.05 5.18
C GLU D 148 5.21 41.01 4.32
N PHE D 149 3.90 40.85 4.46
CA PHE D 149 3.14 39.86 3.70
C PHE D 149 2.44 40.52 2.53
N GLU D 150 2.52 39.89 1.36
CA GLU D 150 1.77 40.27 0.18
C GLU D 150 0.85 39.13 -0.22
N VAL D 151 -0.28 39.49 -0.84
CA VAL D 151 -1.26 38.50 -1.27
C VAL D 151 -0.82 37.87 -2.57
N GLY D 152 -0.86 36.54 -2.64
CA GLY D 152 -0.46 35.82 -3.83
C GLY D 152 0.95 35.28 -3.72
N MET D 153 1.09 33.96 -3.82
CA MET D 153 2.41 33.34 -3.66
C MET D 153 3.35 33.75 -4.79
N SER D 154 2.84 33.82 -6.01
CA SER D 154 3.65 34.21 -7.17
C SER D 154 3.10 35.51 -7.74
N ARG D 155 3.99 36.49 -7.92
CA ARG D 155 3.58 37.75 -8.52
C ARG D 155 3.10 37.55 -9.95
N ASP D 156 3.83 36.74 -10.73
CA ASP D 156 3.46 36.53 -12.12
C ASP D 156 2.10 35.84 -12.24
N VAL D 157 1.85 34.83 -11.41
CA VAL D 157 0.55 34.16 -11.46
C VAL D 157 -0.56 35.12 -11.04
N ALA D 158 -0.34 35.87 -9.96
CA ALA D 158 -1.37 36.79 -9.50
C ALA D 158 -1.59 37.93 -10.49
N ARG D 159 -0.57 38.24 -11.30
CA ARG D 159 -0.68 39.35 -12.25
C ARG D 159 -1.38 38.91 -13.53
N PHE D 160 -0.88 37.85 -14.16
CA PHE D 160 -1.34 37.47 -15.50
C PHE D 160 -2.48 36.45 -15.46
N TRP D 161 -2.56 35.63 -14.42
CA TRP D 161 -3.64 34.65 -14.27
C TRP D 161 -4.21 34.76 -12.86
N PRO D 162 -4.87 35.88 -12.56
CA PRO D 162 -5.29 36.12 -11.17
C PRO D 162 -6.41 35.22 -10.68
N GLU D 163 -7.04 34.45 -11.56
CA GLU D 163 -8.12 33.56 -11.13
C GLU D 163 -7.61 32.51 -10.14
N ILE D 164 -6.46 31.90 -10.44
CA ILE D 164 -5.94 30.82 -9.60
C ILE D 164 -4.98 31.32 -8.53
N ASP D 165 -4.68 32.62 -8.51
CA ASP D 165 -3.96 33.26 -7.41
C ASP D 165 -4.71 34.52 -7.03
N PRO D 166 -5.86 34.37 -6.39
CA PRO D 166 -6.75 35.52 -6.17
C PRO D 166 -6.26 36.42 -5.03
N ASP D 167 -6.73 37.67 -5.10
CA ASP D 167 -6.57 38.66 -4.02
C ASP D 167 -7.97 39.06 -3.60
N PRO D 168 -8.54 38.41 -2.59
CA PRO D 168 -9.95 38.62 -2.26
C PRO D 168 -10.27 39.95 -1.59
N ARG D 169 -9.30 40.82 -1.37
CA ARG D 169 -9.58 42.13 -0.80
C ARG D 169 -10.41 42.96 -1.78
N GLY D 170 -11.51 43.51 -1.28
CA GLY D 170 -12.42 44.25 -2.12
C GLY D 170 -13.54 43.43 -2.73
N TYR D 171 -13.53 42.11 -2.55
CA TYR D 171 -14.61 41.29 -3.07
C TYR D 171 -15.86 41.49 -2.23
N GLN D 172 -16.98 40.96 -2.73
CA GLN D 172 -18.24 40.96 -2.00
C GLN D 172 -18.45 39.63 -1.31
N VAL D 173 -19.09 39.68 -0.14
CA VAL D 173 -19.39 38.49 0.65
C VAL D 173 -20.87 38.17 0.49
N LEU D 174 -21.17 36.95 0.10
CA LEU D 174 -22.54 36.50 -0.10
C LEU D 174 -22.87 35.39 0.90
N GLY D 175 -24.05 35.50 1.51
CA GLY D 175 -24.51 34.50 2.44
C GLY D 175 -24.99 33.25 1.73
N CYS D 176 -25.50 32.31 2.52
CA CYS D 176 -26.01 31.07 1.96
C CYS D 176 -27.25 31.28 1.10
N ASP D 177 -27.97 32.38 1.30
CA ASP D 177 -29.14 32.72 0.50
C ASP D 177 -28.86 33.81 -0.53
N GLY D 178 -27.59 34.09 -0.81
CA GLY D 178 -27.23 35.11 -1.78
C GLY D 178 -27.27 36.53 -1.25
N LYS D 179 -27.62 36.73 0.01
CA LYS D 179 -27.62 38.07 0.60
C LYS D 179 -26.19 38.62 0.61
N VAL D 180 -26.05 39.87 0.19
CA VAL D 180 -24.74 40.52 0.15
C VAL D 180 -24.49 41.11 1.54
N ALA D 181 -23.70 40.41 2.35
CA ALA D 181 -23.48 40.83 3.72
C ALA D 181 -22.54 42.03 3.79
N GLY D 182 -21.47 42.03 3.00
CA GLY D 182 -20.50 43.09 3.09
C GLY D 182 -19.36 42.86 2.12
N LYS D 183 -18.22 43.47 2.42
CA LYS D 183 -17.08 43.50 1.52
C LYS D 183 -15.81 43.24 2.32
N ILE D 184 -14.94 42.38 1.80
CA ILE D 184 -13.68 42.09 2.47
C ILE D 184 -12.80 43.33 2.46
N VAL D 185 -12.29 43.70 3.64
CA VAL D 185 -11.45 44.87 3.78
C VAL D 185 -10.05 44.53 4.25
N ASP D 186 -9.77 43.27 4.56
CA ASP D 186 -8.46 42.87 5.05
C ASP D 186 -8.37 41.35 5.09
N ILE D 187 -7.13 40.86 5.16
CA ILE D 187 -6.85 39.43 5.29
C ILE D 187 -5.97 39.24 6.52
N TRP D 188 -6.39 38.32 7.38
CA TRP D 188 -5.60 37.98 8.56
C TRP D 188 -4.73 36.77 8.25
N VAL D 189 -3.45 36.85 8.58
CA VAL D 189 -2.49 35.81 8.26
C VAL D 189 -1.88 35.27 9.54
N ASP D 190 -1.50 34.00 9.50
CA ASP D 190 -0.83 33.35 10.61
C ASP D 190 0.67 33.39 10.36
N ARG D 191 1.41 34.08 11.23
CA ARG D 191 2.86 34.18 11.05
C ARG D 191 3.57 32.86 11.28
N GLY D 192 2.90 31.86 11.83
CA GLY D 192 3.53 30.57 12.07
C GLY D 192 3.35 29.59 10.94
N GLU D 193 2.20 29.64 10.27
CA GLU D 193 1.91 28.75 9.15
C GLU D 193 1.85 29.47 7.82
N LEU D 194 1.99 30.80 7.81
CA LEU D 194 2.02 31.60 6.59
C LEU D 194 0.79 31.33 5.72
N ARG D 195 -0.38 31.38 6.33
CA ARG D 195 -1.63 31.11 5.64
C ARG D 195 -2.67 32.14 6.03
N PRO D 196 -3.58 32.49 5.11
CA PRO D 196 -4.72 33.32 5.49
C PRO D 196 -5.67 32.54 6.39
N MET D 197 -5.90 33.07 7.59
CA MET D 197 -6.80 32.43 8.54
C MET D 197 -8.20 33.01 8.50
N TYR D 198 -8.34 34.31 8.29
CA TYR D 198 -9.65 34.96 8.30
C TYR D 198 -9.70 36.04 7.23
N LEU D 199 -10.92 36.38 6.83
CA LEU D 199 -11.18 37.47 5.90
C LEU D 199 -12.00 38.53 6.63
N GLU D 200 -11.36 39.61 7.04
CA GLU D 200 -12.08 40.71 7.67
C GLU D 200 -12.97 41.40 6.64
N MET D 201 -14.20 41.70 7.05
CA MET D 201 -15.18 42.29 6.15
C MET D 201 -16.03 43.30 6.90
N ASP D 202 -16.35 44.39 6.23
CA ASP D 202 -17.35 45.30 6.75
C ASP D 202 -18.73 44.68 6.59
N LEU D 203 -19.70 45.21 7.33
CA LEU D 203 -21.08 44.77 7.25
C LEU D 203 -21.96 45.74 6.48
N SER D 204 -21.41 46.39 5.45
CA SER D 204 -22.13 47.44 4.74
C SER D 204 -23.44 46.93 4.15
N GLY D 205 -23.48 45.66 3.74
CA GLY D 205 -24.69 45.13 3.13
C GLY D 205 -25.81 44.88 4.11
N VAL D 206 -25.49 44.62 5.38
CA VAL D 206 -26.48 44.30 6.40
C VAL D 206 -26.31 45.11 7.67
N GLY D 207 -25.32 46.00 7.72
CA GLY D 207 -25.08 46.84 8.87
C GLY D 207 -24.36 48.12 8.50
N SER D 208 -23.38 48.52 9.28
CA SER D 208 -22.59 49.71 9.00
C SER D 208 -21.33 49.35 8.22
N SER D 209 -20.80 50.35 7.51
CA SER D 209 -19.56 50.18 6.78
C SER D 209 -18.33 50.20 7.68
N GLY D 210 -18.49 50.66 8.91
CA GLY D 210 -17.40 50.70 9.87
C GLY D 210 -17.35 49.55 10.85
N ASP D 211 -18.34 48.65 10.82
CA ASP D 211 -18.36 47.49 11.68
C ASP D 211 -17.55 46.38 11.02
N ARG D 212 -16.50 45.93 11.71
CA ARG D 212 -15.61 44.90 11.18
C ARG D 212 -15.97 43.55 11.79
N VAL D 213 -15.82 42.50 10.99
CA VAL D 213 -16.13 41.15 11.42
C VAL D 213 -15.22 40.19 10.67
N LEU D 214 -14.90 39.06 11.31
CA LEU D 214 -13.96 38.11 10.76
C LEU D 214 -14.69 36.91 10.17
N LEU D 215 -14.31 36.54 8.95
CA LEU D 215 -14.85 35.37 8.28
C LEU D 215 -13.73 34.34 8.12
N PRO D 216 -13.83 33.17 8.77
CA PRO D 216 -12.76 32.18 8.63
C PRO D 216 -12.60 31.74 7.17
N ILE D 217 -11.34 31.57 6.77
CA ILE D 217 -11.03 31.27 5.37
C ILE D 217 -11.59 29.91 4.98
N ASN D 218 -11.70 28.98 5.92
CA ASN D 218 -12.22 27.65 5.62
C ASN D 218 -13.73 27.62 5.53
N PHE D 219 -14.41 28.70 5.89
CA PHE D 219 -15.86 28.83 5.72
C PHE D 219 -16.21 29.68 4.51
N ALA D 220 -15.23 30.05 3.70
CA ALA D 220 -15.42 31.02 2.62
C ALA D 220 -15.05 30.39 1.29
N ARG D 221 -15.95 30.49 0.32
CA ARG D 221 -15.71 30.03 -1.04
C ARG D 221 -15.34 31.26 -1.87
N VAL D 222 -14.06 31.41 -2.17
CA VAL D 222 -13.56 32.56 -2.91
C VAL D 222 -13.65 32.23 -4.39
N GLY D 223 -14.68 32.75 -5.05
CA GLY D 223 -14.93 32.44 -6.44
C GLY D 223 -14.09 33.25 -7.39
N TYR D 224 -14.34 33.02 -8.67
CA TYR D 224 -13.63 33.68 -9.76
C TYR D 224 -14.35 34.92 -10.26
N ASP D 225 -15.43 35.34 -9.60
CA ASP D 225 -16.25 36.46 -10.03
C ASP D 225 -16.20 37.61 -9.04
N SER D 226 -15.07 37.77 -8.36
CA SER D 226 -14.91 38.79 -7.32
C SER D 226 -15.98 38.67 -6.25
N LYS D 227 -16.34 37.43 -5.91
CA LYS D 227 -17.32 37.14 -4.88
C LYS D 227 -16.75 36.12 -3.90
N VAL D 228 -17.16 36.23 -2.64
CA VAL D 228 -16.86 35.24 -1.62
C VAL D 228 -18.19 34.73 -1.09
N ARG D 229 -18.41 33.43 -1.21
CA ARG D 229 -19.69 32.82 -0.86
C ARG D 229 -19.57 32.05 0.43
N VAL D 230 -20.45 32.33 1.38
CA VAL D 230 -20.44 31.70 2.69
C VAL D 230 -21.70 30.84 2.77
N ASN D 231 -21.55 29.55 2.48
CA ASN D 231 -22.65 28.61 2.60
C ASN D 231 -23.00 28.32 4.05
N ALA D 232 -22.14 28.70 4.99
CA ALA D 232 -22.37 28.37 6.40
C ALA D 232 -23.56 29.13 6.96
N ILE D 233 -23.61 30.45 6.74
CA ILE D 233 -24.61 31.29 7.39
C ILE D 233 -25.30 32.17 6.36
N THR D 234 -26.48 32.66 6.76
CA THR D 234 -27.21 33.65 5.98
C THR D 234 -26.47 34.99 6.01
N GLY D 235 -26.65 35.78 4.95
CA GLY D 235 -26.04 37.09 4.89
C GLY D 235 -26.44 37.98 6.07
N GLN D 236 -27.69 37.90 6.48
CA GLN D 236 -28.14 38.69 7.62
C GLN D 236 -27.50 38.22 8.92
N GLN D 237 -27.20 36.92 9.03
CA GLN D 237 -26.60 36.40 10.26
C GLN D 237 -25.16 36.85 10.47
N PHE D 238 -24.55 37.51 9.49
CA PHE D 238 -23.21 38.07 9.68
C PHE D 238 -23.21 39.12 10.79
N THR D 239 -24.36 39.75 11.04
CA THR D 239 -24.42 40.81 12.04
C THR D 239 -24.17 40.30 13.46
N ASP D 240 -24.41 39.01 13.72
CA ASP D 240 -24.22 38.43 15.04
C ASP D 240 -22.89 37.69 15.18
N VAL D 241 -22.02 37.75 14.18
CA VAL D 241 -20.72 37.09 14.32
C VAL D 241 -19.94 37.75 15.46
N PRO D 242 -19.34 36.99 16.37
CA PRO D 242 -18.69 37.60 17.53
C PRO D 242 -17.60 38.60 17.13
N ARG D 243 -17.54 39.70 17.86
CA ARG D 243 -16.62 40.78 17.55
C ARG D 243 -15.31 40.63 18.33
N LEU D 244 -14.25 41.18 17.77
CA LEU D 244 -12.94 41.13 18.43
C LEU D 244 -12.91 42.09 19.61
N ARG D 245 -12.29 41.65 20.70
CA ARG D 245 -12.10 42.56 21.84
C ARG D 245 -11.17 43.71 21.47
N GLU D 246 -10.07 43.39 20.78
CA GLU D 246 -9.19 44.40 20.20
C GLU D 246 -9.26 44.32 18.69
N ALA D 247 -9.32 45.48 18.04
CA ALA D 247 -9.58 45.53 16.60
C ALA D 247 -8.46 44.93 15.76
N ASP D 248 -7.26 44.75 16.32
CA ASP D 248 -6.13 44.25 15.55
C ASP D 248 -5.61 42.91 16.03
N ARG D 249 -6.19 42.33 17.08
CA ARG D 249 -5.71 41.09 17.65
C ARG D 249 -6.87 40.12 17.82
N ILE D 250 -6.56 38.83 17.76
CA ILE D 250 -7.54 37.78 18.00
C ILE D 250 -6.90 36.73 18.89
N SER D 251 -7.62 36.29 19.90
CA SER D 251 -7.16 35.31 20.87
C SER D 251 -7.65 33.93 20.50
N PRO D 252 -7.03 32.87 21.04
CA PRO D 252 -7.55 31.52 20.78
C PRO D 252 -8.99 31.34 21.19
N GLN D 253 -9.42 32.00 22.26
CA GLN D 253 -10.83 31.97 22.65
C GLN D 253 -11.70 32.64 21.59
N GLU D 254 -11.24 33.77 21.06
CA GLU D 254 -12.00 34.47 20.01
C GLU D 254 -12.06 33.65 18.73
N GLU D 255 -11.00 32.92 18.41
CA GLU D 255 -11.01 32.07 17.23
C GLU D 255 -12.09 31.01 17.33
N ASP D 256 -12.24 30.40 18.52
CA ASP D 256 -13.31 29.43 18.73
C ASP D 256 -14.67 30.08 18.66
N PHE D 257 -14.80 31.32 19.16
CA PHE D 257 -16.07 32.03 19.08
C PHE D 257 -16.51 32.21 17.63
N ILE D 258 -15.57 32.63 16.77
CA ILE D 258 -15.92 32.95 15.40
C ILE D 258 -16.16 31.68 14.59
N THR D 259 -15.23 30.72 14.66
CA THR D 259 -15.42 29.47 13.93
C THR D 259 -16.61 28.69 14.47
N GLY D 260 -16.88 28.80 15.76
CA GLY D 260 -18.09 28.18 16.31
C GLY D 260 -19.36 28.76 15.74
N TYR D 261 -19.41 30.09 15.59
CA TYR D 261 -20.61 30.73 15.09
C TYR D 261 -20.91 30.30 13.66
N PHE D 262 -19.90 30.34 12.78
CA PHE D 262 -20.11 29.90 11.41
C PHE D 262 -20.43 28.42 11.34
N GLY D 263 -19.79 27.61 12.20
CA GLY D 263 -20.13 26.21 12.26
C GLY D 263 -21.54 25.95 12.74
N GLY D 264 -22.10 26.89 13.51
CA GLY D 264 -23.48 26.77 13.92
C GLY D 264 -24.45 26.84 12.76
N GLY D 265 -24.04 27.48 11.66
CA GLY D 265 -24.89 27.57 10.49
C GLY D 265 -25.01 26.29 9.70
N VAL D 266 -24.19 25.27 10.00
CA VAL D 266 -24.33 23.99 9.32
C VAL D 266 -25.69 23.39 9.62
N LEU D 267 -26.19 23.58 10.84
CA LEU D 267 -27.49 23.08 11.24
C LEU D 267 -28.55 24.16 11.44
N TYR D 268 -28.15 25.38 11.75
CA TYR D 268 -29.09 26.38 12.25
C TYR D 268 -29.18 27.63 11.39
N ALA D 269 -28.49 27.69 10.25
CA ALA D 269 -28.51 28.90 9.43
C ALA D 269 -29.91 29.19 8.92
N VAL D 270 -30.54 28.21 8.27
CA VAL D 270 -31.88 28.37 7.73
C VAL D 270 -32.73 27.21 8.23
N PRO D 271 -34.06 27.41 8.31
CA PRO D 271 -34.94 26.29 8.65
C PRO D 271 -34.83 25.18 7.61
N GLY D 272 -34.84 23.95 8.08
CA GLY D 272 -34.75 22.78 7.23
C GLY D 272 -33.38 22.15 7.14
N ARG D 273 -32.32 22.89 7.50
CA ARG D 273 -30.99 22.31 7.50
C ARG D 273 -30.86 21.21 8.55
N THR D 274 -31.57 21.34 9.67
CA THR D 274 -31.51 20.35 10.73
C THR D 274 -32.45 19.17 10.49
N GLU D 275 -33.17 19.15 9.38
CA GLU D 275 -34.16 18.12 9.06
C GLU D 275 -33.57 17.12 8.07
N PRO D 276 -34.12 15.90 8.04
CA PRO D 276 -33.58 14.88 7.14
C PRO D 276 -34.08 15.05 5.71
N PHE D 277 -33.44 14.31 4.81
CA PHE D 277 -33.91 14.26 3.43
C PHE D 277 -35.31 13.69 3.33
N LEU D 278 -35.58 12.60 4.06
CA LEU D 278 -36.92 12.03 4.10
C LEU D 278 -37.18 11.37 5.45
N MET E 1 -42.98 -5.92 36.90
CA MET E 1 -42.22 -5.95 35.65
C MET E 1 -42.54 -4.71 34.83
N TRP E 2 -43.66 -4.06 35.13
CA TRP E 2 -44.00 -2.79 34.50
C TRP E 2 -43.00 -1.70 34.87
N ARG E 3 -42.24 -1.88 35.94
CA ARG E 3 -41.23 -0.91 36.33
C ARG E 3 -40.00 -0.96 35.45
N LEU E 4 -39.88 -1.97 34.59
CA LEU E 4 -38.80 -2.00 33.62
C LEU E 4 -38.85 -0.78 32.71
N TRP E 5 -40.04 -0.28 32.43
CA TRP E 5 -40.22 0.87 31.55
C TRP E 5 -39.98 2.19 32.25
N LYS E 6 -39.76 2.18 33.56
CA LYS E 6 -39.23 3.34 34.27
C LYS E 6 -37.73 3.43 34.18
N LEU E 7 -37.08 2.45 33.57
CA LEU E 7 -35.63 2.40 33.40
C LEU E 7 -35.20 2.48 31.95
N TYR E 8 -35.94 1.86 31.04
CA TYR E 8 -35.59 1.84 29.62
C TYR E 8 -36.64 2.60 28.82
N ASP E 9 -36.18 3.46 27.93
CA ASP E 9 -37.08 4.19 27.06
C ASP E 9 -37.84 3.23 26.16
N PRO E 10 -39.16 3.35 26.06
CA PRO E 10 -39.91 2.44 25.19
C PRO E 10 -39.43 2.41 23.75
N ARG E 11 -39.07 3.56 23.19
CA ARG E 11 -38.63 3.60 21.79
C ARG E 11 -37.34 2.84 21.58
N ARG E 12 -36.39 2.97 22.51
CA ARG E 12 -35.09 2.33 22.32
C ARG E 12 -35.19 0.82 22.48
N VAL E 13 -36.10 0.33 23.33
CA VAL E 13 -36.28 -1.11 23.42
C VAL E 13 -37.05 -1.64 22.21
N LEU E 14 -37.99 -0.86 21.68
CA LEU E 14 -38.70 -1.29 20.49
C LEU E 14 -37.76 -1.42 19.30
N ILE E 15 -36.84 -0.46 19.14
CA ILE E 15 -35.83 -0.58 18.09
C ILE E 15 -34.92 -1.77 18.36
N GLY E 16 -34.52 -1.96 19.61
CA GLY E 16 -33.65 -3.08 19.93
C GLY E 16 -34.31 -4.42 19.67
N ILE E 17 -35.57 -4.56 20.08
CA ILE E 17 -36.28 -5.83 19.90
C ILE E 17 -36.59 -6.07 18.43
N PHE E 18 -37.08 -5.04 17.72
CA PHE E 18 -37.40 -5.22 16.31
C PHE E 18 -36.16 -5.54 15.49
N SER E 19 -35.03 -4.92 15.82
CA SER E 19 -33.78 -5.25 15.15
C SER E 19 -33.38 -6.69 15.44
N TRP E 20 -33.50 -7.11 16.70
CA TRP E 20 -33.17 -8.49 17.06
C TRP E 20 -34.12 -9.47 16.37
N LEU E 21 -35.41 -9.17 16.36
CA LEU E 21 -36.36 -10.07 15.71
C LEU E 21 -36.13 -10.13 14.20
N ALA E 22 -35.82 -8.98 13.58
CA ALA E 22 -35.54 -8.99 12.15
C ALA E 22 -34.30 -9.81 11.84
N VAL E 23 -33.23 -9.61 12.60
CA VAL E 23 -32.00 -10.37 12.39
C VAL E 23 -32.26 -11.85 12.63
N LEU E 24 -32.94 -12.17 13.73
CA LEU E 24 -33.17 -13.57 14.09
C LEU E 24 -34.05 -14.27 13.07
N ALA E 25 -35.11 -13.61 12.60
CA ALA E 25 -35.99 -14.21 11.61
C ALA E 25 -35.25 -14.50 10.32
N LEU E 26 -34.40 -13.56 9.88
CA LEU E 26 -33.63 -13.77 8.67
C LEU E 26 -32.64 -14.91 8.82
N VAL E 27 -31.96 -14.98 9.97
CA VAL E 27 -30.96 -16.02 10.17
C VAL E 27 -31.60 -17.40 10.12
N ILE E 28 -32.71 -17.57 10.84
CA ILE E 28 -33.34 -18.88 10.90
C ILE E 28 -33.90 -19.28 9.53
N HIS E 29 -34.58 -18.35 8.85
CA HIS E 29 -35.05 -18.66 7.50
C HIS E 29 -33.89 -19.00 6.58
N PHE E 30 -32.77 -18.28 6.70
CA PHE E 30 -31.60 -18.58 5.88
C PHE E 30 -30.95 -19.90 6.28
N ILE E 31 -30.89 -20.20 7.58
CA ILE E 31 -30.32 -21.46 8.02
C ILE E 31 -31.16 -22.63 7.53
N LEU E 32 -32.49 -22.48 7.55
CA LEU E 32 -33.36 -23.52 7.02
C LEU E 32 -33.14 -23.71 5.52
N LEU E 33 -32.94 -22.61 4.79
CA LEU E 33 -32.66 -22.72 3.36
C LEU E 33 -31.33 -23.41 3.08
N SER E 34 -30.40 -23.35 4.05
CA SER E 34 -29.13 -24.07 3.89
C SER E 34 -29.33 -25.57 4.01
N THR E 35 -30.13 -26.00 4.98
CA THR E 35 -30.39 -27.42 5.16
C THR E 35 -31.33 -27.92 4.07
N ASP E 36 -31.02 -29.11 3.54
CA ASP E 36 -31.83 -29.67 2.45
C ASP E 36 -33.21 -30.06 2.94
N ARG E 37 -33.31 -30.60 4.16
CA ARG E 37 -34.60 -31.11 4.65
C ARG E 37 -35.62 -29.98 4.81
N PHE E 38 -35.17 -28.80 5.22
CA PHE E 38 -36.06 -27.68 5.50
C PHE E 38 -35.96 -26.57 4.46
N ASN E 39 -35.37 -26.87 3.30
CA ASN E 39 -35.33 -25.93 2.18
C ASN E 39 -36.63 -26.10 1.41
N TRP E 40 -37.65 -25.33 1.79
CA TRP E 40 -38.97 -25.52 1.20
C TRP E 40 -38.98 -25.18 -0.28
N VAL E 41 -38.31 -24.09 -0.67
CA VAL E 41 -38.24 -23.76 -2.10
C VAL E 41 -37.32 -24.74 -2.82
N GLY E 42 -36.29 -25.24 -2.15
CA GLY E 42 -35.44 -26.25 -2.75
C GLY E 42 -36.18 -27.55 -3.04
N GLY E 43 -37.17 -27.87 -2.22
CA GLY E 43 -38.02 -29.02 -2.47
C GLY E 43 -37.34 -30.37 -2.37
N ALA E 44 -36.48 -30.57 -1.39
CA ALA E 44 -35.87 -31.88 -1.19
C ALA E 44 -36.88 -32.85 -0.58
N ALA E 45 -36.66 -34.13 -0.83
CA ALA E 45 -37.55 -35.17 -0.33
C ALA E 45 -37.01 -35.73 0.99
N VAL E 46 -37.93 -36.29 1.78
CA VAL E 46 -37.55 -36.92 3.04
C VAL E 46 -37.33 -38.41 2.83
N SER F 6 -38.06 8.26 37.72
CA SER F 6 -37.78 7.33 36.63
C SER F 6 -36.95 8.01 35.56
N LEU F 7 -35.84 7.40 35.16
CA LEU F 7 -35.00 7.99 34.13
C LEU F 7 -35.46 7.66 32.73
N THR F 8 -36.76 7.80 32.46
CA THR F 8 -37.32 7.71 31.12
C THR F 8 -38.36 8.79 30.86
N GLY F 9 -38.87 9.44 31.89
CA GLY F 9 -39.96 10.37 31.78
C GLY F 9 -41.33 9.76 31.96
N LEU F 10 -41.46 8.44 31.78
CA LEU F 10 -42.76 7.80 31.92
C LEU F 10 -43.17 7.74 33.38
N SER F 11 -44.40 8.13 33.65
CA SER F 11 -44.98 7.98 34.98
C SER F 11 -45.33 6.52 35.23
N ASP F 12 -45.75 6.24 36.46
CA ASP F 12 -46.14 4.87 36.80
C ASP F 12 -47.30 4.39 35.93
N GLU F 13 -48.31 5.24 35.73
CA GLU F 13 -49.47 4.82 34.94
C GLU F 13 -49.12 4.65 33.48
N GLU F 14 -48.23 5.49 32.94
CA GLU F 14 -47.80 5.31 31.55
C GLU F 14 -46.88 4.12 31.40
N ALA F 15 -46.06 3.84 32.42
CA ALA F 15 -45.26 2.61 32.41
C ALA F 15 -46.15 1.38 32.41
N LYS F 16 -47.23 1.41 33.19
CA LYS F 16 -48.17 0.30 33.20
C LYS F 16 -48.94 0.21 31.88
N GLU F 17 -49.30 1.35 31.30
CA GLU F 17 -50.01 1.34 30.03
C GLU F 17 -49.13 0.75 28.93
N PHE F 18 -47.85 1.17 28.87
CA PHE F 18 -46.96 0.59 27.87
C PHE F 18 -46.75 -0.90 28.11
N HIS F 19 -46.65 -1.32 29.37
CA HIS F 19 -46.45 -2.72 29.67
C HIS F 19 -47.64 -3.56 29.21
N SER F 20 -48.86 -3.07 29.41
CA SER F 20 -50.04 -3.85 29.02
C SER F 20 -50.07 -4.07 27.52
N ILE F 21 -49.83 -3.02 26.73
CA ILE F 21 -49.82 -3.18 25.28
C ILE F 21 -48.60 -4.01 24.85
N PHE F 22 -47.46 -3.80 25.49
CA PHE F 22 -46.26 -4.56 25.16
C PHE F 22 -46.47 -6.06 25.40
N MET F 23 -47.01 -6.41 26.57
CA MET F 23 -47.27 -7.82 26.86
C MET F 23 -48.31 -8.39 25.91
N GLN F 24 -49.35 -7.61 25.58
CA GLN F 24 -50.35 -8.08 24.62
C GLN F 24 -49.72 -8.29 23.25
N SER F 25 -48.90 -7.33 22.80
CA SER F 25 -48.25 -7.47 21.50
C SER F 25 -47.28 -8.65 21.48
N PHE F 26 -46.56 -8.86 22.59
CA PHE F 26 -45.68 -10.01 22.69
C PHE F 26 -46.47 -11.32 22.63
N LEU F 27 -47.60 -11.38 23.34
CA LEU F 27 -48.40 -12.61 23.34
C LEU F 27 -48.99 -12.89 21.96
N ILE F 28 -49.46 -11.85 21.27
CA ILE F 28 -49.99 -12.05 19.93
C ILE F 28 -48.89 -12.46 18.97
N PHE F 29 -47.70 -11.88 19.13
CA PHE F 29 -46.56 -12.29 18.31
C PHE F 29 -46.18 -13.74 18.59
N THR F 30 -46.15 -14.12 19.87
CA THR F 30 -45.79 -15.49 20.22
C THR F 30 -46.88 -16.47 19.81
N ALA F 31 -48.14 -16.06 19.91
CA ALA F 31 -49.24 -16.95 19.51
C ALA F 31 -49.20 -17.26 18.02
N VAL F 32 -48.92 -16.25 17.19
CA VAL F 32 -48.76 -16.50 15.76
C VAL F 32 -47.56 -17.41 15.51
N ALA F 33 -46.48 -17.21 16.27
CA ALA F 33 -45.30 -18.05 16.13
C ALA F 33 -45.61 -19.49 16.50
N VAL F 34 -46.41 -19.71 17.55
CA VAL F 34 -46.79 -21.07 17.93
C VAL F 34 -47.61 -21.73 16.83
N VAL F 35 -48.56 -20.98 16.25
CA VAL F 35 -49.33 -21.51 15.14
C VAL F 35 -48.43 -21.83 13.95
N ALA F 36 -47.45 -20.95 13.69
CA ALA F 36 -46.50 -21.20 12.61
C ALA F 36 -45.69 -22.46 12.86
N HIS F 37 -45.30 -22.70 14.10
CA HIS F 37 -44.48 -23.87 14.42
C HIS F 37 -45.30 -25.15 14.37
N PHE F 38 -46.57 -25.08 14.77
CA PHE F 38 -47.44 -26.26 14.65
C PHE F 38 -47.63 -26.63 13.19
N LEU F 39 -47.83 -25.65 12.32
CA LEU F 39 -47.90 -25.93 10.89
C LEU F 39 -46.55 -26.44 10.37
N ALA F 40 -45.45 -25.85 10.84
CA ALA F 40 -44.13 -26.29 10.42
C ALA F 40 -43.85 -27.71 10.87
N TRP F 41 -44.21 -28.05 12.11
CA TRP F 41 -43.99 -29.41 12.60
C TRP F 41 -44.86 -30.41 11.84
N ALA F 42 -46.10 -30.05 11.53
CA ALA F 42 -46.97 -30.93 10.77
C ALA F 42 -46.39 -31.21 9.39
N TRP F 43 -45.68 -30.24 8.81
CA TRP F 43 -45.04 -30.47 7.51
C TRP F 43 -43.84 -31.41 7.65
N ARG F 44 -42.84 -31.00 8.41
CA ARG F 44 -41.65 -31.81 8.64
C ARG F 44 -41.13 -31.60 10.06
N PRO F 45 -41.25 -32.61 10.93
CA PRO F 45 -40.72 -32.45 12.29
C PRO F 45 -39.21 -32.25 12.28
N TRP F 46 -38.74 -31.45 13.23
CA TRP F 46 -37.34 -31.05 13.29
C TRP F 46 -36.58 -31.69 14.45
N ILE F 47 -37.17 -32.67 15.13
CA ILE F 47 -36.47 -33.41 16.18
C ILE F 47 -36.25 -34.83 15.67
N PRO F 48 -35.02 -35.21 15.33
CA PRO F 48 -34.78 -36.55 14.79
C PRO F 48 -34.90 -37.62 15.86
N GLY F 49 -35.15 -38.84 15.40
CA GLY F 49 -35.15 -40.00 16.27
C GLY F 49 -33.75 -40.56 16.47
N ALA F 50 -33.69 -41.70 17.16
CA ALA F 50 -32.41 -42.34 17.42
C ALA F 50 -31.73 -42.77 16.13
N GLU F 51 -32.50 -43.21 15.14
CA GLU F 51 -31.97 -43.58 13.84
C GLU F 51 -31.90 -42.40 12.88
N GLY F 52 -32.27 -41.20 13.34
CA GLY F 52 -32.22 -40.02 12.49
C GLY F 52 -33.55 -39.73 11.83
N TYR F 53 -33.51 -39.09 10.67
CA TYR F 53 -34.71 -38.81 9.91
C TYR F 53 -35.01 -39.94 8.93
N MET G 1 -30.10 -11.23 47.98
CA MET G 1 -28.95 -10.78 47.21
C MET G 1 -29.25 -9.44 46.54
N TRP G 2 -30.19 -8.71 47.12
CA TRP G 2 -30.56 -7.41 46.58
C TRP G 2 -29.46 -6.37 46.77
N ARG G 3 -28.48 -6.65 47.63
CA ARG G 3 -27.35 -5.75 47.80
C ARG G 3 -26.47 -5.65 46.56
N MET G 4 -26.64 -6.56 45.59
CA MET G 4 -25.86 -6.49 44.36
C MET G 4 -26.12 -5.18 43.62
N TRP G 5 -27.34 -4.69 43.68
CA TRP G 5 -27.73 -3.53 42.89
C TRP G 5 -27.38 -2.21 43.56
N LYS G 6 -26.82 -2.25 44.77
CA LYS G 6 -26.14 -1.08 45.32
C LYS G 6 -24.72 -0.93 44.81
N ILE G 7 -24.14 -2.01 44.29
CA ILE G 7 -22.79 -1.99 43.74
C ILE G 7 -22.80 -1.86 42.23
N LEU G 8 -23.51 -2.76 41.55
CA LEU G 8 -23.60 -2.76 40.10
C LEU G 8 -24.88 -2.08 39.67
N ASP G 9 -24.79 -1.17 38.70
CA ASP G 9 -25.98 -0.51 38.19
C ASP G 9 -26.89 -1.54 37.53
N TYR G 10 -28.12 -1.63 38.04
CA TYR G 10 -29.05 -2.65 37.55
C TYR G 10 -29.40 -2.44 36.09
N ARG G 11 -29.56 -1.18 35.66
CA ARG G 11 -29.98 -0.91 34.30
C ARG G 11 -28.93 -1.37 33.28
N ARG G 12 -27.65 -1.10 33.55
CA ARG G 12 -26.60 -1.49 32.62
C ARG G 12 -26.29 -2.99 32.70
N THR G 13 -26.48 -3.59 33.87
CA THR G 13 -26.27 -5.03 34.00
C THR G 13 -27.29 -5.82 33.19
N VAL G 14 -28.55 -5.37 33.17
CA VAL G 14 -29.59 -6.08 32.43
C VAL G 14 -29.27 -6.06 30.94
N VAL G 15 -28.87 -4.91 30.41
CA VAL G 15 -28.49 -4.82 29.00
C VAL G 15 -27.27 -5.68 28.72
N LEU G 16 -26.29 -5.64 29.63
CA LEU G 16 -25.11 -6.48 29.50
C LEU G 16 -25.49 -7.96 29.53
N ALA G 17 -26.41 -8.33 30.41
CA ALA G 17 -26.85 -9.71 30.50
C ALA G 17 -27.54 -10.16 29.22
N HIS G 18 -28.43 -9.32 28.67
CA HIS G 18 -29.19 -9.72 27.50
C HIS G 18 -28.30 -9.87 26.28
N VAL G 19 -27.42 -8.90 26.03
CA VAL G 19 -26.51 -8.99 24.88
C VAL G 19 -25.55 -10.15 25.07
N GLY G 20 -25.01 -10.29 26.28
CA GLY G 20 -24.07 -11.38 26.54
C GLY G 20 -24.71 -12.74 26.41
N MET G 21 -25.94 -12.90 26.92
CA MET G 21 -26.63 -14.18 26.77
C MET G 21 -27.06 -14.42 25.33
N ALA G 22 -27.32 -13.36 24.57
CA ALA G 22 -27.63 -13.54 23.15
C ALA G 22 -26.46 -14.18 22.41
N VAL G 23 -25.26 -13.68 22.66
CA VAL G 23 -24.07 -14.25 22.02
C VAL G 23 -23.87 -15.69 22.49
N LEU G 24 -24.02 -15.94 23.79
CA LEU G 24 -23.83 -17.28 24.32
C LEU G 24 -24.88 -18.25 23.80
N ALA G 25 -26.15 -17.82 23.77
CA ALA G 25 -27.20 -18.71 23.28
C ALA G 25 -27.00 -19.05 21.81
N LEU G 26 -26.63 -18.05 21.00
CA LEU G 26 -26.29 -18.34 19.61
C LEU G 26 -25.07 -19.24 19.51
N LEU G 27 -24.05 -18.97 20.32
CA LEU G 27 -22.81 -19.74 20.25
C LEU G 27 -23.05 -21.21 20.55
N ILE G 28 -23.84 -21.51 21.59
CA ILE G 28 -24.08 -22.91 21.96
C ILE G 28 -24.96 -23.60 20.92
N HIS G 29 -25.97 -22.90 20.41
CA HIS G 29 -26.80 -23.48 19.35
C HIS G 29 -25.96 -23.78 18.12
N PHE G 30 -25.02 -22.89 17.78
CA PHE G 30 -24.14 -23.13 16.64
C PHE G 30 -23.15 -24.27 16.90
N ILE G 31 -22.72 -24.43 18.15
CA ILE G 31 -21.83 -25.54 18.48
C ILE G 31 -22.54 -26.87 18.24
N LEU G 32 -23.80 -26.96 18.64
CA LEU G 32 -24.57 -28.19 18.42
C LEU G 32 -24.77 -28.46 16.93
N LEU G 33 -24.99 -27.41 16.14
CA LEU G 33 -25.13 -27.57 14.70
C LEU G 33 -23.83 -28.04 14.05
N SER G 34 -22.68 -27.79 14.67
CA SER G 34 -21.43 -28.28 14.12
C SER G 34 -21.24 -29.77 14.36
N THR G 35 -21.81 -30.30 15.42
CA THR G 35 -21.66 -31.71 15.75
C THR G 35 -22.51 -32.57 14.85
N GLU G 36 -22.24 -33.88 14.88
CA GLU G 36 -23.04 -34.84 14.14
C GLU G 36 -24.22 -35.34 14.95
N ASN G 37 -24.03 -35.58 16.25
CA ASN G 37 -25.06 -36.18 17.08
C ASN G 37 -26.09 -35.19 17.60
N PHE G 38 -25.84 -33.89 17.49
CA PHE G 38 -26.74 -32.91 18.06
C PHE G 38 -27.20 -31.85 17.05
N ASN G 39 -26.91 -32.04 15.77
CA ASN G 39 -27.46 -31.18 14.74
C ASN G 39 -28.88 -31.68 14.45
N TRP G 40 -29.87 -31.00 15.04
CA TRP G 40 -31.26 -31.42 14.86
C TRP G 40 -31.76 -31.16 13.45
N LEU G 41 -31.15 -30.23 12.72
CA LEU G 41 -31.57 -29.97 11.35
C LEU G 41 -31.07 -31.03 10.39
N GLN G 42 -29.85 -31.52 10.60
CA GLN G 42 -29.34 -32.61 9.76
C GLN G 42 -29.99 -33.94 10.14
N GLY G 43 -30.19 -34.18 11.43
CA GLY G 43 -30.82 -35.40 11.89
C GLY G 43 -30.03 -36.65 11.61
N ASN G 44 -28.73 -36.62 11.91
CA ASN G 44 -27.90 -37.79 11.79
C ASN G 44 -28.28 -38.81 12.86
N PRO G 45 -27.98 -40.09 12.63
CA PRO G 45 -28.23 -41.10 13.67
C PRO G 45 -27.44 -40.78 14.93
N TYR G 46 -28.06 -41.05 16.07
CA TYR G 46 -27.44 -40.80 17.36
C TYR G 46 -26.49 -41.93 17.75
N ASN H 7 -26.19 6.69 46.74
CA ASN H 7 -26.58 5.71 45.75
C ASN H 7 -28.07 5.37 45.85
N VAL H 8 -28.42 4.14 45.48
CA VAL H 8 -29.81 3.70 45.54
C VAL H 8 -30.18 3.33 46.98
N SER H 9 -31.46 3.41 47.28
CA SER H 9 -31.95 3.08 48.60
C SER H 9 -32.22 1.58 48.70
N ASP H 10 -32.51 1.14 49.94
CA ASP H 10 -32.85 -0.27 50.15
C ASP H 10 -34.09 -0.67 49.36
N GLU H 11 -35.07 0.23 49.27
CA GLU H 11 -36.32 -0.08 48.59
C GLU H 11 -36.09 -0.23 47.09
N GLU H 12 -35.35 0.70 46.48
CA GLU H 12 -35.08 0.62 45.05
C GLU H 12 -34.23 -0.60 44.73
N ALA H 13 -33.25 -0.92 45.57
CA ALA H 13 -32.47 -2.13 45.38
C ALA H 13 -33.34 -3.38 45.49
N LYS H 14 -34.24 -3.41 46.46
CA LYS H 14 -35.15 -4.54 46.60
C LYS H 14 -36.14 -4.60 45.44
N GLU H 15 -36.58 -3.43 44.96
CA GLU H 15 -37.48 -3.42 43.81
C GLU H 15 -36.79 -3.97 42.57
N PHE H 16 -35.53 -3.61 42.35
CA PHE H 16 -34.79 -4.16 41.22
C PHE H 16 -34.60 -5.66 41.36
N HIS H 17 -34.26 -6.12 42.56
CA HIS H 17 -34.02 -7.55 42.76
C HIS H 17 -35.29 -8.36 42.63
N ALA H 18 -36.43 -7.80 43.05
CA ALA H 18 -37.71 -8.46 42.80
C ALA H 18 -37.98 -8.57 41.31
N MET H 19 -37.68 -7.49 40.56
CA MET H 19 -37.80 -7.55 39.11
C MET H 19 -36.82 -8.56 38.53
N PHE H 20 -35.61 -8.62 39.08
CA PHE H 20 -34.61 -9.58 38.62
C PHE H 20 -35.00 -11.01 38.96
N SER H 21 -35.62 -11.22 40.13
CA SER H 21 -35.98 -12.57 40.56
C SER H 21 -37.10 -13.15 39.71
N GLN H 22 -38.03 -12.30 39.26
CA GLN H 22 -39.08 -12.78 38.36
C GLN H 22 -38.48 -13.36 37.09
N ALA H 23 -37.61 -12.59 36.43
CA ALA H 23 -37.05 -13.02 35.16
C ALA H 23 -36.08 -14.18 35.34
N PHE H 24 -35.30 -14.17 36.42
CA PHE H 24 -34.34 -15.24 36.66
C PHE H 24 -35.05 -16.57 36.84
N THR H 25 -36.15 -16.58 37.59
CA THR H 25 -36.89 -17.82 37.82
C THR H 25 -37.48 -18.35 36.52
N VAL H 26 -38.15 -17.48 35.75
CA VAL H 26 -38.73 -17.91 34.49
C VAL H 26 -37.65 -18.37 33.52
N TYR H 27 -36.55 -17.61 33.42
CA TYR H 27 -35.49 -17.97 32.49
C TYR H 27 -34.82 -19.28 32.89
N ILE H 28 -34.53 -19.46 34.18
CA ILE H 28 -33.92 -20.71 34.63
C ILE H 28 -34.92 -21.86 34.55
N GLY H 29 -36.21 -21.58 34.80
CA GLY H 29 -37.20 -22.63 34.69
C GLY H 29 -37.35 -23.16 33.28
N VAL H 30 -37.38 -22.25 32.30
CA VAL H 30 -37.43 -22.69 30.91
C VAL H 30 -36.13 -23.40 30.53
N ALA H 31 -34.99 -22.88 31.00
CA ALA H 31 -33.71 -23.51 30.68
C ALA H 31 -33.62 -24.91 31.27
N VAL H 32 -34.09 -25.09 32.51
CA VAL H 32 -34.07 -26.41 33.13
C VAL H 32 -34.98 -27.37 32.38
N VAL H 33 -36.19 -26.92 32.05
CA VAL H 33 -37.13 -27.76 31.31
C VAL H 33 -36.55 -28.11 29.94
N ALA H 34 -35.91 -27.13 29.29
CA ALA H 34 -35.30 -27.37 27.99
C ALA H 34 -34.21 -28.43 28.08
N HIS H 35 -33.40 -28.38 29.13
CA HIS H 35 -32.32 -29.35 29.27
C HIS H 35 -32.83 -30.74 29.62
N ILE H 36 -33.92 -30.83 30.39
CA ILE H 36 -34.51 -32.13 30.66
C ILE H 36 -35.02 -32.75 29.37
N LEU H 37 -35.69 -31.95 28.53
CA LEU H 37 -36.14 -32.45 27.23
C LEU H 37 -34.94 -32.82 26.35
N ALA H 38 -33.89 -32.00 26.37
CA ALA H 38 -32.72 -32.26 25.54
C ALA H 38 -32.04 -33.56 25.97
N TRP H 39 -31.92 -33.80 27.26
CA TRP H 39 -31.35 -35.06 27.74
C TRP H 39 -32.24 -36.24 27.40
N ALA H 40 -33.56 -36.08 27.52
CA ALA H 40 -34.47 -37.14 27.14
C ALA H 40 -34.36 -37.46 25.65
N TRP H 41 -34.00 -36.46 24.84
CA TRP H 41 -33.83 -36.68 23.41
C TRP H 41 -32.51 -37.37 23.12
N ARG H 42 -31.39 -36.71 23.43
CA ARG H 42 -30.07 -37.27 23.17
C ARG H 42 -29.13 -36.81 24.27
N PRO H 43 -28.78 -37.70 25.20
CA PRO H 43 -27.81 -37.33 26.25
C PRO H 43 -26.47 -36.92 25.63
N TRP H 44 -25.86 -35.90 26.22
CA TRP H 44 -24.64 -35.32 25.67
C TRP H 44 -23.39 -35.73 26.43
N ILE H 45 -23.50 -36.64 27.37
CA ILE H 45 -22.32 -37.14 28.07
C ILE H 45 -22.03 -38.54 27.55
N PRO H 46 -21.01 -38.71 26.71
CA PRO H 46 -20.75 -40.03 26.14
C PRO H 46 -20.12 -40.98 27.16
N GLY H 47 -20.33 -42.26 26.94
CA GLY H 47 -19.68 -43.29 27.72
C GLY H 47 -18.29 -43.58 27.22
N ASP H 48 -17.68 -44.63 27.79
CA ASP H 48 -16.34 -45.03 27.38
C ASP H 48 -16.30 -45.54 25.94
N GLU H 49 -17.41 -46.05 25.43
CA GLU H 49 -17.51 -46.49 24.06
C GLU H 49 -18.10 -45.42 23.14
N GLY H 50 -18.39 -44.24 23.67
CA GLY H 50 -19.00 -43.18 22.89
C GLY H 50 -20.49 -43.04 23.17
N PHE H 51 -21.24 -42.58 22.18
CA PHE H 51 -22.69 -42.45 22.32
C PHE H 51 -23.40 -43.73 21.93
N MET I 1 -7.17 -7.69 54.63
CA MET I 1 -7.40 -8.02 53.22
C MET I 1 -8.65 -7.34 52.71
N TRP I 2 -9.54 -6.95 53.64
CA TRP I 2 -10.73 -6.20 53.28
C TRP I 2 -10.41 -4.81 52.77
N ARG I 3 -9.20 -4.32 52.98
CA ARG I 3 -8.82 -2.99 52.49
C ARG I 3 -8.78 -2.93 50.98
N LEU I 4 -8.80 -4.09 50.30
CA LEU I 4 -8.81 -4.12 48.85
C LEU I 4 -9.97 -3.32 48.28
N TRP I 5 -11.10 -3.31 48.98
CA TRP I 5 -12.29 -2.61 48.52
C TRP I 5 -12.27 -1.13 48.85
N LYS I 6 -11.27 -0.66 49.60
CA LYS I 6 -11.02 0.76 49.79
C LYS I 6 -10.06 1.31 48.75
N LEU I 7 -9.00 0.56 48.45
CA LEU I 7 -8.02 1.01 47.46
C LEU I 7 -8.61 0.98 46.06
N TYR I 8 -9.37 -0.05 45.74
CA TYR I 8 -9.96 -0.22 44.42
C TYR I 8 -11.46 0.05 44.47
N ASP I 9 -11.99 0.47 43.34
CA ASP I 9 -13.43 0.57 43.18
C ASP I 9 -14.01 -0.83 43.05
N PRO I 10 -14.90 -1.24 43.94
CA PRO I 10 -15.43 -2.62 43.86
C PRO I 10 -16.10 -2.93 42.54
N ARG I 11 -16.74 -1.95 41.91
CA ARG I 11 -17.37 -2.20 40.61
C ARG I 11 -16.35 -2.60 39.57
N ARG I 12 -15.21 -1.91 39.53
CA ARG I 12 -14.19 -2.22 38.52
C ARG I 12 -13.51 -3.55 38.80
N VAL I 13 -13.39 -3.95 40.06
CA VAL I 13 -12.82 -5.25 40.38
C VAL I 13 -13.76 -6.37 39.97
N LEU I 14 -15.06 -6.22 40.25
CA LEU I 14 -16.01 -7.26 39.89
C LEU I 14 -16.08 -7.45 38.37
N ILE I 15 -16.08 -6.36 37.62
CA ILE I 15 -16.05 -6.47 36.16
C ILE I 15 -14.75 -7.12 35.71
N GLY I 16 -13.63 -6.73 36.32
CA GLY I 16 -12.35 -7.34 35.98
C GLY I 16 -12.33 -8.83 36.26
N ILE I 17 -12.85 -9.23 37.43
CA ILE I 17 -12.90 -10.65 37.78
C ILE I 17 -13.85 -11.39 36.84
N PHE I 18 -15.05 -10.85 36.63
CA PHE I 18 -16.03 -11.54 35.80
C PHE I 18 -15.58 -11.60 34.35
N SER I 19 -14.87 -10.59 33.87
CA SER I 19 -14.29 -10.66 32.53
C SER I 19 -13.28 -11.80 32.45
N TRP I 20 -12.43 -11.93 33.47
CA TRP I 20 -11.48 -13.04 33.49
C TRP I 20 -12.20 -14.38 33.60
N LEU I 21 -13.19 -14.46 34.50
CA LEU I 21 -13.90 -15.72 34.70
C LEU I 21 -14.63 -16.16 33.44
N ALA I 22 -15.25 -15.21 32.74
CA ALA I 22 -15.95 -15.55 31.50
C ALA I 22 -14.96 -15.97 30.41
N VAL I 23 -13.88 -15.22 30.24
CA VAL I 23 -12.90 -15.54 29.21
C VAL I 23 -12.22 -16.87 29.52
N LEU I 24 -11.81 -17.06 30.78
CA LEU I 24 -11.15 -18.30 31.16
C LEU I 24 -12.06 -19.50 30.97
N ALA I 25 -13.32 -19.38 31.37
CA ALA I 25 -14.26 -20.48 31.18
C ALA I 25 -14.46 -20.79 29.71
N LEU I 26 -14.58 -19.75 28.88
CA LEU I 26 -14.69 -19.97 27.44
C LEU I 26 -13.45 -20.65 26.89
N VAL I 27 -12.26 -20.23 27.34
CA VAL I 27 -11.03 -20.82 26.84
C VAL I 27 -10.95 -22.30 27.21
N ILE I 28 -11.28 -22.62 28.47
CA ILE I 28 -11.14 -24.00 28.93
C ILE I 28 -12.16 -24.91 28.25
N HIS I 29 -13.41 -24.47 28.17
CA HIS I 29 -14.43 -25.27 27.50
C HIS I 29 -14.06 -25.50 26.05
N PHE I 30 -13.51 -24.49 25.38
CA PHE I 30 -13.13 -24.63 23.98
C PHE I 30 -11.93 -25.56 23.82
N ILE I 31 -10.97 -25.50 24.75
CA ILE I 31 -9.83 -26.40 24.69
C ILE I 31 -10.28 -27.84 24.81
N LEU I 32 -11.19 -28.12 25.74
CA LEU I 32 -11.73 -29.47 25.87
C LEU I 32 -12.46 -29.91 24.61
N LEU I 33 -13.23 -29.00 24.01
CA LEU I 33 -13.91 -29.31 22.76
C LEU I 33 -12.94 -29.59 21.63
N SER I 34 -11.72 -29.05 21.70
CA SER I 34 -10.71 -29.30 20.67
C SER I 34 -10.03 -30.65 20.83
N THR I 35 -10.00 -31.21 22.04
CA THR I 35 -9.42 -32.52 22.25
C THR I 35 -10.40 -33.60 21.77
N ASP I 36 -9.91 -34.83 21.72
CA ASP I 36 -10.79 -35.95 21.40
C ASP I 36 -11.30 -36.66 22.65
N ARG I 37 -10.52 -36.66 23.73
CA ARG I 37 -10.93 -37.37 24.93
C ARG I 37 -12.05 -36.65 25.65
N PHE I 38 -11.98 -35.32 25.73
CA PHE I 38 -12.93 -34.53 26.53
C PHE I 38 -13.96 -33.80 25.69
N ASN I 39 -13.99 -34.02 24.38
CA ASN I 39 -14.99 -33.39 23.52
C ASN I 39 -16.30 -34.14 23.73
N TRP I 40 -17.15 -33.61 24.61
CA TRP I 40 -18.33 -34.34 25.03
C TRP I 40 -19.38 -34.42 23.92
N VAL I 41 -19.62 -33.32 23.21
CA VAL I 41 -20.58 -33.35 22.12
C VAL I 41 -20.03 -34.09 20.91
N GLY I 42 -18.70 -34.21 20.82
CA GLY I 42 -18.13 -35.08 19.80
C GLY I 42 -18.44 -36.55 20.03
N GLY I 43 -18.51 -36.96 21.29
CA GLY I 43 -18.88 -38.32 21.64
C GLY I 43 -17.88 -39.39 21.21
N ALA I 44 -16.59 -39.13 21.40
CA ALA I 44 -15.56 -40.07 21.00
C ALA I 44 -15.28 -41.06 22.13
N ALA I 45 -15.02 -42.31 21.75
CA ALA I 45 -14.69 -43.34 22.71
C ALA I 45 -13.29 -43.11 23.29
N VAL I 46 -13.04 -43.72 24.45
CA VAL I 46 -11.76 -43.58 25.12
C VAL I 46 -10.71 -44.47 24.45
N LEU J 7 -19.27 5.26 46.70
CA LEU J 7 -18.99 3.85 46.53
C LEU J 7 -17.50 3.64 46.30
N THR J 8 -16.87 4.58 45.59
CA THR J 8 -15.43 4.52 45.40
C THR J 8 -14.69 4.70 46.71
N GLY J 9 -15.11 5.67 47.52
CA GLY J 9 -14.54 5.87 48.83
C GLY J 9 -15.30 5.15 49.93
N LEU J 10 -15.31 3.82 49.88
CA LEU J 10 -16.04 3.05 50.87
C LEU J 10 -15.47 3.27 52.26
N SER J 11 -16.36 3.25 53.26
CA SER J 11 -15.94 3.27 54.64
C SER J 11 -15.42 1.88 55.05
N ASP J 12 -14.81 1.83 56.23
CA ASP J 12 -14.29 0.55 56.71
C ASP J 12 -15.40 -0.46 56.95
N GLU J 13 -16.52 -0.01 57.51
CA GLU J 13 -17.63 -0.92 57.78
C GLU J 13 -18.22 -1.48 56.49
N GLU J 14 -18.41 -0.62 55.49
CA GLU J 14 -18.96 -1.07 54.21
C GLU J 14 -17.96 -1.92 53.45
N ALA J 15 -16.67 -1.60 53.54
CA ALA J 15 -15.65 -2.44 52.92
C ALA J 15 -15.60 -3.81 53.57
N LYS J 16 -15.70 -3.87 54.90
CA LYS J 16 -15.70 -5.15 55.60
C LYS J 16 -16.91 -5.99 55.22
N GLU J 17 -18.08 -5.35 55.07
CA GLU J 17 -19.27 -6.11 54.71
C GLU J 17 -19.24 -6.54 53.24
N PHE J 18 -18.67 -5.71 52.36
CA PHE J 18 -18.48 -6.14 50.98
C PHE J 18 -17.58 -7.36 50.91
N HIS J 19 -16.50 -7.36 51.69
CA HIS J 19 -15.57 -8.48 51.68
C HIS J 19 -16.23 -9.76 52.17
N SER J 20 -17.06 -9.66 53.21
CA SER J 20 -17.73 -10.85 53.73
C SER J 20 -18.63 -11.46 52.68
N ILE J 21 -19.39 -10.65 51.95
CA ILE J 21 -20.20 -11.17 50.86
C ILE J 21 -19.31 -11.63 49.71
N PHE J 22 -18.20 -10.93 49.48
CA PHE J 22 -17.29 -11.33 48.41
C PHE J 22 -16.69 -12.70 48.68
N MET J 23 -16.31 -12.95 49.93
CA MET J 23 -15.75 -14.27 50.26
C MET J 23 -16.82 -15.35 50.20
N GLN J 24 -18.03 -15.06 50.67
CA GLN J 24 -19.10 -16.05 50.59
C GLN J 24 -19.45 -16.37 49.15
N SER J 25 -19.57 -15.34 48.31
CA SER J 25 -19.85 -15.57 46.89
C SER J 25 -18.71 -16.33 46.23
N PHE J 26 -17.47 -15.98 46.57
CA PHE J 26 -16.33 -16.69 46.00
C PHE J 26 -16.30 -18.14 46.45
N LEU J 27 -16.62 -18.40 47.73
CA LEU J 27 -16.62 -19.78 48.22
C LEU J 27 -17.74 -20.60 47.57
N ILE J 28 -18.92 -20.00 47.39
CA ILE J 28 -20.02 -20.72 46.74
C ILE J 28 -19.65 -21.01 45.29
N PHE J 29 -19.07 -20.03 44.60
CA PHE J 29 -18.62 -20.23 43.24
C PHE J 29 -17.55 -21.32 43.16
N THR J 30 -16.60 -21.31 44.10
CA THR J 30 -15.59 -22.36 44.14
C THR J 30 -16.20 -23.72 44.45
N ALA J 31 -17.14 -23.76 45.41
CA ALA J 31 -17.74 -25.02 45.80
C ALA J 31 -18.53 -25.65 44.66
N VAL J 32 -19.28 -24.84 43.92
CA VAL J 32 -19.97 -25.34 42.73
C VAL J 32 -18.96 -25.88 41.73
N ALA J 33 -17.85 -25.16 41.56
CA ALA J 33 -16.81 -25.61 40.64
C ALA J 33 -16.19 -26.93 41.08
N VAL J 34 -15.95 -27.08 42.39
CA VAL J 34 -15.37 -28.33 42.90
C VAL J 34 -16.35 -29.48 42.69
N VAL J 35 -17.63 -29.24 42.94
CA VAL J 35 -18.64 -30.25 42.64
C VAL J 35 -18.65 -30.60 41.16
N ALA J 36 -18.49 -29.58 40.31
CA ALA J 36 -18.42 -29.83 38.87
C ALA J 36 -17.22 -30.69 38.51
N HIS J 37 -16.09 -30.49 39.19
CA HIS J 37 -14.88 -31.24 38.86
C HIS J 37 -14.97 -32.69 39.31
N PHE J 38 -15.62 -32.95 40.45
CA PHE J 38 -15.87 -34.33 40.85
C PHE J 38 -16.77 -35.04 39.85
N LEU J 39 -17.80 -34.35 39.35
CA LEU J 39 -18.62 -34.90 38.29
C LEU J 39 -17.82 -35.12 37.01
N ALA J 40 -16.97 -34.15 36.67
CA ALA J 40 -16.12 -34.29 35.49
C ALA J 40 -15.12 -35.42 35.66
N TRP J 41 -14.55 -35.56 36.86
CA TRP J 41 -13.59 -36.63 37.11
C TRP J 41 -14.26 -37.99 37.01
N ALA J 42 -15.50 -38.10 37.47
CA ALA J 42 -16.24 -39.36 37.33
C ALA J 42 -16.42 -39.72 35.86
N TRP J 43 -16.65 -38.72 35.00
CA TRP J 43 -16.85 -38.99 33.59
C TRP J 43 -15.56 -39.49 32.94
N ARG J 44 -14.53 -38.65 32.94
CA ARG J 44 -13.24 -39.02 32.37
C ARG J 44 -12.11 -38.33 33.14
N PRO J 45 -11.30 -39.09 33.87
CA PRO J 45 -10.16 -38.49 34.59
C PRO J 45 -9.19 -37.84 33.62
N TRP J 46 -8.61 -36.72 34.06
CA TRP J 46 -7.72 -35.92 33.21
C TRP J 46 -6.27 -36.00 33.64
N ILE J 47 -5.94 -36.88 34.57
CA ILE J 47 -4.54 -37.07 34.98
C ILE J 47 -4.12 -38.48 34.56
N PRO J 48 -3.37 -38.62 33.47
CA PRO J 48 -3.01 -39.95 32.99
C PRO J 48 -1.94 -40.59 33.87
N GLY J 49 -1.89 -41.91 33.81
CA GLY J 49 -0.84 -42.66 34.47
C GLY J 49 0.41 -42.71 33.62
N ALA J 50 1.38 -43.49 34.08
CA ALA J 50 2.65 -43.60 33.36
C ALA J 50 2.44 -44.14 31.95
N GLU J 51 1.58 -45.15 31.80
CA GLU J 51 1.29 -45.68 30.48
C GLU J 51 0.37 -44.79 29.67
N GLY J 52 -0.37 -43.89 30.31
CA GLY J 52 -1.32 -43.04 29.62
C GLY J 52 -2.75 -43.40 29.94
N TYR J 53 -3.68 -43.02 29.06
CA TYR J 53 -5.10 -43.29 29.29
C TYR J 53 -5.48 -44.69 28.82
N MET K 1 10.60 -5.27 54.02
CA MET K 1 10.55 -4.87 52.63
C MET K 1 9.29 -4.07 52.31
N TRP K 2 8.73 -3.40 53.32
CA TRP K 2 7.56 -2.57 53.11
C TRP K 2 7.91 -1.21 52.52
N ARG K 3 9.18 -0.84 52.49
CA ARG K 3 9.59 0.38 51.79
C ARG K 3 9.47 0.24 50.28
N MET K 4 9.27 -0.98 49.78
CA MET K 4 9.02 -1.19 48.36
C MET K 4 7.79 -0.45 47.90
N TRP K 5 6.86 -0.14 48.80
CA TRP K 5 5.62 0.52 48.43
C TRP K 5 5.71 2.05 48.47
N LYS K 6 6.83 2.60 48.96
CA LYS K 6 7.07 4.02 48.76
C LYS K 6 7.70 4.30 47.41
N ILE K 7 8.48 3.34 46.89
CA ILE K 7 9.05 3.46 45.55
C ILE K 7 8.05 3.00 44.49
N LEU K 8 7.35 1.90 44.74
CA LEU K 8 6.38 1.36 43.82
C LEU K 8 4.97 1.64 44.31
N ASP K 9 4.09 2.02 43.39
CA ASP K 9 2.69 2.25 43.72
C ASP K 9 2.00 0.90 43.90
N TYR K 10 1.53 0.64 45.12
CA TYR K 10 1.02 -0.68 45.44
C TYR K 10 -0.20 -1.03 44.59
N ARG K 11 -1.12 -0.09 44.42
CA ARG K 11 -2.34 -0.35 43.67
C ARG K 11 -2.01 -0.73 42.23
N ARG K 12 -1.08 -0.01 41.60
CA ARG K 12 -0.68 -0.34 40.24
C ARG K 12 0.03 -1.68 40.17
N THR K 13 0.86 -1.97 41.18
CA THR K 13 1.64 -3.21 41.17
C THR K 13 0.76 -4.44 41.25
N VAL K 14 -0.27 -4.40 42.10
CA VAL K 14 -1.12 -5.58 42.29
C VAL K 14 -1.85 -5.91 41.00
N VAL K 15 -2.37 -4.90 40.31
CA VAL K 15 -3.04 -5.13 39.04
C VAL K 15 -2.04 -5.67 38.01
N LEU K 16 -0.84 -5.09 37.96
CA LEU K 16 0.16 -5.57 37.02
C LEU K 16 0.64 -6.97 37.39
N ALA K 17 0.73 -7.27 38.68
CA ALA K 17 1.13 -8.60 39.09
C ALA K 17 0.10 -9.65 38.66
N HIS K 18 -1.19 -9.35 38.82
CA HIS K 18 -2.22 -10.30 38.43
C HIS K 18 -2.20 -10.53 36.93
N VAL K 19 -2.10 -9.46 36.13
CA VAL K 19 -2.04 -9.60 34.69
C VAL K 19 -0.76 -10.31 34.27
N GLY K 20 0.37 -9.93 34.89
CA GLY K 20 1.63 -10.58 34.56
C GLY K 20 1.65 -12.05 34.93
N MET K 21 1.07 -12.40 36.08
CA MET K 21 1.00 -13.80 36.48
C MET K 21 -0.03 -14.58 35.66
N ALA K 22 -1.09 -13.91 35.21
CA ALA K 22 -2.01 -14.56 34.27
C ALA K 22 -1.28 -14.95 33.00
N VAL K 23 -0.47 -14.04 32.47
CA VAL K 23 0.29 -14.31 31.26
C VAL K 23 1.28 -15.45 31.50
N LEU K 24 2.00 -15.40 32.62
CA LEU K 24 2.99 -16.44 32.89
C LEU K 24 2.34 -17.78 33.13
N ALA K 25 1.24 -17.82 33.89
CA ALA K 25 0.58 -19.08 34.18
C ALA K 25 -0.01 -19.70 32.91
N LEU K 26 -0.66 -18.89 32.08
CA LEU K 26 -1.18 -19.40 30.82
C LEU K 26 -0.06 -19.91 29.94
N LEU K 27 1.08 -19.22 29.92
CA LEU K 27 2.21 -19.63 29.11
C LEU K 27 2.74 -20.99 29.54
N ILE K 28 2.92 -21.19 30.85
CA ILE K 28 3.54 -22.42 31.33
C ILE K 28 2.58 -23.59 31.17
N HIS K 29 1.30 -23.39 31.46
CA HIS K 29 0.33 -24.44 31.18
C HIS K 29 0.33 -24.81 29.70
N PHE K 30 0.41 -23.80 28.83
CA PHE K 30 0.43 -24.06 27.39
C PHE K 30 1.74 -24.71 26.94
N ILE K 31 2.85 -24.39 27.61
CA ILE K 31 4.10 -25.08 27.31
C ILE K 31 3.99 -26.56 27.61
N LEU K 32 3.40 -26.90 28.76
CA LEU K 32 3.18 -28.30 29.09
C LEU K 32 2.23 -28.98 28.11
N LEU K 33 1.25 -28.23 27.60
CA LEU K 33 0.31 -28.81 26.64
C LEU K 33 0.96 -29.06 25.28
N SER K 34 1.98 -28.27 24.92
CA SER K 34 2.67 -28.48 23.66
C SER K 34 3.67 -29.63 23.73
N THR K 35 4.03 -30.07 24.93
CA THR K 35 4.92 -31.22 25.09
C THR K 35 4.10 -32.51 24.99
N GLU K 36 4.82 -33.62 24.82
CA GLU K 36 4.19 -34.94 24.83
C GLU K 36 4.25 -35.61 26.19
N ASN K 37 5.27 -35.32 26.99
CA ASN K 37 5.40 -35.95 28.30
C ASN K 37 4.51 -35.30 29.35
N PHE K 38 4.04 -34.07 29.13
CA PHE K 38 3.31 -33.35 30.16
C PHE K 38 1.97 -32.80 29.67
N ASN K 39 1.52 -33.20 28.49
CA ASN K 39 0.18 -32.86 28.04
C ASN K 39 -0.77 -33.81 28.76
N TRP K 40 -1.41 -33.32 29.81
CA TRP K 40 -2.32 -34.16 30.59
C TRP K 40 -3.62 -34.45 29.85
N LEU K 41 -3.99 -33.61 28.88
CA LEU K 41 -5.20 -33.86 28.12
C LEU K 41 -5.01 -35.02 27.14
N GLN K 42 -3.88 -35.04 26.43
CA GLN K 42 -3.61 -36.13 25.50
C GLN K 42 -3.29 -37.42 26.23
N GLY K 43 -2.54 -37.34 27.32
CA GLY K 43 -2.18 -38.52 28.07
C GLY K 43 -1.26 -39.49 27.36
N ASN K 44 -0.17 -38.97 26.80
CA ASN K 44 0.84 -39.82 26.21
C ASN K 44 1.58 -40.60 27.30
N PRO K 45 2.15 -41.76 26.95
CA PRO K 45 2.99 -42.47 27.91
C PRO K 45 4.16 -41.62 28.36
N TYR K 46 4.49 -41.74 29.65
CA TYR K 46 5.56 -40.93 30.23
C TYR K 46 6.93 -41.62 30.08
N ASN L 7 4.98 11.18 49.85
CA ASN L 7 3.67 11.18 49.21
C ASN L 7 2.77 10.11 49.83
N VAL L 8 3.31 8.90 49.99
CA VAL L 8 2.63 7.81 50.68
C VAL L 8 3.35 7.54 51.99
N SER L 9 2.60 7.52 53.08
CA SER L 9 3.19 7.50 54.43
C SER L 9 3.71 6.11 54.77
N ASP L 10 4.24 5.99 56.00
CA ASP L 10 4.74 4.70 56.47
C ASP L 10 3.61 3.77 56.85
N GLU L 11 2.54 4.30 57.45
CA GLU L 11 1.45 3.46 57.90
C GLU L 11 0.77 2.75 56.74
N GLU L 12 0.53 3.46 55.64
CA GLU L 12 -0.06 2.83 54.46
C GLU L 12 0.89 1.80 53.87
N ALA L 13 2.19 2.06 53.90
CA ALA L 13 3.16 1.08 53.41
C ALA L 13 3.09 -0.20 54.23
N LYS L 14 2.97 -0.08 55.55
CA LYS L 14 2.79 -1.26 56.39
C LYS L 14 1.52 -2.01 56.04
N GLU L 15 0.42 -1.29 55.85
CA GLU L 15 -0.86 -1.92 55.51
C GLU L 15 -0.81 -2.55 54.12
N PHE L 16 -0.15 -1.89 53.18
CA PHE L 16 0.02 -2.48 51.85
C PHE L 16 0.86 -3.74 51.91
N HIS L 17 1.93 -3.73 52.71
CA HIS L 17 2.81 -4.88 52.79
C HIS L 17 2.17 -6.03 53.58
N ALA L 18 1.31 -5.73 54.56
CA ALA L 18 0.66 -6.79 55.32
C ALA L 18 -0.25 -7.62 54.42
N MET L 19 -1.10 -6.96 53.64
CA MET L 19 -1.97 -7.69 52.72
C MET L 19 -1.18 -8.25 51.54
N PHE L 20 -0.05 -7.64 51.20
CA PHE L 20 0.82 -8.23 50.18
C PHE L 20 1.46 -9.51 50.68
N SER L 21 1.96 -9.51 51.92
CA SER L 21 2.59 -10.71 52.47
C SER L 21 1.59 -11.84 52.63
N GLN L 22 0.36 -11.50 53.04
CA GLN L 22 -0.67 -12.53 53.21
C GLN L 22 -0.99 -13.20 51.87
N ALA L 23 -1.20 -12.40 50.83
CA ALA L 23 -1.49 -12.97 49.52
C ALA L 23 -0.29 -13.70 48.96
N PHE L 24 0.92 -13.20 49.21
CA PHE L 24 2.13 -13.88 48.75
C PHE L 24 2.27 -15.24 49.43
N THR L 25 2.01 -15.31 50.73
CA THR L 25 2.15 -16.57 51.45
C THR L 25 1.14 -17.60 50.97
N VAL L 26 -0.11 -17.19 50.74
CA VAL L 26 -1.13 -18.12 50.27
C VAL L 26 -0.82 -18.57 48.85
N TYR L 27 -0.43 -17.64 47.98
CA TYR L 27 -0.10 -18.01 46.61
C TYR L 27 1.10 -18.95 46.55
N ILE L 28 2.14 -18.64 47.32
CA ILE L 28 3.34 -19.49 47.31
C ILE L 28 3.04 -20.84 47.95
N GLY L 29 2.21 -20.85 49.00
CA GLY L 29 1.86 -22.12 49.62
C GLY L 29 1.13 -23.06 48.68
N VAL L 30 0.17 -22.53 47.93
CA VAL L 30 -0.55 -23.35 46.96
C VAL L 30 0.37 -23.77 45.83
N ALA L 31 1.25 -22.86 45.38
CA ALA L 31 2.15 -23.17 44.27
C ALA L 31 3.12 -24.29 44.64
N VAL L 32 3.60 -24.30 45.88
CA VAL L 32 4.52 -25.35 46.32
C VAL L 32 3.81 -26.70 46.32
N VAL L 33 2.59 -26.75 46.87
CA VAL L 33 1.83 -27.99 46.88
C VAL L 33 1.54 -28.46 45.47
N ALA L 34 1.21 -27.53 44.58
CA ALA L 34 0.93 -27.89 43.19
C ALA L 34 2.15 -28.49 42.52
N HIS L 35 3.35 -27.96 42.82
CA HIS L 35 4.56 -28.50 42.22
C HIS L 35 4.91 -29.87 42.80
N ILE L 36 4.65 -30.08 44.09
CA ILE L 36 4.85 -31.40 44.67
C ILE L 36 3.92 -32.40 44.02
N LEU L 37 2.65 -32.02 43.84
CA LEU L 37 1.71 -32.90 43.15
C LEU L 37 2.13 -33.15 41.71
N ALA L 38 2.61 -32.11 41.02
CA ALA L 38 3.07 -32.29 39.65
C ALA L 38 4.29 -33.20 39.60
N TRP L 39 5.20 -33.07 40.57
CA TRP L 39 6.36 -33.95 40.62
C TRP L 39 5.95 -35.39 40.94
N ALA L 40 4.95 -35.56 41.82
CA ALA L 40 4.46 -36.89 42.10
C ALA L 40 3.83 -37.53 40.86
N TRP L 41 3.24 -36.71 39.99
CA TRP L 41 2.65 -37.23 38.77
C TRP L 41 3.75 -37.64 37.78
N ARG L 42 4.54 -36.67 37.33
CA ARG L 42 5.62 -36.90 36.38
C ARG L 42 6.77 -35.96 36.67
N PRO L 43 7.88 -36.45 37.21
CA PRO L 43 9.05 -35.58 37.42
C PRO L 43 9.52 -35.00 36.10
N TRP L 44 9.87 -33.71 36.14
CA TRP L 44 10.20 -32.98 34.92
C TRP L 44 11.69 -32.81 34.69
N ILE L 45 12.53 -33.36 35.56
CA ILE L 45 13.99 -33.28 35.41
C ILE L 45 14.46 -34.63 34.88
N PRO L 46 14.93 -34.71 33.64
CA PRO L 46 15.35 -36.01 33.09
C PRO L 46 16.63 -36.50 33.71
N GLY L 47 16.78 -37.83 33.71
CA GLY L 47 18.02 -38.46 34.10
C GLY L 47 18.99 -38.54 32.94
N ASP L 48 20.04 -39.34 33.15
CA ASP L 48 21.05 -39.49 32.10
C ASP L 48 20.48 -40.17 30.87
N GLU L 49 19.61 -41.17 31.06
CA GLU L 49 19.02 -41.90 29.96
C GLU L 49 17.65 -41.35 29.55
N GLY L 50 17.20 -40.27 30.17
CA GLY L 50 15.89 -39.71 29.90
C GLY L 50 14.94 -39.88 31.07
N PHE L 51 13.65 -39.86 30.75
CA PHE L 51 12.61 -40.02 31.75
C PHE L 51 12.39 -41.49 32.10
N MET M 1 28.71 4.90 45.81
CA MET M 1 27.87 4.38 44.73
C MET M 1 26.41 4.73 45.00
N TRP M 2 26.11 5.12 46.25
CA TRP M 2 24.77 5.57 46.59
C TRP M 2 24.39 6.84 45.86
N ARG M 3 25.37 7.62 45.38
CA ARG M 3 25.08 8.83 44.63
C ARG M 3 24.35 8.53 43.33
N LEU M 4 24.43 7.28 42.86
CA LEU M 4 23.72 6.88 41.64
C LEU M 4 22.22 7.14 41.76
N TRP M 5 21.66 6.98 42.95
CA TRP M 5 20.22 7.09 43.13
C TRP M 5 19.73 8.54 43.16
N LYS M 6 20.62 9.51 43.27
CA LYS M 6 20.25 10.90 43.03
C LYS M 6 20.32 11.27 41.55
N LEU M 7 21.15 10.58 40.78
CA LEU M 7 21.20 10.80 39.35
C LEU M 7 19.99 10.20 38.64
N TYR M 8 19.54 9.04 39.09
CA TYR M 8 18.46 8.32 38.44
C TYR M 8 17.36 8.02 39.44
N ASP M 9 16.12 8.05 38.97
CA ASP M 9 14.99 7.72 39.82
C ASP M 9 15.07 6.25 40.21
N PRO M 10 15.03 5.92 41.51
CA PRO M 10 15.05 4.51 41.91
C PRO M 10 13.95 3.68 41.27
N ARG M 11 12.74 4.23 41.16
CA ARG M 11 11.64 3.50 40.54
C ARG M 11 11.95 3.21 39.07
N ARG M 12 12.44 4.20 38.35
CA ARG M 12 12.73 4.02 36.92
C ARG M 12 13.81 2.96 36.70
N VAL M 13 14.85 2.97 37.53
CA VAL M 13 15.93 2.00 37.40
C VAL M 13 15.41 0.60 37.69
N LEU M 14 14.62 0.46 38.77
CA LEU M 14 14.13 -0.87 39.14
C LEU M 14 13.23 -1.46 38.08
N ILE M 15 12.36 -0.64 37.48
CA ILE M 15 11.50 -1.12 36.39
C ILE M 15 12.37 -1.54 35.21
N GLY M 16 13.39 -0.74 34.88
CA GLY M 16 14.28 -1.11 33.80
C GLY M 16 15.02 -2.40 34.06
N ILE M 17 15.51 -2.58 35.30
CA ILE M 17 16.20 -3.82 35.65
C ILE M 17 15.23 -4.99 35.64
N PHE M 18 14.08 -4.84 36.29
CA PHE M 18 13.13 -5.94 36.40
C PHE M 18 12.63 -6.38 35.02
N SER M 19 12.36 -5.42 34.14
CA SER M 19 12.01 -5.77 32.77
C SER M 19 13.17 -6.46 32.07
N TRP M 20 14.39 -5.96 32.29
CA TRP M 20 15.56 -6.63 31.72
C TRP M 20 15.71 -8.05 32.26
N LEU M 21 15.51 -8.23 33.57
CA LEU M 21 15.63 -9.56 34.15
C LEU M 21 14.55 -10.50 33.62
N ALA M 22 13.32 -10.00 33.49
CA ALA M 22 12.23 -10.83 33.01
C ALA M 22 12.48 -11.29 31.57
N VAL M 23 12.86 -10.35 30.70
CA VAL M 23 13.10 -10.69 29.30
C VAL M 23 14.30 -11.62 29.18
N LEU M 24 15.37 -11.35 29.92
CA LEU M 24 16.55 -12.21 29.86
C LEU M 24 16.26 -13.61 30.38
N ALA M 25 15.50 -13.70 31.48
CA ALA M 25 15.17 -15.01 32.03
C ALA M 25 14.33 -15.83 31.07
N LEU M 26 13.37 -15.18 30.40
CA LEU M 26 12.59 -15.87 29.38
C LEU M 26 13.48 -16.33 28.23
N VAL M 27 14.40 -15.49 27.79
CA VAL M 27 15.25 -15.84 26.64
C VAL M 27 16.12 -17.05 26.97
N ILE M 28 16.76 -17.03 28.14
CA ILE M 28 17.67 -18.12 28.50
C ILE M 28 16.90 -19.43 28.67
N HIS M 29 15.74 -19.38 29.32
CA HIS M 29 14.93 -20.58 29.46
C HIS M 29 14.55 -21.16 28.11
N PHE M 30 14.16 -20.30 27.16
CA PHE M 30 13.79 -20.79 25.83
C PHE M 30 15.02 -21.17 25.01
N ILE M 31 16.17 -20.55 25.27
CA ILE M 31 17.41 -20.98 24.62
C ILE M 31 17.76 -22.39 25.06
N LEU M 32 17.60 -22.70 26.34
CA LEU M 32 17.86 -24.04 26.82
C LEU M 32 16.87 -25.05 26.22
N LEU M 33 15.61 -24.65 26.07
CA LEU M 33 14.63 -25.54 25.46
C LEU M 33 14.98 -25.86 24.02
N SER M 34 15.52 -24.88 23.28
CA SER M 34 15.90 -25.12 21.90
C SER M 34 17.01 -26.15 21.79
N THR M 35 17.94 -26.13 22.74
CA THR M 35 19.02 -27.10 22.73
C THR M 35 18.51 -28.49 23.10
N ASP M 36 19.16 -29.51 22.53
CA ASP M 36 18.76 -30.88 22.82
C ASP M 36 19.20 -31.30 24.21
N ARG M 37 20.37 -30.85 24.65
CA ARG M 37 20.92 -31.32 25.92
C ARG M 37 20.15 -30.78 27.11
N PHE M 38 19.75 -29.51 27.07
CA PHE M 38 19.21 -28.82 28.24
C PHE M 38 17.70 -28.65 28.19
N ASN M 39 17.01 -29.43 27.37
CA ASN M 39 15.55 -29.40 27.32
C ASN M 39 15.04 -30.35 28.40
N TRP M 40 14.55 -29.78 29.51
CA TRP M 40 14.12 -30.60 30.62
C TRP M 40 12.74 -31.22 30.38
N VAL M 41 11.84 -30.50 29.73
CA VAL M 41 10.51 -31.05 29.47
C VAL M 41 10.56 -32.10 28.37
N GLY M 42 11.53 -32.00 27.46
CA GLY M 42 11.64 -32.96 26.37
C GLY M 42 12.15 -34.31 26.80
N GLY M 43 12.85 -34.38 27.94
CA GLY M 43 13.36 -35.65 28.43
C GLY M 43 14.41 -36.28 27.54
N ALA M 44 15.32 -35.50 26.99
CA ALA M 44 16.37 -36.04 26.16
C ALA M 44 17.41 -36.75 27.02
N ALA M 45 18.15 -37.67 26.38
CA ALA M 45 19.18 -38.45 27.04
C ALA M 45 20.55 -37.96 26.60
N VAL M 46 21.42 -37.69 27.56
CA VAL M 46 22.79 -37.26 27.26
C VAL M 46 23.74 -38.44 27.28
N LEU N 7 18.63 16.63 39.63
CA LEU N 7 18.56 15.45 40.48
C LEU N 7 17.15 14.89 40.54
N THR N 8 16.97 13.83 41.33
CA THR N 8 15.67 13.16 41.45
C THR N 8 14.95 13.51 42.75
N GLY N 9 15.36 14.57 43.44
CA GLY N 9 14.70 14.97 44.67
C GLY N 9 14.84 13.98 45.80
N LEU N 10 16.02 13.37 45.94
CA LEU N 10 16.30 12.40 46.98
C LEU N 10 17.53 12.86 47.75
N SER N 11 17.45 12.83 49.08
CA SER N 11 18.55 13.27 49.91
C SER N 11 19.57 12.16 50.09
N ASP N 12 20.69 12.47 50.74
CA ASP N 12 21.75 11.48 50.92
C ASP N 12 21.28 10.34 51.81
N GLU N 13 20.51 10.64 52.86
CA GLU N 13 20.00 9.58 53.72
C GLU N 13 19.04 8.67 52.97
N GLU N 14 18.15 9.24 52.16
CA GLU N 14 17.28 8.42 51.33
C GLU N 14 18.07 7.62 50.32
N ALA N 15 19.05 8.25 49.65
CA ALA N 15 19.85 7.57 48.64
C ALA N 15 20.66 6.43 49.24
N LYS N 16 21.26 6.66 50.41
CA LYS N 16 22.05 5.61 51.04
C LYS N 16 21.18 4.45 51.49
N GLU N 17 20.00 4.74 52.03
CA GLU N 17 19.13 3.67 52.51
C GLU N 17 18.57 2.85 51.36
N PHE N 18 18.27 3.49 50.23
CA PHE N 18 17.86 2.73 49.05
C PHE N 18 19.00 1.84 48.57
N HIS N 19 20.23 2.35 48.61
CA HIS N 19 21.37 1.56 48.15
C HIS N 19 21.60 0.34 49.04
N SER N 20 21.41 0.48 50.35
CA SER N 20 21.63 -0.63 51.27
C SER N 20 20.67 -1.78 50.98
N ILE N 21 19.38 -1.47 50.81
CA ILE N 21 18.42 -2.52 50.47
C ILE N 21 18.66 -3.04 49.07
N PHE N 22 19.04 -2.15 48.13
CA PHE N 22 19.30 -2.57 46.77
C PHE N 22 20.41 -3.61 46.71
N MET N 23 21.49 -3.40 47.47
CA MET N 23 22.56 -4.39 47.50
C MET N 23 22.09 -5.70 48.12
N GLN N 24 21.28 -5.63 49.19
CA GLN N 24 20.75 -6.84 49.79
C GLN N 24 19.85 -7.58 48.82
N SER N 25 18.96 -6.86 48.13
CA SER N 25 18.07 -7.50 47.17
C SER N 25 18.86 -8.06 46.00
N PHE N 26 19.87 -7.33 45.52
CA PHE N 26 20.77 -7.87 44.52
C PHE N 26 21.51 -9.09 45.04
N LEU N 27 21.96 -9.04 46.30
CA LEU N 27 22.69 -10.16 46.88
C LEU N 27 21.80 -11.39 47.01
N ILE N 28 20.57 -11.21 47.52
CA ILE N 28 19.67 -12.34 47.69
C ILE N 28 19.29 -12.93 46.33
N PHE N 29 19.00 -12.06 45.36
CA PHE N 29 18.71 -12.55 44.02
C PHE N 29 19.89 -13.29 43.43
N THR N 30 21.10 -12.76 43.61
CA THR N 30 22.29 -13.46 43.13
C THR N 30 22.51 -14.77 43.89
N ALA N 31 22.28 -14.77 45.20
CA ALA N 31 22.48 -15.98 45.99
C ALA N 31 21.49 -17.08 45.58
N VAL N 32 20.23 -16.72 45.36
CA VAL N 32 19.26 -17.69 44.86
C VAL N 32 19.69 -18.18 43.48
N ALA N 33 20.15 -17.27 42.63
CA ALA N 33 20.57 -17.65 41.28
C ALA N 33 21.82 -18.51 41.30
N VAL N 34 22.76 -18.22 42.21
CA VAL N 34 23.97 -19.04 42.29
C VAL N 34 23.63 -20.45 42.77
N VAL N 35 22.74 -20.57 43.76
CA VAL N 35 22.29 -21.88 44.20
C VAL N 35 21.56 -22.60 43.07
N ALA N 36 20.80 -21.86 42.28
CA ALA N 36 20.10 -22.46 41.14
C ALA N 36 21.08 -23.02 40.12
N HIS N 37 22.17 -22.30 39.85
CA HIS N 37 23.17 -22.80 38.91
C HIS N 37 23.91 -24.01 39.46
N PHE N 38 24.10 -24.08 40.78
CA PHE N 38 24.73 -25.24 41.38
C PHE N 38 23.86 -26.48 41.19
N LEU N 39 22.55 -26.34 41.34
CA LEU N 39 21.65 -27.45 41.05
C LEU N 39 21.65 -27.81 39.58
N ALA N 40 21.61 -26.80 38.71
CA ALA N 40 21.61 -27.05 37.27
C ALA N 40 22.91 -27.74 36.84
N TRP N 41 24.05 -27.33 37.42
CA TRP N 41 25.30 -28.00 37.11
C TRP N 41 25.27 -29.45 37.59
N ALA N 42 24.67 -29.70 38.75
CA ALA N 42 24.50 -31.07 39.21
C ALA N 42 23.67 -31.89 38.24
N TRP N 43 22.70 -31.26 37.59
CA TRP N 43 21.85 -31.96 36.62
C TRP N 43 22.62 -32.23 35.34
N ARG N 44 23.02 -31.18 34.63
CA ARG N 44 23.77 -31.33 33.39
C ARG N 44 24.74 -30.18 33.22
N PRO N 45 26.05 -30.42 33.37
CA PRO N 45 27.03 -29.36 33.20
C PRO N 45 27.00 -28.77 31.79
N TRP N 46 27.24 -27.48 31.69
CA TRP N 46 27.15 -26.75 30.43
C TRP N 46 28.50 -26.37 29.87
N ILE N 47 29.59 -26.87 30.43
CA ILE N 47 30.94 -26.61 29.92
C ILE N 47 31.47 -27.92 29.34
N PRO N 48 31.52 -28.08 28.02
CA PRO N 48 31.97 -29.34 27.44
C PRO N 48 33.46 -29.55 27.61
N GLY N 49 33.87 -30.80 27.45
CA GLY N 49 35.27 -31.17 27.49
C GLY N 49 35.94 -30.98 26.14
N ALA N 50 37.17 -31.48 26.04
CA ALA N 50 37.89 -31.42 24.78
C ALA N 50 37.17 -32.23 23.70
N GLU N 51 36.65 -33.39 24.07
CA GLU N 51 35.90 -34.24 23.13
C GLU N 51 34.44 -33.86 23.03
N GLY N 52 33.95 -32.99 23.92
CA GLY N 52 32.54 -32.62 23.91
C GLY N 52 31.76 -33.24 25.05
N TYR N 53 30.48 -33.51 24.82
CA TYR N 53 29.63 -34.11 25.84
C TYR N 53 29.55 -35.63 25.68
N MET O 1 41.94 11.01 34.91
CA MET O 1 41.22 11.67 33.84
C MET O 1 39.76 11.87 34.22
N TRP O 2 39.53 12.63 35.29
CA TRP O 2 38.17 12.89 35.77
C TRP O 2 37.49 14.02 35.02
N ARG O 3 38.20 14.74 34.15
CA ARG O 3 37.62 15.84 33.40
C ARG O 3 36.74 15.37 32.24
N MET O 4 36.67 14.06 31.99
CA MET O 4 35.82 13.56 30.92
C MET O 4 34.36 13.92 31.15
N TRP O 5 33.95 14.02 32.41
CA TRP O 5 32.54 14.24 32.75
C TRP O 5 32.17 15.72 32.81
N LYS O 6 33.12 16.62 32.62
CA LYS O 6 32.80 18.01 32.32
C LYS O 6 32.61 18.25 30.83
N ILE O 7 32.92 17.26 29.99
CA ILE O 7 32.73 17.35 28.55
C ILE O 7 31.47 16.59 28.18
N LEU O 8 31.43 15.31 28.51
CA LEU O 8 30.29 14.46 28.22
C LEU O 8 29.32 14.44 29.39
N ASP O 9 28.03 14.33 29.07
CA ASP O 9 27.01 14.15 30.09
C ASP O 9 27.19 12.78 30.71
N TYR O 10 27.62 12.75 31.98
CA TYR O 10 27.87 11.48 32.66
C TYR O 10 26.59 10.68 32.82
N ARG O 11 25.48 11.34 33.18
CA ARG O 11 24.23 10.63 33.38
C ARG O 11 23.74 10.00 32.08
N ARG O 12 23.93 10.70 30.96
CA ARG O 12 23.57 10.12 29.66
C ARG O 12 24.54 9.02 29.26
N THR O 13 25.84 9.19 29.57
CA THR O 13 26.84 8.22 29.15
C THR O 13 26.62 6.87 29.83
N VAL O 14 26.27 6.88 31.12
CA VAL O 14 26.08 5.62 31.84
C VAL O 14 24.95 4.81 31.21
N VAL O 15 23.85 5.47 30.87
CA VAL O 15 22.72 4.78 30.26
C VAL O 15 23.10 4.23 28.90
N LEU O 16 23.77 5.03 28.08
CA LEU O 16 24.15 4.58 26.75
C LEU O 16 25.19 3.46 26.81
N ALA O 17 26.11 3.52 27.79
CA ALA O 17 27.10 2.47 27.94
C ALA O 17 26.44 1.14 28.30
N HIS O 18 25.47 1.16 29.21
CA HIS O 18 24.75 -0.06 29.56
C HIS O 18 23.99 -0.60 28.37
N VAL O 19 23.31 0.28 27.62
CA VAL O 19 22.62 -0.15 26.41
C VAL O 19 23.62 -0.68 25.38
N GLY O 20 24.73 0.06 25.20
CA GLY O 20 25.71 -0.35 24.21
C GLY O 20 26.39 -1.66 24.56
N MET O 21 26.79 -1.83 25.82
CA MET O 21 27.43 -3.07 26.23
C MET O 21 26.46 -4.23 26.26
N ALA O 22 25.17 -3.97 26.51
CA ALA O 22 24.18 -5.03 26.41
C ALA O 22 24.14 -5.60 25.00
N VAL O 23 24.10 -4.72 24.00
CA VAL O 23 24.06 -5.17 22.61
C VAL O 23 25.35 -5.93 22.27
N LEU O 24 26.50 -5.41 22.68
CA LEU O 24 27.76 -6.06 22.37
C LEU O 24 27.87 -7.42 23.05
N ALA O 25 27.51 -7.48 24.33
CA ALA O 25 27.60 -8.74 25.06
C ALA O 25 26.66 -9.78 24.48
N LEU O 26 25.44 -9.37 24.10
CA LEU O 26 24.54 -10.29 23.41
C LEU O 26 25.10 -10.69 22.05
N LEU O 27 25.71 -9.74 21.34
CA LEU O 27 26.27 -10.05 20.03
C LEU O 27 27.38 -11.08 20.12
N ILE O 28 28.29 -10.93 21.07
CA ILE O 28 29.42 -11.86 21.16
C ILE O 28 28.96 -13.24 21.63
N HIS O 29 28.08 -13.28 22.64
CA HIS O 29 27.57 -14.57 23.09
C HIS O 29 26.84 -15.30 21.96
N PHE O 30 26.04 -14.57 21.17
CA PHE O 30 25.36 -15.18 20.04
C PHE O 30 26.34 -15.68 18.99
N ILE O 31 27.39 -14.90 18.71
CA ILE O 31 28.38 -15.31 17.72
C ILE O 31 29.09 -16.59 18.17
N LEU O 32 29.44 -16.67 19.46
CA LEU O 32 30.04 -17.89 19.97
C LEU O 32 29.09 -19.07 19.85
N LEU O 33 27.80 -18.85 20.15
CA LEU O 33 26.81 -19.90 20.00
C LEU O 33 26.68 -20.37 18.56
N SER O 34 26.99 -19.50 17.60
CA SER O 34 26.90 -19.83 16.19
C SER O 34 28.14 -20.52 15.65
N THR O 35 29.17 -20.70 16.47
CA THR O 35 30.38 -21.40 16.07
C THR O 35 30.35 -22.85 16.51
N GLU O 36 31.11 -23.68 15.81
CA GLU O 36 31.19 -25.09 16.17
C GLU O 36 32.03 -25.29 17.42
N ASN O 37 33.17 -24.61 17.52
CA ASN O 37 34.13 -24.85 18.58
C ASN O 37 33.84 -24.09 19.87
N PHE O 38 32.87 -23.17 19.86
CA PHE O 38 32.62 -22.34 21.03
C PHE O 38 31.14 -22.28 21.39
N ASN O 39 30.34 -23.22 20.90
CA ASN O 39 28.97 -23.38 21.34
C ASN O 39 28.99 -24.29 22.55
N TRP O 40 28.98 -23.68 23.75
CA TRP O 40 29.07 -24.47 24.97
C TRP O 40 27.81 -25.30 25.19
N LEU O 41 26.68 -24.87 24.64
CA LEU O 41 25.46 -25.66 24.75
C LEU O 41 25.51 -26.88 23.83
N GLN O 42 26.02 -26.71 22.61
CA GLN O 42 26.11 -27.82 21.68
C GLN O 42 27.12 -28.86 22.13
N GLY O 43 28.24 -28.40 22.69
CA GLY O 43 29.28 -29.31 23.16
C GLY O 43 29.97 -30.09 22.07
N ASN O 44 30.31 -29.44 20.97
CA ASN O 44 31.09 -30.08 19.94
C ASN O 44 32.53 -30.28 20.41
N PRO O 45 33.24 -31.26 19.87
CA PRO O 45 34.65 -31.43 20.24
C PRO O 45 35.48 -30.23 19.82
N TYR O 46 36.49 -29.91 20.64
CA TYR O 46 37.34 -28.76 20.40
C TYR O 46 38.48 -29.08 19.45
N ASN P 7 28.87 24.32 33.67
CA ASN P 7 27.67 23.57 34.04
C ASN P 7 28.00 22.51 35.10
N VAL P 8 29.01 21.70 34.83
CA VAL P 8 29.45 20.65 35.75
C VAL P 8 30.67 21.16 36.50
N SER P 9 30.58 21.15 37.82
CA SER P 9 31.67 21.64 38.65
C SER P 9 32.78 20.59 38.76
N ASP P 10 33.93 21.03 39.28
CA ASP P 10 35.06 20.12 39.42
C ASP P 10 34.79 19.03 40.46
N GLU P 11 34.19 19.41 41.59
CA GLU P 11 33.90 18.42 42.62
C GLU P 11 32.86 17.41 42.16
N GLU P 12 31.81 17.88 41.48
CA GLU P 12 30.77 17.00 41.00
C GLU P 12 31.30 16.05 39.92
N ALA P 13 32.17 16.55 39.04
CA ALA P 13 32.75 15.68 38.02
C ALA P 13 33.60 14.58 38.64
N LYS P 14 34.33 14.88 39.71
CA LYS P 14 35.13 13.86 40.38
C LYS P 14 34.26 12.84 41.09
N GLU P 15 33.12 13.25 41.63
CA GLU P 15 32.16 12.30 42.18
C GLU P 15 31.65 11.37 41.08
N PHE P 16 31.36 11.92 39.90
CA PHE P 16 30.99 11.09 38.77
C PHE P 16 32.10 10.10 38.44
N HIS P 17 33.34 10.58 38.38
CA HIS P 17 34.45 9.70 38.02
C HIS P 17 34.79 8.73 39.14
N ALA P 18 34.45 9.06 40.38
CA ALA P 18 34.71 8.14 41.48
C ALA P 18 33.89 6.86 41.33
N MET P 19 32.57 7.00 41.16
CA MET P 19 31.73 5.82 40.98
C MET P 19 31.89 5.20 39.60
N PHE P 20 32.34 5.99 38.62
CA PHE P 20 32.74 5.39 37.35
C PHE P 20 33.95 4.49 37.53
N SER P 21 34.92 4.91 38.36
CA SER P 21 36.10 4.11 38.58
C SER P 21 35.77 2.80 39.28
N GLN P 22 34.84 2.84 40.24
CA GLN P 22 34.44 1.61 40.92
C GLN P 22 33.84 0.62 39.93
N ALA P 23 32.86 1.07 39.14
CA ALA P 23 32.20 0.17 38.20
C ALA P 23 33.15 -0.29 37.10
N PHE P 24 34.07 0.58 36.69
CA PHE P 24 35.06 0.20 35.69
C PHE P 24 35.97 -0.91 36.22
N THR P 25 36.41 -0.79 37.48
CA THR P 25 37.30 -1.78 38.05
C THR P 25 36.61 -3.14 38.20
N VAL P 26 35.39 -3.12 38.75
CA VAL P 26 34.66 -4.39 38.95
C VAL P 26 34.36 -5.04 37.61
N TYR P 27 33.90 -4.24 36.64
CA TYR P 27 33.47 -4.81 35.36
C TYR P 27 34.64 -5.41 34.59
N ILE P 28 35.72 -4.65 34.45
CA ILE P 28 36.87 -5.16 33.71
C ILE P 28 37.59 -6.23 34.50
N GLY P 29 37.62 -6.13 35.83
CA GLY P 29 38.22 -7.18 36.63
C GLY P 29 37.54 -8.51 36.44
N VAL P 30 36.20 -8.50 36.43
CA VAL P 30 35.45 -9.73 36.20
C VAL P 30 35.63 -10.21 34.76
N ALA P 31 35.67 -9.27 33.81
CA ALA P 31 35.83 -9.64 32.41
C ALA P 31 37.19 -10.32 32.17
N VAL P 32 38.24 -9.84 32.83
CA VAL P 32 39.55 -10.47 32.70
C VAL P 32 39.52 -11.89 33.26
N VAL P 33 38.90 -12.07 34.43
CA VAL P 33 38.78 -13.40 35.01
C VAL P 33 37.95 -14.30 34.10
N ALA P 34 36.87 -13.76 33.52
CA ALA P 34 36.05 -14.55 32.61
C ALA P 34 36.84 -15.00 31.39
N HIS P 35 37.67 -14.11 30.84
CA HIS P 35 38.47 -14.49 29.67
C HIS P 35 39.56 -15.50 30.02
N ILE P 36 40.14 -15.38 31.21
CA ILE P 36 41.12 -16.37 31.64
C ILE P 36 40.47 -17.74 31.74
N LEU P 37 39.28 -17.81 32.33
CA LEU P 37 38.55 -19.08 32.39
C LEU P 37 38.18 -19.55 30.99
N ALA P 38 37.77 -18.64 30.11
CA ALA P 38 37.44 -19.01 28.75
C ALA P 38 38.65 -19.57 28.02
N TRP P 39 39.82 -18.94 28.21
CA TRP P 39 41.04 -19.45 27.59
C TRP P 39 41.44 -20.80 28.19
N ALA P 40 41.31 -20.95 29.50
CA ALA P 40 41.61 -22.23 30.13
C ALA P 40 40.66 -23.32 29.62
N TRP P 41 39.47 -22.93 29.20
CA TRP P 41 38.51 -23.89 28.66
C TRP P 41 38.86 -24.26 27.22
N ARG P 42 38.84 -23.29 26.32
CA ARG P 42 39.13 -23.49 24.91
C ARG P 42 39.81 -22.25 24.34
N PRO P 43 41.12 -22.30 24.08
CA PRO P 43 41.79 -21.15 23.48
C PRO P 43 41.20 -20.82 22.12
N TRP P 44 41.06 -19.52 21.85
CA TRP P 44 40.42 -19.05 20.63
C TRP P 44 41.40 -18.54 19.60
N ILE P 45 42.70 -18.77 19.79
CA ILE P 45 43.70 -18.38 18.81
C ILE P 45 44.24 -19.66 18.17
N PRO P 46 43.81 -20.00 16.96
CA PRO P 46 44.24 -21.26 16.35
C PRO P 46 45.70 -21.22 15.92
N GLY P 47 46.31 -22.40 15.88
CA GLY P 47 47.65 -22.56 15.37
C GLY P 47 47.66 -22.78 13.87
N ASP P 48 48.84 -23.15 13.37
CA ASP P 48 48.96 -23.42 11.94
C ASP P 48 48.15 -24.63 11.51
N GLU P 49 47.98 -25.61 12.40
CA GLU P 49 47.12 -26.76 12.15
C GLU P 49 45.71 -26.56 12.69
N GLY P 50 45.42 -25.43 13.30
CA GLY P 50 44.12 -25.17 13.88
C GLY P 50 44.08 -25.47 15.37
N PHE P 51 42.86 -25.60 15.87
CA PHE P 51 42.65 -25.91 17.28
C PHE P 51 43.04 -27.35 17.58
N MET Q 1 48.83 22.56 17.20
CA MET Q 1 47.60 22.02 16.65
C MET Q 1 46.47 22.10 17.67
N TRP Q 2 46.71 22.83 18.76
CA TRP Q 2 45.74 22.98 19.82
C TRP Q 2 44.59 23.91 19.44
N ARG Q 3 44.71 24.66 18.35
CA ARG Q 3 43.64 25.58 17.96
C ARG Q 3 42.45 24.87 17.33
N LEU Q 4 42.55 23.57 17.09
CA LEU Q 4 41.39 22.81 16.61
C LEU Q 4 40.23 22.92 17.60
N TRP Q 5 40.53 22.78 18.89
CA TRP Q 5 39.50 22.81 19.92
C TRP Q 5 38.96 24.20 20.16
N LYS Q 6 39.70 25.23 19.73
CA LYS Q 6 39.10 26.56 19.62
C LYS Q 6 38.05 26.59 18.51
N LEU Q 7 38.30 25.88 17.41
CA LEU Q 7 37.41 25.87 16.26
C LEU Q 7 36.29 24.84 16.39
N TYR Q 8 36.58 23.67 16.94
CA TYR Q 8 35.62 22.58 16.99
C TYR Q 8 35.23 22.27 18.42
N ASP Q 9 33.97 21.91 18.61
CA ASP Q 9 33.47 21.50 19.91
C ASP Q 9 34.19 20.22 20.33
N PRO Q 10 34.89 20.22 21.46
CA PRO Q 10 35.60 19.00 21.88
C PRO Q 10 34.69 17.81 22.06
N ARG Q 11 33.46 18.02 22.54
CA ARG Q 11 32.53 16.91 22.72
C ARG Q 11 32.12 16.31 21.38
N ARG Q 12 31.70 17.16 20.43
CA ARG Q 12 31.19 16.67 19.16
C ARG Q 12 32.28 15.96 18.36
N VAL Q 13 33.54 16.37 18.50
CA VAL Q 13 34.63 15.63 17.88
C VAL Q 13 34.77 14.24 18.50
N LEU Q 14 34.62 14.16 19.82
CA LEU Q 14 34.80 12.88 20.51
C LEU Q 14 33.73 11.87 20.10
N ILE Q 15 32.48 12.32 19.96
CA ILE Q 15 31.45 11.43 19.44
C ILE Q 15 31.75 11.05 18.00
N GLY Q 16 32.24 12.00 17.20
CA GLY Q 16 32.62 11.69 15.84
C GLY Q 16 33.68 10.62 15.76
N ILE Q 17 34.72 10.74 16.59
CA ILE Q 17 35.80 9.76 16.59
C ILE Q 17 35.30 8.41 17.10
N PHE Q 18 34.56 8.43 18.23
CA PHE Q 18 34.08 7.18 18.81
C PHE Q 18 33.20 6.41 17.84
N SER Q 19 32.30 7.12 17.16
CA SER Q 19 31.47 6.46 16.14
C SER Q 19 32.32 5.91 15.00
N TRP Q 20 33.31 6.68 14.55
CA TRP Q 20 34.21 6.20 13.51
C TRP Q 20 34.99 4.98 13.98
N LEU Q 21 35.52 5.03 15.20
CA LEU Q 21 36.28 3.89 15.72
C LEU Q 21 35.39 2.67 15.91
N ALA Q 22 34.17 2.87 16.43
CA ALA Q 22 33.27 1.75 16.64
C ALA Q 22 32.86 1.11 15.31
N VAL Q 23 32.52 1.93 14.32
CA VAL Q 23 32.12 1.39 13.03
C VAL Q 23 33.30 0.70 12.35
N LEU Q 24 34.47 1.33 12.37
CA LEU Q 24 35.64 0.74 11.72
C LEU Q 24 36.06 -0.56 12.37
N ALA Q 25 36.08 -0.60 13.71
CA ALA Q 25 36.49 -1.81 14.41
C ALA Q 25 35.54 -2.96 14.12
N LEU Q 26 34.22 -2.68 14.12
CA LEU Q 26 33.26 -3.72 13.79
C LEU Q 26 33.45 -4.24 12.38
N VAL Q 27 33.69 -3.33 11.43
CA VAL Q 27 33.84 -3.75 10.04
C VAL Q 27 35.11 -4.59 9.87
N ILE Q 28 36.23 -4.16 10.45
CA ILE Q 28 37.47 -4.92 10.30
C ILE Q 28 37.35 -6.29 10.95
N HIS Q 29 36.74 -6.35 12.15
CA HIS Q 29 36.54 -7.65 12.79
C HIS Q 29 35.61 -8.53 11.97
N PHE Q 30 34.59 -7.95 11.34
CA PHE Q 30 33.69 -8.73 10.50
C PHE Q 30 34.42 -9.25 9.26
N ILE Q 31 35.26 -8.43 8.63
CA ILE Q 31 35.97 -8.85 7.43
C ILE Q 31 36.90 -10.00 7.74
N LEU Q 32 37.58 -9.95 8.89
CA LEU Q 32 38.46 -11.05 9.27
C LEU Q 32 37.68 -12.34 9.47
N LEU Q 33 36.50 -12.26 10.09
CA LEU Q 33 35.67 -13.45 10.26
C LEU Q 33 35.24 -14.02 8.92
N SER Q 34 35.02 -13.16 7.92
CA SER Q 34 34.62 -13.64 6.60
C SER Q 34 35.76 -14.37 5.91
N THR Q 35 37.01 -14.03 6.23
CA THR Q 35 38.15 -14.70 5.61
C THR Q 35 38.27 -16.13 6.12
N ASP Q 36 38.93 -16.96 5.32
CA ASP Q 36 39.23 -18.34 5.71
C ASP Q 36 40.56 -18.47 6.43
N ARG Q 37 41.26 -17.37 6.66
CA ARG Q 37 42.58 -17.39 7.29
C ARG Q 37 42.60 -16.71 8.64
N PHE Q 38 41.92 -15.58 8.80
CA PHE Q 38 41.93 -14.84 10.04
C PHE Q 38 40.66 -15.04 10.86
N ASN Q 39 39.85 -16.04 10.53
CA ASN Q 39 38.64 -16.37 11.27
C ASN Q 39 39.06 -17.17 12.51
N TRP Q 40 39.35 -16.45 13.59
CA TRP Q 40 39.91 -17.08 14.78
C TRP Q 40 38.88 -17.98 15.46
N VAL Q 41 37.62 -17.57 15.49
CA VAL Q 41 36.60 -18.42 16.12
C VAL Q 41 36.34 -19.67 15.29
N GLY Q 42 36.51 -19.58 13.97
CA GLY Q 42 36.41 -20.75 13.13
C GLY Q 42 37.61 -21.69 13.23
N GLY Q 43 38.73 -21.18 13.73
CA GLY Q 43 39.90 -22.01 13.96
C GLY Q 43 40.48 -22.63 12.70
N ALA Q 44 40.43 -21.92 11.58
CA ALA Q 44 40.93 -22.47 10.33
C ALA Q 44 42.45 -22.59 10.37
N ALA Q 45 42.96 -23.64 9.71
CA ALA Q 45 44.38 -23.86 9.59
C ALA Q 45 44.93 -23.11 8.38
N VAL Q 46 46.20 -22.72 8.48
CA VAL Q 46 46.83 -21.96 7.40
C VAL Q 46 47.11 -22.85 6.20
N LEU R 7 33.78 31.06 17.48
CA LEU R 7 34.46 29.87 17.97
C LEU R 7 33.75 29.27 19.19
N THR R 8 34.19 28.09 19.60
CA THR R 8 33.59 27.41 20.74
C THR R 8 33.96 28.12 22.04
N GLY R 9 33.17 27.85 23.08
CA GLY R 9 33.40 28.48 24.37
C GLY R 9 34.58 27.91 25.13
N LEU R 10 35.76 27.90 24.50
CA LEU R 10 36.99 27.45 25.14
C LEU R 10 38.04 28.53 25.00
N SER R 11 38.77 28.78 26.09
CA SER R 11 39.89 29.70 26.07
C SER R 11 41.15 28.95 25.65
N ASP R 12 42.28 29.66 25.61
CA ASP R 12 43.53 29.02 25.23
C ASP R 12 43.91 27.92 26.21
N GLU R 13 43.79 28.18 27.51
CA GLU R 13 44.16 27.17 28.50
C GLU R 13 43.26 25.95 28.42
N GLU R 14 41.95 26.16 28.21
CA GLU R 14 41.05 25.02 28.04
C GLU R 14 41.40 24.23 26.78
N ALA R 15 41.66 24.93 25.67
CA ALA R 15 42.00 24.24 24.43
C ALA R 15 43.32 23.49 24.56
N LYS R 16 44.32 24.12 25.17
CA LYS R 16 45.61 23.46 25.35
C LYS R 16 45.51 22.30 26.34
N GLU R 17 44.69 22.46 27.39
CA GLU R 17 44.49 21.37 28.33
C GLU R 17 43.81 20.19 27.67
N PHE R 18 42.80 20.44 26.83
CA PHE R 18 42.15 19.37 26.09
C PHE R 18 43.11 18.72 25.10
N HIS R 19 43.92 19.53 24.42
CA HIS R 19 44.80 19.00 23.38
C HIS R 19 45.82 18.03 23.95
N SER R 20 46.40 18.36 25.10
CA SER R 20 47.38 17.48 25.73
C SER R 20 46.75 16.13 26.10
N ILE R 21 45.56 16.16 26.69
CA ILE R 21 44.89 14.92 27.06
C ILE R 21 44.46 14.16 25.82
N PHE R 22 44.00 14.87 24.78
CA PHE R 22 43.62 14.22 23.54
C PHE R 22 44.80 13.50 22.91
N MET R 23 45.96 14.15 22.87
CA MET R 23 47.14 13.51 22.30
C MET R 23 47.61 12.35 23.16
N GLN R 24 47.54 12.50 24.48
CA GLN R 24 47.90 11.38 25.35
C GLN R 24 46.93 10.20 25.16
N SER R 25 45.63 10.50 25.09
CA SER R 25 44.65 9.44 24.88
C SER R 25 44.80 8.82 23.50
N PHE R 26 45.08 9.63 22.48
CA PHE R 26 45.33 9.09 21.15
C PHE R 26 46.59 8.23 21.13
N LEU R 27 47.66 8.70 21.76
CA LEU R 27 48.91 7.95 21.77
C LEU R 27 48.78 6.64 22.54
N ILE R 28 48.09 6.67 23.68
CA ILE R 28 47.87 5.44 24.45
C ILE R 28 46.98 4.48 23.68
N PHE R 29 45.94 5.01 23.03
CA PHE R 29 45.09 4.17 22.19
C PHE R 29 45.88 3.58 21.03
N THR R 30 46.74 4.39 20.39
CA THR R 30 47.58 3.90 19.32
C THR R 30 48.62 2.92 19.84
N ALA R 31 49.16 3.17 21.03
CA ALA R 31 50.16 2.27 21.61
C ALA R 31 49.59 0.88 21.85
N VAL R 32 48.36 0.80 22.36
CA VAL R 32 47.70 -0.49 22.54
C VAL R 32 47.45 -1.13 21.19
N ALA R 33 46.99 -0.34 20.22
CA ALA R 33 46.68 -0.88 18.89
C ALA R 33 47.93 -1.43 18.21
N VAL R 34 49.08 -0.78 18.41
CA VAL R 34 50.32 -1.27 17.82
C VAL R 34 50.71 -2.61 18.42
N VAL R 35 50.63 -2.73 19.75
CA VAL R 35 50.96 -4.00 20.41
C VAL R 35 49.98 -5.07 19.96
N ALA R 36 48.71 -4.71 19.78
CA ALA R 36 47.73 -5.66 19.27
C ALA R 36 48.10 -6.16 17.89
N HIS R 37 48.58 -5.27 17.02
CA HIS R 37 48.98 -5.69 15.67
C HIS R 37 50.26 -6.50 15.68
N PHE R 38 51.18 -6.21 16.61
CA PHE R 38 52.38 -7.04 16.73
C PHE R 38 52.03 -8.46 17.13
N LEU R 39 51.10 -8.62 18.08
CA LEU R 39 50.63 -9.95 18.43
C LEU R 39 49.92 -10.60 17.24
N ALA R 40 49.11 -9.82 16.52
CA ALA R 40 48.39 -10.36 15.37
C ALA R 40 49.36 -10.82 14.29
N TRP R 41 50.41 -10.04 14.03
CA TRP R 41 51.40 -10.44 13.04
C TRP R 41 52.14 -11.70 13.48
N ALA R 42 52.44 -11.80 14.78
CA ALA R 42 53.08 -13.00 15.29
C ALA R 42 52.18 -14.22 15.09
N TRP R 43 50.87 -14.04 15.19
CA TRP R 43 49.95 -15.16 14.99
C TRP R 43 49.84 -15.52 13.51
N ARG R 44 49.38 -14.57 12.69
CA ARG R 44 49.29 -14.80 11.25
C ARG R 44 49.55 -13.52 10.48
N PRO R 45 50.65 -13.45 9.72
CA PRO R 45 50.91 -12.26 8.91
C PRO R 45 49.84 -12.07 7.84
N TRP R 46 49.59 -10.81 7.50
CA TRP R 46 48.56 -10.46 6.54
C TRP R 46 49.10 -9.88 5.25
N ILE R 47 50.41 -10.00 4.99
CA ILE R 47 51.02 -9.55 3.76
C ILE R 47 51.58 -10.77 3.03
N PRO R 48 50.87 -11.28 2.04
CA PRO R 48 51.31 -12.51 1.37
C PRO R 48 52.45 -12.24 0.39
N GLY R 49 53.16 -13.32 0.06
CA GLY R 49 54.21 -13.27 -0.92
C GLY R 49 53.67 -13.38 -2.34
N ALA R 50 54.59 -13.53 -3.28
CA ALA R 50 54.20 -13.62 -4.69
C ALA R 50 53.42 -14.89 -4.98
N GLU R 51 53.70 -15.97 -4.25
CA GLU R 51 52.97 -17.22 -4.41
C GLU R 51 51.74 -17.30 -3.50
N GLY R 52 51.56 -16.33 -2.61
CA GLY R 52 50.45 -16.35 -1.68
C GLY R 52 50.86 -16.81 -0.29
N TYR R 53 49.92 -17.36 0.46
CA TYR R 53 50.19 -17.83 1.81
C TYR R 53 50.67 -19.27 1.81
N MET S 1 49.07 28.15 -0.74
CA MET S 1 48.11 29.24 -0.71
C MET S 1 47.50 29.40 0.68
N TRP S 2 47.77 30.54 1.33
CA TRP S 2 47.11 30.85 2.59
C TRP S 2 45.80 31.60 2.40
N ARG S 3 45.62 32.25 1.26
CA ARG S 3 44.40 33.02 1.01
C ARG S 3 43.19 32.14 0.74
N MET S 4 43.40 30.82 0.59
CA MET S 4 42.27 29.92 0.38
C MET S 4 41.28 29.98 1.53
N TRP S 5 41.72 30.36 2.72
CA TRP S 5 40.87 30.35 3.89
C TRP S 5 40.09 31.63 4.07
N LYS S 6 40.31 32.63 3.21
CA LYS S 6 39.42 33.78 3.14
C LYS S 6 38.30 33.57 2.14
N ILE S 7 38.35 32.51 1.35
CA ILE S 7 37.29 32.17 0.39
C ILE S 7 36.51 30.99 0.97
N LEU S 8 37.22 29.89 1.22
CA LEU S 8 36.62 28.73 1.84
C LEU S 8 36.74 28.83 3.35
N ASP S 9 35.71 28.36 4.06
CA ASP S 9 35.76 28.33 5.51
C ASP S 9 36.66 27.19 5.95
N TYR S 10 37.70 27.51 6.71
CA TYR S 10 38.65 26.48 7.14
C TYR S 10 37.98 25.46 8.04
N ARG S 11 37.11 25.92 8.94
CA ARG S 11 36.42 25.02 9.85
C ARG S 11 35.62 23.96 9.09
N ARG S 12 34.88 24.40 8.08
CA ARG S 12 34.09 23.45 7.29
C ARG S 12 34.94 22.65 6.32
N THR S 13 36.00 23.25 5.79
CA THR S 13 36.83 22.55 4.81
C THR S 13 37.55 21.36 5.43
N VAL S 14 38.02 21.51 6.67
CA VAL S 14 38.71 20.40 7.34
C VAL S 14 37.75 19.24 7.55
N VAL S 15 36.51 19.53 7.96
CA VAL S 15 35.53 18.47 8.16
C VAL S 15 35.22 17.79 6.83
N LEU S 16 35.01 18.59 5.78
CA LEU S 16 34.70 18.01 4.47
C LEU S 16 35.83 17.11 3.99
N ALA S 17 37.08 17.54 4.19
CA ALA S 17 38.21 16.71 3.79
C ALA S 17 38.23 15.41 4.57
N HIS S 18 37.98 15.45 5.88
CA HIS S 18 38.07 14.25 6.69
C HIS S 18 36.98 13.24 6.35
N VAL S 19 35.73 13.70 6.28
CA VAL S 19 34.65 12.79 5.89
C VAL S 19 34.79 12.40 4.43
N GLY S 20 35.29 13.31 3.60
CA GLY S 20 35.52 12.98 2.20
C GLY S 20 36.58 11.92 2.02
N MET S 21 37.71 12.06 2.72
CA MET S 21 38.77 11.06 2.62
C MET S 21 38.37 9.75 3.28
N ALA S 22 37.50 9.80 4.29
CA ALA S 22 37.00 8.57 4.89
C ALA S 22 36.25 7.74 3.87
N VAL S 23 35.40 8.37 3.08
CA VAL S 23 34.66 7.65 2.04
C VAL S 23 35.61 7.09 1.00
N LEU S 24 36.60 7.87 0.59
CA LEU S 24 37.52 7.43 -0.45
C LEU S 24 38.45 6.34 0.05
N ALA S 25 38.96 6.47 1.27
CA ALA S 25 39.84 5.44 1.82
C ALA S 25 39.10 4.12 1.99
N LEU S 26 37.86 4.17 2.49
CA LEU S 26 37.07 2.96 2.61
C LEU S 26 36.80 2.34 1.25
N LEU S 27 36.47 3.16 0.26
CA LEU S 27 36.14 2.63 -1.07
C LEU S 27 37.34 1.92 -1.69
N ILE S 28 38.52 2.54 -1.62
CA ILE S 28 39.70 1.97 -2.26
C ILE S 28 40.12 0.68 -1.57
N HIS S 29 40.12 0.67 -0.24
CA HIS S 29 40.45 -0.56 0.48
C HIS S 29 39.48 -1.67 0.12
N PHE S 30 38.19 -1.35 0.00
CA PHE S 30 37.20 -2.36 -0.36
C PHE S 30 37.39 -2.86 -1.78
N ILE S 31 37.73 -1.97 -2.71
CA ILE S 31 37.96 -2.38 -4.09
C ILE S 31 39.12 -3.35 -4.17
N LEU S 32 40.22 -3.05 -3.47
CA LEU S 32 41.37 -3.93 -3.47
C LEU S 32 41.04 -5.29 -2.84
N LEU S 33 40.23 -5.27 -1.78
CA LEU S 33 39.78 -6.53 -1.18
C LEU S 33 38.91 -7.33 -2.15
N SER S 34 38.17 -6.65 -3.01
CA SER S 34 37.32 -7.31 -3.99
C SER S 34 38.06 -7.64 -5.28
N THR S 35 39.39 -7.73 -5.25
CA THR S 35 40.19 -8.17 -6.38
C THR S 35 41.02 -9.37 -5.97
N GLU S 36 41.37 -10.20 -6.95
CA GLU S 36 42.20 -11.37 -6.65
C GLU S 36 43.65 -10.97 -6.39
N ASN S 37 44.18 -10.02 -7.16
CA ASN S 37 45.59 -9.71 -7.11
C ASN S 37 45.99 -8.86 -5.90
N PHE S 38 45.03 -8.19 -5.25
CA PHE S 38 45.38 -7.27 -4.18
C PHE S 38 44.54 -7.49 -2.92
N ASN S 39 43.89 -8.63 -2.78
CA ASN S 39 43.24 -8.99 -1.53
C ASN S 39 44.31 -9.55 -0.61
N TRP S 40 44.85 -8.71 0.27
CA TRP S 40 45.93 -9.15 1.14
C TRP S 40 45.48 -10.15 2.18
N LEU S 41 44.19 -10.20 2.50
CA LEU S 41 43.70 -11.20 3.44
C LEU S 41 43.51 -12.55 2.77
N GLN S 42 43.06 -12.55 1.51
CA GLN S 42 42.90 -13.80 0.78
C GLN S 42 44.26 -14.40 0.44
N GLY S 43 45.23 -13.56 0.09
CA GLY S 43 46.57 -14.03 -0.23
C GLY S 43 46.64 -14.90 -1.47
N ASN S 44 46.00 -14.46 -2.54
CA ASN S 44 46.08 -15.18 -3.80
C ASN S 44 47.46 -14.98 -4.43
N PRO S 45 47.89 -15.92 -5.27
CA PRO S 45 49.17 -15.73 -5.98
C PRO S 45 49.12 -14.50 -6.87
N TYR S 46 50.25 -13.82 -6.96
CA TYR S 46 50.34 -12.59 -7.73
C TYR S 46 50.95 -12.84 -9.11
N ASN T 7 36.92 40.06 8.32
CA ASN T 7 36.08 38.87 8.22
C ASN T 7 36.89 37.62 8.56
N VAL T 8 37.91 37.35 7.74
CA VAL T 8 38.82 36.24 7.98
C VAL T 8 40.16 36.72 8.53
N SER T 9 40.65 37.87 8.03
CA SER T 9 41.89 38.50 8.45
C SER T 9 43.11 37.71 8.01
N ASP T 10 44.22 38.42 7.75
CA ASP T 10 45.44 37.76 7.32
C ASP T 10 45.99 36.83 8.38
N GLU T 11 45.99 37.27 9.65
CA GLU T 11 46.66 36.49 10.69
C GLU T 11 45.91 35.18 10.97
N GLU T 12 44.58 35.21 10.96
CA GLU T 12 43.83 33.98 11.21
C GLU T 12 43.98 33.01 10.03
N ALA T 13 43.96 33.54 8.80
CA ALA T 13 44.14 32.69 7.63
C ALA T 13 45.55 32.10 7.60
N LYS T 14 46.55 32.86 8.06
CA LYS T 14 47.89 32.32 8.17
C LYS T 14 47.97 31.22 9.22
N GLU T 15 47.31 31.41 10.37
CA GLU T 15 47.28 30.36 11.39
C GLU T 15 46.57 29.12 10.89
N PHE T 16 45.47 29.30 10.16
CA PHE T 16 44.77 28.16 9.57
C PHE T 16 45.65 27.44 8.55
N HIS T 17 46.35 28.20 7.71
CA HIS T 17 47.18 27.57 6.68
C HIS T 17 48.35 26.81 7.30
N ALA T 18 48.91 27.35 8.39
CA ALA T 18 49.98 26.63 9.09
C ALA T 18 49.49 25.30 9.64
N MET T 19 48.30 25.30 10.25
CA MET T 19 47.70 24.05 10.68
C MET T 19 47.44 23.13 9.50
N PHE T 20 46.94 23.67 8.39
CA PHE T 20 46.73 22.88 7.19
C PHE T 20 48.03 22.34 6.63
N SER T 21 49.07 23.17 6.59
CA SER T 21 50.33 22.75 5.98
C SER T 21 50.97 21.61 6.74
N GLN T 22 50.95 21.67 8.07
CA GLN T 22 51.50 20.57 8.87
C GLN T 22 50.77 19.27 8.59
N ALA T 23 49.44 19.31 8.61
CA ALA T 23 48.66 18.10 8.38
C ALA T 23 48.79 17.60 6.95
N PHE T 24 48.75 18.52 5.99
CA PHE T 24 48.87 18.10 4.59
C PHE T 24 50.25 17.52 4.30
N THR T 25 51.29 18.02 4.96
CA THR T 25 52.62 17.46 4.76
C THR T 25 52.72 16.06 5.34
N VAL T 26 52.24 15.86 6.57
CA VAL T 26 52.32 14.55 7.20
C VAL T 26 51.42 13.56 6.46
N TYR T 27 50.22 13.97 6.08
CA TYR T 27 49.30 13.08 5.39
C TYR T 27 49.87 12.61 4.06
N ILE T 28 50.44 13.54 3.29
CA ILE T 28 51.01 13.16 2.00
C ILE T 28 52.26 12.30 2.18
N GLY T 29 53.13 12.68 3.13
CA GLY T 29 54.34 11.91 3.34
C GLY T 29 54.06 10.49 3.76
N VAL T 30 53.09 10.29 4.66
CA VAL T 30 52.69 8.94 5.04
C VAL T 30 52.07 8.21 3.85
N ALA T 31 51.25 8.91 3.07
CA ALA T 31 50.63 8.29 1.90
C ALA T 31 51.67 7.91 0.85
N VAL T 32 52.69 8.76 0.66
CA VAL T 32 53.73 8.46 -0.32
C VAL T 32 54.47 7.19 0.07
N VAL T 33 54.84 7.07 1.34
CA VAL T 33 55.52 5.87 1.82
C VAL T 33 54.63 4.64 1.67
N ALA T 34 53.34 4.79 1.99
CA ALA T 34 52.42 3.66 1.90
C ALA T 34 52.32 3.12 0.48
N HIS T 35 52.31 4.01 -0.51
CA HIS T 35 52.28 3.57 -1.90
C HIS T 35 53.61 2.96 -2.32
N ILE T 36 54.72 3.50 -1.80
CA ILE T 36 56.03 2.90 -2.04
C ILE T 36 56.07 1.49 -1.48
N LEU T 37 55.57 1.32 -0.25
CA LEU T 37 55.50 -0.01 0.34
C LEU T 37 54.52 -0.90 -0.41
N ALA T 38 53.39 -0.34 -0.84
CA ALA T 38 52.43 -1.13 -1.62
C ALA T 38 53.04 -1.56 -2.94
N TRP T 39 53.80 -0.68 -3.60
CA TRP T 39 54.47 -1.05 -4.85
C TRP T 39 55.51 -2.14 -4.61
N ALA T 40 56.26 -2.03 -3.51
CA ALA T 40 57.23 -3.07 -3.18
C ALA T 40 56.55 -4.42 -2.98
N TRP T 41 55.32 -4.41 -2.45
CA TRP T 41 54.59 -5.66 -2.26
C TRP T 41 54.10 -6.21 -3.59
N ARG T 42 53.24 -5.46 -4.28
CA ARG T 42 52.68 -5.89 -5.56
C ARG T 42 52.45 -4.69 -6.46
N PRO T 43 53.24 -4.53 -7.52
CA PRO T 43 52.99 -3.45 -8.47
C PRO T 43 51.61 -3.58 -9.10
N TRP T 44 50.95 -2.45 -9.29
CA TRP T 44 49.57 -2.44 -9.76
C TRP T 44 49.43 -1.97 -11.21
N ILE T 45 50.55 -1.81 -11.92
CA ILE T 45 50.48 -1.45 -13.33
C ILE T 45 50.92 -2.66 -14.15
N PRO T 46 49.99 -3.37 -14.78
CA PRO T 46 50.37 -4.57 -15.54
C PRO T 46 51.15 -4.23 -16.79
N GLY T 47 52.01 -5.16 -17.21
CA GLY T 47 52.72 -5.06 -18.46
C GLY T 47 51.93 -5.69 -19.59
N ASP T 48 52.62 -5.87 -20.72
CA ASP T 48 51.97 -6.47 -21.88
C ASP T 48 51.59 -7.92 -21.63
N GLU T 49 52.30 -8.60 -20.74
CA GLU T 49 51.98 -9.97 -20.36
C GLU T 49 51.11 -10.04 -19.11
N GLY T 50 50.66 -8.91 -18.60
CA GLY T 50 49.91 -8.88 -17.35
C GLY T 50 50.80 -8.57 -16.18
N PHE T 51 50.49 -9.11 -15.01
CA PHE T 51 51.33 -8.93 -13.84
C PHE T 51 52.50 -9.88 -13.86
N MET U 1 36.96 37.37 -18.17
CA MET U 1 36.42 36.27 -17.39
C MET U 1 36.56 36.52 -15.89
N TRP U 2 37.37 37.53 -15.53
CA TRP U 2 37.50 37.88 -14.12
C TRP U 2 36.19 38.42 -13.55
N ARG U 3 35.31 38.93 -14.40
CA ARG U 3 33.99 39.37 -13.96
C ARG U 3 33.11 38.21 -13.52
N LEU U 4 33.48 36.98 -13.89
CA LEU U 4 32.71 35.81 -13.48
C LEU U 4 32.63 35.67 -11.97
N TRP U 5 33.69 36.07 -11.26
CA TRP U 5 33.71 35.92 -9.82
C TRP U 5 32.93 37.02 -9.11
N LYS U 6 32.65 38.13 -9.79
CA LYS U 6 31.69 39.09 -9.25
C LYS U 6 30.26 38.59 -9.37
N LEU U 7 29.96 37.83 -10.42
CA LEU U 7 28.62 37.31 -10.61
C LEU U 7 28.30 36.21 -9.59
N TYR U 8 29.09 35.16 -9.59
CA TYR U 8 28.87 34.00 -8.72
C TYR U 8 29.77 34.08 -7.49
N ASP U 9 29.28 33.54 -6.39
CA ASP U 9 30.11 33.40 -5.21
C ASP U 9 31.24 32.43 -5.50
N PRO U 10 32.50 32.85 -5.39
CA PRO U 10 33.61 31.94 -5.71
C PRO U 10 33.61 30.68 -4.87
N ARG U 11 33.12 30.74 -3.63
CA ARG U 11 33.01 29.54 -2.81
C ARG U 11 32.07 28.52 -3.45
N ARG U 12 30.92 28.98 -3.91
CA ARG U 12 29.95 28.08 -4.52
C ARG U 12 30.47 27.50 -5.83
N VAL U 13 31.21 28.28 -6.60
CA VAL U 13 31.76 27.78 -7.86
C VAL U 13 32.77 26.67 -7.59
N LEU U 14 33.66 26.88 -6.62
CA LEU U 14 34.67 25.87 -6.31
C LEU U 14 34.03 24.59 -5.82
N ILE U 15 33.00 24.68 -4.98
CA ILE U 15 32.29 23.49 -4.53
C ILE U 15 31.66 22.78 -5.72
N GLY U 16 31.02 23.54 -6.61
CA GLY U 16 30.45 22.94 -7.81
C GLY U 16 31.51 22.33 -8.71
N ILE U 17 32.63 23.01 -8.87
CA ILE U 17 33.71 22.48 -9.71
C ILE U 17 34.32 21.25 -9.07
N PHE U 18 34.64 21.32 -7.78
CA PHE U 18 35.27 20.19 -7.11
C PHE U 18 34.35 18.98 -7.05
N SER U 19 33.06 19.20 -6.80
CA SER U 19 32.12 18.10 -6.78
C SER U 19 32.02 17.42 -8.14
N TRP U 20 31.99 18.21 -9.21
CA TRP U 20 31.98 17.64 -10.55
C TRP U 20 33.24 16.84 -10.83
N LEU U 21 34.40 17.37 -10.43
CA LEU U 21 35.65 16.66 -10.68
C LEU U 21 35.71 15.34 -9.94
N ALA U 22 35.27 15.33 -8.68
CA ALA U 22 35.27 14.09 -7.91
C ALA U 22 34.32 13.06 -8.54
N VAL U 23 33.13 13.49 -8.95
CA VAL U 23 32.17 12.57 -9.55
C VAL U 23 32.69 12.07 -10.90
N LEU U 24 33.19 12.98 -11.73
CA LEU U 24 33.66 12.60 -13.05
C LEU U 24 34.87 11.67 -12.96
N ALA U 25 35.82 11.98 -12.08
CA ALA U 25 36.99 11.12 -11.94
C ALA U 25 36.60 9.73 -11.45
N LEU U 26 35.61 9.67 -10.55
CA LEU U 26 35.12 8.37 -10.10
C LEU U 26 34.48 7.59 -11.24
N VAL U 27 33.77 8.29 -12.14
CA VAL U 27 33.14 7.61 -13.26
C VAL U 27 34.19 7.17 -14.28
N ILE U 28 35.19 7.99 -14.55
CA ILE U 28 36.18 7.65 -15.57
C ILE U 28 37.04 6.47 -15.11
N HIS U 29 37.45 6.48 -13.84
CA HIS U 29 38.20 5.34 -13.31
C HIS U 29 37.37 4.06 -13.39
N PHE U 30 36.06 4.16 -13.12
CA PHE U 30 35.19 2.99 -13.18
C PHE U 30 35.03 2.49 -14.61
N ILE U 31 34.97 3.39 -15.59
CA ILE U 31 34.91 2.98 -16.98
C ILE U 31 36.15 2.20 -17.37
N LEU U 32 37.32 2.66 -16.93
CA LEU U 32 38.55 1.94 -17.23
C LEU U 32 38.56 0.56 -16.59
N LEU U 33 38.02 0.45 -15.37
CA LEU U 33 37.95 -0.86 -14.73
C LEU U 33 37.08 -1.83 -15.51
N SER U 34 36.03 -1.33 -16.17
CA SER U 34 35.14 -2.19 -16.93
C SER U 34 35.79 -2.74 -18.20
N THR U 35 36.76 -2.03 -18.76
CA THR U 35 37.44 -2.51 -19.95
C THR U 35 38.48 -3.56 -19.57
N ASP U 36 38.77 -4.45 -20.52
CA ASP U 36 39.84 -5.42 -20.32
C ASP U 36 41.22 -4.79 -20.50
N ARG U 37 41.32 -3.84 -21.43
CA ARG U 37 42.63 -3.28 -21.78
C ARG U 37 43.17 -2.37 -20.68
N PHE U 38 42.29 -1.60 -20.03
CA PHE U 38 42.72 -0.58 -19.09
C PHE U 38 42.38 -0.90 -17.65
N ASN U 39 42.03 -2.15 -17.34
CA ASN U 39 41.76 -2.56 -15.96
C ASN U 39 43.11 -2.87 -15.31
N TRP U 40 43.62 -1.92 -14.52
CA TRP U 40 44.94 -2.07 -13.92
C TRP U 40 44.94 -3.03 -12.73
N VAL U 41 43.85 -3.10 -11.97
CA VAL U 41 43.81 -4.04 -10.86
C VAL U 41 43.57 -5.46 -11.36
N GLY U 42 42.99 -5.62 -12.55
CA GLY U 42 42.82 -6.94 -13.12
C GLY U 42 44.11 -7.54 -13.64
N GLY U 43 45.09 -6.70 -13.97
CA GLY U 43 46.35 -7.21 -14.49
C GLY U 43 46.20 -7.95 -15.80
N ALA U 44 45.33 -7.46 -16.68
CA ALA U 44 45.07 -8.13 -17.94
C ALA U 44 46.18 -7.84 -18.94
N ALA U 45 46.57 -8.86 -19.69
CA ALA U 45 47.55 -8.69 -20.76
C ALA U 45 46.90 -8.06 -21.98
N VAL U 46 47.72 -7.36 -22.77
CA VAL U 46 47.24 -6.71 -23.97
C VAL U 46 46.97 -7.75 -25.06
N LEU V 7 25.14 40.89 -7.50
CA LEU V 7 26.57 41.14 -7.38
C LEU V 7 27.11 40.71 -6.03
N THR V 8 28.21 39.96 -6.04
CA THR V 8 28.85 39.54 -4.82
C THR V 8 29.71 40.67 -4.25
N GLY V 9 30.14 40.49 -3.00
CA GLY V 9 30.89 41.54 -2.32
C GLY V 9 32.23 41.83 -2.92
N LEU V 10 32.84 40.85 -3.60
CA LEU V 10 34.19 41.01 -4.12
C LEU V 10 34.27 42.18 -5.09
N SER V 11 35.30 42.99 -4.93
CA SER V 11 35.53 44.14 -5.79
C SER V 11 36.27 43.70 -7.06
N ASP V 12 36.53 44.67 -7.94
CA ASP V 12 37.26 44.36 -9.16
C ASP V 12 38.67 43.88 -8.86
N GLU V 13 39.35 44.52 -7.91
CA GLU V 13 40.66 44.04 -7.48
C GLU V 13 40.57 42.64 -6.88
N GLU V 14 39.56 42.41 -6.05
CA GLU V 14 39.37 41.09 -5.44
C GLU V 14 39.05 40.04 -6.50
N ALA V 15 38.17 40.38 -7.43
CA ALA V 15 37.79 39.44 -8.49
C ALA V 15 38.96 39.15 -9.42
N LYS V 16 39.75 40.18 -9.76
CA LYS V 16 40.91 39.96 -10.62
C LYS V 16 41.97 39.11 -9.93
N GLU V 17 42.17 39.31 -8.63
CA GLU V 17 43.13 38.49 -7.89
C GLU V 17 42.66 37.04 -7.80
N PHE V 18 41.36 36.82 -7.56
CA PHE V 18 40.87 35.46 -7.53
C PHE V 18 41.01 34.79 -8.89
N HIS V 19 40.71 35.51 -9.97
CA HIS V 19 40.80 34.93 -11.30
C HIS V 19 42.24 34.55 -11.64
N SER V 20 43.20 35.41 -11.28
CA SER V 20 44.60 35.11 -11.58
C SER V 20 45.05 33.85 -10.83
N ILE V 21 44.69 33.73 -9.55
CA ILE V 21 45.04 32.54 -8.79
C ILE V 21 44.25 31.34 -9.31
N PHE V 22 42.98 31.54 -9.68
CA PHE V 22 42.17 30.44 -10.19
C PHE V 22 42.75 29.87 -11.47
N MET V 23 43.12 30.73 -12.41
CA MET V 23 43.65 30.24 -13.68
C MET V 23 44.99 29.55 -13.48
N GLN V 24 45.83 30.08 -12.60
CA GLN V 24 47.08 29.40 -12.26
C GLN V 24 46.79 28.04 -11.62
N SER V 25 45.88 28.01 -10.64
CA SER V 25 45.54 26.76 -9.99
C SER V 25 44.91 25.78 -10.97
N PHE V 26 44.05 26.27 -11.87
CA PHE V 26 43.52 25.41 -12.92
C PHE V 26 44.61 24.94 -13.86
N LEU V 27 45.56 25.81 -14.19
CA LEU V 27 46.65 25.43 -15.08
C LEU V 27 47.52 24.33 -14.46
N ILE V 28 47.84 24.45 -13.16
CA ILE V 28 48.63 23.42 -12.51
C ILE V 28 47.85 22.12 -12.44
N PHE V 29 46.54 22.20 -12.18
CA PHE V 29 45.70 21.00 -12.17
C PHE V 29 45.70 20.31 -13.52
N THR V 30 45.59 21.09 -14.60
CA THR V 30 45.63 20.51 -15.93
C THR V 30 47.03 20.00 -16.30
N ALA V 31 48.07 20.66 -15.79
CA ALA V 31 49.43 20.21 -16.07
C ALA V 31 49.70 18.84 -15.45
N VAL V 32 49.23 18.63 -14.22
CA VAL V 32 49.39 17.32 -13.58
C VAL V 32 48.64 16.25 -14.38
N ALA V 33 47.42 16.57 -14.81
CA ALA V 33 46.63 15.62 -15.57
C ALA V 33 47.26 15.32 -16.93
N VAL V 34 47.90 16.32 -17.52
CA VAL V 34 48.58 16.10 -18.80
C VAL V 34 49.71 15.09 -18.64
N VAL V 35 50.50 15.25 -17.57
CA VAL V 35 51.56 14.28 -17.29
C VAL V 35 50.96 12.90 -17.01
N ALA V 36 49.86 12.87 -16.24
CA ALA V 36 49.20 11.60 -15.98
C ALA V 36 48.75 10.92 -17.26
N HIS V 37 48.32 11.70 -18.24
CA HIS V 37 47.90 11.13 -19.52
C HIS V 37 49.09 10.71 -20.36
N PHE V 38 50.22 11.43 -20.27
CA PHE V 38 51.42 10.97 -20.96
C PHE V 38 51.90 9.65 -20.40
N LEU V 39 51.89 9.51 -19.07
CA LEU V 39 52.25 8.24 -18.45
C LEU V 39 51.26 7.15 -18.85
N ALA V 40 49.97 7.47 -18.86
CA ALA V 40 48.97 6.50 -19.27
C ALA V 40 49.15 6.08 -20.72
N TRP V 41 49.48 7.03 -21.59
CA TRP V 41 49.71 6.69 -22.99
C TRP V 41 50.95 5.82 -23.15
N ALA V 42 52.02 6.13 -22.41
CA ALA V 42 53.22 5.30 -22.47
C ALA V 42 52.94 3.88 -21.99
N TRP V 43 51.97 3.72 -21.09
CA TRP V 43 51.61 2.39 -20.61
C TRP V 43 50.76 1.65 -21.62
N ARG V 44 49.57 2.20 -21.92
CA ARG V 44 48.67 1.60 -22.90
C ARG V 44 47.91 2.70 -23.63
N PRO V 45 48.19 2.91 -24.92
CA PRO V 45 47.46 3.93 -25.68
C PRO V 45 45.99 3.60 -25.81
N TRP V 46 45.17 4.65 -25.91
CA TRP V 46 43.72 4.50 -25.93
C TRP V 46 43.08 4.90 -27.25
N ILE V 47 43.87 5.20 -28.28
CA ILE V 47 43.30 5.51 -29.60
C ILE V 47 43.70 4.41 -30.57
N PRO V 48 42.80 3.49 -30.89
CA PRO V 48 43.17 2.37 -31.78
C PRO V 48 43.35 2.83 -33.21
N GLY V 49 44.11 2.04 -33.96
CA GLY V 49 44.25 2.23 -35.38
C GLY V 49 43.07 1.66 -36.14
N ALA V 50 43.23 1.61 -37.47
CA ALA V 50 42.17 1.05 -38.31
C ALA V 50 41.96 -0.42 -38.05
N GLU V 51 42.99 -1.13 -37.60
CA GLU V 51 42.92 -2.56 -37.33
C GLU V 51 42.59 -2.87 -35.87
N GLY V 52 42.33 -1.86 -35.06
CA GLY V 52 42.08 -2.08 -33.66
C GLY V 52 43.38 -2.19 -32.87
N TYR V 53 43.26 -2.84 -31.72
CA TYR V 53 44.43 -3.08 -30.87
C TYR V 53 45.07 -4.41 -31.22
N MET W 1 23.81 40.02 -30.89
CA MET W 1 22.61 39.66 -30.16
C MET W 1 22.87 39.66 -28.65
N TRP W 2 23.41 40.77 -28.14
CA TRP W 2 23.69 40.92 -26.73
C TRP W 2 22.45 41.21 -25.91
N ARG W 3 21.33 41.52 -26.55
CA ARG W 3 20.09 41.81 -25.84
C ARG W 3 19.48 40.57 -25.19
N MET W 4 20.00 39.38 -25.49
CA MET W 4 19.43 38.16 -24.94
C MET W 4 19.46 38.16 -23.42
N TRP W 5 20.41 38.87 -22.83
CA TRP W 5 20.59 38.87 -21.39
C TRP W 5 19.69 39.87 -20.67
N LYS W 6 18.93 40.67 -21.42
CA LYS W 6 17.82 41.43 -20.85
C LYS W 6 16.57 40.59 -20.69
N ILE W 7 16.52 39.42 -21.33
CA ILE W 7 15.39 38.49 -21.23
C ILE W 7 15.75 37.29 -20.37
N LEU W 8 16.75 36.53 -20.78
CA LEU W 8 17.21 35.39 -20.02
C LEU W 8 18.17 35.84 -18.92
N ASP W 9 18.00 35.27 -17.73
CA ASP W 9 18.93 35.54 -16.64
C ASP W 9 20.28 34.90 -16.95
N TYR W 10 21.31 35.74 -17.11
CA TYR W 10 22.63 35.22 -17.50
C TYR W 10 23.20 34.28 -16.46
N ARG W 11 23.05 34.62 -15.18
CA ARG W 11 23.61 33.78 -14.12
C ARG W 11 22.98 32.39 -14.11
N ARG W 12 21.65 32.32 -14.28
CA ARG W 12 21.01 31.02 -14.31
C ARG W 12 21.23 30.31 -15.64
N THR W 13 21.28 31.06 -16.74
CA THR W 13 21.53 30.44 -18.04
C THR W 13 22.89 29.76 -18.09
N VAL W 14 23.92 30.40 -17.54
CA VAL W 14 25.26 29.82 -17.56
C VAL W 14 25.31 28.54 -16.74
N VAL W 15 24.68 28.54 -15.57
CA VAL W 15 24.67 27.35 -14.73
C VAL W 15 23.90 26.23 -15.42
N LEU W 16 22.73 26.55 -15.99
CA LEU W 16 21.95 25.54 -16.70
C LEU W 16 22.68 25.03 -17.94
N ALA W 17 23.41 25.91 -18.63
CA ALA W 17 24.16 25.47 -19.81
C ALA W 17 25.24 24.47 -19.43
N HIS W 18 25.96 24.72 -18.33
CA HIS W 18 27.01 23.81 -17.92
C HIS W 18 26.44 22.46 -17.50
N VAL W 19 25.37 22.46 -16.70
CA VAL W 19 24.74 21.20 -16.32
C VAL W 19 24.17 20.50 -17.53
N GLY W 20 23.50 21.24 -18.41
CA GLY W 20 22.92 20.64 -19.60
C GLY W 20 23.97 20.06 -20.54
N MET W 21 25.07 20.79 -20.74
CA MET W 21 26.14 20.27 -21.60
C MET W 21 26.90 19.15 -20.92
N ALA W 22 26.93 19.12 -19.59
CA ALA W 22 27.51 17.99 -18.88
C ALA W 22 26.74 16.71 -19.18
N VAL W 23 25.41 16.78 -19.08
CA VAL W 23 24.58 15.61 -19.36
C VAL W 23 24.75 15.18 -20.82
N LEU W 24 24.75 16.15 -21.74
CA LEU W 24 24.87 15.82 -23.16
C LEU W 24 26.24 15.24 -23.49
N ALA W 25 27.31 15.83 -22.95
CA ALA W 25 28.65 15.33 -23.24
C ALA W 25 28.84 13.92 -22.73
N LEU W 26 28.37 13.64 -21.51
CA LEU W 26 28.39 12.27 -21.01
C LEU W 26 27.53 11.36 -21.87
N LEU W 27 26.36 11.87 -22.29
CA LEU W 27 25.44 11.07 -23.09
C LEU W 27 26.07 10.67 -24.41
N ILE W 28 26.74 11.60 -25.09
CA ILE W 28 27.32 11.29 -26.40
C ILE W 28 28.53 10.36 -26.24
N HIS W 29 29.41 10.66 -25.30
CA HIS W 29 30.55 9.78 -25.06
C HIS W 29 30.07 8.37 -24.73
N PHE W 30 28.98 8.25 -23.97
CA PHE W 30 28.43 6.93 -23.65
C PHE W 30 27.82 6.26 -24.87
N ILE W 31 27.19 7.03 -25.75
CA ILE W 31 26.66 6.47 -26.98
C ILE W 31 27.78 5.90 -27.84
N LEU W 32 28.90 6.64 -27.94
CA LEU W 32 30.03 6.15 -28.71
C LEU W 32 30.61 4.87 -28.12
N LEU W 33 30.67 4.80 -26.78
CA LEU W 33 31.19 3.59 -26.13
C LEU W 33 30.34 2.38 -26.46
N SER W 34 29.02 2.56 -26.54
CA SER W 34 28.14 1.43 -26.82
C SER W 34 28.33 0.88 -28.22
N THR W 35 28.79 1.71 -29.16
CA THR W 35 28.99 1.27 -30.52
C THR W 35 30.20 0.36 -30.64
N GLU W 36 30.20 -0.50 -31.65
CA GLU W 36 31.36 -1.33 -31.91
C GLU W 36 32.47 -0.55 -32.60
N ASN W 37 32.12 0.37 -33.50
CA ASN W 37 33.13 1.04 -34.31
C ASN W 37 33.75 2.25 -33.63
N PHE W 38 33.16 2.77 -32.56
CA PHE W 38 33.66 3.99 -31.94
C PHE W 38 33.94 3.84 -30.45
N ASN W 39 33.94 2.62 -29.93
CA ASN W 39 34.41 2.36 -28.58
C ASN W 39 35.93 2.39 -28.63
N TRP W 40 36.51 3.54 -28.28
CA TRP W 40 37.96 3.69 -28.39
C TRP W 40 38.69 2.84 -27.38
N LEU W 41 38.09 2.62 -26.20
CA LEU W 41 38.72 1.78 -25.19
C LEU W 41 38.74 0.31 -25.60
N GLN W 42 37.70 -0.15 -26.30
CA GLN W 42 37.68 -1.53 -26.77
C GLN W 42 38.59 -1.72 -27.98
N GLY W 43 38.66 -0.73 -28.86
CA GLY W 43 39.52 -0.81 -30.02
C GLY W 43 39.15 -1.88 -31.02
N ASN W 44 37.88 -1.96 -31.40
CA ASN W 44 37.46 -2.90 -32.42
C ASN W 44 37.96 -2.44 -33.80
N PRO W 45 38.12 -3.36 -34.73
CA PRO W 45 38.54 -2.97 -36.09
C PRO W 45 37.50 -2.09 -36.75
N TYR W 46 37.99 -1.20 -37.62
CA TYR W 46 37.12 -0.24 -38.30
C TYR W 46 36.87 -0.68 -39.74
N ASN X 7 15.82 45.59 -14.99
CA ASN X 7 16.70 45.22 -13.88
C ASN X 7 18.14 45.07 -14.38
N VAL X 8 18.31 44.79 -15.67
CA VAL X 8 19.61 44.65 -16.29
C VAL X 8 19.78 45.76 -17.31
N SER X 9 20.83 46.56 -17.16
CA SER X 9 21.11 47.64 -18.09
C SER X 9 21.80 47.09 -19.33
N ASP X 10 21.96 47.96 -20.33
CA ASP X 10 22.66 47.55 -21.55
C ASP X 10 24.13 47.25 -21.26
N GLU X 11 24.76 48.06 -20.40
CA GLU X 11 26.16 47.82 -20.06
C GLU X 11 26.33 46.50 -19.33
N GLU X 12 25.39 46.16 -18.44
CA GLU X 12 25.40 44.84 -17.82
C GLU X 12 25.19 43.74 -18.86
N ALA X 13 24.27 43.96 -19.80
CA ALA X 13 23.97 42.96 -20.81
C ALA X 13 25.07 42.83 -21.86
N LYS X 14 25.94 43.83 -21.99
CA LYS X 14 27.02 43.76 -22.95
C LYS X 14 28.29 43.15 -22.37
N GLU X 15 28.50 43.28 -21.06
CA GLU X 15 29.59 42.57 -20.42
C GLU X 15 29.25 41.09 -20.21
N PHE X 16 27.95 40.78 -20.05
CA PHE X 16 27.54 39.38 -20.06
C PHE X 16 27.85 38.74 -21.41
N HIS X 17 27.53 39.44 -22.49
CA HIS X 17 27.75 38.89 -23.82
C HIS X 17 29.23 38.78 -24.16
N ALA X 18 30.05 39.70 -23.63
CA ALA X 18 31.49 39.60 -23.83
C ALA X 18 32.04 38.33 -23.17
N MET X 19 31.59 38.05 -21.95
CA MET X 19 31.97 36.80 -21.29
C MET X 19 31.42 35.60 -22.04
N PHE X 20 30.18 35.70 -22.52
CA PHE X 20 29.62 34.62 -23.33
C PHE X 20 30.44 34.40 -24.61
N SER X 21 30.83 35.49 -25.27
CA SER X 21 31.58 35.37 -26.51
C SER X 21 32.94 34.73 -26.28
N GLN X 22 33.60 35.07 -25.18
CA GLN X 22 34.87 34.43 -24.85
C GLN X 22 34.71 32.92 -24.69
N ALA X 23 33.76 32.50 -23.85
CA ALA X 23 33.56 31.08 -23.60
C ALA X 23 33.11 30.36 -24.88
N PHE X 24 32.16 30.95 -25.60
CA PHE X 24 31.61 30.29 -26.79
C PHE X 24 32.68 30.12 -27.85
N THR X 25 33.49 31.14 -28.10
CA THR X 25 34.53 31.05 -29.13
C THR X 25 35.54 29.97 -28.78
N VAL X 26 35.97 29.91 -27.53
CA VAL X 26 36.93 28.88 -27.13
C VAL X 26 36.26 27.51 -27.13
N TYR X 27 35.04 27.43 -26.61
CA TYR X 27 34.36 26.13 -26.54
C TYR X 27 34.09 25.57 -27.92
N ILE X 28 33.64 26.41 -28.85
CA ILE X 28 33.38 25.95 -30.21
C ILE X 28 34.70 25.66 -30.93
N GLY X 29 35.72 26.48 -30.69
CA GLY X 29 37.00 26.26 -31.33
C GLY X 29 37.62 24.92 -30.95
N VAL X 30 37.59 24.60 -29.65
CA VAL X 30 38.08 23.30 -29.21
C VAL X 30 37.20 22.18 -29.75
N ALA X 31 35.89 22.40 -29.75
CA ALA X 31 34.98 21.37 -30.24
C ALA X 31 35.20 21.07 -31.72
N VAL X 32 35.45 22.12 -32.53
CA VAL X 32 35.72 21.91 -33.94
C VAL X 32 37.01 21.12 -34.13
N VAL X 33 38.05 21.46 -33.37
CA VAL X 33 39.31 20.74 -33.47
C VAL X 33 39.13 19.29 -33.04
N ALA X 34 38.33 19.06 -31.99
CA ALA X 34 38.11 17.71 -31.52
C ALA X 34 37.42 16.86 -32.58
N HIS X 35 36.45 17.43 -33.29
CA HIS X 35 35.74 16.67 -34.32
C HIS X 35 36.63 16.42 -35.53
N ILE X 36 37.50 17.36 -35.88
CA ILE X 36 38.44 17.12 -36.97
C ILE X 36 39.35 15.95 -36.64
N LEU X 37 39.86 15.90 -35.41
CA LEU X 37 40.63 14.75 -34.96
C LEU X 37 39.78 13.48 -34.95
N ALA X 38 38.54 13.58 -34.49
CA ALA X 38 37.66 12.42 -34.48
C ALA X 38 37.38 11.93 -35.89
N TRP X 39 37.13 12.84 -36.82
CA TRP X 39 36.89 12.43 -38.21
C TRP X 39 38.14 11.84 -38.83
N ALA X 40 39.31 12.41 -38.53
CA ALA X 40 40.56 11.83 -39.03
C ALA X 40 40.80 10.45 -38.45
N TRP X 41 40.34 10.20 -37.23
CA TRP X 41 40.48 8.88 -36.62
C TRP X 41 39.55 7.87 -37.27
N ARG X 42 38.23 8.11 -37.17
CA ARG X 42 37.23 7.22 -37.75
C ARG X 42 36.02 8.02 -38.21
N PRO X 43 35.85 8.22 -39.51
CA PRO X 43 34.65 8.94 -39.99
C PRO X 43 33.37 8.22 -39.58
N TRP X 44 32.37 9.00 -39.20
CA TRP X 44 31.13 8.46 -38.64
C TRP X 44 29.96 8.54 -39.60
N ILE X 45 30.20 8.82 -40.88
CA ILE X 45 29.14 8.78 -41.86
C ILE X 45 29.36 7.57 -42.75
N PRO X 46 28.63 6.48 -42.56
CA PRO X 46 28.84 5.29 -43.37
C PRO X 46 28.38 5.49 -44.81
N GLY X 47 28.98 4.72 -45.70
CA GLY X 47 28.54 4.66 -47.08
C GLY X 47 27.38 3.70 -47.23
N ASP X 48 27.09 3.37 -48.48
CA ASP X 48 26.03 2.40 -48.76
C ASP X 48 26.37 1.01 -48.26
N GLU X 49 27.66 0.70 -48.11
CA GLU X 49 28.11 -0.59 -47.60
C GLU X 49 28.59 -0.52 -46.16
N GLY X 50 28.42 0.63 -45.50
CA GLY X 50 28.89 0.79 -44.15
C GLY X 50 30.29 1.37 -44.09
N PHE X 51 30.92 1.20 -42.94
CA PHE X 51 32.27 1.71 -42.72
C PHE X 51 33.32 0.82 -43.39
N MET Y 1 1.32 40.23 -35.41
CA MET Y 1 1.92 39.05 -34.79
C MET Y 1 2.93 39.44 -33.72
N TRP Y 2 3.50 40.63 -33.87
CA TRP Y 2 4.36 41.17 -32.82
C TRP Y 2 3.59 41.48 -31.55
N ARG Y 3 2.27 41.58 -31.63
CA ARG Y 3 1.45 41.75 -30.44
C ARG Y 3 1.51 40.55 -29.51
N LEU Y 4 2.03 39.43 -30.01
CA LEU Y 4 2.20 38.24 -29.19
C LEU Y 4 3.08 38.53 -27.98
N TRP Y 5 4.14 39.32 -28.18
CA TRP Y 5 5.11 39.57 -27.13
C TRP Y 5 4.65 40.58 -26.10
N LYS Y 6 3.62 41.36 -26.41
CA LYS Y 6 2.95 42.15 -25.37
C LYS Y 6 2.04 41.28 -24.52
N LEU Y 7 1.50 40.22 -25.11
CA LEU Y 7 0.60 39.29 -24.44
C LEU Y 7 1.34 38.19 -23.70
N TYR Y 8 2.41 37.66 -24.31
CA TYR Y 8 3.15 36.55 -23.74
C TYR Y 8 4.49 37.02 -23.22
N ASP Y 9 4.96 36.37 -22.16
CA ASP Y 9 6.27 36.67 -21.62
C ASP Y 9 7.33 36.11 -22.55
N PRO Y 10 8.21 36.93 -23.13
CA PRO Y 10 9.20 36.41 -24.06
C PRO Y 10 10.10 35.34 -23.45
N ARG Y 11 10.41 35.47 -22.16
CA ARG Y 11 11.30 34.50 -21.52
C ARG Y 11 10.64 33.14 -21.42
N ARG Y 12 9.40 33.09 -20.94
CA ARG Y 12 8.72 31.81 -20.81
C ARG Y 12 8.39 31.19 -22.16
N VAL Y 13 8.21 32.03 -23.20
CA VAL Y 13 8.06 31.49 -24.54
C VAL Y 13 9.36 30.87 -25.02
N LEU Y 14 10.48 31.59 -24.86
CA LEU Y 14 11.77 31.09 -25.32
C LEU Y 14 12.21 29.86 -24.53
N ILE Y 15 12.02 29.88 -23.21
CA ILE Y 15 12.33 28.71 -22.40
C ILE Y 15 11.46 27.54 -22.80
N GLY Y 16 10.17 27.79 -23.03
CA GLY Y 16 9.29 26.73 -23.50
C GLY Y 16 9.71 26.21 -24.87
N ILE Y 17 10.05 27.11 -25.78
CA ILE Y 17 10.47 26.69 -27.11
C ILE Y 17 11.80 25.96 -27.05
N PHE Y 18 12.77 26.50 -26.31
CA PHE Y 18 14.08 25.84 -26.21
C PHE Y 18 13.96 24.47 -25.56
N SER Y 19 13.09 24.34 -24.55
CA SER Y 19 12.85 23.03 -23.96
C SER Y 19 12.26 22.06 -24.98
N TRP Y 20 11.29 22.53 -25.77
CA TRP Y 20 10.72 21.68 -26.80
C TRP Y 20 11.76 21.29 -27.84
N LEU Y 21 12.58 22.24 -28.27
CA LEU Y 21 13.63 21.94 -29.23
C LEU Y 21 14.63 20.94 -28.64
N ALA Y 22 15.02 21.14 -27.38
CA ALA Y 22 15.97 20.24 -26.75
C ALA Y 22 15.42 18.81 -26.71
N VAL Y 23 14.17 18.66 -26.28
CA VAL Y 23 13.58 17.33 -26.19
C VAL Y 23 13.37 16.74 -27.58
N LEU Y 24 12.83 17.54 -28.50
CA LEU Y 24 12.51 17.03 -29.83
C LEU Y 24 13.76 16.60 -30.58
N ALA Y 25 14.82 17.41 -30.52
CA ALA Y 25 16.06 17.04 -31.17
C ALA Y 25 16.62 15.75 -30.58
N LEU Y 26 16.55 15.62 -29.26
CA LEU Y 26 17.04 14.41 -28.60
C LEU Y 26 16.21 13.19 -29.01
N VAL Y 27 14.89 13.33 -29.03
CA VAL Y 27 14.04 12.19 -29.38
C VAL Y 27 14.26 11.76 -30.82
N ILE Y 28 14.35 12.73 -31.73
CA ILE Y 28 14.55 12.39 -33.15
C ILE Y 28 15.92 11.77 -33.36
N HIS Y 29 16.96 12.36 -32.76
CA HIS Y 29 18.29 11.76 -32.87
C HIS Y 29 18.29 10.34 -32.28
N PHE Y 30 17.61 10.15 -31.16
CA PHE Y 30 17.53 8.81 -30.56
C PHE Y 30 16.72 7.86 -31.43
N ILE Y 31 15.64 8.35 -32.04
CA ILE Y 31 14.82 7.49 -32.90
C ILE Y 31 15.64 6.98 -34.08
N LEU Y 32 16.44 7.86 -34.69
CA LEU Y 32 17.29 7.45 -35.79
C LEU Y 32 18.32 6.42 -35.32
N LEU Y 33 18.91 6.63 -34.14
CA LEU Y 33 19.87 5.67 -33.60
C LEU Y 33 19.24 4.30 -33.39
N SER Y 34 17.95 4.25 -33.07
CA SER Y 34 17.28 2.98 -32.86
C SER Y 34 17.01 2.24 -34.17
N THR Y 35 16.93 2.95 -35.29
CA THR Y 35 16.68 2.33 -36.57
C THR Y 35 17.96 1.82 -37.18
N ASP Y 36 17.90 0.65 -37.82
CA ASP Y 36 19.08 0.08 -38.44
C ASP Y 36 19.57 0.94 -39.59
N ARG Y 37 18.67 1.49 -40.39
CA ARG Y 37 19.06 2.23 -41.59
C ARG Y 37 19.75 3.54 -41.25
N PHE Y 38 19.25 4.26 -40.25
CA PHE Y 38 19.71 5.61 -39.96
C PHE Y 38 20.65 5.68 -38.76
N ASN Y 39 21.11 4.54 -38.24
CA ASN Y 39 22.08 4.53 -37.15
C ASN Y 39 23.45 4.84 -37.76
N TRP Y 40 23.85 6.11 -37.70
CA TRP Y 40 25.07 6.52 -38.38
C TRP Y 40 26.31 5.96 -37.70
N VAL Y 41 26.32 5.85 -36.38
CA VAL Y 41 27.49 5.28 -35.71
C VAL Y 41 27.48 3.76 -35.73
N GLY Y 42 26.33 3.13 -35.99
CA GLY Y 42 26.30 1.69 -36.16
C GLY Y 42 26.89 1.22 -37.47
N GLY Y 43 26.89 2.08 -38.49
CA GLY Y 43 27.51 1.74 -39.76
C GLY Y 43 26.84 0.62 -40.51
N ALA Y 44 25.51 0.59 -40.53
CA ALA Y 44 24.79 -0.42 -41.26
C ALA Y 44 24.85 -0.13 -42.76
N ALA Y 45 24.45 -1.11 -43.56
CA ALA Y 45 24.50 -1.03 -45.01
C ALA Y 45 23.09 -1.03 -45.58
N VAL Y 46 22.83 -0.09 -46.49
CA VAL Y 46 21.53 -0.02 -47.15
C VAL Y 46 21.38 -1.17 -48.14
N SER Z 6 -3.58 40.54 -17.29
CA SER Z 6 -3.26 41.78 -17.98
C SER Z 6 -2.25 41.55 -19.11
N LEU Z 7 -1.31 42.48 -19.25
CA LEU Z 7 -0.30 42.42 -20.30
C LEU Z 7 1.09 42.41 -19.69
N THR Z 8 2.02 41.80 -20.41
CA THR Z 8 3.42 41.85 -20.02
C THR Z 8 3.94 43.27 -20.12
N GLY Z 9 4.88 43.62 -19.23
CA GLY Z 9 5.52 44.90 -19.34
C GLY Z 9 6.46 44.95 -20.51
N LEU Z 10 6.03 45.61 -21.59
CA LEU Z 10 6.82 45.73 -22.82
C LEU Z 10 6.18 46.79 -23.71
N SER Z 11 6.96 47.77 -24.12
CA SER Z 11 6.41 48.87 -24.89
C SER Z 11 6.10 48.42 -26.32
N ASP Z 12 5.40 49.29 -27.05
CA ASP Z 12 5.02 48.99 -28.42
C ASP Z 12 6.24 48.82 -29.32
N GLU Z 13 7.35 49.46 -28.96
CA GLU Z 13 8.59 49.34 -29.72
C GLU Z 13 9.39 48.10 -29.34
N GLU Z 14 9.41 47.75 -28.05
CA GLU Z 14 10.14 46.57 -27.61
C GLU Z 14 9.54 45.29 -28.15
N ALA Z 15 8.21 45.24 -28.27
CA ALA Z 15 7.56 44.06 -28.85
C ALA Z 15 7.96 43.90 -30.31
N LYS Z 16 7.95 44.99 -31.08
CA LYS Z 16 8.40 44.91 -32.46
C LYS Z 16 9.88 44.55 -32.54
N GLU Z 17 10.69 45.09 -31.63
CA GLU Z 17 12.12 44.78 -31.62
C GLU Z 17 12.37 43.31 -31.31
N PHE Z 18 11.64 42.75 -30.33
CA PHE Z 18 11.78 41.34 -30.03
C PHE Z 18 11.34 40.49 -31.21
N HIS Z 19 10.20 40.84 -31.82
CA HIS Z 19 9.66 40.02 -32.90
C HIS Z 19 10.60 39.99 -34.09
N SER Z 20 11.22 41.12 -34.43
CA SER Z 20 12.17 41.14 -35.53
C SER Z 20 13.37 40.24 -35.23
N ILE Z 21 13.89 40.30 -34.01
CA ILE Z 21 15.01 39.44 -33.64
C ILE Z 21 14.56 37.98 -33.56
N PHE Z 22 13.36 37.75 -33.00
CA PHE Z 22 12.87 36.39 -32.86
C PHE Z 22 12.67 35.73 -34.23
N MET Z 23 12.09 36.46 -35.17
CA MET Z 23 11.85 35.88 -36.50
C MET Z 23 13.16 35.65 -37.25
N GLN Z 24 14.11 36.57 -37.13
CA GLN Z 24 15.41 36.37 -37.74
C GLN Z 24 16.13 35.18 -37.12
N SER Z 25 16.09 35.05 -35.79
CA SER Z 25 16.70 33.92 -35.13
C SER Z 25 16.02 32.62 -35.54
N PHE Z 26 14.69 32.64 -35.64
CA PHE Z 26 13.97 31.44 -36.08
C PHE Z 26 14.32 31.08 -37.52
N LEU Z 27 14.41 32.08 -38.41
CA LEU Z 27 14.71 31.79 -39.80
C LEU Z 27 16.10 31.21 -39.97
N ILE Z 28 17.09 31.78 -39.26
CA ILE Z 28 18.45 31.25 -39.33
C ILE Z 28 18.49 29.84 -38.76
N PHE Z 29 17.77 29.60 -37.66
CA PHE Z 29 17.69 28.26 -37.10
C PHE Z 29 17.07 27.29 -38.09
N THR Z 30 16.03 27.71 -38.80
CA THR Z 30 15.40 26.85 -39.80
C THR Z 30 16.30 26.68 -41.02
N ALA Z 31 16.97 27.75 -41.45
CA ALA Z 31 17.83 27.66 -42.62
C ALA Z 31 18.96 26.67 -42.41
N VAL Z 32 19.57 26.67 -41.22
CA VAL Z 32 20.57 25.66 -40.89
C VAL Z 32 19.94 24.27 -40.91
N ALA Z 33 18.74 24.14 -40.36
CA ALA Z 33 18.06 22.85 -40.35
C ALA Z 33 17.74 22.38 -41.77
N VAL Z 34 17.37 23.31 -42.66
CA VAL Z 34 17.09 22.94 -44.04
C VAL Z 34 18.34 22.38 -44.70
N VAL Z 35 19.48 23.04 -44.50
CA VAL Z 35 20.74 22.56 -45.06
C VAL Z 35 21.11 21.21 -44.46
N ALA Z 36 20.85 21.04 -43.17
CA ALA Z 36 21.14 19.75 -42.52
C ALA Z 36 20.32 18.63 -43.12
N HIS Z 37 19.03 18.89 -43.40
CA HIS Z 37 18.18 17.86 -44.00
C HIS Z 37 18.62 17.54 -45.42
N PHE Z 38 19.09 18.53 -46.17
CA PHE Z 38 19.64 18.25 -47.50
C PHE Z 38 20.86 17.34 -47.41
N LEU Z 39 21.75 17.61 -46.45
CA LEU Z 39 22.89 16.73 -46.23
C LEU Z 39 22.45 15.34 -45.80
N ALA Z 40 21.46 15.26 -44.91
CA ALA Z 40 20.96 13.96 -44.48
C ALA Z 40 20.28 13.22 -45.62
N TRP Z 41 19.51 13.92 -46.44
CA TRP Z 41 18.87 13.28 -47.58
C TRP Z 41 19.90 12.81 -48.60
N ALA Z 42 20.95 13.60 -48.82
CA ALA Z 42 22.02 13.16 -49.71
C ALA Z 42 22.72 11.92 -49.19
N TRP Z 43 22.73 11.74 -47.87
CA TRP Z 43 23.34 10.55 -47.28
C TRP Z 43 22.41 9.34 -47.42
N ARG Z 44 21.23 9.39 -46.80
CA ARG Z 44 20.26 8.31 -46.88
C ARG Z 44 18.85 8.86 -46.87
N PRO Z 45 18.13 8.78 -47.98
CA PRO Z 45 16.76 9.29 -48.03
C PRO Z 45 15.86 8.52 -47.07
N TRP Z 46 14.88 9.22 -46.52
CA TRP Z 46 14.00 8.66 -45.50
C TRP Z 46 12.57 8.49 -45.98
N ILE Z 47 12.31 8.58 -47.28
CA ILE Z 47 10.99 8.37 -47.85
C ILE Z 47 11.06 7.17 -48.78
N PRO Z 48 10.67 5.99 -48.32
CA PRO Z 48 10.82 4.78 -49.14
C PRO Z 48 9.84 4.77 -50.30
N GLY Z 49 10.17 3.98 -51.31
CA GLY Z 49 9.30 3.74 -52.43
C GLY Z 49 8.31 2.65 -52.15
N ALA Z 50 7.56 2.28 -53.20
CA ALA Z 50 6.56 1.23 -53.07
C ALA Z 50 7.19 -0.12 -52.73
N GLU Z 51 8.39 -0.37 -53.25
CA GLU Z 51 9.10 -1.61 -52.94
C GLU Z 51 9.92 -1.53 -51.66
N GLY Z 52 9.96 -0.38 -51.01
CA GLY Z 52 10.73 -0.20 -49.80
C GLY Z 52 12.06 0.48 -50.06
N TYR Z 53 13.05 0.19 -49.23
CA TYR Z 53 14.38 0.76 -49.39
C TYR Z 53 15.26 -0.10 -50.27
N MET AA 1 -16.14 36.18 -35.68
CA MET AA 1 -15.90 35.09 -34.76
C MET AA 1 -14.96 35.53 -33.64
N TRP AA 2 -14.56 36.80 -33.69
CA TRP AA 2 -13.69 37.34 -32.66
C TRP AA 2 -14.35 37.40 -31.29
N ARG AA 3 -15.68 37.29 -31.23
CA ARG AA 3 -16.37 37.22 -29.95
C ARG AA 3 -15.96 36.00 -29.15
N MET AA 4 -15.36 34.99 -29.80
CA MET AA 4 -14.91 33.79 -29.10
C MET AA 4 -13.94 34.13 -27.98
N TRP AA 5 -13.09 35.13 -28.20
CA TRP AA 5 -12.07 35.50 -27.23
C TRP AA 5 -12.59 36.36 -26.09
N LYS AA 6 -13.85 36.76 -26.14
CA LYS AA 6 -14.51 37.34 -24.98
C LYS AA 6 -15.20 36.29 -24.13
N ILE AA 7 -15.17 35.03 -24.55
CA ILE AA 7 -15.68 33.91 -23.75
C ILE AA 7 -14.49 33.20 -23.12
N LEU AA 8 -13.58 32.70 -23.95
CA LEU AA 8 -12.38 32.03 -23.49
C LEU AA 8 -11.23 33.04 -23.37
N ASP AA 9 -10.28 32.72 -22.52
CA ASP AA 9 -9.07 33.53 -22.39
C ASP AA 9 -8.10 33.14 -23.49
N TYR AA 10 -7.76 34.12 -24.34
CA TYR AA 10 -6.92 33.83 -25.50
C TYR AA 10 -5.53 33.37 -25.09
N ARG AA 11 -4.95 34.00 -24.07
CA ARG AA 11 -3.57 33.72 -23.70
C ARG AA 11 -3.39 32.27 -23.26
N ARG AA 12 -4.34 31.76 -22.47
CA ARG AA 12 -4.26 30.36 -22.03
C ARG AA 12 -4.78 29.39 -23.08
N THR AA 13 -5.75 29.81 -23.89
CA THR AA 13 -6.26 28.92 -24.93
C THR AA 13 -5.17 28.54 -25.92
N VAL AA 14 -4.35 29.51 -26.33
CA VAL AA 14 -3.29 29.24 -27.29
C VAL AA 14 -2.22 28.34 -26.68
N VAL AA 15 -1.84 28.59 -25.43
CA VAL AA 15 -0.84 27.76 -24.78
C VAL AA 15 -1.34 26.33 -24.61
N LEU AA 16 -2.59 26.18 -24.14
CA LEU AA 16 -3.17 24.85 -24.03
C LEU AA 16 -3.32 24.19 -25.39
N ALA AA 17 -3.68 24.98 -26.42
CA ALA AA 17 -3.79 24.44 -27.76
C ALA AA 17 -2.45 23.91 -28.25
N HIS AA 18 -1.37 24.64 -27.98
CA HIS AA 18 -0.04 24.19 -28.37
C HIS AA 18 0.31 22.88 -27.70
N VAL AA 19 0.06 22.77 -26.40
CA VAL AA 19 0.34 21.53 -25.69
C VAL AA 19 -0.53 20.40 -26.21
N GLY AA 20 -1.82 20.67 -26.42
CA GLY AA 20 -2.71 19.63 -26.90
C GLY AA 20 -2.36 19.15 -28.30
N MET AA 21 -2.06 20.08 -29.20
CA MET AA 21 -1.70 19.69 -30.55
C MET AA 21 -0.33 19.03 -30.60
N ALA AA 22 0.57 19.40 -29.68
CA ALA AA 22 1.86 18.72 -29.60
C ALA AA 22 1.68 17.25 -29.25
N VAL AA 23 0.81 16.97 -28.27
CA VAL AA 23 0.51 15.58 -27.93
C VAL AA 23 -0.14 14.87 -29.11
N LEU AA 24 -1.06 15.55 -29.79
CA LEU AA 24 -1.70 14.94 -30.95
C LEU AA 24 -0.70 14.67 -32.08
N ALA AA 25 0.19 15.62 -32.33
CA ALA AA 25 1.21 15.41 -33.36
C ALA AA 25 2.15 14.27 -32.99
N LEU AA 26 2.58 14.22 -31.73
CA LEU AA 26 3.42 13.11 -31.28
C LEU AA 26 2.67 11.79 -31.34
N LEU AA 27 1.39 11.80 -30.95
CA LEU AA 27 0.59 10.58 -30.98
C LEU AA 27 0.50 10.02 -32.39
N ILE AA 28 0.13 10.85 -33.36
CA ILE AA 28 -0.10 10.36 -34.72
C ILE AA 28 1.19 9.88 -35.35
N HIS AA 29 2.27 10.66 -35.21
CA HIS AA 29 3.56 10.25 -35.76
C HIS AA 29 4.00 8.91 -35.16
N PHE AA 30 3.85 8.74 -33.85
CA PHE AA 30 4.21 7.48 -33.21
C PHE AA 30 3.29 6.34 -33.63
N ILE AA 31 2.02 6.62 -33.90
CA ILE AA 31 1.11 5.59 -34.40
C ILE AA 31 1.57 5.10 -35.77
N LEU AA 32 1.97 6.03 -36.65
CA LEU AA 32 2.47 5.64 -37.96
C LEU AA 32 3.76 4.85 -37.86
N LEU AA 33 4.62 5.18 -36.89
CA LEU AA 33 5.84 4.41 -36.70
C LEU AA 33 5.55 2.99 -36.23
N SER AA 34 4.41 2.77 -35.58
CA SER AA 34 4.05 1.45 -35.12
C SER AA 34 3.40 0.60 -36.21
N THR AA 35 2.97 1.20 -37.31
CA THR AA 35 2.41 0.43 -38.40
C THR AA 35 3.53 -0.11 -39.30
N GLU AA 36 3.12 -0.92 -40.26
CA GLU AA 36 4.04 -1.49 -41.24
C GLU AA 36 4.07 -0.70 -42.55
N ASN AA 37 2.93 -0.18 -42.97
CA ASN AA 37 2.82 0.49 -44.26
C ASN AA 37 3.18 1.96 -44.21
N PHE AA 38 3.33 2.55 -43.02
CA PHE AA 38 3.59 3.98 -42.90
C PHE AA 38 4.75 4.29 -41.97
N ASN AA 39 5.57 3.29 -41.65
CA ASN AA 39 6.81 3.51 -40.91
C ASN AA 39 7.87 3.87 -41.95
N TRP AA 40 8.04 5.17 -42.18
CA TRP AA 40 8.94 5.64 -43.22
C TRP AA 40 10.40 5.32 -42.91
N LEU AA 41 10.74 5.14 -41.63
CA LEU AA 41 12.09 4.74 -41.28
C LEU AA 41 12.31 3.26 -41.58
N GLN AA 42 11.33 2.41 -41.26
CA GLN AA 42 11.45 0.99 -41.55
C GLN AA 42 11.46 0.74 -43.06
N GLY AA 43 10.61 1.44 -43.79
CA GLY AA 43 10.56 1.29 -45.24
C GLY AA 43 10.07 -0.05 -45.73
N ASN AA 44 9.01 -0.58 -45.13
CA ASN AA 44 8.42 -1.82 -45.60
C ASN AA 44 7.71 -1.59 -46.95
N PRO AA 45 7.55 -2.66 -47.74
CA PRO AA 45 6.82 -2.51 -49.01
C PRO AA 45 5.40 -2.05 -48.80
N TYR AA 46 4.90 -1.22 -49.71
CA TYR AA 46 3.55 -0.69 -49.62
C TYR AA 46 2.54 -1.67 -50.22
N ASN BA 7 -14.01 41.13 -19.40
CA ASN BA 7 -13.16 42.30 -19.21
C ASN BA 7 -12.27 42.50 -20.44
N VAL BA 8 -12.60 41.82 -21.53
CA VAL BA 8 -11.88 41.91 -22.79
C VAL BA 8 -12.73 42.74 -23.75
N SER BA 9 -12.15 43.83 -24.25
CA SER BA 9 -12.88 44.74 -25.12
C SER BA 9 -12.93 44.20 -26.55
N ASP BA 10 -13.73 44.85 -27.38
CA ASP BA 10 -13.85 44.45 -28.78
C ASP BA 10 -12.51 44.60 -29.51
N GLU BA 11 -11.80 45.70 -29.24
CA GLU BA 11 -10.53 45.93 -29.90
C GLU BA 11 -9.50 44.85 -29.54
N GLU BA 12 -9.44 44.47 -28.27
CA GLU BA 12 -8.50 43.43 -27.86
C GLU BA 12 -8.87 42.07 -28.46
N ALA BA 13 -10.16 41.73 -28.45
CA ALA BA 13 -10.59 40.45 -28.98
C ALA BA 13 -10.35 40.36 -30.48
N LYS BA 14 -10.57 41.45 -31.21
CA LYS BA 14 -10.29 41.45 -32.64
C LYS BA 14 -8.80 41.27 -32.92
N GLU BA 15 -7.94 41.89 -32.10
CA GLU BA 15 -6.51 41.71 -32.27
C GLU BA 15 -6.09 40.30 -31.87
N PHE BA 16 -6.75 39.69 -30.89
CA PHE BA 16 -6.51 38.27 -30.61
C PHE BA 16 -6.89 37.41 -31.81
N HIS BA 17 -8.00 37.72 -32.46
CA HIS BA 17 -8.45 36.91 -33.59
C HIS BA 17 -7.60 37.16 -34.83
N ALA BA 18 -7.09 38.37 -35.01
CA ALA BA 18 -6.19 38.64 -36.13
C ALA BA 18 -4.94 37.79 -36.03
N MET BA 19 -4.36 37.69 -34.84
CA MET BA 19 -3.23 36.77 -34.63
C MET BA 19 -3.67 35.33 -34.81
N PHE BA 20 -4.83 34.97 -34.27
CA PHE BA 20 -5.31 33.60 -34.38
C PHE BA 20 -5.56 33.22 -35.84
N SER BA 21 -6.20 34.11 -36.60
CA SER BA 21 -6.46 33.82 -38.00
C SER BA 21 -5.17 33.65 -38.80
N GLN BA 22 -4.20 34.52 -38.55
CA GLN BA 22 -2.93 34.43 -39.26
C GLN BA 22 -2.22 33.13 -38.95
N ALA BA 23 -2.19 32.74 -37.67
CA ALA BA 23 -1.54 31.49 -37.29
C ALA BA 23 -2.33 30.28 -37.78
N PHE BA 24 -3.66 30.36 -37.72
CA PHE BA 24 -4.49 29.22 -38.12
C PHE BA 24 -4.34 28.93 -39.62
N THR BA 25 -4.39 29.97 -40.45
CA THR BA 25 -4.35 29.74 -41.89
C THR BA 25 -2.98 29.25 -42.35
N VAL BA 26 -1.90 29.68 -41.70
CA VAL BA 26 -0.58 29.16 -42.04
C VAL BA 26 -0.44 27.72 -41.58
N TYR BA 27 -0.94 27.42 -40.37
CA TYR BA 27 -0.91 26.05 -39.87
C TYR BA 27 -1.74 25.12 -40.73
N ILE BA 28 -2.93 25.57 -41.14
CA ILE BA 28 -3.76 24.75 -42.03
C ILE BA 28 -3.11 24.61 -43.39
N GLY BA 29 -2.57 25.70 -43.93
CA GLY BA 29 -1.94 25.63 -45.24
C GLY BA 29 -0.81 24.64 -45.30
N VAL BA 30 0.04 24.63 -44.27
CA VAL BA 30 1.13 23.66 -44.22
C VAL BA 30 0.58 22.26 -44.02
N ALA BA 31 -0.44 22.10 -43.16
CA ALA BA 31 -0.98 20.79 -42.89
C ALA BA 31 -1.63 20.19 -44.13
N VAL BA 32 -2.33 21.00 -44.92
CA VAL BA 32 -2.95 20.51 -46.14
C VAL BA 32 -1.89 20.05 -47.13
N VAL BA 33 -0.83 20.82 -47.29
CA VAL BA 33 0.26 20.41 -48.18
C VAL BA 33 0.92 19.14 -47.67
N ALA BA 34 1.04 19.02 -46.35
CA ALA BA 34 1.65 17.82 -45.76
C ALA BA 34 0.85 16.58 -46.09
N HIS BA 35 -0.48 16.67 -46.00
CA HIS BA 35 -1.31 15.50 -46.28
C HIS BA 35 -1.33 15.18 -47.77
N ILE BA 36 -1.32 16.19 -48.63
CA ILE BA 36 -1.26 15.94 -50.06
C ILE BA 36 0.05 15.24 -50.43
N LEU BA 37 1.16 15.72 -49.86
CA LEU BA 37 2.45 15.03 -50.07
C LEU BA 37 2.43 13.63 -49.48
N ALA BA 38 1.81 13.47 -48.30
CA ALA BA 38 1.71 12.15 -47.70
C ALA BA 38 0.85 11.21 -48.55
N TRP BA 39 -0.25 11.74 -49.11
CA TRP BA 39 -1.09 10.93 -49.98
C TRP BA 39 -0.35 10.52 -51.24
N ALA BA 40 0.42 11.45 -51.82
CA ALA BA 40 1.21 11.14 -53.00
C ALA BA 40 2.27 10.08 -52.71
N TRP BA 41 2.66 9.92 -51.45
CA TRP BA 41 3.62 8.89 -51.09
C TRP BA 41 2.94 7.54 -50.93
N ARG BA 42 2.04 7.42 -49.96
CA ARG BA 42 1.32 6.18 -49.69
C ARG BA 42 -0.08 6.49 -49.20
N PRO BA 43 -1.10 6.31 -50.03
CA PRO BA 43 -2.48 6.56 -49.58
C PRO BA 43 -2.84 5.68 -48.39
N TRP BA 44 -3.59 6.27 -47.47
CA TRP BA 44 -3.97 5.59 -46.23
C TRP BA 44 -5.40 5.10 -46.24
N ILE BA 45 -6.10 5.19 -47.37
CA ILE BA 45 -7.46 4.68 -47.48
C ILE BA 45 -7.40 3.41 -48.33
N PRO BA 46 -7.46 2.23 -47.71
CA PRO BA 46 -7.35 0.99 -48.48
C PRO BA 46 -8.61 0.71 -49.28
N GLY BA 47 -8.43 -0.01 -50.38
CA GLY BA 47 -9.53 -0.48 -51.18
C GLY BA 47 -10.09 -1.77 -50.64
N ASP BA 48 -10.95 -2.40 -51.43
CA ASP BA 48 -11.53 -3.67 -51.04
C ASP BA 48 -10.46 -4.76 -50.93
N GLU BA 49 -9.37 -4.63 -51.68
CA GLU BA 49 -8.28 -5.59 -51.61
C GLU BA 49 -7.15 -5.16 -50.67
N GLY BA 50 -7.20 -3.94 -50.15
CA GLY BA 50 -6.13 -3.43 -49.32
C GLY BA 50 -5.31 -2.36 -50.01
N PHE BA 51 -4.04 -2.24 -49.64
CA PHE BA 51 -3.16 -1.24 -50.23
C PHE BA 51 -2.52 -1.76 -51.51
N MET CA 1 -34.78 28.98 -26.93
CA MET CA 1 -33.66 28.16 -26.51
C MET CA 1 -32.49 29.07 -26.13
N TRP CA 2 -32.56 30.33 -26.55
CA TRP CA 2 -31.51 31.28 -26.22
C TRP CA 2 -31.41 31.55 -24.72
N ARG CA 3 -32.46 31.22 -23.96
CA ARG CA 3 -32.40 31.34 -22.51
C ARG CA 3 -31.51 30.30 -21.87
N LEU CA 4 -31.05 29.30 -22.63
CA LEU CA 4 -30.14 28.30 -22.07
C LEU CA 4 -28.84 28.93 -21.59
N TRP CA 5 -28.45 30.05 -22.19
CA TRP CA 5 -27.19 30.70 -21.84
C TRP CA 5 -27.34 31.69 -20.69
N LYS CA 6 -28.54 32.22 -20.48
CA LYS CA 6 -28.83 32.92 -19.22
C LYS CA 6 -28.81 31.97 -18.05
N LEU CA 7 -28.95 30.67 -18.29
CA LEU CA 7 -28.89 29.65 -17.26
C LEU CA 7 -27.48 29.10 -17.06
N TYR CA 8 -26.79 28.76 -18.15
CA TYR CA 8 -25.50 28.10 -18.07
C TYR CA 8 -24.39 29.02 -18.60
N ASP CA 9 -23.25 28.98 -17.92
CA ASP CA 9 -22.12 29.80 -18.33
C ASP CA 9 -21.57 29.31 -19.66
N PRO CA 10 -21.51 30.16 -20.69
CA PRO CA 10 -21.04 29.69 -22.01
C PRO CA 10 -19.63 29.13 -21.99
N ARG CA 11 -18.73 29.69 -21.17
CA ARG CA 11 -17.37 29.17 -21.12
C ARG CA 11 -17.36 27.75 -20.58
N ARG CA 12 -18.15 27.48 -19.54
CA ARG CA 12 -18.22 26.13 -18.98
C ARG CA 12 -18.84 25.16 -19.98
N VAL CA 13 -19.87 25.60 -20.71
CA VAL CA 13 -20.55 24.73 -21.66
C VAL CA 13 -19.62 24.37 -22.82
N LEU CA 14 -18.93 25.37 -23.37
CA LEU CA 14 -18.05 25.12 -24.51
C LEU CA 14 -16.88 24.21 -24.11
N ILE CA 15 -16.31 24.44 -22.92
CA ILE CA 15 -15.27 23.54 -22.42
C ILE CA 15 -15.82 22.15 -22.20
N GLY CA 16 -17.05 22.06 -21.67
CA GLY CA 16 -17.67 20.76 -21.52
C GLY CA 16 -17.95 20.08 -22.85
N ILE CA 17 -18.44 20.85 -23.83
CA ILE CA 17 -18.72 20.29 -25.15
C ILE CA 17 -17.42 19.85 -25.83
N PHE CA 18 -16.41 20.74 -25.84
CA PHE CA 18 -15.18 20.42 -26.55
C PHE CA 18 -14.48 19.21 -25.93
N SER CA 19 -14.50 19.12 -24.60
CA SER CA 19 -13.94 17.93 -23.94
C SER CA 19 -14.73 16.68 -24.30
N TRP CA 20 -16.05 16.79 -24.33
CA TRP CA 20 -16.88 15.66 -24.73
C TRP CA 20 -16.60 15.26 -26.18
N LEU CA 21 -16.50 16.25 -27.08
CA LEU CA 21 -16.20 15.94 -28.47
C LEU CA 21 -14.81 15.34 -28.61
N ALA CA 22 -13.83 15.87 -27.89
CA ALA CA 22 -12.47 15.36 -28.00
C ALA CA 22 -12.39 13.92 -27.55
N VAL CA 23 -13.00 13.60 -26.41
CA VAL CA 23 -12.95 12.24 -25.89
C VAL CA 23 -13.72 11.30 -26.81
N LEU CA 24 -14.92 11.70 -27.23
CA LEU CA 24 -15.72 10.84 -28.10
C LEU CA 24 -15.03 10.58 -29.43
N ALA CA 25 -14.44 11.61 -30.03
CA ALA CA 25 -13.76 11.42 -31.31
C ALA CA 25 -12.58 10.49 -31.16
N LEU CA 26 -11.81 10.62 -30.08
CA LEU CA 26 -10.71 9.69 -29.82
C LEU CA 26 -11.21 8.27 -29.66
N VAL CA 27 -12.30 8.09 -28.91
CA VAL CA 27 -12.81 6.75 -28.64
C VAL CA 27 -13.29 6.10 -29.94
N ILE CA 28 -14.01 6.85 -30.78
CA ILE CA 28 -14.52 6.28 -32.03
C ILE CA 28 -13.37 5.99 -32.98
N HIS CA 29 -12.46 6.96 -33.15
CA HIS CA 29 -11.32 6.75 -34.04
C HIS CA 29 -10.49 5.56 -33.58
N PHE CA 30 -10.36 5.37 -32.26
CA PHE CA 30 -9.62 4.23 -31.74
C PHE CA 30 -10.42 2.93 -31.86
N ILE CA 31 -11.74 3.00 -31.66
CA ILE CA 31 -12.56 1.81 -31.81
C ILE CA 31 -12.49 1.27 -33.24
N LEU CA 32 -12.55 2.17 -34.23
CA LEU CA 32 -12.46 1.74 -35.61
C LEU CA 32 -11.11 1.10 -35.91
N LEU CA 33 -10.04 1.62 -35.30
CA LEU CA 33 -8.72 1.04 -35.51
C LEU CA 33 -8.63 -0.38 -34.98
N SER CA 34 -9.43 -0.71 -33.95
CA SER CA 34 -9.41 -2.08 -33.43
C SER CA 34 -10.16 -3.04 -34.33
N THR CA 35 -11.15 -2.56 -35.07
CA THR CA 35 -11.95 -3.44 -35.91
C THR CA 35 -11.13 -3.96 -37.08
N ASP CA 36 -11.50 -5.14 -37.58
CA ASP CA 36 -10.85 -5.72 -38.74
C ASP CA 36 -11.32 -5.12 -40.05
N ARG CA 37 -12.39 -4.33 -40.03
CA ARG CA 37 -12.96 -3.79 -41.26
C ARG CA 37 -12.65 -2.31 -41.46
N PHE CA 38 -12.61 -1.52 -40.38
CA PHE CA 38 -12.47 -0.07 -40.48
C PHE CA 38 -11.09 0.40 -40.02
N ASN CA 39 -10.09 -0.47 -40.03
CA ASN CA 39 -8.72 -0.09 -39.67
C ASN CA 39 -8.03 0.42 -40.93
N TRP CA 40 -8.03 1.73 -41.12
CA TRP CA 40 -7.50 2.29 -42.37
C TRP CA 40 -5.98 2.25 -42.42
N VAL CA 41 -5.30 2.48 -41.30
CA VAL CA 41 -3.84 2.44 -41.34
C VAL CA 41 -3.35 1.00 -41.39
N GLY CA 42 -4.14 0.05 -40.90
CA GLY CA 42 -3.75 -1.35 -40.93
C GLY CA 42 -3.84 -2.02 -42.26
N GLY CA 43 -4.41 -1.35 -43.26
CA GLY CA 43 -4.51 -1.91 -44.60
C GLY CA 43 -5.37 -3.15 -44.70
N ALA CA 44 -6.51 -3.16 -44.01
CA ALA CA 44 -7.39 -4.33 -44.02
C ALA CA 44 -8.12 -4.44 -45.36
N ALA CA 45 -8.46 -5.68 -45.72
CA ALA CA 45 -9.26 -5.97 -46.90
C ALA CA 45 -10.65 -6.42 -46.47
N VAL CA 46 -11.65 -6.06 -47.26
CA VAL CA 46 -13.03 -6.42 -46.96
C VAL CA 46 -13.22 -7.94 -46.96
N LEU DA 7 -28.22 31.91 -12.55
CA LEU DA 7 -28.24 32.97 -13.55
C LEU DA 7 -26.84 33.54 -13.76
N THR DA 8 -26.44 33.65 -15.03
CA THR DA 8 -25.16 34.23 -15.37
C THR DA 8 -25.28 35.76 -15.43
N GLY DA 9 -24.19 36.42 -15.79
CA GLY DA 9 -24.19 37.86 -15.95
C GLY DA 9 -24.55 38.35 -17.33
N LEU DA 10 -24.97 37.46 -18.22
CA LEU DA 10 -25.32 37.84 -19.58
C LEU DA 10 -26.68 38.51 -19.62
N SER DA 11 -26.83 39.45 -20.55
CA SER DA 11 -28.09 40.13 -20.75
C SER DA 11 -28.94 39.34 -21.76
N ASP DA 12 -30.11 39.87 -22.10
CA ASP DA 12 -30.97 39.22 -23.09
C ASP DA 12 -30.31 39.20 -24.45
N GLU DA 13 -29.75 40.34 -24.88
CA GLU DA 13 -29.14 40.41 -26.21
C GLU DA 13 -27.83 39.65 -26.28
N GLU DA 14 -27.09 39.57 -25.17
CA GLU DA 14 -25.87 38.78 -25.15
C GLU DA 14 -26.18 37.29 -25.32
N ALA DA 15 -27.22 36.79 -24.65
CA ALA DA 15 -27.60 35.40 -24.80
C ALA DA 15 -28.07 35.11 -26.22
N LYS DA 16 -28.85 36.02 -26.81
CA LYS DA 16 -29.28 35.83 -28.19
C LYS DA 16 -28.10 35.81 -29.15
N GLU DA 17 -27.13 36.71 -28.92
CA GLU DA 17 -25.95 36.74 -29.77
C GLU DA 17 -25.13 35.47 -29.64
N PHE DA 18 -24.99 34.95 -28.42
CA PHE DA 18 -24.28 33.68 -28.25
C PHE DA 18 -25.02 32.54 -28.91
N HIS DA 19 -26.34 32.47 -28.74
CA HIS DA 19 -27.10 31.37 -29.29
C HIS DA 19 -27.00 31.33 -30.82
N SER DA 20 -27.05 32.51 -31.45
CA SER DA 20 -26.93 32.55 -32.90
C SER DA 20 -25.57 32.02 -33.36
N ILE DA 21 -24.49 32.47 -32.72
CA ILE DA 21 -23.16 32.00 -33.10
C ILE DA 21 -22.99 30.53 -32.74
N PHE DA 22 -23.56 30.11 -31.60
CA PHE DA 22 -23.48 28.70 -31.21
C PHE DA 22 -24.19 27.82 -32.23
N MET DA 23 -25.41 28.20 -32.63
CA MET DA 23 -26.14 27.40 -33.60
C MET DA 23 -25.44 27.37 -34.96
N GLN DA 24 -24.92 28.52 -35.40
CA GLN DA 24 -24.20 28.56 -36.67
C GLN DA 24 -22.99 27.63 -36.64
N SER DA 25 -22.18 27.74 -35.59
CA SER DA 25 -20.99 26.89 -35.48
C SER DA 25 -21.37 25.43 -35.30
N PHE DA 26 -22.41 25.15 -34.51
CA PHE DA 26 -22.87 23.78 -34.35
C PHE DA 26 -23.43 23.23 -35.64
N LEU DA 27 -24.03 24.07 -36.48
CA LEU DA 27 -24.47 23.64 -37.80
C LEU DA 27 -23.29 23.35 -38.71
N ILE DA 28 -22.31 24.25 -38.73
CA ILE DA 28 -21.11 24.05 -39.55
C ILE DA 28 -20.36 22.81 -39.09
N PHE DA 29 -20.22 22.63 -37.77
CA PHE DA 29 -19.55 21.46 -37.25
C PHE DA 29 -20.28 20.18 -37.66
N THR DA 30 -21.61 20.18 -37.57
CA THR DA 30 -22.39 19.02 -37.98
C THR DA 30 -22.32 18.81 -39.49
N ALA DA 31 -22.35 19.89 -40.27
CA ALA DA 31 -22.32 19.76 -41.72
C ALA DA 31 -21.02 19.14 -42.20
N VAL DA 32 -19.89 19.54 -41.61
CA VAL DA 32 -18.61 18.94 -41.97
C VAL DA 32 -18.61 17.45 -41.63
N ALA DA 33 -19.17 17.11 -40.47
CA ALA DA 33 -19.24 15.72 -40.05
C ALA DA 33 -20.13 14.89 -40.97
N VAL DA 34 -21.19 15.51 -41.51
CA VAL DA 34 -22.02 14.82 -42.50
C VAL DA 34 -21.21 14.49 -43.74
N VAL DA 35 -20.41 15.45 -44.21
CA VAL DA 35 -19.51 15.17 -45.33
C VAL DA 35 -18.51 14.09 -44.96
N ALA DA 36 -18.03 14.10 -43.71
CA ALA DA 36 -17.09 13.07 -43.26
C ALA DA 36 -17.73 11.70 -43.31
N HIS DA 37 -19.01 11.59 -42.92
CA HIS DA 37 -19.68 10.30 -42.92
C HIS DA 37 -20.02 9.86 -44.34
N PHE DA 38 -20.35 10.81 -45.23
CA PHE DA 38 -20.63 10.45 -46.62
C PHE DA 38 -19.40 9.85 -47.29
N LEU DA 39 -18.23 10.46 -47.08
CA LEU DA 39 -16.99 9.89 -47.61
C LEU DA 39 -16.69 8.55 -46.93
N ALA DA 40 -16.92 8.46 -45.62
CA ALA DA 40 -16.65 7.21 -44.91
C ALA DA 40 -17.55 6.09 -45.42
N TRP DA 41 -18.82 6.41 -45.69
CA TRP DA 41 -19.73 5.40 -46.24
C TRP DA 41 -19.31 5.00 -47.65
N ALA DA 42 -18.90 5.98 -48.46
CA ALA DA 42 -18.42 5.66 -49.80
C ALA DA 42 -17.23 4.71 -49.76
N TRP DA 43 -16.43 4.78 -48.69
CA TRP DA 43 -15.29 3.89 -48.55
C TRP DA 43 -15.73 2.50 -48.11
N ARG DA 44 -16.32 2.39 -46.92
CA ARG DA 44 -16.80 1.12 -46.40
C ARG DA 44 -18.06 1.32 -45.57
N PRO DA 45 -19.22 0.91 -46.09
CA PRO DA 45 -20.47 1.05 -45.32
C PRO DA 45 -20.40 0.28 -44.02
N TRP DA 46 -20.98 0.86 -42.96
CA TRP DA 46 -20.93 0.28 -41.63
C TRP DA 46 -22.25 -0.33 -41.20
N ILE DA 47 -23.22 -0.43 -42.11
CA ILE DA 47 -24.47 -1.13 -41.81
C ILE DA 47 -24.47 -2.45 -42.57
N PRO DA 48 -24.19 -3.58 -41.93
CA PRO DA 48 -24.11 -4.84 -42.66
C PRO DA 48 -25.49 -5.32 -43.09
N GLY DA 49 -25.48 -6.19 -44.10
CA GLY DA 49 -26.69 -6.81 -44.58
C GLY DA 49 -27.08 -8.01 -43.75
N ALA DA 50 -28.08 -8.74 -44.25
CA ALA DA 50 -28.53 -9.95 -43.56
C ALA DA 50 -27.43 -11.00 -43.51
N GLU DA 51 -26.67 -11.12 -44.60
CA GLU DA 51 -25.55 -12.06 -44.64
C GLU DA 51 -24.27 -11.52 -44.03
N GLY DA 52 -24.26 -10.25 -43.62
CA GLY DA 52 -23.07 -9.65 -43.03
C GLY DA 52 -22.20 -8.97 -44.06
N TYR DA 53 -20.93 -8.82 -43.71
CA TYR DA 53 -19.93 -8.26 -44.60
C TYR DA 53 -19.27 -9.35 -45.43
N MET EA 1 -47.41 20.47 -18.76
CA MET EA 1 -47.20 20.32 -17.32
C MET EA 1 -46.01 21.16 -16.90
N TRP EA 2 -46.14 22.47 -17.08
CA TRP EA 2 -45.07 23.41 -16.74
C TRP EA 2 -44.81 23.47 -15.24
N ARG EA 3 -45.78 23.04 -14.42
CA ARG EA 3 -45.63 23.11 -12.97
C ARG EA 3 -44.54 22.20 -12.45
N MET EA 4 -44.04 21.28 -13.26
CA MET EA 4 -42.94 20.42 -12.84
C MET EA 4 -41.73 21.22 -12.40
N TRP EA 5 -41.47 22.35 -13.05
CA TRP EA 5 -40.25 23.11 -12.78
C TRP EA 5 -40.37 24.02 -11.56
N LYS EA 6 -41.55 24.07 -10.94
CA LYS EA 6 -41.65 24.66 -9.61
C LYS EA 6 -41.24 23.70 -8.52
N ILE EA 7 -41.23 22.40 -8.81
CA ILE EA 7 -40.78 21.38 -7.88
C ILE EA 7 -39.32 21.06 -8.08
N LEU EA 8 -38.93 20.75 -9.31
CA LEU EA 8 -37.55 20.41 -9.64
C LEU EA 8 -36.80 21.65 -10.10
N ASP EA 9 -35.52 21.72 -9.74
CA ASP EA 9 -34.65 22.74 -10.28
C ASP EA 9 -34.35 22.42 -11.74
N TYR EA 10 -34.75 23.32 -12.64
CA TYR EA 10 -34.57 23.06 -14.07
C TYR EA 10 -33.10 23.01 -14.44
N ARG EA 11 -32.28 23.88 -13.85
CA ARG EA 11 -30.86 23.88 -14.15
C ARG EA 11 -30.21 22.54 -13.79
N ARG EA 12 -30.52 22.04 -12.59
CA ARG EA 12 -29.96 20.77 -12.16
C ARG EA 12 -30.52 19.62 -12.99
N THR EA 13 -31.81 19.67 -13.33
CA THR EA 13 -32.43 18.59 -14.09
C THR EA 13 -31.83 18.47 -15.50
N VAL EA 14 -31.59 19.60 -16.15
CA VAL EA 14 -31.03 19.56 -17.50
C VAL EA 14 -29.63 18.99 -17.49
N VAL EA 15 -28.80 19.41 -16.51
CA VAL EA 15 -27.46 18.85 -16.39
C VAL EA 15 -27.54 17.36 -16.08
N LEU EA 16 -28.41 16.98 -15.15
CA LEU EA 16 -28.53 15.58 -14.76
C LEU EA 16 -29.01 14.73 -15.94
N ALA EA 17 -29.96 15.24 -16.72
CA ALA EA 17 -30.48 14.46 -17.83
C ALA EA 17 -29.40 14.21 -18.88
N HIS EA 18 -28.61 15.23 -19.22
CA HIS EA 18 -27.58 15.04 -20.24
C HIS EA 18 -26.52 14.06 -19.78
N VAL EA 19 -26.06 14.16 -18.53
CA VAL EA 19 -25.12 13.19 -17.99
C VAL EA 19 -25.76 11.81 -17.92
N GLY EA 20 -27.01 11.75 -17.45
CA GLY EA 20 -27.67 10.47 -17.31
C GLY EA 20 -27.92 9.77 -18.64
N MET EA 21 -28.36 10.53 -19.64
CA MET EA 21 -28.59 9.94 -20.95
C MET EA 21 -27.29 9.63 -21.68
N ALA EA 22 -26.23 10.40 -21.41
CA ALA EA 22 -24.94 10.09 -22.03
C ALA EA 22 -24.43 8.72 -21.60
N VAL EA 23 -24.44 8.44 -20.30
CA VAL EA 23 -24.02 7.13 -19.82
C VAL EA 23 -24.97 6.05 -20.33
N LEU EA 24 -26.27 6.37 -20.40
CA LEU EA 24 -27.23 5.41 -20.92
C LEU EA 24 -26.99 5.13 -22.40
N ALA EA 25 -26.77 6.17 -23.20
CA ALA EA 25 -26.53 5.99 -24.62
C ALA EA 25 -25.27 5.18 -24.87
N LEU EA 26 -24.20 5.49 -24.14
CA LEU EA 26 -22.97 4.71 -24.27
C LEU EA 26 -23.18 3.27 -23.83
N LEU EA 27 -23.94 3.07 -22.74
CA LEU EA 27 -24.21 1.73 -22.26
C LEU EA 27 -24.97 0.90 -23.29
N ILE EA 28 -25.99 1.50 -23.91
CA ILE EA 28 -26.78 0.76 -24.89
C ILE EA 28 -25.98 0.50 -26.16
N HIS EA 29 -25.27 1.52 -26.65
CA HIS EA 29 -24.42 1.31 -27.81
C HIS EA 29 -23.37 0.24 -27.55
N PHE EA 30 -22.80 0.23 -26.33
CA PHE EA 30 -21.80 -0.78 -25.99
C PHE EA 30 -22.41 -2.17 -25.87
N ILE EA 31 -23.63 -2.27 -25.36
CA ILE EA 31 -24.30 -3.57 -25.26
C ILE EA 31 -24.48 -4.16 -26.65
N LEU EA 32 -24.96 -3.35 -27.60
CA LEU EA 32 -25.16 -3.85 -28.96
C LEU EA 32 -23.84 -4.25 -29.60
N LEU EA 33 -22.76 -3.52 -29.31
CA LEU EA 33 -21.45 -3.91 -29.80
C LEU EA 33 -20.99 -5.24 -29.22
N SER EA 34 -21.49 -5.62 -28.05
CA SER EA 34 -21.12 -6.88 -27.42
C SER EA 34 -21.96 -8.05 -27.92
N THR EA 35 -23.05 -7.79 -28.63
CA THR EA 35 -23.89 -8.86 -29.14
C THR EA 35 -23.40 -9.32 -30.50
N GLU EA 36 -23.79 -10.55 -30.86
CA GLU EA 36 -23.44 -11.08 -32.18
C GLU EA 36 -24.26 -10.40 -33.27
N ASN EA 37 -25.57 -10.29 -33.08
CA ASN EA 37 -26.46 -9.89 -34.17
C ASN EA 37 -26.53 -8.39 -34.38
N PHE EA 38 -26.10 -7.59 -33.41
CA PHE EA 38 -26.21 -6.13 -33.52
C PHE EA 38 -24.86 -5.44 -33.39
N ASN EA 39 -23.78 -6.16 -33.70
CA ASN EA 39 -22.45 -5.57 -33.73
C ASN EA 39 -22.20 -5.07 -35.15
N TRP EA 40 -22.60 -3.83 -35.41
CA TRP EA 40 -22.53 -3.28 -36.76
C TRP EA 40 -21.10 -3.09 -37.24
N LEU EA 41 -20.12 -3.06 -36.34
CA LEU EA 41 -18.73 -2.94 -36.77
C LEU EA 41 -18.17 -4.28 -37.20
N GLN EA 42 -18.40 -5.33 -36.41
CA GLN EA 42 -17.99 -6.67 -36.81
C GLN EA 42 -18.84 -7.16 -37.98
N GLY EA 43 -20.14 -6.90 -37.94
CA GLY EA 43 -21.03 -7.23 -39.04
C GLY EA 43 -21.27 -8.71 -39.27
N ASN EA 44 -21.68 -9.42 -38.22
CA ASN EA 44 -22.02 -10.82 -38.36
C ASN EA 44 -23.35 -10.97 -39.10
N PRO EA 45 -23.55 -12.10 -39.79
CA PRO EA 45 -24.85 -12.34 -40.45
C PRO EA 45 -25.98 -12.38 -39.43
N TYR EA 46 -27.13 -11.85 -39.85
CA TYR EA 46 -28.30 -11.78 -38.99
C TYR EA 46 -28.81 -13.16 -38.63
N ASN FA 7 -40.40 29.89 -4.98
CA ASN FA 7 -39.21 30.61 -5.41
C ASN FA 7 -39.00 30.48 -6.92
N VAL FA 8 -39.98 29.90 -7.60
CA VAL FA 8 -39.99 29.81 -9.06
C VAL FA 8 -41.29 30.40 -9.56
N SER FA 9 -41.19 31.43 -10.40
CA SER FA 9 -42.37 32.13 -10.87
C SER FA 9 -43.17 31.25 -11.86
N ASP FA 10 -44.46 31.56 -11.97
CA ASP FA 10 -45.30 30.86 -12.94
C ASP FA 10 -44.88 31.14 -14.37
N GLU FA 11 -44.20 32.26 -14.61
CA GLU FA 11 -43.71 32.57 -15.95
C GLU FA 11 -42.32 32.02 -16.21
N GLU FA 12 -41.47 31.97 -15.19
CA GLU FA 12 -40.17 31.35 -15.35
C GLU FA 12 -40.30 29.86 -15.62
N ALA FA 13 -41.21 29.19 -14.90
CA ALA FA 13 -41.43 27.76 -15.13
C ALA FA 13 -41.99 27.50 -16.51
N LYS FA 14 -42.92 28.34 -16.97
CA LYS FA 14 -43.44 28.18 -18.33
C LYS FA 14 -42.36 28.37 -19.37
N GLU FA 15 -41.45 29.34 -19.16
CA GLU FA 15 -40.34 29.51 -20.08
C GLU FA 15 -39.36 28.36 -19.99
N PHE FA 16 -39.16 27.79 -18.80
CA PHE FA 16 -38.35 26.57 -18.69
C PHE FA 16 -39.00 25.42 -19.44
N HIS FA 17 -40.32 25.29 -19.32
CA HIS FA 17 -41.01 24.18 -19.96
C HIS FA 17 -40.99 24.32 -21.48
N ALA FA 18 -41.05 25.55 -21.99
CA ALA FA 18 -40.96 25.76 -23.43
C ALA FA 18 -39.62 25.29 -23.97
N MET FA 19 -38.53 25.58 -23.26
CA MET FA 19 -37.23 25.05 -23.64
C MET FA 19 -37.22 23.52 -23.55
N PHE FA 20 -37.81 22.97 -22.49
CA PHE FA 20 -37.83 21.53 -22.33
C PHE FA 20 -38.70 20.86 -23.38
N SER FA 21 -39.89 21.41 -23.65
CA SER FA 21 -40.79 20.79 -24.60
C SER FA 21 -40.20 20.79 -26.00
N GLN FA 22 -39.56 21.89 -26.39
CA GLN FA 22 -38.88 21.94 -27.68
C GLN FA 22 -37.77 20.89 -27.75
N ALA FA 23 -36.93 20.83 -26.72
CA ALA FA 23 -35.82 19.88 -26.71
C ALA FA 23 -36.33 18.44 -26.70
N PHE FA 24 -37.33 18.16 -25.85
CA PHE FA 24 -37.85 16.81 -25.74
C PHE FA 24 -38.48 16.34 -27.06
N THR FA 25 -39.25 17.22 -27.71
CA THR FA 25 -39.90 16.85 -28.95
C THR FA 25 -38.88 16.54 -30.04
N VAL FA 26 -37.86 17.39 -30.18
CA VAL FA 26 -36.81 17.14 -31.17
C VAL FA 26 -36.07 15.85 -30.85
N TYR FA 27 -35.71 15.67 -29.57
CA TYR FA 27 -34.97 14.47 -29.18
C TYR FA 27 -35.80 13.21 -29.40
N ILE FA 28 -37.09 13.26 -29.09
CA ILE FA 28 -37.96 12.12 -29.34
C ILE FA 28 -38.08 11.84 -30.82
N GLY FA 29 -38.24 12.89 -31.63
CA GLY FA 29 -38.44 12.70 -33.06
C GLY FA 29 -37.26 11.98 -33.71
N VAL FA 30 -36.04 12.37 -33.36
CA VAL FA 30 -34.87 11.71 -33.93
C VAL FA 30 -34.76 10.29 -33.42
N ALA FA 31 -35.04 10.07 -32.13
CA ALA FA 31 -34.91 8.73 -31.55
C ALA FA 31 -35.93 7.76 -32.14
N VAL FA 32 -37.16 8.23 -32.38
CA VAL FA 32 -38.15 7.36 -33.01
C VAL FA 32 -37.73 7.02 -34.44
N VAL FA 33 -37.25 8.03 -35.19
CA VAL FA 33 -36.74 7.77 -36.53
C VAL FA 33 -35.55 6.83 -36.49
N ALA FA 34 -34.71 6.98 -35.47
CA ALA FA 34 -33.56 6.08 -35.32
C ALA FA 34 -34.00 4.65 -35.10
N HIS FA 35 -35.03 4.44 -34.28
CA HIS FA 35 -35.49 3.08 -33.99
C HIS FA 35 -36.19 2.47 -35.19
N ILE FA 36 -36.91 3.28 -35.98
CA ILE FA 36 -37.55 2.76 -37.18
C ILE FA 36 -36.50 2.27 -38.16
N LEU FA 37 -35.44 3.05 -38.35
CA LEU FA 37 -34.32 2.60 -39.19
C LEU FA 37 -33.64 1.39 -38.57
N ALA FA 38 -33.55 1.34 -37.24
CA ALA FA 38 -32.97 0.18 -36.57
C ALA FA 38 -33.82 -1.06 -36.79
N TRP FA 39 -35.15 -0.92 -36.72
CA TRP FA 39 -36.01 -2.08 -36.96
C TRP FA 39 -36.02 -2.47 -38.43
N ALA FA 40 -35.99 -1.48 -39.32
CA ALA FA 40 -35.91 -1.78 -40.75
C ALA FA 40 -34.63 -2.51 -41.10
N TRP FA 41 -33.56 -2.28 -40.34
CA TRP FA 41 -32.30 -2.99 -40.56
C TRP FA 41 -32.36 -4.39 -39.98
N ARG FA 42 -32.52 -4.50 -38.66
CA ARG FA 42 -32.57 -5.78 -37.98
C ARG FA 42 -33.51 -5.72 -36.79
N PRO FA 43 -34.67 -6.37 -36.86
CA PRO FA 43 -35.57 -6.41 -35.69
C PRO FA 43 -34.88 -7.07 -34.50
N TRP FA 44 -35.14 -6.52 -33.32
CA TRP FA 44 -34.50 -7.01 -32.10
C TRP FA 44 -35.42 -7.88 -31.26
N ILE FA 45 -36.62 -8.18 -31.74
CA ILE FA 45 -37.53 -9.05 -31.01
C ILE FA 45 -37.57 -10.39 -31.73
N PRO FA 46 -36.92 -11.42 -31.21
CA PRO FA 46 -36.84 -12.70 -31.92
C PRO FA 46 -38.18 -13.43 -31.92
N GLY FA 47 -38.34 -14.29 -32.92
CA GLY FA 47 -39.46 -15.19 -32.99
C GLY FA 47 -39.19 -16.47 -32.21
N ASP FA 48 -40.08 -17.44 -32.40
CA ASP FA 48 -39.93 -18.72 -31.70
C ASP FA 48 -38.66 -19.44 -32.14
N GLU FA 49 -38.32 -19.37 -33.42
CA GLU FA 49 -37.12 -20.00 -33.96
C GLU FA 49 -35.95 -19.04 -34.08
N GLY FA 50 -35.85 -18.06 -33.17
CA GLY FA 50 -34.78 -17.11 -33.22
C GLY FA 50 -35.02 -15.99 -34.22
N PHE FA 51 -33.96 -15.23 -34.48
CA PHE FA 51 -34.02 -14.13 -35.42
C PHE FA 51 -34.19 -14.64 -36.85
N MET GA 1 -55.09 10.37 0.10
CA MET GA 1 -53.72 10.33 0.56
C MET GA 1 -53.00 11.65 0.27
N TRP GA 2 -53.79 12.69 -0.02
CA TRP GA 2 -53.22 13.99 -0.33
C TRP GA 2 -52.47 14.60 0.85
N ARG GA 3 -52.79 14.20 2.08
CA ARG GA 3 -52.10 14.73 3.25
C ARG GA 3 -50.69 14.22 3.38
N LEU GA 4 -50.29 13.23 2.57
CA LEU GA 4 -48.93 12.74 2.59
C LEU GA 4 -47.93 13.81 2.15
N TRP GA 5 -48.37 14.74 1.30
CA TRP GA 5 -47.48 15.80 0.80
C TRP GA 5 -47.32 16.94 1.80
N LYS GA 6 -48.19 17.02 2.81
CA LYS GA 6 -47.95 17.94 3.91
C LYS GA 6 -46.87 17.43 4.87
N LEU GA 7 -46.51 16.16 4.78
CA LEU GA 7 -45.50 15.57 5.64
C LEU GA 7 -44.14 15.42 4.96
N TYR GA 8 -44.09 15.45 3.64
CA TYR GA 8 -42.86 15.27 2.89
C TYR GA 8 -42.72 16.36 1.84
N ASP GA 9 -41.48 16.68 1.51
CA ASP GA 9 -41.23 17.59 0.40
C ASP GA 9 -41.50 16.86 -0.91
N PRO GA 10 -42.38 17.35 -1.77
CA PRO GA 10 -42.64 16.65 -3.04
C PRO GA 10 -41.40 16.45 -3.90
N ARG GA 11 -40.47 17.40 -3.90
CA ARG GA 11 -39.25 17.26 -4.69
C ARG GA 11 -38.44 16.06 -4.22
N ARG GA 12 -38.25 15.93 -2.92
CA ARG GA 12 -37.43 14.84 -2.40
C ARG GA 12 -38.11 13.49 -2.59
N VAL GA 13 -39.44 13.45 -2.49
CA VAL GA 13 -40.17 12.21 -2.75
C VAL GA 13 -40.00 11.78 -4.20
N LEU GA 14 -40.12 12.72 -5.13
CA LEU GA 14 -39.96 12.39 -6.55
C LEU GA 14 -38.54 11.94 -6.85
N ILE GA 15 -37.54 12.59 -6.24
CA ILE GA 15 -36.15 12.18 -6.42
C ILE GA 15 -35.96 10.74 -5.93
N GLY GA 16 -36.51 10.44 -4.75
CA GLY GA 16 -36.41 9.08 -4.24
C GLY GA 16 -37.15 8.07 -5.11
N ILE GA 17 -38.36 8.42 -5.52
CA ILE GA 17 -39.15 7.52 -6.37
C ILE GA 17 -38.48 7.32 -7.71
N PHE GA 18 -38.03 8.42 -8.33
CA PHE GA 18 -37.40 8.32 -9.64
C PHE GA 18 -36.09 7.56 -9.58
N SER GA 19 -35.31 7.76 -8.52
CA SER GA 19 -34.07 7.01 -8.37
C SER GA 19 -34.34 5.53 -8.12
N TRP GA 20 -35.43 5.20 -7.42
CA TRP GA 20 -35.80 3.80 -7.25
C TRP GA 20 -36.19 3.17 -8.58
N LEU GA 21 -36.95 3.90 -9.39
CA LEU GA 21 -37.37 3.37 -10.69
C LEU GA 21 -36.17 3.15 -11.60
N ALA GA 22 -35.20 4.07 -11.58
CA ALA GA 22 -34.03 3.93 -12.42
C ALA GA 22 -33.25 2.68 -12.08
N VAL GA 23 -33.04 2.42 -10.78
CA VAL GA 23 -32.34 1.22 -10.37
C VAL GA 23 -33.17 -0.02 -10.66
N LEU GA 24 -34.48 0.05 -10.41
CA LEU GA 24 -35.35 -1.10 -10.66
C LEU GA 24 -35.39 -1.46 -12.14
N ALA GA 25 -35.57 -0.46 -13.00
CA ALA GA 25 -35.69 -0.72 -14.43
C ALA GA 25 -34.41 -1.33 -14.99
N LEU GA 26 -33.26 -0.80 -14.58
CA LEU GA 26 -31.99 -1.34 -15.06
C LEU GA 26 -31.79 -2.79 -14.62
N VAL GA 27 -32.08 -3.08 -13.35
CA VAL GA 27 -31.86 -4.43 -12.85
C VAL GA 27 -32.77 -5.43 -13.56
N ILE GA 28 -34.03 -5.07 -13.75
CA ILE GA 28 -34.96 -5.99 -14.41
C ILE GA 28 -34.55 -6.19 -15.87
N HIS GA 29 -34.18 -5.11 -16.55
CA HIS GA 29 -33.71 -5.24 -17.94
C HIS GA 29 -32.48 -6.12 -18.02
N PHE GA 30 -31.50 -5.90 -17.12
CA PHE GA 30 -30.29 -6.68 -17.14
C PHE GA 30 -30.49 -8.10 -16.64
N ILE GA 31 -31.52 -8.33 -15.81
CA ILE GA 31 -31.85 -9.70 -15.43
C ILE GA 31 -32.38 -10.46 -16.64
N LEU GA 32 -33.26 -9.83 -17.43
CA LEU GA 32 -33.80 -10.48 -18.61
C LEU GA 32 -32.71 -10.79 -19.63
N LEU GA 33 -31.70 -9.94 -19.73
CA LEU GA 33 -30.57 -10.24 -20.61
C LEU GA 33 -29.85 -11.49 -20.16
N SER GA 34 -29.67 -11.66 -18.85
CA SER GA 34 -28.96 -12.83 -18.34
C SER GA 34 -29.71 -14.13 -18.58
N THR GA 35 -31.00 -14.06 -18.89
CA THR GA 35 -31.81 -15.27 -19.10
C THR GA 35 -31.69 -15.73 -20.54
N ASP GA 36 -31.62 -17.05 -20.71
CA ASP GA 36 -31.55 -17.65 -22.04
C ASP GA 36 -32.88 -17.63 -22.77
N ARG GA 37 -33.91 -16.98 -22.25
CA ARG GA 37 -35.21 -16.94 -22.89
C ARG GA 37 -35.67 -15.53 -23.20
N PHE GA 38 -35.41 -14.56 -22.32
CA PHE GA 38 -35.86 -13.19 -22.49
C PHE GA 38 -34.74 -12.27 -22.94
N ASN GA 39 -33.57 -12.81 -23.24
CA ASN GA 39 -32.49 -12.00 -23.84
C ASN GA 39 -32.91 -11.70 -25.27
N TRP GA 40 -33.44 -10.50 -25.49
CA TRP GA 40 -33.99 -10.17 -26.80
C TRP GA 40 -32.90 -9.92 -27.82
N VAL GA 41 -31.83 -9.21 -27.43
CA VAL GA 41 -30.76 -8.93 -28.38
C VAL GA 41 -29.87 -10.15 -28.63
N GLY GA 42 -29.91 -11.14 -27.75
CA GLY GA 42 -29.08 -12.32 -27.91
C GLY GA 42 -29.60 -13.36 -28.86
N GLY GA 43 -30.79 -13.18 -29.40
CA GLY GA 43 -31.37 -14.15 -30.32
C GLY GA 43 -31.69 -15.48 -29.70
N ALA GA 44 -32.26 -15.48 -28.51
CA ALA GA 44 -32.67 -16.72 -27.87
C ALA GA 44 -33.85 -17.34 -28.58
N ALA GA 45 -33.81 -18.66 -28.77
CA ALA GA 45 -34.86 -19.41 -29.44
C ALA GA 45 -35.50 -20.38 -28.46
N VAL GA 46 -36.82 -20.29 -28.32
CA VAL GA 46 -37.55 -21.14 -27.39
C VAL GA 46 -37.93 -22.46 -28.05
N LEU HA 7 -44.33 20.26 9.79
CA LEU HA 7 -44.76 19.90 8.45
C LEU HA 7 -44.12 20.81 7.41
N THR HA 8 -43.76 20.24 6.26
CA THR HA 8 -43.13 21.01 5.20
C THR HA 8 -44.09 22.06 4.66
N GLY HA 9 -43.53 23.20 4.24
CA GLY HA 9 -44.34 24.29 3.75
C GLY HA 9 -45.14 23.92 2.53
N LEU HA 10 -46.44 23.70 2.71
CA LEU HA 10 -47.36 23.38 1.63
C LEU HA 10 -48.79 23.50 2.12
N SER HA 11 -49.60 24.30 1.44
CA SER HA 11 -50.99 24.46 1.87
C SER HA 11 -51.83 23.29 1.37
N ASP HA 12 -53.08 23.22 1.88
CA ASP HA 12 -53.98 22.14 1.46
C ASP HA 12 -54.29 22.23 -0.03
N GLU HA 13 -54.39 23.45 -0.56
CA GLU HA 13 -54.64 23.61 -2.00
C GLU HA 13 -53.49 23.05 -2.81
N GLU HA 14 -52.25 23.36 -2.42
CA GLU HA 14 -51.10 22.89 -3.18
C GLU HA 14 -50.89 21.39 -3.03
N ALA HA 15 -51.03 20.87 -1.82
CA ALA HA 15 -50.87 19.43 -1.62
C ALA HA 15 -51.94 18.66 -2.37
N LYS HA 16 -53.19 19.14 -2.34
CA LYS HA 16 -54.25 18.48 -3.09
C LYS HA 16 -54.02 18.59 -4.59
N GLU HA 17 -53.50 19.72 -5.04
CA GLU HA 17 -53.16 19.88 -6.45
C GLU HA 17 -52.03 18.93 -6.85
N PHE HA 18 -51.01 18.80 -5.99
CA PHE HA 18 -49.93 17.86 -6.28
C PHE HA 18 -50.43 16.43 -6.30
N HIS HA 19 -51.32 16.07 -5.36
CA HIS HA 19 -51.82 14.71 -5.30
C HIS HA 19 -52.72 14.35 -6.46
N SER HA 20 -53.18 15.33 -7.24
CA SER HA 20 -53.92 15.04 -8.45
C SER HA 20 -52.99 14.81 -9.64
N ILE HA 21 -51.97 15.64 -9.79
CA ILE HA 21 -51.00 15.43 -10.85
C ILE HA 21 -50.17 14.18 -10.57
N PHE HA 22 -49.85 13.92 -9.30
CA PHE HA 22 -49.04 12.75 -8.96
C PHE HA 22 -49.76 11.46 -9.32
N MET HA 23 -51.05 11.37 -8.98
CA MET HA 23 -51.80 10.15 -9.31
C MET HA 23 -51.98 10.00 -10.82
N GLN HA 24 -52.27 11.09 -11.52
CA GLN HA 24 -52.39 11.02 -12.97
C GLN HA 24 -51.06 10.63 -13.61
N SER HA 25 -49.95 11.19 -13.11
CA SER HA 25 -48.64 10.75 -13.56
C SER HA 25 -48.41 9.28 -13.22
N PHE HA 26 -48.80 8.87 -12.01
CA PHE HA 26 -48.69 7.47 -11.64
C PHE HA 26 -49.58 6.59 -12.50
N LEU HA 27 -50.80 7.05 -12.78
CA LEU HA 27 -51.71 6.27 -13.61
C LEU HA 27 -51.18 6.12 -15.03
N ILE HA 28 -50.69 7.22 -15.61
CA ILE HA 28 -50.16 7.16 -16.97
C ILE HA 28 -48.92 6.27 -17.02
N PHE HA 29 -48.04 6.39 -16.03
CA PHE HA 29 -46.85 5.55 -15.96
C PHE HA 29 -47.22 4.08 -15.87
N THR HA 30 -48.19 3.75 -15.02
CA THR HA 30 -48.63 2.37 -14.88
C THR HA 30 -49.40 1.91 -16.11
N ALA HA 31 -50.17 2.80 -16.73
CA ALA HA 31 -50.91 2.43 -17.93
C ALA HA 31 -49.99 2.02 -19.06
N VAL HA 32 -48.92 2.79 -19.28
CA VAL HA 32 -47.94 2.41 -20.30
C VAL HA 32 -47.24 1.12 -19.90
N ALA HA 33 -46.91 0.97 -18.61
CA ALA HA 33 -46.24 -0.23 -18.15
C ALA HA 33 -47.10 -1.47 -18.34
N VAL HA 34 -48.41 -1.36 -18.08
CA VAL HA 34 -49.32 -2.49 -18.32
C VAL HA 34 -49.35 -2.83 -19.80
N VAL HA 35 -49.40 -1.81 -20.65
CA VAL HA 35 -49.37 -2.04 -22.10
C VAL HA 35 -48.07 -2.69 -22.50
N ALA HA 36 -46.94 -2.21 -21.95
CA ALA HA 36 -45.65 -2.81 -22.26
C ALA HA 36 -45.61 -4.28 -21.84
N HIS HA 37 -46.25 -4.61 -20.72
CA HIS HA 37 -46.29 -6.01 -20.29
C HIS HA 37 -47.21 -6.84 -21.16
N PHE HA 38 -48.27 -6.25 -21.71
CA PHE HA 38 -49.12 -6.97 -22.65
C PHE HA 38 -48.33 -7.38 -23.89
N LEU HA 39 -47.54 -6.46 -24.43
CA LEU HA 39 -46.70 -6.79 -25.58
C LEU HA 39 -45.64 -7.81 -25.21
N ALA HA 40 -45.01 -7.65 -24.04
CA ALA HA 40 -43.97 -8.59 -23.62
C ALA HA 40 -44.54 -9.98 -23.40
N TRP HA 41 -45.74 -10.07 -22.82
CA TRP HA 41 -46.36 -11.37 -22.63
C TRP HA 41 -46.75 -12.01 -23.96
N ALA HA 42 -47.29 -11.21 -24.88
CA ALA HA 42 -47.64 -11.75 -26.19
C ALA HA 42 -46.41 -12.24 -26.93
N TRP HA 43 -45.26 -11.63 -26.68
CA TRP HA 43 -44.02 -12.11 -27.29
C TRP HA 43 -43.59 -13.43 -26.66
N ARG HA 44 -43.31 -13.43 -25.37
CA ARG HA 44 -42.93 -14.66 -24.66
C ARG HA 44 -43.48 -14.64 -23.24
N PRO HA 45 -44.48 -15.46 -22.94
CA PRO HA 45 -45.01 -15.52 -21.57
C PRO HA 45 -43.94 -15.94 -20.57
N TRP HA 46 -44.02 -15.37 -19.37
CA TRP HA 46 -43.02 -15.58 -18.34
C TRP HA 46 -43.53 -16.40 -17.16
N ILE HA 47 -44.72 -16.99 -17.27
CA ILE HA 47 -45.22 -17.86 -16.21
C ILE HA 47 -45.26 -19.29 -16.75
N PRO HA 48 -44.28 -20.12 -16.44
CA PRO HA 48 -44.22 -21.46 -17.03
C PRO HA 48 -45.29 -22.38 -16.48
N GLY HA 49 -45.59 -23.41 -17.25
CA GLY HA 49 -46.52 -24.45 -16.83
C GLY HA 49 -45.81 -25.55 -16.05
N ALA HA 50 -46.56 -26.61 -15.77
CA ALA HA 50 -46.00 -27.74 -15.04
C ALA HA 50 -44.88 -28.40 -15.82
N GLU HA 51 -45.01 -28.45 -17.15
CA GLU HA 51 -43.98 -29.03 -18.01
C GLU HA 51 -42.84 -28.06 -18.31
N GLY HA 52 -43.00 -26.78 -17.97
CA GLY HA 52 -41.98 -25.80 -18.23
C GLY HA 52 -42.22 -25.02 -19.50
N TYR HA 53 -41.15 -24.71 -20.23
CA TYR HA 53 -41.25 -23.97 -21.48
C TYR HA 53 -41.02 -24.90 -22.68
N MET IA 1 -54.27 0.33 16.63
CA MET IA 1 -53.33 0.74 17.66
C MET IA 1 -52.64 2.04 17.26
N TRP IA 2 -53.37 3.15 17.41
CA TRP IA 2 -52.84 4.46 17.09
C TRP IA 2 -51.74 4.90 18.04
N ARG IA 3 -51.66 4.28 19.22
CA ARG IA 3 -50.67 4.68 20.22
C ARG IA 3 -49.24 4.39 19.76
N MET IA 4 -49.06 3.50 18.78
CA MET IA 4 -47.73 3.20 18.29
C MET IA 4 -47.08 4.39 17.62
N TRP IA 5 -47.86 5.35 17.15
CA TRP IA 5 -47.31 6.52 16.49
C TRP IA 5 -46.93 7.63 17.47
N LYS IA 6 -47.28 7.50 18.74
CA LYS IA 6 -46.72 8.39 19.75
C LYS IA 6 -45.28 8.03 20.07
N ILE IA 7 -44.99 6.73 20.20
CA ILE IA 7 -43.62 6.31 20.51
C ILE IA 7 -42.71 6.56 19.32
N LEU IA 8 -43.15 6.17 18.12
CA LEU IA 8 -42.34 6.26 16.91
C LEU IA 8 -42.92 7.31 15.98
N ASP IA 9 -42.05 8.16 15.45
CA ASP IA 9 -42.47 9.15 14.46
C ASP IA 9 -43.06 8.46 13.25
N TYR IA 10 -44.26 8.86 12.86
CA TYR IA 10 -44.97 8.15 11.80
C TYR IA 10 -44.32 8.36 10.44
N ARG IA 11 -44.03 9.61 10.09
CA ARG IA 11 -43.52 9.87 8.75
C ARG IA 11 -42.09 9.37 8.59
N ARG IA 12 -41.30 9.39 9.66
CA ARG IA 12 -39.98 8.78 9.61
C ARG IA 12 -40.09 7.26 9.49
N THR IA 13 -41.11 6.67 10.11
CA THR IA 13 -41.33 5.24 9.98
C THR IA 13 -41.72 4.86 8.56
N VAL IA 14 -42.50 5.70 7.88
CA VAL IA 14 -42.97 5.40 6.54
C VAL IA 14 -41.80 5.29 5.57
N VAL IA 15 -40.85 6.23 5.65
CA VAL IA 15 -39.67 6.16 4.80
C VAL IA 15 -38.86 4.91 5.13
N LEU IA 16 -38.67 4.63 6.43
CA LEU IA 16 -37.92 3.45 6.83
C LEU IA 16 -38.60 2.17 6.36
N ALA IA 17 -39.93 2.13 6.42
CA ALA IA 17 -40.66 0.94 5.97
C ALA IA 17 -40.48 0.71 4.47
N HIS IA 18 -40.55 1.77 3.67
CA HIS IA 18 -40.42 1.61 2.22
C HIS IA 18 -39.03 1.14 1.82
N VAL IA 19 -38.00 1.73 2.44
CA VAL IA 19 -36.64 1.30 2.13
C VAL IA 19 -36.41 -0.13 2.60
N GLY IA 20 -36.90 -0.45 3.80
CA GLY IA 20 -36.75 -1.80 4.31
C GLY IA 20 -37.52 -2.83 3.50
N MET IA 21 -38.76 -2.53 3.16
CA MET IA 21 -39.57 -3.46 2.38
C MET IA 21 -38.99 -3.67 0.99
N ALA IA 22 -38.36 -2.64 0.42
CA ALA IA 22 -37.73 -2.80 -0.89
C ALA IA 22 -36.62 -3.83 -0.84
N VAL IA 23 -35.80 -3.78 0.21
CA VAL IA 23 -34.70 -4.74 0.36
C VAL IA 23 -35.25 -6.15 0.52
N LEU IA 24 -36.27 -6.31 1.36
CA LEU IA 24 -36.84 -7.64 1.59
C LEU IA 24 -37.46 -8.21 0.33
N ALA IA 25 -38.23 -7.39 -0.40
CA ALA IA 25 -38.88 -7.89 -1.61
C ALA IA 25 -37.86 -8.30 -2.67
N LEU IA 26 -36.81 -7.50 -2.84
CA LEU IA 26 -35.74 -7.86 -3.76
C LEU IA 26 -35.05 -9.14 -3.31
N LEU IA 27 -34.82 -9.29 -2.01
CA LEU IA 27 -34.16 -10.48 -1.49
C LEU IA 27 -34.97 -11.74 -1.78
N ILE IA 28 -36.29 -11.68 -1.58
CA ILE IA 28 -37.11 -12.87 -1.80
C ILE IA 28 -37.24 -13.20 -3.28
N HIS IA 29 -37.46 -12.19 -4.12
CA HIS IA 29 -37.53 -12.42 -5.55
C HIS IA 29 -36.22 -13.03 -6.06
N PHE IA 30 -35.08 -12.58 -5.53
CA PHE IA 30 -33.79 -13.14 -5.91
C PHE IA 30 -33.59 -14.56 -5.40
N ILE IA 31 -34.15 -14.88 -4.23
CA ILE IA 31 -34.08 -16.25 -3.73
C ILE IA 31 -34.85 -17.18 -4.67
N LEU IA 32 -36.05 -16.77 -5.07
CA LEU IA 32 -36.84 -17.59 -5.98
C LEU IA 32 -36.16 -17.77 -7.32
N LEU IA 33 -35.44 -16.74 -7.79
CA LEU IA 33 -34.70 -16.87 -9.04
C LEU IA 33 -33.56 -17.88 -8.94
N SER IA 34 -32.98 -18.03 -7.76
CA SER IA 34 -31.93 -19.02 -7.57
C SER IA 34 -32.47 -20.44 -7.51
N THR IA 35 -33.74 -20.61 -7.17
CA THR IA 35 -34.31 -21.94 -7.03
C THR IA 35 -34.66 -22.53 -8.39
N GLU IA 36 -34.66 -23.87 -8.44
CA GLU IA 36 -34.97 -24.57 -9.68
C GLU IA 36 -36.46 -24.57 -9.98
N ASN IA 37 -37.30 -24.71 -8.94
CA ASN IA 37 -38.73 -24.87 -9.13
C ASN IA 37 -39.50 -23.56 -9.19
N PHE IA 38 -38.87 -22.45 -8.82
CA PHE IA 38 -39.58 -21.18 -8.76
C PHE IA 38 -38.89 -20.08 -9.55
N ASN IA 39 -37.91 -20.41 -10.38
CA ASN IA 39 -37.34 -19.46 -11.33
C ASN IA 39 -38.31 -19.34 -12.49
N TRP IA 40 -39.18 -18.32 -12.45
CA TRP IA 40 -40.19 -18.16 -13.48
C TRP IA 40 -39.59 -17.77 -14.82
N LEU IA 41 -38.41 -17.15 -14.81
CA LEU IA 41 -37.76 -16.78 -16.07
C LEU IA 41 -37.16 -18.00 -16.76
N GLN IA 42 -36.54 -18.90 -15.98
CA GLN IA 42 -35.96 -20.09 -16.57
C GLN IA 42 -37.03 -21.13 -16.90
N GLY IA 43 -38.07 -21.21 -16.07
CA GLY IA 43 -39.20 -22.07 -16.36
C GLY IA 43 -38.89 -23.56 -16.38
N ASN IA 44 -38.16 -24.03 -15.37
CA ASN IA 44 -37.90 -25.46 -15.26
C ASN IA 44 -39.20 -26.20 -14.96
N PRO IA 45 -39.30 -27.47 -15.34
CA PRO IA 45 -40.49 -28.25 -15.02
C PRO IA 45 -40.70 -28.34 -13.51
N TYR IA 46 -41.96 -28.32 -13.10
CA TYR IA 46 -42.32 -28.38 -11.70
C TYR IA 46 -42.11 -29.78 -11.13
N ASN JA 7 -44.81 14.59 22.27
CA ASN JA 7 -45.29 15.89 21.78
C ASN JA 7 -46.46 15.71 20.82
N VAL JA 8 -46.52 14.54 20.19
CA VAL JA 8 -47.58 14.25 19.24
C VAL JA 8 -48.88 14.00 19.99
N SER JA 9 -49.94 14.66 19.56
CA SER JA 9 -51.24 14.54 20.23
C SER JA 9 -51.96 13.27 19.78
N ASP JA 10 -53.03 12.94 20.49
CA ASP JA 10 -53.80 11.75 20.17
C ASP JA 10 -54.51 11.87 18.82
N GLU JA 11 -55.01 13.07 18.49
CA GLU JA 11 -55.78 13.23 17.26
C GLU JA 11 -54.91 12.96 16.04
N GLU JA 12 -53.73 13.58 15.98
CA GLU JA 12 -52.85 13.36 14.83
C GLU JA 12 -52.29 11.94 14.83
N ALA JA 13 -52.07 11.35 16.02
CA ALA JA 13 -51.62 9.97 16.08
C ALA JA 13 -52.67 9.03 15.49
N LYS JA 14 -53.95 9.28 15.80
CA LYS JA 14 -55.02 8.51 15.17
C LYS JA 14 -55.10 8.78 13.67
N GLU JA 15 -54.87 10.03 13.27
CA GLU JA 15 -54.86 10.36 11.85
C GLU JA 15 -53.71 9.67 11.13
N PHE JA 16 -52.54 9.60 11.76
CA PHE JA 16 -51.42 8.85 11.19
C PHE JA 16 -51.77 7.36 11.10
N HIS JA 17 -52.45 6.83 12.12
CA HIS JA 17 -52.87 5.44 12.06
C HIS JA 17 -53.94 5.22 11.01
N ALA JA 18 -54.81 6.20 10.79
CA ALA JA 18 -55.82 6.08 9.74
C ALA JA 18 -55.17 5.93 8.37
N MET JA 19 -54.18 6.78 8.08
CA MET JA 19 -53.45 6.65 6.81
C MET JA 19 -52.69 5.34 6.75
N PHE JA 20 -52.05 4.95 7.86
CA PHE JA 20 -51.29 3.70 7.88
C PHE JA 20 -52.19 2.49 7.67
N SER JA 21 -53.36 2.50 8.31
CA SER JA 21 -54.28 1.37 8.17
C SER JA 21 -54.75 1.21 6.73
N GLN JA 22 -55.06 2.32 6.06
CA GLN JA 22 -55.47 2.26 4.66
C GLN JA 22 -54.36 1.69 3.79
N ALA JA 23 -53.14 2.19 3.95
CA ALA JA 23 -52.03 1.69 3.16
C ALA JA 23 -51.73 0.23 3.47
N PHE JA 24 -51.79 -0.15 4.75
CA PHE JA 24 -51.48 -1.52 5.14
C PHE JA 24 -52.47 -2.51 4.55
N THR JA 25 -53.76 -2.17 4.55
CA THR JA 25 -54.74 -3.13 4.05
C THR JA 25 -54.69 -3.24 2.53
N VAL JA 26 -54.36 -2.16 1.82
CA VAL JA 26 -54.16 -2.26 0.39
C VAL JA 26 -52.94 -3.11 0.08
N TYR JA 27 -51.84 -2.87 0.80
CA TYR JA 27 -50.63 -3.66 0.59
C TYR JA 27 -50.85 -5.12 0.95
N ILE JA 28 -51.57 -5.38 2.04
CA ILE JA 28 -51.89 -6.76 2.42
C ILE JA 28 -52.74 -7.43 1.35
N GLY JA 29 -53.73 -6.72 0.82
CA GLY JA 29 -54.62 -7.32 -0.16
C GLY JA 29 -53.90 -7.79 -1.41
N VAL JA 30 -53.03 -6.95 -1.95
CA VAL JA 30 -52.27 -7.33 -3.14
C VAL JA 30 -51.33 -8.49 -2.80
N ALA JA 31 -50.73 -8.45 -1.62
CA ALA JA 31 -49.82 -9.53 -1.21
C ALA JA 31 -50.55 -10.85 -1.05
N VAL JA 32 -51.75 -10.82 -0.45
CA VAL JA 32 -52.53 -12.04 -0.30
C VAL JA 32 -52.94 -12.58 -1.66
N VAL JA 33 -53.40 -11.68 -2.55
CA VAL JA 33 -53.80 -12.12 -3.88
C VAL JA 33 -52.59 -12.66 -4.65
N ALA JA 34 -51.45 -12.00 -4.52
CA ALA JA 34 -50.24 -12.49 -5.19
C ALA JA 34 -49.85 -13.86 -4.70
N HIS JA 35 -49.96 -14.10 -3.39
CA HIS JA 35 -49.59 -15.40 -2.85
C HIS JA 35 -50.58 -16.48 -3.25
N ILE JA 36 -51.87 -16.15 -3.36
CA ILE JA 36 -52.85 -17.11 -3.86
C ILE JA 36 -52.52 -17.50 -5.29
N LEU JA 37 -52.21 -16.50 -6.13
CA LEU JA 37 -51.84 -16.79 -7.51
C LEU JA 37 -50.55 -17.61 -7.59
N ALA JA 38 -49.57 -17.27 -6.76
CA ALA JA 38 -48.31 -18.02 -6.76
C ALA JA 38 -48.53 -19.46 -6.31
N TRP JA 39 -49.36 -19.66 -5.28
CA TRP JA 39 -49.67 -21.02 -4.85
C TRP JA 39 -50.44 -21.78 -5.93
N ALA JA 40 -51.38 -21.11 -6.59
CA ALA JA 40 -52.09 -21.74 -7.70
C ALA JA 40 -51.13 -22.12 -8.82
N TRP JA 41 -50.16 -21.25 -9.10
CA TRP JA 41 -49.11 -21.57 -10.07
C TRP JA 41 -48.29 -22.76 -9.61
N ARG JA 42 -47.56 -22.61 -8.50
CA ARG JA 42 -46.72 -23.68 -7.96
C ARG JA 42 -46.69 -23.64 -6.44
N PRO JA 43 -47.25 -24.63 -5.77
CA PRO JA 43 -47.13 -24.70 -4.30
C PRO JA 43 -45.67 -24.81 -3.87
N TRP JA 44 -45.34 -24.13 -2.78
CA TRP JA 44 -43.97 -24.06 -2.29
C TRP JA 44 -43.74 -24.88 -1.03
N ILE JA 45 -44.69 -25.73 -0.64
CA ILE JA 45 -44.49 -26.60 0.52
C ILE JA 45 -44.32 -28.02 0.01
N PRO JA 46 -43.09 -28.53 -0.09
CA PRO JA 46 -42.89 -29.85 -0.65
C PRO JA 46 -43.44 -30.95 0.25
N GLY JA 47 -43.88 -32.03 -0.38
CA GLY JA 47 -44.35 -33.20 0.32
C GLY JA 47 -43.21 -34.11 0.71
N ASP JA 48 -43.57 -35.37 1.03
CA ASP JA 48 -42.55 -36.34 1.38
C ASP JA 48 -41.60 -36.60 0.22
N GLU JA 49 -42.14 -36.69 -0.99
CA GLU JA 49 -41.36 -36.96 -2.19
C GLU JA 49 -40.93 -35.69 -2.92
N GLY JA 50 -41.25 -34.52 -2.38
CA GLY JA 50 -40.86 -33.27 -3.01
C GLY JA 50 -42.01 -32.58 -3.71
N PHE JA 51 -41.73 -31.95 -4.84
CA PHE JA 51 -42.76 -31.25 -5.61
C PHE JA 51 -43.35 -32.16 -6.68
#